data_5KP0
#
_entry.id   5KP0
#
_entity_poly.entity_id   1
_entity_poly.type   'polypeptide(L)'
_entity_poly.pdbx_seq_one_letter_code
;MTSTVEFINRWQRIALLSQSLLELAQRGEWDLLLQQEVSYLQSIETVMEKQTPPGITRSIQDMVAGYIKQTLDNEQLLKG
LLQQRLDELSSLIGQVLFQGPSAGLVPRGSGGIEGMTTRLTRWLTALDNFEAKMALLPAV
;
_entity_poly.pdbx_strand_id   A
#
# COMPACT_ATOMS: atom_id res chain seq x y z
N MET A 1 -27.39 2.65 -7.63
CA MET A 1 -26.36 3.06 -6.63
C MET A 1 -24.97 2.52 -7.02
N THR A 2 -24.66 2.55 -8.33
CA THR A 2 -23.40 1.98 -8.88
C THR A 2 -22.14 2.57 -8.22
N SER A 3 -22.09 3.91 -8.08
CA SER A 3 -20.94 4.60 -7.47
C SER A 3 -20.81 4.28 -5.97
N THR A 4 -21.96 4.09 -5.30
CA THR A 4 -22.03 3.67 -3.89
C THR A 4 -21.40 2.29 -3.71
N VAL A 5 -21.85 1.33 -4.53
CA VAL A 5 -21.39 -0.06 -4.50
C VAL A 5 -19.88 -0.11 -4.77
N GLU A 6 -19.44 0.52 -5.87
CA GLU A 6 -18.02 0.55 -6.24
C GLU A 6 -17.16 1.16 -5.11
N PHE A 7 -17.59 2.30 -4.55
CA PHE A 7 -16.83 3.03 -3.53
C PHE A 7 -16.59 2.13 -2.28
N ILE A 8 -17.69 1.60 -1.72
CA ILE A 8 -17.67 0.78 -0.48
C ILE A 8 -16.97 -0.58 -0.72
N ASN A 9 -17.27 -1.22 -1.87
CA ASN A 9 -16.69 -2.54 -2.24
C ASN A 9 -15.18 -2.43 -2.46
N ARG A 10 -14.74 -1.37 -3.16
CA ARG A 10 -13.31 -1.15 -3.43
C ARG A 10 -12.55 -0.87 -2.14
N TRP A 11 -13.12 0.01 -1.25
CA TRP A 11 -12.54 0.24 0.10
C TRP A 11 -12.46 -1.06 0.90
N GLN A 12 -13.48 -1.92 0.74
CA GLN A 12 -13.55 -3.23 1.37
C GLN A 12 -12.44 -4.13 0.85
N ARG A 13 -12.20 -4.09 -0.49
CA ARG A 13 -11.16 -4.91 -1.15
C ARG A 13 -9.78 -4.47 -0.67
N ILE A 14 -9.56 -3.15 -0.58
CA ILE A 14 -8.28 -2.54 -0.13
C ILE A 14 -8.00 -2.91 1.33
N ALA A 15 -9.07 -2.92 2.14
CA ALA A 15 -9.01 -3.26 3.57
C ALA A 15 -8.60 -4.73 3.77
N LEU A 16 -9.24 -5.61 2.98
CA LEU A 16 -8.99 -7.07 3.02
C LEU A 16 -7.61 -7.40 2.41
N LEU A 17 -7.22 -6.65 1.35
CA LEU A 17 -5.92 -6.81 0.68
C LEU A 17 -4.80 -6.43 1.64
N SER A 18 -4.88 -5.23 2.23
CA SER A 18 -3.85 -4.70 3.15
C SER A 18 -3.75 -5.57 4.41
N GLN A 19 -4.91 -6.11 4.88
CA GLN A 19 -4.96 -7.06 6.00
C GLN A 19 -4.18 -8.33 5.66
N SER A 20 -4.49 -8.92 4.48
CA SER A 20 -3.83 -10.13 3.98
C SER A 20 -2.31 -9.91 3.83
N LEU A 21 -1.96 -8.80 3.18
CA LEU A 21 -0.56 -8.42 2.87
C LEU A 21 0.22 -8.15 4.16
N LEU A 22 -0.50 -7.62 5.19
CA LEU A 22 0.07 -7.39 6.53
C LEU A 22 0.45 -8.73 7.15
N GLU A 23 -0.50 -9.68 7.17
CA GLU A 23 -0.28 -11.01 7.75
C GLU A 23 0.91 -11.70 7.07
N LEU A 24 0.91 -11.67 5.73
CA LEU A 24 1.96 -12.26 4.90
C LEU A 24 3.34 -11.63 5.20
N ALA A 25 3.37 -10.30 5.39
CA ALA A 25 4.60 -9.55 5.73
C ALA A 25 5.11 -9.94 7.13
N GLN A 26 4.17 -10.20 8.05
CA GLN A 26 4.46 -10.67 9.42
C GLN A 26 4.95 -12.13 9.43
N ARG A 27 4.52 -12.92 8.41
CA ARG A 27 4.91 -14.34 8.28
C ARG A 27 6.13 -14.53 7.34
N GLY A 28 6.52 -13.45 6.64
CA GLY A 28 7.68 -13.47 5.73
C GLY A 28 7.35 -13.92 4.31
N GLU A 29 6.06 -14.01 3.97
CA GLU A 29 5.58 -14.39 2.63
C GLU A 29 5.55 -13.15 1.70
N TRP A 30 6.72 -12.79 1.17
CA TRP A 30 6.90 -11.59 0.30
C TRP A 30 6.39 -11.85 -1.14
N ASP A 31 6.26 -13.13 -1.47
CA ASP A 31 5.83 -13.63 -2.79
C ASP A 31 4.42 -13.10 -3.16
N LEU A 32 3.48 -13.29 -2.23
CA LEU A 32 2.09 -12.84 -2.39
C LEU A 32 1.98 -11.32 -2.25
N LEU A 33 2.98 -10.66 -1.62
CA LEU A 33 3.07 -9.18 -1.63
C LEU A 33 3.35 -8.70 -3.07
N LEU A 34 4.37 -9.32 -3.70
CA LEU A 34 4.77 -8.99 -5.08
C LEU A 34 3.66 -9.28 -6.10
N GLN A 35 2.87 -10.34 -5.85
CA GLN A 35 1.75 -10.75 -6.73
C GLN A 35 0.55 -9.78 -6.58
N GLN A 36 0.08 -9.64 -5.34
CA GLN A 36 -1.10 -8.83 -4.99
C GLN A 36 -0.80 -7.32 -4.97
N GLU A 37 0.50 -6.97 -5.09
CA GLU A 37 0.99 -5.58 -5.24
C GLU A 37 0.14 -4.77 -6.24
N VAL A 38 0.10 -5.23 -7.50
CA VAL A 38 -0.61 -4.56 -8.60
C VAL A 38 -2.12 -4.49 -8.31
N SER A 39 -2.65 -5.53 -7.63
CA SER A 39 -4.06 -5.60 -7.23
C SER A 39 -4.42 -4.48 -6.23
N TYR A 40 -3.53 -4.33 -5.22
CA TYR A 40 -3.73 -3.40 -4.10
C TYR A 40 -3.63 -1.94 -4.58
N LEU A 41 -2.58 -1.65 -5.37
CA LEU A 41 -2.32 -0.29 -5.89
C LEU A 41 -3.42 0.12 -6.90
N GLN A 42 -3.88 -0.86 -7.72
CA GLN A 42 -5.00 -0.66 -8.66
C GLN A 42 -6.28 -0.25 -7.90
N SER A 43 -6.63 -1.05 -6.87
CA SER A 43 -7.82 -0.82 -6.03
C SER A 43 -7.79 0.58 -5.35
N ILE A 44 -6.59 0.95 -4.86
CA ILE A 44 -6.30 2.26 -4.27
C ILE A 44 -6.67 3.40 -5.24
N GLU A 45 -6.08 3.34 -6.44
CA GLU A 45 -6.23 4.39 -7.45
C GLU A 45 -7.68 4.50 -7.92
N THR A 46 -8.32 3.34 -8.17
CA THR A 46 -9.67 3.29 -8.77
C THR A 46 -10.75 3.73 -7.76
N VAL A 47 -10.54 3.49 -6.44
CA VAL A 47 -11.48 3.98 -5.40
C VAL A 47 -11.30 5.50 -5.24
N MET A 48 -10.05 5.98 -5.40
CA MET A 48 -9.73 7.40 -5.30
C MET A 48 -10.27 8.18 -6.52
N GLU A 49 -10.46 7.47 -7.66
CA GLU A 49 -11.16 8.02 -8.85
C GLU A 49 -12.66 8.24 -8.56
N LYS A 50 -13.22 7.48 -7.59
CA LYS A 50 -14.60 7.65 -7.15
C LYS A 50 -14.68 8.79 -6.11
N GLN A 51 -14.52 10.03 -6.59
CA GLN A 51 -14.58 11.22 -5.73
C GLN A 51 -16.05 11.46 -5.31
N THR A 52 -16.37 11.13 -4.06
CA THR A 52 -17.73 11.29 -3.50
C THR A 52 -17.98 12.77 -3.12
N PRO A 53 -19.27 13.27 -3.23
CA PRO A 53 -19.63 14.66 -2.87
C PRO A 53 -19.33 15.00 -1.38
N PRO A 54 -19.14 16.33 -1.04
CA PRO A 54 -18.91 16.80 0.35
C PRO A 54 -19.97 16.26 1.33
N GLY A 55 -21.25 16.34 0.92
CA GLY A 55 -22.35 15.79 1.71
C GLY A 55 -22.56 14.31 1.46
N ILE A 56 -21.56 13.50 1.83
CA ILE A 56 -21.66 12.02 1.82
C ILE A 56 -22.68 11.56 2.90
N THR A 57 -23.37 10.44 2.65
CA THR A 57 -24.42 9.93 3.56
C THR A 57 -23.82 9.09 4.68
N ARG A 58 -24.61 8.94 5.78
CA ARG A 58 -24.19 8.33 7.05
C ARG A 58 -23.57 6.93 6.86
N SER A 59 -24.42 5.97 6.46
CA SER A 59 -24.05 4.53 6.38
C SER A 59 -22.81 4.29 5.50
N ILE A 60 -22.79 4.95 4.32
CA ILE A 60 -21.68 4.85 3.37
C ILE A 60 -20.38 5.31 4.05
N GLN A 61 -20.41 6.53 4.63
CA GLN A 61 -19.21 7.14 5.24
C GLN A 61 -18.71 6.29 6.43
N ASP A 62 -19.63 5.70 7.21
CA ASP A 62 -19.28 4.89 8.40
C ASP A 62 -18.52 3.61 8.00
N MET A 63 -19.08 2.87 7.03
CA MET A 63 -18.48 1.61 6.52
C MET A 63 -17.13 1.88 5.85
N VAL A 64 -17.11 2.92 4.99
CA VAL A 64 -15.92 3.39 4.26
C VAL A 64 -14.81 3.80 5.24
N ALA A 65 -15.17 4.59 6.27
CA ALA A 65 -14.22 5.09 7.29
C ALA A 65 -13.65 3.93 8.11
N GLY A 66 -14.48 2.89 8.33
CA GLY A 66 -14.03 1.64 8.95
C GLY A 66 -12.95 0.95 8.12
N TYR A 67 -13.22 0.84 6.80
CA TYR A 67 -12.26 0.23 5.83
C TYR A 67 -10.99 1.08 5.68
N ILE A 68 -11.14 2.40 5.88
CA ILE A 68 -10.04 3.38 5.84
C ILE A 68 -9.13 3.18 7.07
N LYS A 69 -9.75 2.96 8.25
CA LYS A 69 -9.01 2.63 9.48
C LYS A 69 -8.20 1.34 9.29
N GLN A 70 -8.87 0.32 8.71
CA GLN A 70 -8.28 -0.99 8.41
C GLN A 70 -7.04 -0.82 7.54
N THR A 71 -7.22 -0.22 6.35
CA THR A 71 -6.17 -0.16 5.33
C THR A 71 -5.00 0.75 5.75
N LEU A 72 -5.29 1.88 6.42
CA LEU A 72 -4.24 2.81 6.88
C LEU A 72 -3.41 2.22 8.02
N ASP A 73 -4.05 1.43 8.92
CA ASP A 73 -3.35 0.74 10.03
C ASP A 73 -2.49 -0.42 9.49
N ASN A 74 -3.10 -1.23 8.59
CA ASN A 74 -2.43 -2.38 7.95
C ASN A 74 -1.22 -1.91 7.14
N GLU A 75 -1.43 -0.84 6.36
CA GLU A 75 -0.41 -0.26 5.49
C GLU A 75 0.65 0.52 6.31
N GLN A 76 0.25 1.05 7.48
CA GLN A 76 1.19 1.67 8.43
C GLN A 76 2.22 0.64 8.91
N LEU A 77 1.67 -0.51 9.36
CA LEU A 77 2.47 -1.64 9.83
C LEU A 77 3.31 -2.23 8.68
N LEU A 78 2.70 -2.33 7.47
CA LEU A 78 3.40 -2.70 6.21
C LEU A 78 4.57 -1.75 5.91
N LYS A 79 4.30 -0.44 6.05
CA LYS A 79 5.25 0.63 5.68
C LYS A 79 6.52 0.53 6.51
N GLY A 80 6.34 0.47 7.85
CA GLY A 80 7.47 0.37 8.79
C GLY A 80 8.21 -0.96 8.69
N LEU A 81 7.43 -2.06 8.57
CA LEU A 81 7.95 -3.44 8.48
C LEU A 81 8.87 -3.59 7.25
N LEU A 82 8.33 -3.19 6.09
CA LEU A 82 8.99 -3.33 4.78
C LEU A 82 10.12 -2.31 4.61
N GLN A 83 10.04 -1.18 5.34
CA GLN A 83 11.13 -0.19 5.40
C GLN A 83 12.35 -0.83 6.10
N GLN A 84 12.10 -1.47 7.25
CA GLN A 84 13.15 -2.15 8.05
C GLN A 84 13.61 -3.46 7.37
N ARG A 85 12.69 -4.09 6.60
CA ARG A 85 12.98 -5.34 5.90
C ARG A 85 13.93 -5.07 4.73
N LEU A 86 13.58 -4.07 3.87
CA LEU A 86 14.43 -3.65 2.74
C LEU A 86 15.77 -3.06 3.25
N ASP A 87 15.73 -2.44 4.45
CA ASP A 87 16.94 -1.97 5.15
C ASP A 87 17.91 -3.16 5.35
N GLU A 88 17.41 -4.22 6.02
CA GLU A 88 18.18 -5.44 6.27
C GLU A 88 18.63 -6.11 4.96
N LEU A 89 17.68 -6.21 3.98
CA LEU A 89 17.91 -6.88 2.69
C LEU A 89 19.05 -6.20 1.90
N SER A 90 19.05 -4.86 1.86
CA SER A 90 20.11 -4.09 1.18
C SER A 90 21.45 -4.20 1.92
N SER A 91 21.37 -4.36 3.26
CA SER A 91 22.54 -4.66 4.11
C SER A 91 23.11 -6.08 3.77
N LEU A 92 22.22 -7.02 3.39
CA LEU A 92 22.63 -8.41 3.00
C LEU A 92 23.28 -8.39 1.60
N ILE A 93 22.67 -7.59 0.71
CA ILE A 93 23.08 -7.46 -0.71
C ILE A 93 24.45 -6.75 -0.83
N GLY A 94 24.67 -5.76 0.04
CA GLY A 94 25.94 -5.04 0.09
C GLY A 94 26.08 -4.30 1.39
N GLN A 95 25.43 -3.14 1.48
CA GLN A 95 25.44 -2.30 2.68
C GLN A 95 24.28 -1.31 2.60
N VAL A 96 23.53 -1.18 3.69
CA VAL A 96 22.45 -0.18 3.82
C VAL A 96 23.06 1.13 4.35
N LEU A 97 22.35 2.26 4.16
CA LEU A 97 22.71 3.52 4.80
C LEU A 97 22.21 3.51 6.26
N PHE A 98 22.88 4.31 7.11
CA PHE A 98 22.48 4.51 8.52
C PHE A 98 21.02 5.03 8.62
N GLN A 99 20.62 5.79 7.59
CA GLN A 99 19.27 6.28 7.40
C GLN A 99 18.98 6.35 5.88
N GLY A 100 17.97 5.61 5.44
CA GLY A 100 17.57 5.61 4.02
C GLY A 100 16.18 5.00 3.82
N PRO A 101 15.09 5.68 4.33
CA PRO A 101 13.70 5.18 4.26
C PRO A 101 13.00 5.58 2.93
N SER A 102 13.75 5.52 1.82
CA SER A 102 13.28 5.99 0.51
C SER A 102 13.76 5.02 -0.60
N ALA A 103 13.43 5.36 -1.86
CA ALA A 103 13.87 4.61 -3.05
C ALA A 103 15.33 4.95 -3.38
N GLY A 104 16.25 4.29 -2.70
CA GLY A 104 17.70 4.46 -2.93
C GLY A 104 18.48 3.19 -2.61
N LEU A 105 17.87 2.28 -1.83
CA LEU A 105 18.49 1.01 -1.41
C LEU A 105 18.59 0.05 -2.63
N VAL A 106 19.85 -0.25 -3.02
CA VAL A 106 20.19 -1.06 -4.21
C VAL A 106 19.74 -0.33 -5.51
N PRO A 107 20.63 0.57 -6.09
CA PRO A 107 20.30 1.39 -7.29
C PRO A 107 20.18 0.54 -8.59
N ARG A 108 21.04 -0.47 -8.72
CA ARG A 108 21.07 -1.37 -9.89
C ARG A 108 21.28 -2.80 -9.39
N GLY A 109 20.15 -3.49 -9.13
CA GLY A 109 20.16 -4.87 -8.60
C GLY A 109 20.68 -5.89 -9.58
N SER A 110 20.51 -5.58 -10.89
CA SER A 110 20.95 -6.42 -12.03
C SER A 110 20.20 -7.76 -12.10
N GLY A 111 20.51 -8.69 -11.17
CA GLY A 111 19.89 -10.03 -11.15
C GLY A 111 18.47 -10.06 -10.61
N GLY A 112 18.12 -11.14 -9.88
CA GLY A 112 16.74 -11.35 -9.38
C GLY A 112 16.30 -10.32 -8.35
N ILE A 113 17.27 -9.77 -7.60
CA ILE A 113 17.01 -8.76 -6.54
C ILE A 113 16.55 -7.41 -7.14
N GLU A 114 16.87 -7.18 -8.43
CA GLU A 114 16.50 -5.96 -9.17
C GLU A 114 14.98 -5.72 -9.08
N GLY A 115 14.22 -6.77 -9.45
CA GLY A 115 12.78 -6.72 -9.46
C GLY A 115 12.20 -6.54 -8.07
N MET A 116 12.79 -7.23 -7.08
CA MET A 116 12.36 -7.17 -5.67
C MET A 116 12.46 -5.74 -5.12
N THR A 117 13.63 -5.12 -5.31
CA THR A 117 13.93 -3.79 -4.76
C THR A 117 13.11 -2.71 -5.47
N THR A 118 13.16 -2.70 -6.82
CA THR A 118 12.45 -1.69 -7.63
C THR A 118 10.92 -1.71 -7.37
N ARG A 119 10.35 -2.95 -7.29
CA ARG A 119 8.93 -3.14 -6.95
C ARG A 119 8.62 -2.58 -5.57
N LEU A 120 9.31 -3.10 -4.53
CA LEU A 120 9.01 -2.76 -3.13
C LEU A 120 9.33 -1.27 -2.78
N THR A 121 10.24 -0.63 -3.53
CA THR A 121 10.53 0.82 -3.34
C THR A 121 9.41 1.67 -3.98
N ARG A 122 9.02 1.30 -5.22
CA ARG A 122 7.87 1.93 -5.93
C ARG A 122 6.57 1.72 -5.11
N TRP A 123 6.51 0.55 -4.46
CA TRP A 123 5.39 0.11 -3.62
C TRP A 123 5.31 1.00 -2.38
N LEU A 124 6.44 1.14 -1.62
CA LEU A 124 6.47 1.94 -0.36
C LEU A 124 6.16 3.43 -0.62
N THR A 125 6.65 3.96 -1.77
CA THR A 125 6.41 5.37 -2.13
C THR A 125 4.95 5.56 -2.63
N ALA A 126 4.35 4.48 -3.21
CA ALA A 126 2.93 4.46 -3.61
C ALA A 126 2.01 4.28 -2.38
N LEU A 127 2.54 3.62 -1.31
CA LEU A 127 1.83 3.46 -0.04
C LEU A 127 1.74 4.83 0.66
N ASP A 128 2.90 5.49 0.76
CA ASP A 128 3.05 6.83 1.34
C ASP A 128 2.21 7.85 0.55
N ASN A 129 2.16 7.66 -0.79
CA ASN A 129 1.31 8.47 -1.69
C ASN A 129 -0.18 8.31 -1.35
N PHE A 130 -0.63 7.04 -1.21
CA PHE A 130 -2.04 6.73 -0.87
C PHE A 130 -2.40 7.36 0.48
N GLU A 131 -1.63 7.00 1.51
CA GLU A 131 -1.70 7.53 2.89
C GLU A 131 -1.92 9.07 2.90
N ALA A 132 -0.97 9.78 2.26
CA ALA A 132 -0.94 11.26 2.23
C ALA A 132 -2.15 11.83 1.48
N LYS A 133 -2.32 11.38 0.23
CA LYS A 133 -3.31 11.92 -0.73
C LYS A 133 -4.76 11.61 -0.28
N MET A 134 -4.94 10.45 0.37
CA MET A 134 -6.26 10.02 0.85
C MET A 134 -6.59 10.72 2.19
N ALA A 135 -5.54 11.07 2.96
CA ALA A 135 -5.69 11.96 4.13
C ALA A 135 -6.01 13.40 3.66
N LEU A 136 -5.55 13.74 2.43
CA LEU A 136 -5.82 15.05 1.80
C LEU A 136 -7.16 15.08 1.04
N LEU A 137 -7.80 13.90 0.83
CA LEU A 137 -9.20 13.80 0.31
C LEU A 137 -10.14 14.81 1.02
N PRO A 138 -10.62 15.89 0.31
CA PRO A 138 -11.52 16.89 0.90
C PRO A 138 -12.96 16.37 1.05
N ALA A 139 -13.27 15.25 0.37
CA ALA A 139 -14.62 14.67 0.31
C ALA A 139 -14.54 13.15 0.05
N VAL A 140 -14.51 12.39 1.16
CA VAL A 140 -14.61 10.92 1.18
C VAL A 140 -15.87 10.49 2.00
N MET A 1 -26.82 4.19 -6.71
CA MET A 1 -26.42 2.76 -6.55
C MET A 1 -24.99 2.52 -7.09
N THR A 2 -24.73 3.00 -8.32
CA THR A 2 -23.49 2.69 -9.08
C THR A 2 -22.20 3.04 -8.31
N SER A 3 -21.92 4.34 -8.09
CA SER A 3 -20.68 4.80 -7.44
C SER A 3 -20.67 4.52 -5.93
N THR A 4 -21.84 4.14 -5.38
CA THR A 4 -21.97 3.72 -3.99
C THR A 4 -21.34 2.33 -3.79
N VAL A 5 -21.82 1.34 -4.58
CA VAL A 5 -21.29 -0.03 -4.53
C VAL A 5 -19.82 -0.04 -5.01
N GLU A 6 -19.46 0.87 -5.96
CA GLU A 6 -18.05 1.07 -6.37
C GLU A 6 -17.19 1.44 -5.14
N PHE A 7 -17.56 2.56 -4.50
CA PHE A 7 -16.78 3.19 -3.41
C PHE A 7 -16.59 2.20 -2.23
N ILE A 8 -17.71 1.63 -1.77
CA ILE A 8 -17.76 0.74 -0.58
C ILE A 8 -17.01 -0.59 -0.85
N ASN A 9 -17.26 -1.23 -2.02
CA ASN A 9 -16.67 -2.57 -2.34
C ASN A 9 -15.16 -2.47 -2.61
N ARG A 10 -14.73 -1.32 -3.15
CA ARG A 10 -13.30 -1.06 -3.42
C ARG A 10 -12.56 -0.82 -2.10
N TRP A 11 -13.08 0.10 -1.25
CA TRP A 11 -12.50 0.35 0.11
C TRP A 11 -12.46 -0.95 0.93
N GLN A 12 -13.52 -1.78 0.78
CA GLN A 12 -13.61 -3.09 1.44
C GLN A 12 -12.45 -3.99 1.00
N ARG A 13 -12.30 -4.09 -0.34
CA ARG A 13 -11.26 -4.92 -0.97
C ARG A 13 -9.85 -4.43 -0.59
N ILE A 14 -9.67 -3.11 -0.47
CA ILE A 14 -8.38 -2.48 -0.12
C ILE A 14 -8.01 -2.80 1.34
N ALA A 15 -9.04 -2.79 2.21
CA ALA A 15 -8.89 -3.12 3.64
C ALA A 15 -8.53 -4.61 3.83
N LEU A 16 -9.20 -5.47 3.04
CA LEU A 16 -9.01 -6.93 3.06
C LEU A 16 -7.64 -7.32 2.45
N LEU A 17 -7.27 -6.61 1.36
CA LEU A 17 -5.98 -6.79 0.70
C LEU A 17 -4.85 -6.39 1.65
N SER A 18 -4.98 -5.21 2.28
CA SER A 18 -3.94 -4.64 3.15
C SER A 18 -3.72 -5.50 4.40
N GLN A 19 -4.81 -6.05 4.98
CA GLN A 19 -4.69 -6.94 6.17
C GLN A 19 -4.08 -8.30 5.77
N SER A 20 -4.40 -8.79 4.55
CA SER A 20 -3.78 -10.00 4.00
C SER A 20 -2.27 -9.76 3.85
N LEU A 21 -1.92 -8.74 3.05
CA LEU A 21 -0.54 -8.30 2.78
C LEU A 21 0.24 -8.03 4.07
N LEU A 22 -0.45 -7.48 5.08
CA LEU A 22 0.12 -7.18 6.40
C LEU A 22 0.57 -8.46 7.10
N GLU A 23 -0.39 -9.39 7.25
CA GLU A 23 -0.15 -10.67 7.93
C GLU A 23 0.94 -11.45 7.18
N LEU A 24 0.88 -11.39 5.84
CA LEU A 24 1.83 -12.05 4.93
C LEU A 24 3.23 -11.43 5.04
N ALA A 25 3.29 -10.10 5.25
CA ALA A 25 4.57 -9.37 5.41
C ALA A 25 5.27 -9.84 6.70
N GLN A 26 4.46 -9.99 7.76
CA GLN A 26 4.90 -10.54 9.06
C GLN A 26 5.31 -12.03 8.94
N ARG A 27 4.61 -12.77 8.05
CA ARG A 27 4.93 -14.19 7.75
C ARG A 27 6.23 -14.31 6.91
N GLY A 28 6.54 -13.25 6.15
CA GLY A 28 7.70 -13.24 5.24
C GLY A 28 7.36 -13.66 3.81
N GLU A 29 6.05 -13.71 3.50
CA GLU A 29 5.52 -14.06 2.17
C GLU A 29 5.67 -12.87 1.18
N TRP A 30 6.90 -12.65 0.70
CA TRP A 30 7.20 -11.51 -0.20
C TRP A 30 6.63 -11.77 -1.62
N ASP A 31 6.53 -13.07 -2.01
CA ASP A 31 5.97 -13.49 -3.32
C ASP A 31 4.53 -13.00 -3.47
N LEU A 32 3.71 -13.27 -2.44
CA LEU A 32 2.30 -12.85 -2.38
C LEU A 32 2.15 -11.32 -2.37
N LEU A 33 3.11 -10.62 -1.73
CA LEU A 33 3.16 -9.14 -1.77
C LEU A 33 3.46 -8.61 -3.18
N LEU A 34 4.34 -9.31 -3.93
CA LEU A 34 4.67 -8.94 -5.33
C LEU A 34 3.49 -9.23 -6.27
N GLN A 35 2.76 -10.32 -6.01
CA GLN A 35 1.60 -10.76 -6.82
C GLN A 35 0.42 -9.79 -6.60
N GLN A 36 0.08 -9.59 -5.33
CA GLN A 36 -1.05 -8.75 -4.89
C GLN A 36 -0.68 -7.25 -4.92
N GLU A 37 0.63 -6.93 -5.11
CA GLU A 37 1.11 -5.54 -5.33
C GLU A 37 0.21 -4.81 -6.33
N VAL A 38 0.20 -5.32 -7.58
CA VAL A 38 -0.54 -4.73 -8.70
C VAL A 38 -2.05 -4.62 -8.37
N SER A 39 -2.61 -5.68 -7.77
CA SER A 39 -4.05 -5.74 -7.43
C SER A 39 -4.44 -4.61 -6.44
N TYR A 40 -3.60 -4.44 -5.40
CA TYR A 40 -3.83 -3.46 -4.32
C TYR A 40 -3.72 -2.03 -4.86
N LEU A 41 -2.67 -1.79 -5.67
CA LEU A 41 -2.38 -0.46 -6.23
C LEU A 41 -3.48 -0.04 -7.22
N GLN A 42 -3.95 -1.00 -8.05
CA GLN A 42 -5.02 -0.74 -9.03
C GLN A 42 -6.35 -0.44 -8.32
N SER A 43 -6.60 -1.14 -7.19
CA SER A 43 -7.77 -0.86 -6.32
C SER A 43 -7.71 0.57 -5.74
N ILE A 44 -6.48 1.00 -5.36
CA ILE A 44 -6.19 2.36 -4.86
C ILE A 44 -6.52 3.43 -5.94
N GLU A 45 -6.03 3.17 -7.18
CA GLU A 45 -6.27 4.04 -8.34
C GLU A 45 -7.78 4.23 -8.59
N THR A 46 -8.50 3.11 -8.73
CA THR A 46 -9.92 3.12 -9.12
C THR A 46 -10.84 3.63 -7.99
N VAL A 47 -10.42 3.53 -6.71
CA VAL A 47 -11.21 4.05 -5.58
C VAL A 47 -11.03 5.57 -5.46
N MET A 48 -9.78 6.04 -5.63
CA MET A 48 -9.43 7.47 -5.51
C MET A 48 -9.85 8.23 -6.79
N GLU A 49 -10.14 7.45 -7.85
CA GLU A 49 -10.71 7.95 -9.11
C GLU A 49 -12.11 8.56 -8.88
N LYS A 50 -12.86 8.00 -7.89
CA LYS A 50 -14.20 8.51 -7.48
C LYS A 50 -14.15 9.00 -6.02
N GLN A 51 -14.17 10.33 -5.81
CA GLN A 51 -14.32 10.92 -4.47
C GLN A 51 -15.81 11.20 -4.19
N THR A 52 -16.27 10.93 -2.96
CA THR A 52 -17.61 11.28 -2.51
C THR A 52 -17.60 12.68 -1.87
N PRO A 53 -18.63 13.55 -2.17
CA PRO A 53 -18.74 14.90 -1.57
C PRO A 53 -18.91 14.86 -0.01
N PRO A 54 -18.58 16.01 0.70
CA PRO A 54 -18.78 16.18 2.17
C PRO A 54 -20.10 15.60 2.73
N GLY A 55 -21.21 15.90 2.04
CA GLY A 55 -22.54 15.41 2.44
C GLY A 55 -22.82 13.97 2.01
N ILE A 56 -21.91 13.07 2.38
CA ILE A 56 -22.04 11.62 2.15
C ILE A 56 -22.87 11.00 3.31
N THR A 57 -23.83 10.12 2.97
CA THR A 57 -24.75 9.51 3.97
C THR A 57 -23.99 8.65 5.00
N ARG A 58 -24.54 8.58 6.24
CA ARG A 58 -23.88 7.97 7.41
C ARG A 58 -23.53 6.49 7.18
N SER A 59 -24.34 5.77 6.39
CA SER A 59 -24.14 4.35 6.11
C SER A 59 -22.82 4.12 5.34
N ILE A 60 -22.70 4.79 4.18
CA ILE A 60 -21.48 4.73 3.33
C ILE A 60 -20.28 5.25 4.13
N GLN A 61 -20.46 6.44 4.74
CA GLN A 61 -19.41 7.12 5.52
C GLN A 61 -18.87 6.23 6.67
N ASP A 62 -19.78 5.48 7.34
CA ASP A 62 -19.41 4.56 8.45
C ASP A 62 -18.58 3.38 7.94
N MET A 63 -19.15 2.62 6.98
CA MET A 63 -18.50 1.39 6.47
C MET A 63 -17.15 1.71 5.83
N VAL A 64 -17.16 2.73 4.95
CA VAL A 64 -15.97 3.23 4.25
C VAL A 64 -14.90 3.72 5.24
N ALA A 65 -15.31 4.47 6.29
CA ALA A 65 -14.37 4.94 7.33
C ALA A 65 -13.77 3.75 8.11
N GLY A 66 -14.57 2.68 8.28
CA GLY A 66 -14.09 1.43 8.86
C GLY A 66 -12.95 0.84 8.02
N TYR A 67 -13.18 0.81 6.69
CA TYR A 67 -12.22 0.28 5.70
C TYR A 67 -11.00 1.20 5.56
N ILE A 68 -11.21 2.52 5.75
CA ILE A 68 -10.17 3.56 5.62
C ILE A 68 -9.16 3.43 6.78
N LYS A 69 -9.68 3.46 8.03
CA LYS A 69 -8.85 3.34 9.24
C LYS A 69 -8.17 1.96 9.27
N GLN A 70 -8.90 0.93 8.81
CA GLN A 70 -8.37 -0.44 8.71
C GLN A 70 -7.18 -0.51 7.75
N THR A 71 -7.38 -0.03 6.50
CA THR A 71 -6.37 -0.19 5.44
C THR A 71 -5.14 0.69 5.71
N LEU A 72 -5.35 1.89 6.27
CA LEU A 72 -4.26 2.82 6.61
C LEU A 72 -3.46 2.30 7.82
N ASP A 73 -4.13 1.65 8.79
CA ASP A 73 -3.45 1.00 9.93
C ASP A 73 -2.57 -0.18 9.43
N ASN A 74 -3.17 -1.00 8.54
CA ASN A 74 -2.51 -2.17 7.95
C ASN A 74 -1.33 -1.75 7.07
N GLU A 75 -1.54 -0.66 6.31
CA GLU A 75 -0.53 -0.10 5.39
C GLU A 75 0.52 0.73 6.15
N GLN A 76 0.17 1.18 7.37
CA GLN A 76 1.12 1.86 8.28
C GLN A 76 2.14 0.82 8.77
N LEU A 77 1.60 -0.34 9.19
CA LEU A 77 2.40 -1.48 9.64
C LEU A 77 3.17 -2.12 8.46
N LEU A 78 2.55 -2.13 7.25
CA LEU A 78 3.22 -2.55 5.99
C LEU A 78 4.40 -1.61 5.67
N LYS A 79 4.15 -0.30 5.80
CA LYS A 79 5.13 0.74 5.49
C LYS A 79 6.35 0.60 6.41
N GLY A 80 6.07 0.49 7.73
CA GLY A 80 7.12 0.38 8.75
C GLY A 80 7.96 -0.88 8.58
N LEU A 81 7.26 -2.03 8.43
CA LEU A 81 7.90 -3.35 8.28
C LEU A 81 8.75 -3.39 7.01
N LEU A 82 8.10 -3.19 5.85
CA LEU A 82 8.73 -3.34 4.52
C LEU A 82 9.86 -2.33 4.27
N GLN A 83 9.73 -1.10 4.82
CA GLN A 83 10.80 -0.08 4.73
C GLN A 83 11.99 -0.54 5.57
N GLN A 84 11.70 -1.01 6.82
CA GLN A 84 12.72 -1.55 7.73
C GLN A 84 13.39 -2.79 7.13
N ARG A 85 12.60 -3.62 6.41
CA ARG A 85 13.04 -4.91 5.85
C ARG A 85 13.93 -4.70 4.63
N LEU A 86 13.55 -3.79 3.72
CA LEU A 86 14.36 -3.48 2.52
C LEU A 86 15.68 -2.79 2.92
N ASP A 87 15.59 -1.91 3.94
CA ASP A 87 16.75 -1.23 4.54
C ASP A 87 17.70 -2.26 5.21
N GLU A 88 17.09 -3.19 5.97
CA GLU A 88 17.80 -4.24 6.70
C GLU A 88 18.54 -5.17 5.72
N LEU A 89 17.77 -5.76 4.79
CA LEU A 89 18.26 -6.65 3.72
C LEU A 89 19.38 -5.99 2.89
N SER A 90 19.22 -4.70 2.55
CA SER A 90 20.21 -3.96 1.75
C SER A 90 21.50 -3.74 2.57
N SER A 91 21.37 -3.64 3.90
CA SER A 91 22.51 -3.54 4.83
C SER A 91 23.14 -4.95 5.11
N LEU A 92 22.34 -6.04 4.98
CA LEU A 92 22.81 -7.43 5.18
C LEU A 92 23.67 -7.87 3.98
N ILE A 93 23.16 -7.55 2.79
CA ILE A 93 23.75 -7.93 1.49
C ILE A 93 24.88 -6.94 1.15
N GLY A 94 24.53 -5.64 1.16
CA GLY A 94 25.45 -4.56 0.81
C GLY A 94 26.15 -3.98 2.03
N GLN A 95 26.85 -2.86 1.82
CA GLN A 95 27.66 -2.20 2.83
C GLN A 95 26.76 -1.25 3.63
N VAL A 96 26.72 -1.46 4.95
CA VAL A 96 25.92 -0.64 5.87
C VAL A 96 26.45 0.81 5.89
N LEU A 97 25.71 1.71 5.23
CA LEU A 97 26.05 3.15 5.18
C LEU A 97 25.52 3.86 6.45
N PHE A 98 25.54 5.21 6.45
CA PHE A 98 24.88 6.05 7.48
C PHE A 98 23.36 5.78 7.52
N GLN A 99 22.79 5.65 8.73
CA GLN A 99 21.34 5.47 8.92
C GLN A 99 20.63 6.83 8.82
N GLY A 100 20.49 7.31 7.58
CA GLY A 100 19.85 8.60 7.28
C GLY A 100 18.65 8.39 6.36
N PRO A 101 18.59 9.04 5.15
CA PRO A 101 17.57 8.74 4.11
C PRO A 101 17.63 7.28 3.62
N SER A 102 16.50 6.81 3.06
CA SER A 102 16.39 5.47 2.47
C SER A 102 17.19 5.42 1.15
N ALA A 103 18.45 4.96 1.24
CA ALA A 103 19.35 4.84 0.07
C ALA A 103 19.28 3.41 -0.49
N GLY A 104 19.12 3.30 -1.82
CA GLY A 104 19.03 2.01 -2.51
C GLY A 104 20.40 1.36 -2.70
N LEU A 105 20.87 0.66 -1.66
CA LEU A 105 22.11 -0.15 -1.71
C LEU A 105 21.91 -1.29 -2.73
N VAL A 106 20.70 -1.86 -2.72
CA VAL A 106 20.25 -2.82 -3.75
C VAL A 106 19.87 -2.05 -5.06
N PRO A 107 20.37 -2.50 -6.25
CA PRO A 107 20.03 -1.87 -7.55
C PRO A 107 18.56 -2.12 -7.97
N ARG A 108 17.86 -1.05 -8.39
CA ARG A 108 16.50 -1.13 -8.95
C ARG A 108 16.56 -1.62 -10.40
N GLY A 109 16.74 -2.94 -10.57
CA GLY A 109 16.83 -3.57 -11.88
C GLY A 109 15.62 -4.42 -12.20
N SER A 110 15.73 -5.24 -13.26
CA SER A 110 14.64 -6.11 -13.71
C SER A 110 15.14 -7.56 -13.77
N GLY A 111 14.81 -8.34 -12.73
CA GLY A 111 15.20 -9.75 -12.66
C GLY A 111 14.77 -10.40 -11.35
N GLY A 112 15.71 -11.10 -10.68
CA GLY A 112 15.39 -11.89 -9.48
C GLY A 112 15.18 -11.02 -8.25
N ILE A 113 16.28 -10.78 -7.50
CA ILE A 113 16.27 -9.91 -6.31
C ILE A 113 16.09 -8.44 -6.75
N GLU A 114 16.59 -8.14 -7.95
CA GLU A 114 16.52 -6.80 -8.57
C GLU A 114 15.04 -6.44 -8.78
N GLY A 115 14.28 -7.43 -9.28
CA GLY A 115 12.84 -7.29 -9.51
C GLY A 115 12.07 -7.13 -8.21
N MET A 116 12.38 -7.99 -7.21
CA MET A 116 11.74 -7.96 -5.88
C MET A 116 11.86 -6.56 -5.24
N THR A 117 13.11 -6.05 -5.21
CA THR A 117 13.43 -4.80 -4.54
C THR A 117 12.85 -3.59 -5.28
N THR A 118 13.01 -3.55 -6.62
CA THR A 118 12.51 -2.42 -7.43
C THR A 118 10.98 -2.28 -7.30
N ARG A 119 10.28 -3.45 -7.27
CA ARG A 119 8.83 -3.50 -7.17
C ARG A 119 8.37 -3.08 -5.77
N LEU A 120 9.04 -3.58 -4.71
CA LEU A 120 8.70 -3.21 -3.33
C LEU A 120 9.01 -1.73 -3.02
N THR A 121 10.06 -1.15 -3.65
CA THR A 121 10.43 0.27 -3.42
C THR A 121 9.42 1.21 -4.12
N ARG A 122 9.03 0.87 -5.38
CA ARG A 122 7.99 1.65 -6.11
C ARG A 122 6.61 1.46 -5.42
N TRP A 123 6.43 0.29 -4.80
CA TRP A 123 5.25 -0.09 -4.04
C TRP A 123 5.14 0.77 -2.77
N LEU A 124 6.29 1.02 -2.08
CA LEU A 124 6.31 1.82 -0.83
C LEU A 124 6.11 3.30 -1.18
N THR A 125 6.59 3.68 -2.38
CA THR A 125 6.33 5.00 -2.97
C THR A 125 4.82 5.17 -3.27
N ALA A 126 4.19 4.09 -3.77
CA ALA A 126 2.75 4.08 -4.11
C ALA A 126 1.88 4.04 -2.85
N LEU A 127 2.39 3.39 -1.78
CA LEU A 127 1.72 3.33 -0.46
C LEU A 127 1.77 4.72 0.16
N ASP A 128 2.94 5.37 0.04
CA ASP A 128 3.20 6.72 0.51
C ASP A 128 2.25 7.72 -0.19
N ASN A 129 2.09 7.55 -1.52
CA ASN A 129 1.26 8.43 -2.36
C ASN A 129 -0.22 8.32 -1.95
N PHE A 130 -0.71 7.07 -1.80
CA PHE A 130 -2.09 6.77 -1.37
C PHE A 130 -2.35 7.34 0.03
N GLU A 131 -1.54 6.87 1.00
CA GLU A 131 -1.64 7.24 2.44
C GLU A 131 -1.74 8.76 2.62
N ALA A 132 -0.76 9.48 2.02
CA ALA A 132 -0.66 10.93 2.11
C ALA A 132 -1.90 11.60 1.49
N LYS A 133 -2.17 11.32 0.19
CA LYS A 133 -3.27 11.94 -0.57
C LYS A 133 -4.65 11.68 0.06
N MET A 134 -4.85 10.45 0.54
CA MET A 134 -6.15 10.02 1.07
C MET A 134 -6.38 10.56 2.49
N ALA A 135 -5.28 10.86 3.21
CA ALA A 135 -5.33 11.64 4.45
C ALA A 135 -5.69 13.09 4.13
N LEU A 136 -5.17 13.58 2.98
CA LEU A 136 -5.38 14.97 2.51
C LEU A 136 -6.78 15.13 1.84
N LEU A 137 -7.49 14.00 1.55
CA LEU A 137 -8.92 14.02 1.09
C LEU A 137 -9.81 14.92 2.00
N PRO A 138 -10.25 16.13 1.52
CA PRO A 138 -11.21 16.97 2.25
C PRO A 138 -12.67 16.53 1.98
N ALA A 139 -12.88 15.85 0.84
CA ALA A 139 -14.22 15.43 0.37
C ALA A 139 -14.73 14.24 1.19
N VAL A 140 -13.84 13.25 1.41
CA VAL A 140 -14.15 12.03 2.16
C VAL A 140 -13.63 12.17 3.61
N MET A 1 -26.96 4.68 -6.82
CA MET A 1 -26.46 3.54 -6.03
C MET A 1 -25.22 2.89 -6.67
N THR A 2 -24.92 3.21 -7.95
CA THR A 2 -23.72 2.68 -8.62
C THR A 2 -22.44 3.25 -7.97
N SER A 3 -22.38 4.59 -7.85
CA SER A 3 -21.27 5.31 -7.21
C SER A 3 -21.03 4.81 -5.77
N THR A 4 -22.16 4.61 -5.05
CA THR A 4 -22.20 4.09 -3.68
C THR A 4 -21.56 2.70 -3.58
N VAL A 5 -22.08 1.73 -4.35
CA VAL A 5 -21.69 0.32 -4.23
C VAL A 5 -20.22 0.14 -4.70
N GLU A 6 -19.79 0.92 -5.71
CA GLU A 6 -18.40 0.87 -6.19
C GLU A 6 -17.44 1.40 -5.12
N PHE A 7 -17.77 2.56 -4.54
CA PHE A 7 -16.93 3.23 -3.52
C PHE A 7 -16.71 2.31 -2.30
N ILE A 8 -17.83 1.78 -1.77
CA ILE A 8 -17.85 0.90 -0.58
C ILE A 8 -17.11 -0.43 -0.85
N ASN A 9 -17.38 -1.05 -2.03
CA ASN A 9 -16.79 -2.36 -2.38
C ASN A 9 -15.29 -2.25 -2.63
N ARG A 10 -14.86 -1.16 -3.28
CA ARG A 10 -13.44 -0.94 -3.60
C ARG A 10 -12.64 -0.66 -2.33
N TRP A 11 -13.21 0.14 -1.39
CA TRP A 11 -12.58 0.35 -0.06
C TRP A 11 -12.55 -0.95 0.76
N GLN A 12 -13.63 -1.73 0.66
CA GLN A 12 -13.74 -3.06 1.30
C GLN A 12 -12.64 -3.98 0.79
N ARG A 13 -12.40 -3.93 -0.54
CA ARG A 13 -11.37 -4.75 -1.20
C ARG A 13 -9.97 -4.34 -0.73
N ILE A 14 -9.72 -3.01 -0.65
CA ILE A 14 -8.41 -2.47 -0.20
C ILE A 14 -8.15 -2.85 1.28
N ALA A 15 -9.23 -2.88 2.08
CA ALA A 15 -9.18 -3.25 3.50
C ALA A 15 -8.77 -4.73 3.65
N LEU A 16 -9.47 -5.61 2.91
CA LEU A 16 -9.25 -7.06 2.91
C LEU A 16 -7.84 -7.40 2.37
N LEU A 17 -7.44 -6.69 1.28
CA LEU A 17 -6.14 -6.86 0.63
C LEU A 17 -5.01 -6.48 1.59
N SER A 18 -5.03 -5.23 2.11
CA SER A 18 -4.00 -4.70 3.02
C SER A 18 -3.84 -5.57 4.27
N GLN A 19 -4.98 -6.08 4.77
CA GLN A 19 -5.02 -6.99 5.92
C GLN A 19 -4.29 -8.32 5.61
N SER A 20 -4.63 -8.91 4.44
CA SER A 20 -4.00 -10.16 3.97
C SER A 20 -2.49 -9.97 3.78
N LEU A 21 -2.12 -8.83 3.16
CA LEU A 21 -0.73 -8.45 2.86
C LEU A 21 0.05 -8.22 4.16
N LEU A 22 -0.63 -7.66 5.18
CA LEU A 22 -0.03 -7.41 6.50
C LEU A 22 0.31 -8.73 7.17
N GLU A 23 -0.62 -9.70 7.11
CA GLU A 23 -0.43 -11.06 7.65
C GLU A 23 0.77 -11.73 6.96
N LEU A 24 0.87 -11.51 5.64
CA LEU A 24 1.95 -12.08 4.78
C LEU A 24 3.29 -11.38 5.02
N ALA A 25 3.26 -10.12 5.49
CA ALA A 25 4.46 -9.37 5.89
C ALA A 25 4.97 -9.90 7.23
N GLN A 26 4.02 -10.21 8.14
CA GLN A 26 4.30 -10.83 9.44
C GLN A 26 4.78 -12.29 9.25
N ARG A 27 4.34 -12.92 8.15
CA ARG A 27 4.74 -14.29 7.75
C ARG A 27 6.09 -14.29 7.01
N GLY A 28 6.42 -13.17 6.35
CA GLY A 28 7.62 -13.06 5.53
C GLY A 28 7.42 -13.52 4.10
N GLU A 29 6.16 -13.73 3.68
CA GLU A 29 5.80 -14.06 2.29
C GLU A 29 5.83 -12.79 1.40
N TRP A 30 7.04 -12.42 0.95
CA TRP A 30 7.25 -11.25 0.07
C TRP A 30 6.74 -11.56 -1.36
N ASP A 31 6.76 -12.86 -1.72
CA ASP A 31 6.23 -13.39 -3.00
C ASP A 31 4.79 -12.94 -3.26
N LEU A 32 3.91 -13.16 -2.26
CA LEU A 32 2.47 -12.85 -2.37
C LEU A 32 2.21 -11.35 -2.31
N LEU A 33 3.15 -10.58 -1.71
CA LEU A 33 3.11 -9.10 -1.74
C LEU A 33 3.35 -8.61 -3.17
N LEU A 34 4.34 -9.22 -3.85
CA LEU A 34 4.67 -8.91 -5.27
C LEU A 34 3.58 -9.42 -6.25
N GLN A 35 2.93 -10.55 -5.88
CA GLN A 35 1.85 -11.16 -6.70
C GLN A 35 0.58 -10.27 -6.66
N GLN A 36 0.21 -9.87 -5.45
CA GLN A 36 -1.00 -9.07 -5.17
C GLN A 36 -0.73 -7.56 -5.30
N GLU A 37 0.56 -7.16 -5.42
CA GLU A 37 0.98 -5.76 -5.63
C GLU A 37 0.10 -5.04 -6.68
N VAL A 38 0.04 -5.63 -7.89
CA VAL A 38 -0.75 -5.11 -9.02
C VAL A 38 -2.25 -4.91 -8.65
N SER A 39 -2.82 -5.87 -7.91
CA SER A 39 -4.24 -5.85 -7.52
C SER A 39 -4.55 -4.79 -6.46
N TYR A 40 -3.61 -4.61 -5.50
CA TYR A 40 -3.77 -3.67 -4.38
C TYR A 40 -3.66 -2.22 -4.89
N LEU A 41 -2.63 -1.96 -5.72
CA LEU A 41 -2.39 -0.63 -6.30
C LEU A 41 -3.49 -0.26 -7.32
N GLN A 42 -4.02 -1.29 -8.03
CA GLN A 42 -5.19 -1.13 -8.93
C GLN A 42 -6.43 -0.71 -8.15
N SER A 43 -6.67 -1.37 -7.00
CA SER A 43 -7.83 -1.11 -6.15
C SER A 43 -7.73 0.31 -5.54
N ILE A 44 -6.49 0.69 -5.16
CA ILE A 44 -6.14 2.03 -4.62
C ILE A 44 -6.51 3.15 -5.62
N GLU A 45 -5.96 3.06 -6.85
CA GLU A 45 -6.18 4.10 -7.88
C GLU A 45 -7.65 4.14 -8.33
N THR A 46 -8.30 2.95 -8.43
CA THR A 46 -9.68 2.86 -8.95
C THR A 46 -10.70 3.43 -7.93
N VAL A 47 -10.42 3.31 -6.62
CA VAL A 47 -11.28 3.96 -5.60
C VAL A 47 -10.97 5.47 -5.53
N MET A 48 -9.70 5.85 -5.79
CA MET A 48 -9.26 7.25 -5.76
C MET A 48 -9.71 8.00 -7.03
N GLU A 49 -10.18 7.24 -8.05
CA GLU A 49 -10.93 7.82 -9.20
C GLU A 49 -12.35 8.25 -8.76
N LYS A 50 -12.85 7.63 -7.68
CA LYS A 50 -14.19 7.90 -7.13
C LYS A 50 -14.10 8.87 -5.93
N GLN A 51 -14.25 10.18 -6.23
CA GLN A 51 -14.44 11.22 -5.21
C GLN A 51 -15.95 11.35 -4.90
N THR A 52 -16.36 10.89 -3.71
CA THR A 52 -17.68 11.16 -3.15
C THR A 52 -17.69 12.56 -2.48
N PRO A 53 -18.84 13.32 -2.50
CA PRO A 53 -18.91 14.69 -1.90
C PRO A 53 -18.67 14.71 -0.35
N PRO A 54 -18.23 15.89 0.23
CA PRO A 54 -18.11 16.11 1.70
C PRO A 54 -19.38 15.68 2.47
N GLY A 55 -20.54 16.09 1.94
CA GLY A 55 -21.83 15.69 2.49
C GLY A 55 -22.24 14.28 2.06
N ILE A 56 -21.38 13.29 2.36
CA ILE A 56 -21.65 11.87 2.11
C ILE A 56 -22.59 11.33 3.22
N THR A 57 -23.50 10.39 2.88
CA THR A 57 -24.49 9.84 3.84
C THR A 57 -23.78 9.04 4.95
N ARG A 58 -24.45 8.94 6.12
CA ARG A 58 -23.90 8.35 7.36
C ARG A 58 -23.44 6.89 7.13
N SER A 59 -24.25 6.13 6.37
CA SER A 59 -23.98 4.70 6.06
C SER A 59 -22.59 4.52 5.42
N ILE A 60 -22.37 5.25 4.31
CA ILE A 60 -21.12 5.19 3.55
C ILE A 60 -19.97 5.77 4.37
N GLN A 61 -20.25 6.88 5.12
CA GLN A 61 -19.26 7.56 5.97
C GLN A 61 -18.59 6.56 6.93
N ASP A 62 -19.42 5.85 7.70
CA ASP A 62 -18.96 4.95 8.78
C ASP A 62 -18.36 3.64 8.23
N MET A 63 -19.04 3.02 7.23
CA MET A 63 -18.54 1.75 6.61
C MET A 63 -17.16 1.97 5.97
N VAL A 64 -17.06 3.02 5.14
CA VAL A 64 -15.82 3.38 4.45
C VAL A 64 -14.75 3.86 5.43
N ALA A 65 -15.14 4.59 6.50
CA ALA A 65 -14.19 5.03 7.57
C ALA A 65 -13.60 3.82 8.30
N GLY A 66 -14.39 2.73 8.39
CA GLY A 66 -13.93 1.46 8.92
C GLY A 66 -12.91 0.80 7.99
N TYR A 67 -13.22 0.81 6.68
CA TYR A 67 -12.32 0.25 5.64
C TYR A 67 -11.04 1.09 5.50
N ILE A 68 -11.16 2.40 5.80
CA ILE A 68 -10.07 3.38 5.76
C ILE A 68 -9.13 3.16 6.95
N LYS A 69 -9.73 2.93 8.15
CA LYS A 69 -8.96 2.59 9.35
C LYS A 69 -8.22 1.26 9.13
N GLN A 70 -8.91 0.29 8.51
CA GLN A 70 -8.34 -1.02 8.17
C GLN A 70 -7.11 -0.83 7.29
N THR A 71 -7.28 -0.20 6.11
CA THR A 71 -6.22 -0.14 5.11
C THR A 71 -5.03 0.71 5.58
N LEU A 72 -5.29 1.87 6.22
CA LEU A 72 -4.23 2.78 6.67
C LEU A 72 -3.43 2.20 7.85
N ASP A 73 -4.10 1.43 8.74
CA ASP A 73 -3.43 0.80 9.91
C ASP A 73 -2.58 -0.39 9.45
N ASN A 74 -3.19 -1.23 8.58
CA ASN A 74 -2.52 -2.41 7.98
C ASN A 74 -1.31 -1.99 7.15
N GLU A 75 -1.49 -0.91 6.37
CA GLU A 75 -0.47 -0.37 5.46
C GLU A 75 0.59 0.42 6.25
N GLN A 76 0.21 1.01 7.40
CA GLN A 76 1.15 1.66 8.33
C GLN A 76 2.15 0.62 8.84
N LEU A 77 1.61 -0.54 9.24
CA LEU A 77 2.41 -1.69 9.70
C LEU A 77 3.17 -2.33 8.52
N LEU A 78 2.57 -2.34 7.30
CA LEU A 78 3.26 -2.81 6.06
C LEU A 78 4.51 -1.98 5.79
N LYS A 79 4.33 -0.68 5.55
CA LYS A 79 5.42 0.28 5.25
C LYS A 79 6.49 0.31 6.35
N GLY A 80 6.07 0.21 7.63
CA GLY A 80 7.01 0.14 8.75
C GLY A 80 7.92 -1.10 8.67
N LEU A 81 7.27 -2.26 8.51
CA LEU A 81 7.93 -3.58 8.48
C LEU A 81 8.79 -3.74 7.21
N LEU A 82 8.28 -3.24 6.07
CA LEU A 82 8.90 -3.40 4.75
C LEU A 82 10.06 -2.42 4.56
N GLN A 83 9.97 -1.23 5.17
CA GLN A 83 11.09 -0.26 5.18
C GLN A 83 12.23 -0.84 6.05
N GLN A 84 11.84 -1.32 7.25
CA GLN A 84 12.74 -2.02 8.17
C GLN A 84 13.44 -3.21 7.47
N ARG A 85 12.65 -3.95 6.64
CA ARG A 85 13.11 -5.18 5.97
C ARG A 85 14.04 -4.85 4.80
N LEU A 86 13.69 -3.82 4.02
CA LEU A 86 14.51 -3.38 2.86
C LEU A 86 15.79 -2.67 3.33
N ASP A 87 15.78 -2.16 4.56
CA ASP A 87 16.97 -1.57 5.22
C ASP A 87 17.90 -2.71 5.65
N GLU A 88 17.30 -3.82 6.18
CA GLU A 88 18.03 -5.07 6.47
C GLU A 88 18.70 -5.60 5.19
N LEU A 89 17.88 -5.79 4.14
CA LEU A 89 18.29 -6.33 2.82
C LEU A 89 19.35 -5.44 2.14
N SER A 90 19.20 -4.11 2.31
CA SER A 90 20.17 -3.14 1.82
C SER A 90 21.52 -3.38 2.50
N SER A 91 21.47 -3.57 3.83
CA SER A 91 22.66 -3.80 4.65
C SER A 91 23.29 -5.19 4.39
N LEU A 92 22.45 -6.20 4.06
CA LEU A 92 22.91 -7.60 3.84
C LEU A 92 23.70 -7.70 2.53
N ILE A 93 23.06 -7.21 1.44
CA ILE A 93 23.63 -7.26 0.08
C ILE A 93 24.83 -6.29 -0.04
N GLY A 94 24.72 -5.13 0.63
CA GLY A 94 25.81 -4.17 0.70
C GLY A 94 25.32 -2.80 1.12
N GLN A 95 25.56 -2.43 2.40
CA GLN A 95 25.12 -1.14 2.98
C GLN A 95 25.84 0.06 2.31
N VAL A 96 25.20 0.59 1.24
CA VAL A 96 25.68 1.80 0.54
C VAL A 96 25.00 3.04 1.16
N LEU A 97 23.66 2.97 1.36
CA LEU A 97 22.85 3.98 2.08
C LEU A 97 21.85 3.24 3.00
N PHE A 98 21.22 4.02 3.88
CA PHE A 98 20.26 3.52 4.88
C PHE A 98 18.83 4.02 4.57
N GLN A 99 18.72 5.34 4.32
CA GLN A 99 17.46 5.94 3.83
C GLN A 99 17.36 5.75 2.30
N GLY A 100 16.13 5.49 1.83
CA GLY A 100 15.84 5.30 0.42
C GLY A 100 14.63 4.38 0.19
N PRO A 101 13.38 4.86 0.50
CA PRO A 101 12.14 4.06 0.30
C PRO A 101 11.72 3.96 -1.18
N SER A 102 12.50 4.60 -2.08
CA SER A 102 12.28 4.55 -3.53
C SER A 102 13.60 4.51 -4.31
N ALA A 103 14.72 4.29 -3.58
CA ALA A 103 16.06 4.24 -4.18
C ALA A 103 16.46 2.77 -4.41
N GLY A 104 16.96 2.48 -5.63
CA GLY A 104 17.51 1.16 -5.98
C GLY A 104 18.93 1.03 -5.48
N LEU A 105 19.05 0.84 -4.15
CA LEU A 105 20.35 0.80 -3.44
C LEU A 105 21.22 -0.39 -3.89
N VAL A 106 20.57 -1.46 -4.38
CA VAL A 106 21.27 -2.60 -5.00
C VAL A 106 21.36 -2.36 -6.54
N PRO A 107 22.48 -2.76 -7.22
CA PRO A 107 22.63 -2.58 -8.67
C PRO A 107 21.68 -3.50 -9.49
N ARG A 108 20.77 -2.88 -10.27
CA ARG A 108 19.86 -3.60 -11.19
C ARG A 108 20.56 -3.91 -12.52
N GLY A 109 19.98 -4.84 -13.29
CA GLY A 109 20.65 -5.40 -14.46
C GLY A 109 21.77 -6.37 -14.04
N SER A 110 21.49 -7.19 -13.02
CA SER A 110 22.46 -8.11 -12.41
C SER A 110 21.82 -9.48 -12.08
N GLY A 111 20.64 -9.47 -11.41
CA GLY A 111 20.06 -10.72 -10.90
C GLY A 111 18.57 -10.61 -10.57
N GLY A 112 18.16 -11.19 -9.41
CA GLY A 112 16.74 -11.24 -9.01
C GLY A 112 16.42 -10.30 -7.85
N ILE A 113 17.45 -9.93 -7.05
CA ILE A 113 17.30 -8.98 -5.91
C ILE A 113 16.73 -7.63 -6.38
N GLU A 114 17.16 -7.21 -7.59
CA GLU A 114 16.72 -5.97 -8.24
C GLU A 114 15.20 -5.96 -8.44
N GLY A 115 14.62 -7.14 -8.76
CA GLY A 115 13.20 -7.27 -8.98
C GLY A 115 12.42 -6.95 -7.72
N MET A 116 12.73 -7.71 -6.66
CA MET A 116 12.08 -7.59 -5.35
C MET A 116 12.21 -6.15 -4.78
N THR A 117 13.43 -5.58 -4.86
CA THR A 117 13.71 -4.24 -4.29
C THR A 117 13.01 -3.12 -5.08
N THR A 118 13.24 -3.05 -6.40
CA THR A 118 12.66 -1.99 -7.27
C THR A 118 11.11 -1.99 -7.20
N ARG A 119 10.53 -3.20 -7.19
CA ARG A 119 9.08 -3.39 -7.04
C ARG A 119 8.61 -2.86 -5.67
N LEU A 120 9.24 -3.34 -4.57
CA LEU A 120 8.85 -2.98 -3.19
C LEU A 120 9.12 -1.50 -2.86
N THR A 121 10.11 -0.86 -3.51
CA THR A 121 10.42 0.55 -3.28
C THR A 121 9.38 1.46 -3.98
N ARG A 122 9.07 1.12 -5.26
CA ARG A 122 7.99 1.80 -6.00
C ARG A 122 6.61 1.53 -5.34
N TRP A 123 6.51 0.36 -4.71
CA TRP A 123 5.35 -0.05 -3.92
C TRP A 123 5.23 0.84 -2.67
N LEU A 124 6.34 1.04 -1.92
CA LEU A 124 6.34 1.87 -0.68
C LEU A 124 5.99 3.34 -1.00
N THR A 125 6.42 3.86 -2.17
CA THR A 125 6.07 5.24 -2.57
C THR A 125 4.65 5.33 -3.15
N ALA A 126 4.13 4.20 -3.70
CA ALA A 126 2.73 4.12 -4.16
C ALA A 126 1.78 4.09 -2.96
N LEU A 127 2.22 3.42 -1.87
CA LEU A 127 1.49 3.34 -0.60
C LEU A 127 1.56 4.70 0.13
N ASP A 128 2.72 5.36 0.01
CA ASP A 128 2.98 6.69 0.60
C ASP A 128 2.12 7.77 -0.10
N ASN A 129 2.02 7.66 -1.44
CA ASN A 129 1.23 8.57 -2.28
C ASN A 129 -0.27 8.38 -2.00
N PHE A 130 -0.69 7.11 -1.86
CA PHE A 130 -2.06 6.74 -1.46
C PHE A 130 -2.40 7.38 -0.11
N GLU A 131 -1.60 7.06 0.92
CA GLU A 131 -1.79 7.55 2.30
C GLU A 131 -1.90 9.09 2.34
N ALA A 132 -1.02 9.77 1.59
CA ALA A 132 -0.99 11.24 1.51
C ALA A 132 -2.30 11.78 0.94
N LYS A 133 -2.62 11.40 -0.31
CA LYS A 133 -3.81 11.89 -1.04
C LYS A 133 -5.12 11.56 -0.28
N MET A 134 -5.18 10.34 0.30
CA MET A 134 -6.41 9.81 0.89
C MET A 134 -6.65 10.38 2.31
N ALA A 135 -5.57 10.75 3.01
CA ALA A 135 -5.66 11.49 4.28
C ALA A 135 -6.02 12.96 4.02
N LEU A 136 -5.62 13.45 2.83
CA LEU A 136 -5.94 14.83 2.38
C LEU A 136 -7.36 14.92 1.78
N LEU A 137 -8.00 13.76 1.41
CA LEU A 137 -9.41 13.70 0.92
C LEU A 137 -10.34 14.64 1.76
N PRO A 138 -10.72 15.85 1.23
CA PRO A 138 -11.50 16.86 1.97
C PRO A 138 -13.01 16.61 1.78
N ALA A 139 -13.38 15.33 1.87
CA ALA A 139 -14.71 14.86 1.47
C ALA A 139 -15.13 13.67 2.34
N VAL A 140 -14.25 12.66 2.40
CA VAL A 140 -14.52 11.40 3.11
C VAL A 140 -14.00 11.53 4.56
N MET A 1 -27.00 3.99 -7.40
CA MET A 1 -26.45 2.97 -6.50
C MET A 1 -25.13 2.35 -7.03
N THR A 2 -24.89 2.42 -8.37
CA THR A 2 -23.70 1.80 -9.01
C THR A 2 -22.39 2.35 -8.41
N SER A 3 -22.25 3.71 -8.38
CA SER A 3 -21.05 4.40 -7.85
C SER A 3 -20.87 4.12 -6.33
N THR A 4 -22.00 3.91 -5.63
CA THR A 4 -22.03 3.55 -4.20
C THR A 4 -21.44 2.14 -3.97
N VAL A 5 -21.87 1.18 -4.81
CA VAL A 5 -21.38 -0.21 -4.77
C VAL A 5 -19.87 -0.24 -5.05
N GLU A 6 -19.45 0.56 -6.06
CA GLU A 6 -18.04 0.72 -6.41
C GLU A 6 -17.24 1.22 -5.21
N PHE A 7 -17.65 2.37 -4.68
CA PHE A 7 -16.95 3.10 -3.61
C PHE A 7 -16.73 2.19 -2.37
N ILE A 8 -17.84 1.67 -1.82
CA ILE A 8 -17.87 0.86 -0.59
C ILE A 8 -17.10 -0.47 -0.76
N ASN A 9 -17.38 -1.20 -1.89
CA ASN A 9 -16.75 -2.53 -2.13
C ASN A 9 -15.26 -2.39 -2.42
N ARG A 10 -14.84 -1.34 -3.18
CA ARG A 10 -13.41 -1.10 -3.51
C ARG A 10 -12.62 -0.83 -2.22
N TRP A 11 -13.15 0.09 -1.37
CA TRP A 11 -12.55 0.37 -0.03
C TRP A 11 -12.43 -0.92 0.81
N GLN A 12 -13.47 -1.79 0.72
CA GLN A 12 -13.48 -3.10 1.38
C GLN A 12 -12.37 -4.01 0.82
N ARG A 13 -12.16 -4.00 -0.52
CA ARG A 13 -11.13 -4.84 -1.17
C ARG A 13 -9.75 -4.45 -0.63
N ILE A 14 -9.51 -3.14 -0.56
CA ILE A 14 -8.22 -2.56 -0.12
C ILE A 14 -7.98 -2.88 1.38
N ALA A 15 -9.07 -2.87 2.18
CA ALA A 15 -9.01 -3.22 3.62
C ALA A 15 -8.58 -4.68 3.83
N LEU A 16 -9.24 -5.59 3.09
CA LEU A 16 -9.01 -7.05 3.17
C LEU A 16 -7.62 -7.40 2.60
N LEU A 17 -7.26 -6.74 1.48
CA LEU A 17 -5.96 -6.91 0.81
C LEU A 17 -4.84 -6.42 1.71
N SER A 18 -5.00 -5.23 2.33
CA SER A 18 -3.97 -4.61 3.17
C SER A 18 -3.68 -5.46 4.42
N GLN A 19 -4.76 -5.99 5.06
CA GLN A 19 -4.60 -6.82 6.26
C GLN A 19 -4.01 -8.20 5.92
N SER A 20 -4.38 -8.74 4.74
CA SER A 20 -3.83 -10.03 4.26
C SER A 20 -2.33 -9.88 3.98
N LEU A 21 -1.99 -8.88 3.13
CA LEU A 21 -0.61 -8.51 2.75
C LEU A 21 0.23 -8.21 4.00
N LEU A 22 -0.42 -7.65 5.03
CA LEU A 22 0.19 -7.36 6.32
C LEU A 22 0.62 -8.67 7.01
N GLU A 23 -0.34 -9.61 7.13
CA GLU A 23 -0.08 -10.94 7.77
C GLU A 23 1.08 -11.68 7.07
N LEU A 24 1.05 -11.61 5.72
CA LEU A 24 2.06 -12.22 4.84
C LEU A 24 3.45 -11.59 5.11
N ALA A 25 3.47 -10.25 5.19
CA ALA A 25 4.71 -9.46 5.41
C ALA A 25 5.29 -9.73 6.81
N GLN A 26 4.39 -9.91 7.80
CA GLN A 26 4.76 -10.24 9.18
C GLN A 26 5.41 -11.64 9.25
N ARG A 27 4.90 -12.58 8.42
CA ARG A 27 5.42 -13.96 8.34
C ARG A 27 6.56 -14.12 7.31
N GLY A 28 6.75 -13.11 6.44
CA GLY A 28 7.85 -13.09 5.46
C GLY A 28 7.50 -13.65 4.08
N GLU A 29 6.20 -13.85 3.79
CA GLU A 29 5.70 -14.21 2.44
C GLU A 29 5.69 -12.96 1.53
N TRP A 30 6.89 -12.57 1.04
CA TRP A 30 7.06 -11.40 0.17
C TRP A 30 6.50 -11.66 -1.25
N ASP A 31 6.54 -12.95 -1.65
CA ASP A 31 6.05 -13.43 -2.97
C ASP A 31 4.58 -13.04 -3.21
N LEU A 32 3.75 -13.26 -2.17
CA LEU A 32 2.32 -12.97 -2.22
C LEU A 32 2.05 -11.45 -2.15
N LEU A 33 3.03 -10.68 -1.64
CA LEU A 33 3.00 -9.20 -1.74
C LEU A 33 3.18 -8.78 -3.20
N LEU A 34 4.18 -9.40 -3.86
CA LEU A 34 4.51 -9.09 -5.28
C LEU A 34 3.38 -9.54 -6.24
N GLN A 35 2.67 -10.62 -5.86
CA GLN A 35 1.57 -11.19 -6.64
C GLN A 35 0.32 -10.28 -6.57
N GLN A 36 -0.11 -10.02 -5.33
CA GLN A 36 -1.31 -9.22 -5.02
C GLN A 36 -1.03 -7.70 -5.13
N GLU A 37 0.27 -7.33 -5.29
CA GLU A 37 0.74 -5.93 -5.54
C GLU A 37 -0.12 -5.22 -6.59
N VAL A 38 -0.26 -5.86 -7.76
CA VAL A 38 -1.00 -5.30 -8.90
C VAL A 38 -2.48 -5.03 -8.53
N SER A 39 -3.10 -5.99 -7.82
CA SER A 39 -4.52 -5.93 -7.41
C SER A 39 -4.76 -4.80 -6.40
N TYR A 40 -3.85 -4.72 -5.42
CA TYR A 40 -3.93 -3.76 -4.30
C TYR A 40 -3.78 -2.31 -4.78
N LEU A 41 -2.72 -2.06 -5.58
CA LEU A 41 -2.41 -0.72 -6.10
C LEU A 41 -3.47 -0.26 -7.13
N GLN A 42 -4.00 -1.22 -7.94
CA GLN A 42 -5.10 -0.96 -8.89
C GLN A 42 -6.37 -0.51 -8.14
N SER A 43 -6.69 -1.21 -7.03
CA SER A 43 -7.86 -0.89 -6.18
C SER A 43 -7.71 0.52 -5.56
N ILE A 44 -6.47 0.83 -5.11
CA ILE A 44 -6.10 2.13 -4.52
C ILE A 44 -6.36 3.30 -5.51
N GLU A 45 -5.81 3.18 -6.73
CA GLU A 45 -5.89 4.27 -7.73
C GLU A 45 -7.33 4.44 -8.25
N THR A 46 -8.07 3.32 -8.41
CA THR A 46 -9.45 3.36 -8.97
C THR A 46 -10.44 3.94 -7.94
N VAL A 47 -10.24 3.67 -6.63
CA VAL A 47 -11.14 4.18 -5.57
C VAL A 47 -10.85 5.67 -5.28
N MET A 48 -9.55 6.05 -5.32
CA MET A 48 -9.12 7.44 -5.10
C MET A 48 -9.61 8.32 -6.27
N GLU A 49 -9.66 7.71 -7.47
CA GLU A 49 -10.22 8.34 -8.67
C GLU A 49 -11.73 8.68 -8.47
N LYS A 50 -12.42 7.83 -7.71
CA LYS A 50 -13.86 7.97 -7.48
C LYS A 50 -14.11 8.44 -6.04
N GLN A 51 -13.90 9.75 -5.80
CA GLN A 51 -14.17 10.38 -4.49
C GLN A 51 -15.64 10.87 -4.44
N THR A 52 -16.25 10.81 -3.26
CA THR A 52 -17.63 11.29 -3.04
C THR A 52 -17.60 12.69 -2.41
N PRO A 53 -18.53 13.63 -2.82
CA PRO A 53 -18.63 15.00 -2.23
C PRO A 53 -18.66 15.03 -0.68
N PRO A 54 -18.22 16.18 -0.04
CA PRO A 54 -18.29 16.42 1.43
C PRO A 54 -19.59 15.94 2.10
N GLY A 55 -20.73 16.28 1.46
CA GLY A 55 -22.05 15.83 1.89
C GLY A 55 -22.28 14.34 1.63
N ILE A 56 -21.64 13.48 2.43
CA ILE A 56 -21.71 12.01 2.31
C ILE A 56 -22.65 11.47 3.42
N THR A 57 -23.45 10.44 3.08
CA THR A 57 -24.41 9.82 4.02
C THR A 57 -23.64 9.04 5.09
N ARG A 58 -24.15 9.08 6.36
CA ARG A 58 -23.54 8.39 7.51
C ARG A 58 -23.25 6.91 7.21
N SER A 59 -24.16 6.24 6.49
CA SER A 59 -24.04 4.81 6.17
C SER A 59 -22.74 4.52 5.39
N ILE A 60 -22.60 5.19 4.23
CA ILE A 60 -21.43 5.04 3.35
C ILE A 60 -20.17 5.55 4.07
N GLN A 61 -20.29 6.75 4.68
CA GLN A 61 -19.23 7.42 5.48
C GLN A 61 -18.62 6.46 6.50
N ASP A 62 -19.49 5.77 7.28
CA ASP A 62 -19.10 4.94 8.44
C ASP A 62 -18.45 3.63 7.99
N MET A 63 -19.11 2.92 7.03
CA MET A 63 -18.59 1.65 6.48
C MET A 63 -17.22 1.88 5.81
N VAL A 64 -17.17 2.90 4.94
CA VAL A 64 -15.94 3.32 4.22
C VAL A 64 -14.86 3.78 5.21
N ALA A 65 -15.25 4.50 6.28
CA ALA A 65 -14.32 4.96 7.33
C ALA A 65 -13.72 3.77 8.09
N GLY A 66 -14.51 2.68 8.20
CA GLY A 66 -14.04 1.42 8.78
C GLY A 66 -13.03 0.74 7.89
N TYR A 67 -13.28 0.75 6.57
CA TYR A 67 -12.36 0.20 5.56
C TYR A 67 -11.09 1.06 5.42
N ILE A 68 -11.26 2.36 5.70
CA ILE A 68 -10.18 3.37 5.71
C ILE A 68 -9.33 3.21 6.96
N LYS A 69 -9.98 2.91 8.09
CA LYS A 69 -9.32 2.64 9.36
C LYS A 69 -8.42 1.41 9.21
N GLN A 70 -9.01 0.38 8.58
CA GLN A 70 -8.32 -0.87 8.28
C GLN A 70 -7.13 -0.62 7.35
N THR A 71 -7.38 -0.07 6.14
CA THR A 71 -6.33 0.05 5.11
C THR A 71 -5.18 0.97 5.58
N LEU A 72 -5.49 2.07 6.27
CA LEU A 72 -4.46 3.01 6.78
C LEU A 72 -3.61 2.39 7.89
N ASP A 73 -4.24 1.65 8.83
CA ASP A 73 -3.51 1.02 9.95
C ASP A 73 -2.64 -0.16 9.43
N ASN A 74 -3.26 -1.01 8.59
CA ASN A 74 -2.64 -2.20 7.99
C ASN A 74 -1.47 -1.81 7.08
N GLU A 75 -1.68 -0.75 6.27
CA GLU A 75 -0.68 -0.26 5.32
C GLU A 75 0.44 0.50 6.04
N GLN A 76 0.10 1.19 7.14
CA GLN A 76 1.10 1.87 7.99
C GLN A 76 2.07 0.83 8.57
N LEU A 77 1.49 -0.30 9.01
CA LEU A 77 2.25 -1.46 9.49
C LEU A 77 2.99 -2.18 8.34
N LEU A 78 2.37 -2.19 7.13
CA LEU A 78 2.96 -2.79 5.90
C LEU A 78 4.24 -2.05 5.53
N LYS A 79 4.10 -0.76 5.18
CA LYS A 79 5.21 0.08 4.72
C LYS A 79 6.24 0.32 5.83
N GLY A 80 5.78 0.33 7.11
CA GLY A 80 6.68 0.43 8.25
C GLY A 80 7.63 -0.75 8.32
N LEU A 81 7.04 -1.96 8.44
CA LEU A 81 7.77 -3.23 8.47
C LEU A 81 8.68 -3.36 7.24
N LEU A 82 8.12 -3.13 6.05
CA LEU A 82 8.80 -3.30 4.74
C LEU A 82 9.95 -2.30 4.56
N GLN A 83 9.82 -1.08 5.13
CA GLN A 83 10.87 -0.06 5.08
C GLN A 83 12.07 -0.59 5.89
N GLN A 84 11.76 -1.08 7.12
CA GLN A 84 12.75 -1.68 8.04
C GLN A 84 13.42 -2.93 7.42
N ARG A 85 12.59 -3.73 6.71
CA ARG A 85 13.01 -4.99 6.08
C ARG A 85 13.94 -4.73 4.91
N LEU A 86 13.64 -3.70 4.12
CA LEU A 86 14.47 -3.31 2.97
C LEU A 86 15.77 -2.63 3.43
N ASP A 87 15.75 -1.98 4.64
CA ASP A 87 16.99 -1.51 5.30
C ASP A 87 17.90 -2.71 5.55
N GLU A 88 17.31 -3.75 6.19
CA GLU A 88 18.00 -4.98 6.56
C GLU A 88 18.57 -5.68 5.31
N LEU A 89 17.67 -6.04 4.37
CA LEU A 89 17.97 -6.73 3.10
C LEU A 89 19.06 -5.99 2.29
N SER A 90 18.98 -4.64 2.21
CA SER A 90 20.04 -3.83 1.56
C SER A 90 21.39 -4.03 2.28
N SER A 91 21.37 -3.92 3.62
CA SER A 91 22.59 -4.05 4.45
C SER A 91 23.21 -5.47 4.36
N LEU A 92 22.39 -6.47 4.01
CA LEU A 92 22.85 -7.86 3.78
C LEU A 92 23.48 -8.00 2.38
N ILE A 93 22.72 -7.58 1.37
CA ILE A 93 22.95 -7.87 -0.06
C ILE A 93 23.87 -6.81 -0.73
N GLY A 94 23.44 -5.53 -0.68
CA GLY A 94 24.16 -4.42 -1.30
C GLY A 94 24.24 -3.24 -0.34
N GLN A 95 25.09 -3.40 0.70
CA GLN A 95 25.23 -2.45 1.81
C GLN A 95 25.89 -1.13 1.31
N VAL A 96 25.06 -0.24 0.77
CA VAL A 96 25.48 1.06 0.23
C VAL A 96 25.01 2.16 1.18
N LEU A 97 23.71 2.11 1.51
CA LEU A 97 23.04 3.13 2.34
C LEU A 97 21.69 2.53 2.82
N PHE A 98 21.11 3.13 3.86
CA PHE A 98 19.75 2.78 4.36
C PHE A 98 18.69 3.01 3.26
N GLN A 99 17.58 2.25 3.32
CA GLN A 99 16.51 2.31 2.32
C GLN A 99 15.89 3.73 2.27
N GLY A 100 16.25 4.48 1.22
CA GLY A 100 15.58 5.72 0.87
C GLY A 100 14.39 5.44 -0.08
N PRO A 101 13.48 6.44 -0.30
CA PRO A 101 12.28 6.26 -1.18
C PRO A 101 12.65 5.77 -2.59
N SER A 102 13.82 6.25 -3.07
CA SER A 102 14.43 5.81 -4.33
C SER A 102 15.96 6.07 -4.24
N ALA A 103 16.77 5.03 -4.50
CA ALA A 103 18.24 5.12 -4.44
C ALA A 103 18.87 3.90 -5.12
N GLY A 104 20.17 3.99 -5.43
CA GLY A 104 20.94 2.87 -5.99
C GLY A 104 21.30 1.84 -4.92
N LEU A 105 20.30 1.07 -4.48
CA LEU A 105 20.43 0.03 -3.44
C LEU A 105 20.06 -1.31 -4.07
N VAL A 106 20.91 -2.34 -3.81
CA VAL A 106 20.85 -3.66 -4.49
C VAL A 106 20.90 -3.45 -6.05
N PRO A 107 21.93 -2.67 -6.57
CA PRO A 107 21.97 -2.21 -7.98
C PRO A 107 22.58 -3.25 -8.94
N ARG A 108 23.00 -4.41 -8.37
CA ARG A 108 23.48 -5.56 -9.13
C ARG A 108 23.21 -6.82 -8.30
N GLY A 109 22.01 -6.85 -7.70
CA GLY A 109 21.59 -7.92 -6.82
C GLY A 109 21.29 -9.22 -7.56
N SER A 110 22.37 -10.00 -7.81
CA SER A 110 22.30 -11.37 -8.40
C SER A 110 21.67 -11.39 -9.82
N GLY A 111 21.42 -10.20 -10.40
CA GLY A 111 20.71 -10.07 -11.68
C GLY A 111 19.27 -10.60 -11.62
N GLY A 112 18.66 -10.62 -10.41
CA GLY A 112 17.36 -11.25 -10.19
C GLY A 112 16.50 -10.46 -9.20
N ILE A 113 16.95 -10.40 -7.93
CA ILE A 113 16.21 -9.76 -6.82
C ILE A 113 16.04 -8.23 -7.01
N GLU A 114 16.82 -7.65 -7.96
CA GLU A 114 16.71 -6.24 -8.39
C GLU A 114 15.24 -5.88 -8.74
N GLY A 115 14.52 -6.85 -9.36
CA GLY A 115 13.12 -6.67 -9.71
C GLY A 115 12.23 -6.51 -8.48
N MET A 116 12.51 -7.31 -7.43
CA MET A 116 11.78 -7.29 -6.14
C MET A 116 12.02 -5.96 -5.40
N THR A 117 13.27 -5.48 -5.39
CA THR A 117 13.64 -4.23 -4.70
C THR A 117 13.04 -3.01 -5.43
N THR A 118 13.10 -3.01 -6.77
CA THR A 118 12.43 -1.99 -7.62
C THR A 118 10.92 -1.92 -7.33
N ARG A 119 10.29 -3.12 -7.29
CA ARG A 119 8.86 -3.27 -6.93
C ARG A 119 8.57 -2.60 -5.59
N LEU A 120 9.25 -3.08 -4.53
CA LEU A 120 8.97 -2.69 -3.15
C LEU A 120 9.30 -1.22 -2.85
N THR A 121 10.29 -0.63 -3.56
CA THR A 121 10.62 0.81 -3.40
C THR A 121 9.50 1.67 -4.04
N ARG A 122 9.07 1.30 -5.26
CA ARG A 122 7.93 1.94 -5.96
C ARG A 122 6.60 1.69 -5.22
N TRP A 123 6.55 0.56 -4.52
CA TRP A 123 5.41 0.12 -3.72
C TRP A 123 5.28 0.98 -2.45
N LEU A 124 6.42 1.24 -1.75
CA LEU A 124 6.42 2.05 -0.49
C LEU A 124 6.14 3.52 -0.83
N THR A 125 6.63 3.92 -2.03
CA THR A 125 6.33 5.20 -2.65
C THR A 125 4.80 5.34 -2.87
N ALA A 126 4.19 4.29 -3.46
CA ALA A 126 2.74 4.26 -3.80
C ALA A 126 1.87 4.17 -2.53
N LEU A 127 2.40 3.51 -1.47
CA LEU A 127 1.69 3.34 -0.19
C LEU A 127 1.62 4.67 0.54
N ASP A 128 2.79 5.30 0.74
CA ASP A 128 2.90 6.60 1.44
C ASP A 128 2.16 7.70 0.64
N ASN A 129 2.17 7.57 -0.71
CA ASN A 129 1.40 8.43 -1.64
C ASN A 129 -0.11 8.31 -1.37
N PHE A 130 -0.60 7.05 -1.24
CA PHE A 130 -2.00 6.75 -0.95
C PHE A 130 -2.41 7.35 0.39
N GLU A 131 -1.70 6.95 1.47
CA GLU A 131 -1.96 7.40 2.84
C GLU A 131 -2.04 8.93 2.96
N ALA A 132 -1.02 9.62 2.40
CA ALA A 132 -0.94 11.09 2.44
C ALA A 132 -2.14 11.72 1.71
N LYS A 133 -2.30 11.37 0.41
CA LYS A 133 -3.34 11.97 -0.45
C LYS A 133 -4.76 11.62 0.03
N MET A 134 -4.92 10.45 0.67
CA MET A 134 -6.25 10.01 1.13
C MET A 134 -6.57 10.61 2.51
N ALA A 135 -5.52 11.02 3.26
CA ALA A 135 -5.66 11.87 4.45
C ALA A 135 -6.05 13.31 4.03
N LEU A 136 -5.63 13.69 2.81
CA LEU A 136 -6.00 14.98 2.19
C LEU A 136 -7.41 14.95 1.56
N LEU A 137 -7.91 13.72 1.19
CA LEU A 137 -9.29 13.52 0.66
C LEU A 137 -10.36 14.22 1.56
N PRO A 138 -11.06 15.30 1.05
CA PRO A 138 -11.97 16.13 1.86
C PRO A 138 -13.34 15.44 2.08
N ALA A 139 -13.43 14.67 3.19
CA ALA A 139 -14.57 13.77 3.50
C ALA A 139 -14.63 12.62 2.47
N VAL A 140 -13.41 12.19 2.07
CA VAL A 140 -13.13 11.08 1.14
C VAL A 140 -13.54 11.48 -0.31
N MET A 1 -27.04 4.94 -7.12
CA MET A 1 -25.95 5.09 -6.13
C MET A 1 -24.66 4.38 -6.62
N THR A 2 -24.42 4.35 -7.96
CA THR A 2 -23.25 3.67 -8.55
C THR A 2 -21.92 4.21 -7.95
N SER A 3 -21.82 5.54 -7.84
CA SER A 3 -20.68 6.23 -7.21
C SER A 3 -20.45 5.70 -5.77
N THR A 4 -21.54 5.63 -5.01
CA THR A 4 -21.57 5.21 -3.61
C THR A 4 -21.14 3.74 -3.42
N VAL A 5 -21.80 2.81 -4.14
CA VAL A 5 -21.58 1.37 -3.98
C VAL A 5 -20.15 0.99 -4.42
N GLU A 6 -19.66 1.61 -5.52
CA GLU A 6 -18.28 1.41 -5.98
C GLU A 6 -17.29 1.94 -4.95
N PHE A 7 -17.60 3.12 -4.36
CA PHE A 7 -16.76 3.76 -3.32
C PHE A 7 -16.54 2.79 -2.13
N ILE A 8 -17.67 2.26 -1.61
CA ILE A 8 -17.70 1.33 -0.45
C ILE A 8 -16.96 0.00 -0.77
N ASN A 9 -17.25 -0.58 -1.96
CA ASN A 9 -16.70 -1.89 -2.39
C ASN A 9 -15.20 -1.83 -2.68
N ARG A 10 -14.73 -0.70 -3.27
CA ARG A 10 -13.31 -0.49 -3.58
C ARG A 10 -12.52 -0.32 -2.27
N TRP A 11 -13.06 0.53 -1.35
CA TRP A 11 -12.48 0.70 0.00
C TRP A 11 -12.43 -0.62 0.77
N GLN A 12 -13.50 -1.44 0.64
CA GLN A 12 -13.60 -2.75 1.29
C GLN A 12 -12.51 -3.69 0.75
N ARG A 13 -12.31 -3.66 -0.58
CA ARG A 13 -11.31 -4.49 -1.27
C ARG A 13 -9.90 -4.14 -0.76
N ILE A 14 -9.62 -2.83 -0.62
CA ILE A 14 -8.32 -2.33 -0.13
C ILE A 14 -8.08 -2.76 1.33
N ALA A 15 -9.14 -2.71 2.15
CA ALA A 15 -9.09 -3.09 3.58
C ALA A 15 -8.75 -4.59 3.74
N LEU A 16 -9.47 -5.43 2.96
CA LEU A 16 -9.30 -6.90 2.96
C LEU A 16 -7.90 -7.28 2.45
N LEU A 17 -7.48 -6.63 1.34
CA LEU A 17 -6.15 -6.84 0.72
C LEU A 17 -5.04 -6.45 1.70
N SER A 18 -5.16 -5.26 2.31
CA SER A 18 -4.13 -4.70 3.21
C SER A 18 -3.94 -5.60 4.44
N GLN A 19 -5.06 -6.11 4.97
CA GLN A 19 -5.08 -7.01 6.13
C GLN A 19 -4.38 -8.34 5.80
N SER A 20 -4.80 -8.94 4.66
CA SER A 20 -4.20 -10.17 4.12
C SER A 20 -2.68 -10.01 3.95
N LEU A 21 -2.29 -8.91 3.28
CA LEU A 21 -0.90 -8.60 2.93
C LEU A 21 -0.06 -8.32 4.19
N LEU A 22 -0.70 -7.75 5.23
CA LEU A 22 -0.03 -7.49 6.51
C LEU A 22 0.36 -8.82 7.16
N GLU A 23 -0.63 -9.75 7.22
CA GLU A 23 -0.42 -11.09 7.77
C GLU A 23 0.71 -11.80 7.03
N LEU A 24 0.65 -11.75 5.69
CA LEU A 24 1.67 -12.34 4.80
C LEU A 24 3.07 -11.79 5.14
N ALA A 25 3.16 -10.46 5.35
CA ALA A 25 4.41 -9.78 5.71
C ALA A 25 4.95 -10.25 7.07
N GLN A 26 4.03 -10.53 8.01
CA GLN A 26 4.37 -11.09 9.35
C GLN A 26 4.93 -12.53 9.23
N ARG A 27 4.44 -13.31 8.24
CA ARG A 27 4.93 -14.71 7.98
C ARG A 27 6.18 -14.72 7.07
N GLY A 28 6.36 -13.65 6.28
CA GLY A 28 7.47 -13.56 5.32
C GLY A 28 7.12 -14.12 3.95
N GLU A 29 5.85 -13.97 3.56
CA GLU A 29 5.32 -14.34 2.24
C GLU A 29 5.59 -13.19 1.24
N TRP A 30 6.89 -12.92 1.01
CA TRP A 30 7.36 -11.81 0.16
C TRP A 30 6.89 -11.99 -1.29
N ASP A 31 6.79 -13.27 -1.70
CA ASP A 31 6.32 -13.67 -3.02
C ASP A 31 4.85 -13.23 -3.24
N LEU A 32 3.97 -13.63 -2.30
CA LEU A 32 2.53 -13.29 -2.35
C LEU A 32 2.32 -11.76 -2.24
N LEU A 33 3.26 -11.08 -1.56
CA LEU A 33 3.27 -9.61 -1.49
C LEU A 33 3.55 -8.99 -2.86
N LEU A 34 4.61 -9.49 -3.55
CA LEU A 34 5.05 -8.98 -4.87
C LEU A 34 4.00 -9.22 -5.98
N GLN A 35 3.24 -10.33 -5.84
CA GLN A 35 2.18 -10.71 -6.80
C GLN A 35 0.94 -9.80 -6.60
N GLN A 36 0.41 -9.82 -5.37
CA GLN A 36 -0.81 -9.06 -4.97
C GLN A 36 -0.54 -7.55 -4.82
N GLU A 37 0.74 -7.16 -4.84
CA GLU A 37 1.20 -5.75 -4.94
C GLU A 37 0.46 -5.01 -6.05
N VAL A 38 0.36 -5.66 -7.22
CA VAL A 38 -0.33 -5.14 -8.39
C VAL A 38 -1.84 -4.94 -8.10
N SER A 39 -2.46 -5.96 -7.47
CA SER A 39 -3.90 -5.94 -7.11
C SER A 39 -4.24 -4.80 -6.13
N TYR A 40 -3.38 -4.63 -5.10
CA TYR A 40 -3.58 -3.67 -4.01
C TYR A 40 -3.45 -2.23 -4.51
N LEU A 41 -2.35 -1.96 -5.26
CA LEU A 41 -2.07 -0.61 -5.80
C LEU A 41 -3.09 -0.23 -6.89
N GLN A 42 -3.66 -1.26 -7.57
CA GLN A 42 -4.78 -1.09 -8.52
C GLN A 42 -6.06 -0.63 -7.77
N SER A 43 -6.35 -1.29 -6.64
CA SER A 43 -7.52 -0.98 -5.82
C SER A 43 -7.43 0.46 -5.25
N ILE A 44 -6.20 0.84 -4.87
CA ILE A 44 -5.87 2.18 -4.38
C ILE A 44 -6.15 3.26 -5.45
N GLU A 45 -5.54 3.08 -6.65
CA GLU A 45 -5.66 4.08 -7.74
C GLU A 45 -7.12 4.22 -8.19
N THR A 46 -7.89 3.10 -8.21
CA THR A 46 -9.28 3.12 -8.68
C THR A 46 -10.23 3.71 -7.61
N VAL A 47 -9.90 3.61 -6.30
CA VAL A 47 -10.74 4.24 -5.25
C VAL A 47 -10.52 5.77 -5.22
N MET A 48 -9.27 6.20 -5.50
CA MET A 48 -8.91 7.64 -5.54
C MET A 48 -9.37 8.24 -6.89
N GLU A 49 -9.55 7.37 -7.89
CA GLU A 49 -10.22 7.66 -9.18
C GLU A 49 -11.72 7.99 -8.95
N LYS A 50 -12.32 7.31 -7.94
CA LYS A 50 -13.73 7.44 -7.61
C LYS A 50 -13.99 8.78 -6.87
N GLN A 51 -14.65 9.71 -7.58
CA GLN A 51 -15.12 11.00 -7.02
C GLN A 51 -16.30 10.74 -6.08
N THR A 52 -16.11 11.09 -4.80
CA THR A 52 -17.13 10.96 -3.77
C THR A 52 -18.28 11.97 -4.04
N PRO A 53 -19.58 11.53 -4.06
CA PRO A 53 -20.72 12.47 -4.19
C PRO A 53 -20.81 13.41 -2.95
N PRO A 54 -21.38 14.66 -3.11
CA PRO A 54 -21.56 15.60 -1.99
C PRO A 54 -22.41 15.01 -0.84
N GLY A 55 -23.55 14.39 -1.22
CA GLY A 55 -24.44 13.74 -0.27
C GLY A 55 -23.84 12.45 0.30
N ILE A 56 -23.05 12.59 1.37
CA ILE A 56 -22.39 11.49 2.09
C ILE A 56 -23.11 11.27 3.44
N THR A 57 -23.91 10.19 3.53
CA THR A 57 -24.69 9.86 4.75
C THR A 57 -23.84 9.01 5.71
N ARG A 58 -24.34 8.90 6.96
CA ARG A 58 -23.57 8.37 8.11
C ARG A 58 -23.29 6.86 7.97
N SER A 59 -24.14 6.15 7.18
CA SER A 59 -23.96 4.71 6.88
C SER A 59 -22.70 4.50 6.03
N ILE A 60 -22.64 5.24 4.90
CA ILE A 60 -21.51 5.19 3.95
C ILE A 60 -20.23 5.63 4.68
N GLN A 61 -20.35 6.73 5.45
CA GLN A 61 -19.24 7.36 6.17
C GLN A 61 -18.65 6.40 7.21
N ASP A 62 -19.53 5.66 7.93
CA ASP A 62 -19.10 4.68 8.96
C ASP A 62 -18.32 3.54 8.29
N MET A 63 -18.93 2.92 7.25
CA MET A 63 -18.33 1.78 6.54
C MET A 63 -16.98 2.15 5.89
N VAL A 64 -16.98 3.27 5.15
CA VAL A 64 -15.81 3.76 4.41
C VAL A 64 -14.67 4.14 5.37
N ALA A 65 -14.98 4.93 6.43
CA ALA A 65 -13.99 5.33 7.44
C ALA A 65 -13.45 4.11 8.20
N GLY A 66 -14.29 3.06 8.30
CA GLY A 66 -13.88 1.78 8.86
C GLY A 66 -12.81 1.11 8.01
N TYR A 67 -13.06 1.09 6.68
CA TYR A 67 -12.13 0.51 5.68
C TYR A 67 -10.86 1.37 5.55
N ILE A 68 -11.03 2.69 5.77
CA ILE A 68 -9.97 3.71 5.73
C ILE A 68 -8.95 3.45 6.83
N LYS A 69 -9.42 3.38 8.09
CA LYS A 69 -8.55 3.17 9.25
C LYS A 69 -8.00 1.74 9.27
N GLN A 70 -8.79 0.79 8.73
CA GLN A 70 -8.36 -0.61 8.56
C GLN A 70 -7.12 -0.65 7.66
N THR A 71 -7.26 -0.14 6.42
CA THR A 71 -6.21 -0.24 5.41
C THR A 71 -4.98 0.58 5.81
N LEU A 72 -5.18 1.83 6.31
CA LEU A 72 -4.07 2.72 6.73
C LEU A 72 -3.29 2.12 7.91
N ASP A 73 -3.98 1.40 8.81
CA ASP A 73 -3.32 0.69 9.94
C ASP A 73 -2.44 -0.45 9.41
N ASN A 74 -3.05 -1.37 8.64
CA ASN A 74 -2.34 -2.55 8.09
C ASN A 74 -1.19 -2.13 7.15
N GLU A 75 -1.40 -1.01 6.44
CA GLU A 75 -0.44 -0.47 5.45
C GLU A 75 0.71 0.29 6.14
N GLN A 76 0.42 0.92 7.29
CA GLN A 76 1.45 1.59 8.12
C GLN A 76 2.39 0.52 8.70
N LEU A 77 1.80 -0.58 9.20
CA LEU A 77 2.55 -1.74 9.69
C LEU A 77 3.32 -2.44 8.54
N LEU A 78 2.68 -2.50 7.33
CA LEU A 78 3.32 -2.99 6.09
C LEU A 78 4.54 -2.11 5.75
N LYS A 79 4.36 -0.79 5.87
CA LYS A 79 5.36 0.19 5.45
C LYS A 79 6.61 0.08 6.34
N GLY A 80 6.39 -0.03 7.66
CA GLY A 80 7.48 -0.14 8.63
C GLY A 80 8.25 -1.45 8.52
N LEU A 81 7.50 -2.56 8.40
CA LEU A 81 8.05 -3.93 8.31
C LEU A 81 8.86 -4.09 7.02
N LEU A 82 8.27 -3.67 5.90
CA LEU A 82 8.87 -3.77 4.55
C LEU A 82 9.98 -2.73 4.36
N GLN A 83 9.96 -1.62 5.13
CA GLN A 83 11.05 -0.65 5.14
C GLN A 83 12.28 -1.31 5.75
N GLN A 84 12.09 -1.93 6.95
CA GLN A 84 13.16 -2.61 7.68
C GLN A 84 13.64 -3.86 6.90
N ARG A 85 12.71 -4.49 6.15
CA ARG A 85 13.03 -5.65 5.29
C ARG A 85 14.00 -5.21 4.19
N LEU A 86 13.61 -4.17 3.42
CA LEU A 86 14.43 -3.62 2.34
C LEU A 86 15.73 -3.00 2.86
N ASP A 87 15.68 -2.43 4.08
CA ASP A 87 16.86 -1.80 4.73
C ASP A 87 17.94 -2.86 5.00
N GLU A 88 17.50 -4.00 5.57
CA GLU A 88 18.38 -5.14 5.85
C GLU A 88 18.94 -5.72 4.54
N LEU A 89 18.02 -6.11 3.62
CA LEU A 89 18.36 -6.68 2.29
C LEU A 89 19.37 -5.80 1.53
N SER A 90 19.15 -4.47 1.62
CA SER A 90 20.06 -3.47 1.04
C SER A 90 21.45 -3.58 1.66
N SER A 91 21.48 -3.62 3.00
CA SER A 91 22.72 -3.74 3.79
C SER A 91 23.43 -5.10 3.57
N LEU A 92 22.67 -6.15 3.16
CA LEU A 92 23.23 -7.50 2.93
C LEU A 92 23.90 -7.59 1.54
N ILE A 93 23.15 -7.13 0.52
CA ILE A 93 23.56 -7.17 -0.90
C ILE A 93 24.72 -6.17 -1.16
N GLY A 94 24.58 -4.97 -0.58
CA GLY A 94 25.58 -3.93 -0.67
C GLY A 94 25.56 -3.04 0.57
N GLN A 95 26.53 -3.27 1.49
CA GLN A 95 26.58 -2.64 2.84
C GLN A 95 26.45 -1.10 2.74
N VAL A 96 27.00 -0.56 1.65
CA VAL A 96 26.91 0.85 1.26
C VAL A 96 27.20 0.98 -0.26
N LEU A 97 26.21 0.60 -1.08
CA LEU A 97 26.27 0.78 -2.54
C LEU A 97 26.08 2.28 -2.84
N PHE A 98 25.06 2.87 -2.20
CA PHE A 98 24.79 4.32 -2.21
C PHE A 98 25.08 4.88 -0.81
N GLN A 99 25.42 6.17 -0.75
CA GLN A 99 25.74 6.87 0.51
C GLN A 99 24.46 7.09 1.34
N GLY A 100 24.60 7.08 2.68
CA GLY A 100 23.52 7.40 3.59
C GLY A 100 22.50 6.27 3.77
N PRO A 101 21.29 6.60 4.33
CA PRO A 101 20.25 5.58 4.66
C PRO A 101 19.32 5.24 3.46
N SER A 102 19.88 5.19 2.25
CA SER A 102 19.12 4.89 1.02
C SER A 102 18.55 3.45 1.06
N ALA A 103 17.22 3.33 1.24
CA ALA A 103 16.53 2.02 1.21
C ALA A 103 16.47 1.50 -0.24
N GLY A 104 17.57 0.83 -0.63
CA GLY A 104 17.78 0.35 -1.99
C GLY A 104 19.25 0.42 -2.39
N LEU A 105 20.12 -0.13 -1.51
CA LEU A 105 21.59 -0.20 -1.73
C LEU A 105 21.92 -1.40 -2.65
N VAL A 106 21.35 -1.35 -3.85
CA VAL A 106 21.48 -2.39 -4.87
C VAL A 106 21.73 -1.69 -6.23
N PRO A 107 22.72 -2.14 -7.05
CA PRO A 107 22.92 -1.59 -8.40
C PRO A 107 22.00 -2.29 -9.44
N ARG A 108 21.54 -1.53 -10.44
CA ARG A 108 20.71 -2.06 -11.53
C ARG A 108 21.56 -2.92 -12.51
N GLY A 109 20.90 -3.53 -13.49
CA GLY A 109 21.56 -4.43 -14.43
C GLY A 109 21.83 -5.83 -13.86
N SER A 110 21.40 -6.07 -12.61
CA SER A 110 21.53 -7.37 -11.93
C SER A 110 20.27 -8.22 -12.19
N GLY A 111 19.95 -9.19 -11.30
CA GLY A 111 18.81 -10.09 -11.52
C GLY A 111 18.21 -10.63 -10.23
N GLY A 112 16.86 -10.70 -10.16
CA GLY A 112 16.14 -11.21 -9.00
C GLY A 112 15.99 -10.18 -7.88
N ILE A 113 17.15 -9.83 -7.28
CA ILE A 113 17.27 -8.88 -6.17
C ILE A 113 16.66 -7.50 -6.53
N GLU A 114 16.96 -7.04 -7.76
CA GLU A 114 16.59 -5.70 -8.24
C GLU A 114 15.08 -5.61 -8.52
N GLY A 115 14.44 -6.74 -8.90
CA GLY A 115 12.99 -6.78 -9.14
C GLY A 115 12.22 -6.68 -7.84
N MET A 116 12.70 -7.42 -6.83
CA MET A 116 12.15 -7.42 -5.46
C MET A 116 12.21 -6.00 -4.86
N THR A 117 13.41 -5.39 -4.93
CA THR A 117 13.65 -4.05 -4.36
C THR A 117 12.87 -2.96 -5.13
N THR A 118 12.89 -3.01 -6.49
CA THR A 118 12.17 -2.02 -7.34
C THR A 118 10.66 -2.01 -7.02
N ARG A 119 10.05 -3.22 -6.99
CA ARG A 119 8.62 -3.39 -6.68
C ARG A 119 8.30 -2.81 -5.30
N LEU A 120 9.02 -3.27 -4.26
CA LEU A 120 8.71 -2.92 -2.86
C LEU A 120 9.02 -1.43 -2.54
N THR A 121 10.02 -0.82 -3.21
CA THR A 121 10.34 0.60 -3.01
C THR A 121 9.25 1.49 -3.64
N ARG A 122 8.87 1.15 -4.90
CA ARG A 122 7.76 1.79 -5.63
C ARG A 122 6.43 1.59 -4.86
N TRP A 123 6.32 0.42 -4.23
CA TRP A 123 5.18 0.01 -3.41
C TRP A 123 5.08 0.91 -2.17
N LEU A 124 6.21 1.11 -1.43
CA LEU A 124 6.21 1.88 -0.15
C LEU A 124 5.93 3.36 -0.46
N THR A 125 6.42 3.78 -1.63
CA THR A 125 6.17 5.10 -2.21
C THR A 125 4.67 5.30 -2.45
N ALA A 126 4.04 4.31 -3.13
CA ALA A 126 2.62 4.34 -3.48
C ALA A 126 1.73 4.21 -2.22
N LEU A 127 2.26 3.52 -1.17
CA LEU A 127 1.58 3.39 0.13
C LEU A 127 1.53 4.77 0.80
N ASP A 128 2.67 5.48 0.74
CA ASP A 128 2.86 6.77 1.41
C ASP A 128 2.07 7.89 0.71
N ASN A 129 2.07 7.88 -0.64
CA ASN A 129 1.36 8.88 -1.45
C ASN A 129 -0.15 8.67 -1.37
N PHE A 130 -0.58 7.38 -1.27
CA PHE A 130 -1.97 7.03 -0.98
C PHE A 130 -2.37 7.63 0.36
N GLU A 131 -1.65 7.22 1.43
CA GLU A 131 -1.91 7.66 2.83
C GLU A 131 -2.01 9.19 2.93
N ALA A 132 -1.09 9.90 2.25
CA ALA A 132 -1.05 11.37 2.24
C ALA A 132 -2.33 11.94 1.60
N LYS A 133 -2.54 11.60 0.31
CA LYS A 133 -3.66 12.13 -0.52
C LYS A 133 -5.04 11.74 0.05
N MET A 134 -5.13 10.53 0.60
CA MET A 134 -6.41 9.99 1.09
C MET A 134 -6.72 10.57 2.48
N ALA A 135 -5.67 10.94 3.24
CA ALA A 135 -5.82 11.75 4.47
C ALA A 135 -6.17 13.21 4.11
N LEU A 136 -5.74 13.66 2.90
CA LEU A 136 -6.06 15.00 2.37
C LEU A 136 -7.52 15.07 1.86
N LEU A 137 -8.15 13.90 1.56
CA LEU A 137 -9.61 13.82 1.28
C LEU A 137 -10.42 14.52 2.40
N PRO A 138 -11.06 15.71 2.14
CA PRO A 138 -11.78 16.50 3.17
C PRO A 138 -13.27 16.11 3.27
N ALA A 139 -13.56 14.84 2.98
CA ALA A 139 -14.93 14.30 2.91
C ALA A 139 -15.01 13.03 3.77
N VAL A 140 -14.02 12.15 3.59
CA VAL A 140 -13.93 10.85 4.28
C VAL A 140 -12.51 10.66 4.89
N MET A 1 -26.92 4.87 -6.13
CA MET A 1 -26.44 3.64 -5.49
C MET A 1 -25.28 3.00 -6.28
N THR A 2 -25.11 3.38 -7.56
CA THR A 2 -24.06 2.81 -8.44
C THR A 2 -22.64 3.18 -7.94
N SER A 3 -22.37 4.50 -7.87
CA SER A 3 -21.07 5.05 -7.41
C SER A 3 -20.84 4.71 -5.92
N THR A 4 -21.94 4.50 -5.19
CA THR A 4 -21.94 4.08 -3.79
C THR A 4 -21.32 2.68 -3.64
N VAL A 5 -21.90 1.70 -4.38
CA VAL A 5 -21.42 0.30 -4.39
C VAL A 5 -19.96 0.24 -4.86
N GLU A 6 -19.63 1.02 -5.90
CA GLU A 6 -18.25 1.12 -6.42
C GLU A 6 -17.27 1.56 -5.32
N PHE A 7 -17.60 2.67 -4.65
CA PHE A 7 -16.72 3.33 -3.66
C PHE A 7 -16.47 2.40 -2.45
N ILE A 8 -17.57 1.90 -1.86
CA ILE A 8 -17.53 1.09 -0.62
C ILE A 8 -16.89 -0.30 -0.87
N ASN A 9 -17.18 -0.92 -2.03
CA ASN A 9 -16.64 -2.26 -2.39
C ASN A 9 -15.17 -2.19 -2.80
N ARG A 10 -14.74 -1.02 -3.32
CA ARG A 10 -13.32 -0.77 -3.61
C ARG A 10 -12.54 -0.58 -2.29
N TRP A 11 -13.08 0.24 -1.35
CA TRP A 11 -12.50 0.41 0.01
C TRP A 11 -12.47 -0.93 0.76
N GLN A 12 -13.53 -1.72 0.55
CA GLN A 12 -13.67 -3.08 1.08
C GLN A 12 -12.48 -3.92 0.61
N ARG A 13 -12.27 -3.94 -0.72
CA ARG A 13 -11.21 -4.72 -1.37
C ARG A 13 -9.81 -4.30 -0.86
N ILE A 14 -9.59 -2.98 -0.70
CA ILE A 14 -8.31 -2.42 -0.24
C ILE A 14 -8.03 -2.83 1.22
N ALA A 15 -9.07 -2.78 2.06
CA ALA A 15 -8.98 -3.13 3.49
C ALA A 15 -8.62 -4.61 3.66
N LEU A 16 -9.30 -5.46 2.86
CA LEU A 16 -9.11 -6.92 2.87
C LEU A 16 -7.70 -7.29 2.37
N LEU A 17 -7.30 -6.68 1.23
CA LEU A 17 -5.98 -6.89 0.61
C LEU A 17 -4.87 -6.49 1.59
N SER A 18 -4.98 -5.27 2.15
CA SER A 18 -3.96 -4.71 3.07
C SER A 18 -3.81 -5.58 4.32
N GLN A 19 -4.95 -6.09 4.82
CA GLN A 19 -5.00 -7.00 5.99
C GLN A 19 -4.28 -8.32 5.69
N SER A 20 -4.60 -8.91 4.53
CA SER A 20 -4.00 -10.17 4.05
C SER A 20 -2.48 -10.01 3.90
N LEU A 21 -2.09 -8.98 3.11
CA LEU A 21 -0.70 -8.60 2.84
C LEU A 21 0.07 -8.32 4.14
N LEU A 22 -0.64 -7.77 5.15
CA LEU A 22 -0.05 -7.51 6.46
C LEU A 22 0.36 -8.81 7.14
N GLU A 23 -0.60 -9.75 7.23
CA GLU A 23 -0.38 -11.06 7.86
C GLU A 23 0.80 -11.80 7.18
N LEU A 24 0.80 -11.72 5.85
CA LEU A 24 1.84 -12.29 5.00
C LEU A 24 3.20 -11.66 5.32
N ALA A 25 3.26 -10.32 5.39
CA ALA A 25 4.51 -9.55 5.66
C ALA A 25 5.07 -9.89 7.05
N GLN A 26 4.17 -10.06 8.03
CA GLN A 26 4.53 -10.44 9.41
C GLN A 26 5.10 -11.87 9.44
N ARG A 27 4.62 -12.74 8.51
CA ARG A 27 5.11 -14.14 8.37
C ARG A 27 6.22 -14.28 7.29
N GLY A 28 6.50 -13.20 6.54
CA GLY A 28 7.59 -13.19 5.55
C GLY A 28 7.24 -13.79 4.18
N GLU A 29 5.96 -13.73 3.80
CA GLU A 29 5.45 -14.24 2.50
C GLU A 29 5.50 -13.13 1.44
N TRP A 30 6.73 -12.68 1.11
CA TRP A 30 6.99 -11.52 0.23
C TRP A 30 6.47 -11.75 -1.20
N ASP A 31 6.44 -13.03 -1.58
CA ASP A 31 5.99 -13.47 -2.91
C ASP A 31 4.53 -13.06 -3.16
N LEU A 32 3.68 -13.29 -2.16
CA LEU A 32 2.24 -12.96 -2.23
C LEU A 32 2.03 -11.44 -2.16
N LEU A 33 2.98 -10.71 -1.54
CA LEU A 33 2.99 -9.24 -1.56
C LEU A 33 3.23 -8.73 -2.99
N LEU A 34 4.23 -9.32 -3.68
CA LEU A 34 4.60 -8.93 -5.07
C LEU A 34 3.52 -9.36 -6.07
N GLN A 35 2.81 -10.46 -5.76
CA GLN A 35 1.71 -11.00 -6.59
C GLN A 35 0.49 -10.05 -6.56
N GLN A 36 0.08 -9.74 -5.33
CA GLN A 36 -1.12 -8.95 -5.03
C GLN A 36 -0.85 -7.45 -5.04
N GLU A 37 0.44 -7.07 -5.11
CA GLU A 37 0.92 -5.67 -5.25
C GLU A 37 0.12 -4.91 -6.32
N VAL A 38 0.16 -5.42 -7.57
CA VAL A 38 -0.51 -4.80 -8.73
C VAL A 38 -2.02 -4.57 -8.43
N SER A 39 -2.64 -5.57 -7.81
CA SER A 39 -4.06 -5.56 -7.48
C SER A 39 -4.39 -4.47 -6.43
N TYR A 40 -3.60 -4.45 -5.35
CA TYR A 40 -3.77 -3.52 -4.22
C TYR A 40 -3.58 -2.05 -4.66
N LEU A 41 -2.50 -1.80 -5.41
CA LEU A 41 -2.15 -0.44 -5.89
C LEU A 41 -3.21 0.06 -6.90
N GLN A 42 -3.69 -0.85 -7.76
CA GLN A 42 -4.74 -0.53 -8.73
C GLN A 42 -6.10 -0.34 -8.03
N SER A 43 -6.33 -1.02 -6.88
CA SER A 43 -7.54 -0.82 -6.05
C SER A 43 -7.52 0.59 -5.41
N ILE A 44 -6.33 0.99 -4.93
CA ILE A 44 -6.05 2.31 -4.35
C ILE A 44 -6.38 3.42 -5.36
N GLU A 45 -5.78 3.34 -6.55
CA GLU A 45 -5.90 4.39 -7.57
C GLU A 45 -7.33 4.43 -8.14
N THR A 46 -8.00 3.26 -8.26
CA THR A 46 -9.35 3.19 -8.83
C THR A 46 -10.41 3.72 -7.86
N VAL A 47 -10.20 3.58 -6.51
CA VAL A 47 -11.14 4.16 -5.52
C VAL A 47 -10.93 5.69 -5.42
N MET A 48 -9.65 6.12 -5.49
CA MET A 48 -9.29 7.55 -5.46
C MET A 48 -9.67 8.21 -6.79
N GLU A 49 -9.84 7.37 -7.84
CA GLU A 49 -10.38 7.81 -9.14
C GLU A 49 -11.88 8.13 -9.00
N LYS A 50 -12.59 7.35 -8.14
CA LYS A 50 -14.04 7.53 -7.93
C LYS A 50 -14.27 8.73 -6.98
N GLN A 51 -14.32 9.92 -7.58
CA GLN A 51 -14.62 11.16 -6.87
C GLN A 51 -16.12 11.18 -6.50
N THR A 52 -16.41 10.91 -5.23
CA THR A 52 -17.77 10.94 -4.68
C THR A 52 -18.06 12.34 -4.09
N PRO A 53 -19.37 12.77 -4.00
CA PRO A 53 -19.75 14.08 -3.42
C PRO A 53 -19.27 14.25 -1.95
N PRO A 54 -19.08 15.53 -1.47
CA PRO A 54 -18.65 15.84 -0.08
C PRO A 54 -19.66 15.32 0.96
N GLY A 55 -20.94 15.59 0.70
CA GLY A 55 -22.04 15.19 1.58
C GLY A 55 -22.31 13.69 1.53
N ILE A 56 -21.46 12.94 2.24
CA ILE A 56 -21.58 11.48 2.38
C ILE A 56 -22.45 11.15 3.61
N THR A 57 -23.51 10.36 3.39
CA THR A 57 -24.42 9.87 4.45
C THR A 57 -23.66 9.02 5.49
N ARG A 58 -24.21 8.96 6.72
CA ARG A 58 -23.57 8.31 7.89
C ARG A 58 -23.23 6.84 7.62
N SER A 59 -24.13 6.11 6.93
CA SER A 59 -23.92 4.69 6.58
C SER A 59 -22.60 4.48 5.81
N ILE A 60 -22.48 5.18 4.66
CA ILE A 60 -21.28 5.14 3.81
C ILE A 60 -20.05 5.63 4.60
N GLN A 61 -20.23 6.75 5.33
CA GLN A 61 -19.12 7.40 6.07
C GLN A 61 -18.49 6.45 7.09
N ASP A 62 -19.33 5.70 7.84
CA ASP A 62 -18.86 4.78 8.89
C ASP A 62 -18.24 3.50 8.28
N MET A 63 -18.89 2.94 7.25
CA MET A 63 -18.39 1.70 6.59
C MET A 63 -17.04 1.98 5.90
N VAL A 64 -17.03 3.01 5.04
CA VAL A 64 -15.83 3.47 4.34
C VAL A 64 -14.72 3.87 5.32
N ALA A 65 -15.07 4.60 6.41
CA ALA A 65 -14.08 4.98 7.47
C ALA A 65 -13.50 3.75 8.16
N GLY A 66 -14.33 2.69 8.29
CA GLY A 66 -13.90 1.41 8.83
C GLY A 66 -12.82 0.78 7.97
N TYR A 67 -13.09 0.75 6.65
CA TYR A 67 -12.15 0.21 5.65
C TYR A 67 -10.91 1.11 5.51
N ILE A 68 -11.10 2.42 5.73
CA ILE A 68 -10.05 3.44 5.64
C ILE A 68 -9.02 3.24 6.76
N LYS A 69 -9.47 3.26 8.02
CA LYS A 69 -8.59 3.10 9.17
C LYS A 69 -7.98 1.69 9.21
N GLN A 70 -8.76 0.68 8.75
CA GLN A 70 -8.28 -0.70 8.62
C GLN A 70 -7.09 -0.76 7.67
N THR A 71 -7.27 -0.24 6.43
CA THR A 71 -6.25 -0.33 5.38
C THR A 71 -5.03 0.55 5.70
N LEU A 72 -5.26 1.73 6.32
CA LEU A 72 -4.17 2.67 6.68
C LEU A 72 -3.31 2.11 7.82
N ASP A 73 -3.93 1.39 8.77
CA ASP A 73 -3.22 0.76 9.91
C ASP A 73 -2.43 -0.47 9.43
N ASN A 74 -3.10 -1.31 8.64
CA ASN A 74 -2.50 -2.51 8.02
C ASN A 74 -1.32 -2.11 7.12
N GLU A 75 -1.52 -1.02 6.37
CA GLU A 75 -0.52 -0.46 5.46
C GLU A 75 0.62 0.19 6.24
N GLN A 76 0.30 0.83 7.39
CA GLN A 76 1.30 1.45 8.29
C GLN A 76 2.32 0.40 8.75
N LEU A 77 1.78 -0.72 9.25
CA LEU A 77 2.58 -1.86 9.72
C LEU A 77 3.30 -2.53 8.52
N LEU A 78 2.62 -2.58 7.35
CA LEU A 78 3.19 -3.10 6.09
C LEU A 78 4.48 -2.35 5.73
N LYS A 79 4.36 -1.04 5.46
CA LYS A 79 5.47 -0.22 4.94
C LYS A 79 6.52 0.07 6.00
N GLY A 80 6.15 -0.02 7.29
CA GLY A 80 7.12 0.08 8.38
C GLY A 80 8.03 -1.14 8.42
N LEU A 81 7.40 -2.32 8.40
CA LEU A 81 8.08 -3.63 8.41
C LEU A 81 8.88 -3.84 7.12
N LEU A 82 8.30 -3.40 5.99
CA LEU A 82 8.90 -3.53 4.65
C LEU A 82 10.04 -2.53 4.46
N GLN A 83 9.96 -1.38 5.16
CA GLN A 83 11.07 -0.42 5.21
C GLN A 83 12.25 -1.07 5.96
N GLN A 84 11.96 -1.67 7.13
CA GLN A 84 12.99 -2.37 7.96
C GLN A 84 13.51 -3.63 7.24
N ARG A 85 12.65 -4.24 6.41
CA ARG A 85 13.02 -5.42 5.61
C ARG A 85 14.05 -5.00 4.55
N LEU A 86 13.69 -4.00 3.72
CA LEU A 86 14.58 -3.48 2.65
C LEU A 86 15.84 -2.81 3.24
N ASP A 87 15.73 -2.30 4.48
CA ASP A 87 16.85 -1.75 5.26
C ASP A 87 17.89 -2.85 5.52
N GLU A 88 17.39 -3.97 6.08
CA GLU A 88 18.20 -5.19 6.34
C GLU A 88 18.82 -5.71 5.04
N LEU A 89 17.96 -5.95 4.04
CA LEU A 89 18.33 -6.52 2.73
C LEU A 89 19.42 -5.69 2.02
N SER A 90 19.26 -4.36 2.04
CA SER A 90 20.23 -3.45 1.41
C SER A 90 21.54 -3.43 2.19
N SER A 91 21.44 -3.62 3.52
CA SER A 91 22.61 -3.79 4.40
C SER A 91 23.32 -5.15 4.11
N LEU A 92 22.54 -6.19 3.73
CA LEU A 92 23.08 -7.53 3.43
C LEU A 92 23.84 -7.52 2.09
N ILE A 93 23.22 -6.88 1.08
CA ILE A 93 23.77 -6.77 -0.28
C ILE A 93 24.98 -5.82 -0.28
N GLY A 94 24.86 -4.71 0.45
CA GLY A 94 25.93 -3.72 0.58
C GLY A 94 25.84 -2.99 1.91
N GLN A 95 25.12 -1.86 1.91
CA GLN A 95 24.88 -1.05 3.11
C GLN A 95 23.68 -0.13 2.87
N VAL A 96 22.85 0.06 3.90
CA VAL A 96 21.68 0.96 3.85
C VAL A 96 22.11 2.40 4.15
N LEU A 97 21.70 3.34 3.29
CA LEU A 97 21.98 4.76 3.46
C LEU A 97 21.02 5.36 4.50
N PHE A 98 21.43 5.24 5.77
CA PHE A 98 20.74 5.81 6.94
C PHE A 98 20.59 7.34 6.82
N GLN A 99 21.65 8.01 6.38
CA GLN A 99 21.68 9.47 6.19
C GLN A 99 21.06 9.81 4.82
N GLY A 100 19.78 10.20 4.84
CA GLY A 100 18.99 10.43 3.63
C GLY A 100 18.46 9.12 3.04
N PRO A 101 17.52 8.41 3.76
CA PRO A 101 16.98 7.12 3.29
C PRO A 101 16.01 7.30 2.10
N SER A 102 16.44 6.85 0.93
CA SER A 102 15.71 7.01 -0.34
C SER A 102 15.86 5.75 -1.21
N ALA A 103 15.05 5.65 -2.29
CA ALA A 103 15.05 4.48 -3.18
C ALA A 103 16.25 4.51 -4.14
N GLY A 104 17.41 4.19 -3.59
CA GLY A 104 18.66 4.03 -4.33
C GLY A 104 19.62 3.14 -3.57
N LEU A 105 19.05 2.32 -2.66
CA LEU A 105 19.79 1.41 -1.78
C LEU A 105 20.33 0.24 -2.59
N VAL A 106 19.46 -0.34 -3.45
CA VAL A 106 19.83 -1.39 -4.42
C VAL A 106 19.14 -1.05 -5.78
N PRO A 107 19.76 -0.17 -6.62
CA PRO A 107 19.28 0.07 -8.01
C PRO A 107 19.68 -1.08 -8.96
N ARG A 108 20.74 -1.79 -8.58
CA ARG A 108 21.30 -2.92 -9.31
C ARG A 108 22.18 -3.77 -8.37
N GLY A 109 21.84 -5.06 -8.25
CA GLY A 109 22.64 -6.04 -7.52
C GLY A 109 22.96 -7.27 -8.38
N SER A 110 22.24 -7.39 -9.52
CA SER A 110 22.30 -8.52 -10.46
C SER A 110 21.72 -9.81 -9.82
N GLY A 111 20.46 -10.11 -10.16
CA GLY A 111 19.78 -11.31 -9.68
C GLY A 111 18.26 -11.21 -9.80
N GLY A 112 17.53 -12.05 -9.05
CA GLY A 112 16.07 -11.93 -8.91
C GLY A 112 15.65 -10.82 -7.95
N ILE A 113 16.64 -10.36 -7.14
CA ILE A 113 16.46 -9.26 -6.17
C ILE A 113 16.14 -7.92 -6.86
N GLU A 114 16.45 -7.80 -8.17
CA GLU A 114 16.15 -6.59 -8.97
C GLU A 114 14.65 -6.29 -8.92
N GLY A 115 13.86 -7.33 -9.26
CA GLY A 115 12.41 -7.24 -9.25
C GLY A 115 11.85 -6.89 -7.88
N MET A 116 12.36 -7.59 -6.84
CA MET A 116 11.90 -7.42 -5.45
C MET A 116 12.11 -5.98 -4.94
N THR A 117 13.35 -5.47 -5.11
CA THR A 117 13.73 -4.13 -4.61
C THR A 117 12.97 -3.03 -5.36
N THR A 118 13.01 -3.07 -6.71
CA THR A 118 12.30 -2.12 -7.58
C THR A 118 10.79 -2.04 -7.23
N ARG A 119 10.16 -3.23 -7.15
CA ARG A 119 8.72 -3.36 -6.82
C ARG A 119 8.41 -2.74 -5.45
N LEU A 120 9.06 -3.26 -4.39
CA LEU A 120 8.78 -2.85 -3.01
C LEU A 120 9.08 -1.36 -2.75
N THR A 121 10.11 -0.79 -3.42
CA THR A 121 10.44 0.65 -3.27
C THR A 121 9.34 1.54 -3.90
N ARG A 122 8.95 1.26 -5.17
CA ARG A 122 7.86 2.01 -5.84
C ARG A 122 6.50 1.77 -5.14
N TRP A 123 6.40 0.62 -4.50
CA TRP A 123 5.26 0.21 -3.68
C TRP A 123 5.16 1.10 -2.43
N LEU A 124 6.30 1.31 -1.72
CA LEU A 124 6.33 2.11 -0.45
C LEU A 124 6.02 3.57 -0.77
N THR A 125 6.52 4.00 -1.95
CA THR A 125 6.23 5.29 -2.55
C THR A 125 4.70 5.46 -2.78
N ALA A 126 4.08 4.43 -3.39
CA ALA A 126 2.64 4.43 -3.71
C ALA A 126 1.76 4.34 -2.45
N LEU A 127 2.31 3.72 -1.37
CA LEU A 127 1.60 3.58 -0.09
C LEU A 127 1.58 4.92 0.66
N ASP A 128 2.72 5.62 0.63
CA ASP A 128 2.88 6.94 1.27
C ASP A 128 2.03 7.99 0.52
N ASN A 129 2.01 7.87 -0.82
CA ASN A 129 1.21 8.73 -1.71
C ASN A 129 -0.29 8.59 -1.41
N PHE A 130 -0.74 7.30 -1.36
CA PHE A 130 -2.11 6.93 -1.01
C PHE A 130 -2.50 7.55 0.33
N GLU A 131 -1.79 7.12 1.40
CA GLU A 131 -2.05 7.53 2.78
C GLU A 131 -2.20 9.05 2.93
N ALA A 132 -1.23 9.79 2.36
CA ALA A 132 -1.21 11.25 2.43
C ALA A 132 -2.46 11.85 1.79
N LYS A 133 -2.68 11.58 0.49
CA LYS A 133 -3.76 12.23 -0.30
C LYS A 133 -5.15 11.74 0.13
N MET A 134 -5.23 10.49 0.61
CA MET A 134 -6.51 9.90 1.03
C MET A 134 -6.91 10.42 2.42
N ALA A 135 -5.90 10.77 3.24
CA ALA A 135 -6.12 11.48 4.51
C ALA A 135 -6.46 12.96 4.22
N LEU A 136 -5.96 13.48 3.09
CA LEU A 136 -6.24 14.85 2.62
C LEU A 136 -7.61 14.94 1.91
N LEU A 137 -8.23 13.79 1.54
CA LEU A 137 -9.65 13.72 1.10
C LEU A 137 -10.57 14.47 2.09
N PRO A 138 -11.17 15.64 1.71
CA PRO A 138 -12.04 16.42 2.62
C PRO A 138 -13.51 15.92 2.64
N ALA A 139 -13.85 14.93 1.80
CA ALA A 139 -15.22 14.36 1.73
C ALA A 139 -15.48 13.42 2.92
N VAL A 140 -14.69 12.33 2.98
CA VAL A 140 -14.80 11.29 4.02
C VAL A 140 -13.42 11.14 4.71
N MET A 1 -27.09 1.55 -7.98
CA MET A 1 -26.42 2.18 -6.81
C MET A 1 -24.91 2.29 -7.09
N THR A 2 -24.54 2.72 -8.31
CA THR A 2 -23.17 2.63 -8.86
C THR A 2 -22.12 3.31 -7.94
N SER A 3 -22.42 4.54 -7.47
CA SER A 3 -21.52 5.30 -6.57
C SER A 3 -21.25 4.51 -5.28
N THR A 4 -22.34 3.97 -4.70
CA THR A 4 -22.32 3.21 -3.43
C THR A 4 -21.49 1.91 -3.55
N VAL A 5 -21.81 1.11 -4.57
CA VAL A 5 -21.22 -0.22 -4.78
C VAL A 5 -19.72 -0.10 -5.07
N GLU A 6 -19.36 0.85 -5.97
CA GLU A 6 -17.94 1.17 -6.25
C GLU A 6 -17.21 1.57 -4.96
N PHE A 7 -17.74 2.57 -4.29
CA PHE A 7 -17.11 3.22 -3.13
C PHE A 7 -16.82 2.20 -1.99
N ILE A 8 -17.90 1.55 -1.50
CA ILE A 8 -17.84 0.58 -0.39
C ILE A 8 -16.98 -0.63 -0.75
N ASN A 9 -17.27 -1.28 -1.90
CA ASN A 9 -16.61 -2.57 -2.26
C ASN A 9 -15.11 -2.41 -2.57
N ARG A 10 -14.71 -1.22 -3.09
CA ARG A 10 -13.29 -0.93 -3.37
C ARG A 10 -12.56 -0.61 -2.06
N TRP A 11 -13.13 0.26 -1.20
CA TRP A 11 -12.52 0.58 0.13
C TRP A 11 -12.41 -0.69 1.01
N GLN A 12 -13.44 -1.54 0.90
CA GLN A 12 -13.49 -2.86 1.57
C GLN A 12 -12.36 -3.75 1.05
N ARG A 13 -12.23 -3.78 -0.28
CA ARG A 13 -11.20 -4.57 -0.97
C ARG A 13 -9.78 -4.14 -0.54
N ILE A 14 -9.58 -2.83 -0.43
CA ILE A 14 -8.28 -2.21 -0.04
C ILE A 14 -7.96 -2.53 1.43
N ALA A 15 -8.98 -2.50 2.30
CA ALA A 15 -8.84 -2.84 3.73
C ALA A 15 -8.44 -4.32 3.91
N LEU A 16 -9.15 -5.20 3.18
CA LEU A 16 -8.95 -6.66 3.23
C LEU A 16 -7.60 -7.05 2.59
N LEU A 17 -7.22 -6.34 1.52
CA LEU A 17 -5.94 -6.54 0.82
C LEU A 17 -4.78 -6.17 1.75
N SER A 18 -4.76 -4.92 2.23
CA SER A 18 -3.70 -4.41 3.12
C SER A 18 -3.53 -5.28 4.37
N GLN A 19 -4.67 -5.77 4.90
CA GLN A 19 -4.72 -6.71 6.04
C GLN A 19 -3.99 -8.02 5.69
N SER A 20 -4.40 -8.65 4.56
CA SER A 20 -3.80 -9.92 4.08
C SER A 20 -2.28 -9.75 3.86
N LEU A 21 -1.93 -8.74 3.05
CA LEU A 21 -0.55 -8.35 2.72
C LEU A 21 0.31 -8.11 3.97
N LEU A 22 -0.30 -7.54 5.01
CA LEU A 22 0.36 -7.29 6.31
C LEU A 22 0.73 -8.61 7.00
N GLU A 23 -0.28 -9.50 7.13
CA GLU A 23 -0.13 -10.82 7.78
C GLU A 23 0.94 -11.67 7.04
N LEU A 24 0.89 -11.57 5.70
CA LEU A 24 1.82 -12.23 4.78
C LEU A 24 3.24 -11.66 4.94
N ALA A 25 3.35 -10.33 5.09
CA ALA A 25 4.64 -9.64 5.28
C ALA A 25 5.30 -10.05 6.62
N GLN A 26 4.45 -10.30 7.63
CA GLN A 26 4.87 -10.82 8.95
C GLN A 26 5.40 -12.26 8.81
N ARG A 27 4.77 -13.06 7.93
CA ARG A 27 5.23 -14.43 7.62
C ARG A 27 6.43 -14.45 6.63
N GLY A 28 6.64 -13.32 5.93
CA GLY A 28 7.70 -13.21 4.91
C GLY A 28 7.25 -13.70 3.54
N GLU A 29 5.93 -13.83 3.33
CA GLU A 29 5.34 -14.18 2.02
C GLU A 29 5.43 -13.00 1.03
N TRP A 30 6.67 -12.72 0.57
CA TRP A 30 6.97 -11.55 -0.26
C TRP A 30 6.32 -11.70 -1.65
N ASP A 31 6.30 -12.93 -2.17
CA ASP A 31 5.75 -13.24 -3.51
C ASP A 31 4.27 -12.86 -3.61
N LEU A 32 3.52 -13.11 -2.53
CA LEU A 32 2.09 -12.79 -2.46
C LEU A 32 1.87 -11.26 -2.41
N LEU A 33 2.82 -10.53 -1.78
CA LEU A 33 2.83 -9.04 -1.82
C LEU A 33 3.07 -8.54 -3.25
N LEU A 34 4.03 -9.17 -3.94
CA LEU A 34 4.44 -8.78 -5.31
C LEU A 34 3.40 -9.19 -6.37
N GLN A 35 2.57 -10.19 -6.01
CA GLN A 35 1.46 -10.67 -6.86
C GLN A 35 0.26 -9.72 -6.72
N GLN A 36 -0.19 -9.57 -5.46
CA GLN A 36 -1.33 -8.72 -5.07
C GLN A 36 -0.99 -7.21 -5.15
N GLU A 37 0.31 -6.90 -5.35
CA GLU A 37 0.83 -5.54 -5.60
C GLU A 37 -0.05 -4.76 -6.60
N VAL A 38 -0.21 -5.35 -7.79
CA VAL A 38 -1.01 -4.75 -8.87
C VAL A 38 -2.46 -4.53 -8.42
N SER A 39 -3.03 -5.53 -7.74
CA SER A 39 -4.42 -5.50 -7.26
C SER A 39 -4.67 -4.35 -6.28
N TYR A 40 -3.73 -4.20 -5.33
CA TYR A 40 -3.85 -3.24 -4.22
C TYR A 40 -3.68 -1.80 -4.72
N LEU A 41 -2.61 -1.56 -5.50
CA LEU A 41 -2.28 -0.23 -6.03
C LEU A 41 -3.30 0.24 -7.09
N GLN A 42 -3.90 -0.73 -7.83
CA GLN A 42 -4.95 -0.46 -8.84
C GLN A 42 -6.27 -0.10 -8.15
N SER A 43 -6.58 -0.79 -7.03
CA SER A 43 -7.78 -0.49 -6.20
C SER A 43 -7.67 0.92 -5.56
N ILE A 44 -6.45 1.25 -5.10
CA ILE A 44 -6.09 2.60 -4.58
C ILE A 44 -6.34 3.67 -5.66
N GLU A 45 -5.81 3.40 -6.87
CA GLU A 45 -5.92 4.30 -8.02
C GLU A 45 -7.40 4.62 -8.33
N THR A 46 -8.20 3.55 -8.55
CA THR A 46 -9.61 3.69 -8.96
C THR A 46 -10.47 4.37 -7.87
N VAL A 47 -10.22 4.06 -6.58
CA VAL A 47 -11.05 4.57 -5.48
C VAL A 47 -10.78 6.07 -5.23
N MET A 48 -9.50 6.49 -5.38
CA MET A 48 -9.09 7.89 -5.17
C MET A 48 -9.46 8.75 -6.39
N GLU A 49 -9.56 8.10 -7.57
CA GLU A 49 -9.97 8.77 -8.81
C GLU A 49 -11.50 9.00 -8.78
N LYS A 50 -12.26 8.03 -8.24
CA LYS A 50 -13.74 8.09 -8.21
C LYS A 50 -14.19 8.28 -6.75
N GLN A 51 -14.29 9.56 -6.38
CA GLN A 51 -14.73 10.01 -5.05
C GLN A 51 -16.25 10.29 -5.12
N THR A 52 -16.93 10.09 -3.99
CA THR A 52 -18.38 10.37 -3.88
C THR A 52 -18.62 11.79 -3.33
N PRO A 53 -19.76 12.48 -3.70
CA PRO A 53 -20.03 13.89 -3.30
C PRO A 53 -19.98 14.11 -1.75
N PRO A 54 -19.66 15.39 -1.27
CA PRO A 54 -19.52 15.75 0.17
C PRO A 54 -20.61 15.19 1.09
N GLY A 55 -21.88 15.32 0.65
CA GLY A 55 -23.03 14.79 1.36
C GLY A 55 -23.27 13.30 1.08
N ILE A 56 -22.24 12.48 1.34
CA ILE A 56 -22.34 11.01 1.29
C ILE A 56 -23.14 10.52 2.54
N THR A 57 -24.03 9.52 2.37
CA THR A 57 -24.93 9.09 3.47
C THR A 57 -24.15 8.36 4.58
N ARG A 58 -24.78 8.26 5.76
CA ARG A 58 -24.13 7.91 7.04
C ARG A 58 -23.59 6.47 7.06
N SER A 59 -24.40 5.51 6.59
CA SER A 59 -24.04 4.07 6.60
C SER A 59 -22.78 3.80 5.76
N ILE A 60 -22.79 4.37 4.53
CA ILE A 60 -21.67 4.25 3.58
C ILE A 60 -20.41 4.89 4.17
N GLN A 61 -20.54 6.16 4.61
CA GLN A 61 -19.43 6.96 5.15
C GLN A 61 -18.81 6.28 6.40
N ASP A 62 -19.65 5.63 7.22
CA ASP A 62 -19.22 4.93 8.45
C ASP A 62 -18.38 3.70 8.10
N MET A 63 -18.95 2.81 7.26
CA MET A 63 -18.29 1.57 6.84
C MET A 63 -16.96 1.88 6.11
N VAL A 64 -17.02 2.86 5.19
CA VAL A 64 -15.86 3.31 4.41
C VAL A 64 -14.77 3.90 5.29
N ALA A 65 -15.13 4.74 6.27
CA ALA A 65 -14.15 5.35 7.21
C ALA A 65 -13.51 4.26 8.11
N GLY A 66 -14.28 3.18 8.37
CA GLY A 66 -13.76 1.98 9.03
C GLY A 66 -12.70 1.30 8.18
N TYR A 67 -12.99 1.16 6.87
CA TYR A 67 -12.06 0.56 5.88
C TYR A 67 -10.84 1.47 5.61
N ILE A 68 -11.05 2.78 5.81
CA ILE A 68 -10.03 3.83 5.65
C ILE A 68 -8.96 3.69 6.75
N LYS A 69 -9.40 3.72 8.02
CA LYS A 69 -8.48 3.60 9.17
C LYS A 69 -7.87 2.19 9.23
N GLN A 70 -8.66 1.21 8.76
CA GLN A 70 -8.23 -0.20 8.66
C GLN A 70 -7.02 -0.32 7.74
N THR A 71 -7.19 0.17 6.49
CA THR A 71 -6.16 0.03 5.45
C THR A 71 -4.95 0.90 5.76
N LEU A 72 -5.16 2.08 6.35
CA LEU A 72 -4.07 3.01 6.72
C LEU A 72 -3.18 2.43 7.82
N ASP A 73 -3.79 1.73 8.80
CA ASP A 73 -3.02 1.10 9.91
C ASP A 73 -2.29 -0.17 9.42
N ASN A 74 -2.98 -0.98 8.61
CA ASN A 74 -2.41 -2.19 7.98
C ASN A 74 -1.21 -1.82 7.08
N GLU A 75 -1.39 -0.73 6.32
CA GLU A 75 -0.41 -0.21 5.38
C GLU A 75 0.73 0.51 6.12
N GLN A 76 0.41 1.10 7.29
CA GLN A 76 1.43 1.73 8.18
C GLN A 76 2.42 0.64 8.66
N LEU A 77 1.84 -0.47 9.10
CA LEU A 77 2.58 -1.65 9.57
C LEU A 77 3.34 -2.32 8.42
N LEU A 78 2.74 -2.30 7.21
CA LEU A 78 3.40 -2.74 5.95
C LEU A 78 4.65 -1.90 5.68
N LYS A 79 4.46 -0.57 5.59
CA LYS A 79 5.53 0.39 5.26
C LYS A 79 6.66 0.37 6.29
N GLY A 80 6.32 0.22 7.57
CA GLY A 80 7.33 0.13 8.64
C GLY A 80 8.14 -1.16 8.60
N LEU A 81 7.41 -2.28 8.43
CA LEU A 81 7.99 -3.63 8.33
C LEU A 81 8.94 -3.68 7.13
N LEU A 82 8.38 -3.40 5.94
CA LEU A 82 9.10 -3.44 4.66
C LEU A 82 10.25 -2.42 4.59
N GLN A 83 10.12 -1.28 5.30
CA GLN A 83 11.21 -0.29 5.43
C GLN A 83 12.42 -0.95 6.14
N GLN A 84 12.13 -1.56 7.31
CA GLN A 84 13.15 -2.25 8.12
C GLN A 84 13.73 -3.46 7.37
N ARG A 85 12.86 -4.23 6.72
CA ARG A 85 13.23 -5.50 6.07
C ARG A 85 14.09 -5.24 4.82
N LEU A 86 13.69 -4.25 3.99
CA LEU A 86 14.48 -3.84 2.80
C LEU A 86 15.81 -3.19 3.23
N ASP A 87 15.80 -2.49 4.39
CA ASP A 87 17.02 -1.92 5.02
C ASP A 87 18.05 -3.02 5.32
N GLU A 88 17.56 -4.07 6.02
CA GLU A 88 18.34 -5.24 6.42
C GLU A 88 18.87 -5.99 5.17
N LEU A 89 17.94 -6.32 4.26
CA LEU A 89 18.22 -7.03 2.99
C LEU A 89 19.26 -6.29 2.13
N SER A 90 19.12 -4.95 2.02
CA SER A 90 20.08 -4.11 1.25
C SER A 90 21.48 -4.10 1.91
N SER A 91 21.50 -4.14 3.25
CA SER A 91 22.74 -4.31 4.02
C SER A 91 23.40 -5.68 3.73
N LEU A 92 22.55 -6.72 3.55
CA LEU A 92 22.99 -8.11 3.24
C LEU A 92 23.52 -8.21 1.80
N ILE A 93 22.90 -7.42 0.89
CA ILE A 93 23.27 -7.35 -0.54
C ILE A 93 24.64 -6.65 -0.70
N GLY A 94 24.80 -5.53 0.02
CA GLY A 94 26.06 -4.79 0.01
C GLY A 94 26.05 -3.65 1.02
N GLN A 95 25.16 -2.67 0.80
CA GLN A 95 25.09 -1.45 1.61
C GLN A 95 23.65 -0.96 1.72
N VAL A 96 23.38 -0.24 2.79
CA VAL A 96 22.12 0.48 3.00
C VAL A 96 22.43 1.90 3.50
N LEU A 97 21.61 2.87 3.05
CA LEU A 97 21.77 4.28 3.44
C LEU A 97 20.79 4.61 4.58
N PHE A 98 21.19 5.59 5.40
CA PHE A 98 20.54 5.91 6.68
C PHE A 98 19.20 6.62 6.45
N GLN A 99 19.14 7.38 5.34
CA GLN A 99 17.89 7.95 4.83
C GLN A 99 16.91 6.81 4.47
N GLY A 100 15.78 6.75 5.21
CA GLY A 100 14.78 5.70 5.03
C GLY A 100 14.13 5.66 3.64
N PRO A 101 13.46 6.77 3.18
CA PRO A 101 12.76 6.81 1.85
C PRO A 101 13.73 7.02 0.65
N SER A 102 14.99 6.55 0.78
CA SER A 102 15.99 6.56 -0.30
C SER A 102 15.48 5.80 -1.55
N ALA A 103 14.93 4.59 -1.30
CA ALA A 103 14.33 3.68 -2.31
C ALA A 103 15.42 2.97 -3.17
N GLY A 104 16.19 3.75 -3.94
CA GLY A 104 17.22 3.22 -4.84
C GLY A 104 18.51 2.80 -4.13
N LEU A 105 18.40 1.81 -3.24
CA LEU A 105 19.54 1.22 -2.51
C LEU A 105 20.26 0.20 -3.38
N VAL A 106 19.46 -0.56 -4.15
CA VAL A 106 19.95 -1.58 -5.08
C VAL A 106 19.56 -1.16 -6.53
N PRO A 107 20.56 -0.83 -7.41
CA PRO A 107 20.32 -0.54 -8.84
C PRO A 107 20.05 -1.83 -9.65
N ARG A 108 20.44 -1.87 -10.94
CA ARG A 108 20.36 -3.10 -11.75
C ARG A 108 21.25 -4.21 -11.17
N GLY A 109 20.67 -5.03 -10.28
CA GLY A 109 21.36 -6.20 -9.73
C GLY A 109 21.49 -7.30 -10.76
N SER A 110 20.41 -8.11 -10.89
CA SER A 110 20.32 -9.23 -11.85
C SER A 110 18.93 -9.87 -11.78
N GLY A 111 18.67 -10.54 -10.65
CA GLY A 111 17.41 -11.26 -10.44
C GLY A 111 17.17 -11.49 -8.95
N GLY A 112 16.01 -12.08 -8.60
CA GLY A 112 15.61 -12.31 -7.19
C GLY A 112 15.44 -11.02 -6.40
N ILE A 113 16.57 -10.54 -5.86
CA ILE A 113 16.66 -9.26 -5.12
C ILE A 113 16.33 -8.06 -6.02
N GLU A 114 16.54 -8.21 -7.34
CA GLU A 114 16.21 -7.19 -8.34
C GLU A 114 14.70 -6.83 -8.24
N GLY A 115 13.85 -7.87 -8.46
CA GLY A 115 12.40 -7.73 -8.39
C GLY A 115 11.91 -7.32 -7.02
N MET A 116 12.50 -7.96 -5.98
CA MET A 116 12.20 -7.68 -4.55
C MET A 116 12.26 -6.17 -4.27
N THR A 117 13.44 -5.58 -4.52
CA THR A 117 13.72 -4.20 -4.16
C THR A 117 12.91 -3.23 -5.05
N THR A 118 13.02 -3.35 -6.40
CA THR A 118 12.38 -2.38 -7.34
C THR A 118 10.85 -2.33 -7.10
N ARG A 119 10.21 -3.51 -6.97
CA ARG A 119 8.77 -3.62 -6.72
C ARG A 119 8.41 -2.97 -5.39
N LEU A 120 9.04 -3.46 -4.29
CA LEU A 120 8.70 -3.04 -2.92
C LEU A 120 9.03 -1.56 -2.65
N THR A 121 9.98 -0.95 -3.38
CA THR A 121 10.30 0.50 -3.23
C THR A 121 9.26 1.37 -3.96
N ARG A 122 8.91 0.98 -5.21
CA ARG A 122 7.82 1.66 -5.97
C ARG A 122 6.47 1.52 -5.23
N TRP A 123 6.34 0.36 -4.59
CA TRP A 123 5.23 -0.01 -3.70
C TRP A 123 5.18 0.95 -2.49
N LEU A 124 6.30 1.06 -1.74
CA LEU A 124 6.37 1.89 -0.50
C LEU A 124 6.09 3.37 -0.79
N THR A 125 6.57 3.90 -1.93
CA THR A 125 6.31 5.31 -2.31
C THR A 125 4.85 5.49 -2.80
N ALA A 126 4.28 4.45 -3.44
CA ALA A 126 2.85 4.48 -3.87
C ALA A 126 1.90 4.39 -2.66
N LEU A 127 2.34 3.66 -1.61
CA LEU A 127 1.60 3.48 -0.35
C LEU A 127 1.60 4.78 0.45
N ASP A 128 2.80 5.38 0.56
CA ASP A 128 3.03 6.65 1.28
C ASP A 128 2.22 7.79 0.62
N ASN A 129 2.23 7.78 -0.73
CA ASN A 129 1.47 8.73 -1.56
C ASN A 129 -0.04 8.58 -1.34
N PHE A 130 -0.52 7.31 -1.30
CA PHE A 130 -1.94 7.00 -1.01
C PHE A 130 -2.34 7.58 0.35
N GLU A 131 -1.60 7.20 1.40
CA GLU A 131 -1.83 7.63 2.78
C GLU A 131 -1.93 9.16 2.89
N ALA A 132 -1.00 9.85 2.23
CA ALA A 132 -0.93 11.32 2.23
C ALA A 132 -2.18 11.95 1.59
N LYS A 133 -2.41 11.63 0.31
CA LYS A 133 -3.51 12.21 -0.49
C LYS A 133 -4.89 11.87 0.10
N MET A 134 -5.01 10.67 0.68
CA MET A 134 -6.28 10.18 1.21
C MET A 134 -6.54 10.76 2.62
N ALA A 135 -5.47 11.13 3.34
CA ALA A 135 -5.56 11.93 4.57
C ALA A 135 -5.86 13.41 4.24
N LEU A 136 -5.46 13.83 3.01
CA LEU A 136 -5.72 15.18 2.49
C LEU A 136 -7.17 15.33 1.96
N LEU A 137 -7.84 14.18 1.63
CA LEU A 137 -9.29 14.14 1.22
C LEU A 137 -10.17 14.97 2.20
N PRO A 138 -10.71 16.17 1.79
CA PRO A 138 -11.66 16.95 2.61
C PRO A 138 -13.11 16.42 2.47
N ALA A 139 -13.28 15.42 1.59
CA ALA A 139 -14.56 14.77 1.29
C ALA A 139 -14.26 13.52 0.46
N VAL A 140 -14.25 12.36 1.12
CA VAL A 140 -13.96 11.07 0.48
C VAL A 140 -15.14 10.64 -0.46
N MET A 1 -27.62 3.33 -7.30
CA MET A 1 -26.66 3.52 -6.19
C MET A 1 -25.30 2.88 -6.55
N THR A 2 -24.98 2.88 -7.87
CA THR A 2 -23.80 2.21 -8.42
C THR A 2 -22.48 2.78 -7.84
N SER A 3 -22.40 4.12 -7.66
CA SER A 3 -21.18 4.77 -7.13
C SER A 3 -21.02 4.58 -5.62
N THR A 4 -22.17 4.44 -4.93
CA THR A 4 -22.21 4.13 -3.49
C THR A 4 -21.60 2.75 -3.22
N VAL A 5 -22.19 1.72 -3.85
CA VAL A 5 -21.72 0.32 -3.70
C VAL A 5 -20.29 0.16 -4.28
N GLU A 6 -19.96 0.96 -5.31
CA GLU A 6 -18.62 0.99 -5.93
C GLU A 6 -17.57 1.39 -4.88
N PHE A 7 -17.81 2.56 -4.26
CA PHE A 7 -16.91 3.20 -3.29
C PHE A 7 -16.69 2.28 -2.08
N ILE A 8 -17.80 1.86 -1.44
CA ILE A 8 -17.79 1.04 -0.21
C ILE A 8 -17.13 -0.34 -0.45
N ASN A 9 -17.47 -0.99 -1.58
CA ASN A 9 -16.97 -2.35 -1.90
C ASN A 9 -15.48 -2.33 -2.26
N ARG A 10 -15.02 -1.24 -2.92
CA ARG A 10 -13.59 -1.05 -3.21
C ARG A 10 -12.82 -0.94 -1.89
N TRP A 11 -13.26 -0.01 -1.01
CA TRP A 11 -12.66 0.16 0.33
C TRP A 11 -12.67 -1.15 1.15
N GLN A 12 -13.73 -1.95 0.96
CA GLN A 12 -13.86 -3.29 1.57
C GLN A 12 -12.70 -4.18 1.13
N ARG A 13 -12.53 -4.33 -0.20
CA ARG A 13 -11.48 -5.20 -0.77
C ARG A 13 -10.06 -4.66 -0.50
N ILE A 14 -9.92 -3.32 -0.35
CA ILE A 14 -8.61 -2.68 -0.04
C ILE A 14 -8.21 -3.00 1.41
N ALA A 15 -9.20 -3.00 2.30
CA ALA A 15 -9.02 -3.36 3.72
C ALA A 15 -8.65 -4.85 3.86
N LEU A 16 -9.36 -5.70 3.10
CA LEU A 16 -9.11 -7.14 3.03
C LEU A 16 -7.71 -7.43 2.44
N LEU A 17 -7.34 -6.68 1.38
CA LEU A 17 -6.03 -6.81 0.69
C LEU A 17 -4.90 -6.42 1.65
N SER A 18 -5.02 -5.23 2.27
CA SER A 18 -4.00 -4.69 3.18
C SER A 18 -3.76 -5.62 4.38
N GLN A 19 -4.87 -6.21 4.88
CA GLN A 19 -4.83 -7.21 5.97
C GLN A 19 -4.08 -8.50 5.54
N SER A 20 -4.44 -9.02 4.36
CA SER A 20 -3.86 -10.29 3.83
C SER A 20 -2.37 -10.11 3.50
N LEU A 21 -2.06 -8.98 2.87
CA LEU A 21 -0.69 -8.59 2.48
C LEU A 21 0.15 -8.30 3.72
N LEU A 22 -0.52 -7.81 4.79
CA LEU A 22 0.10 -7.61 6.10
C LEU A 22 0.58 -8.94 6.67
N GLU A 23 -0.33 -9.94 6.66
CA GLU A 23 -0.02 -11.29 7.15
C GLU A 23 1.11 -11.95 6.34
N LEU A 24 1.13 -11.68 5.01
CA LEU A 24 2.20 -12.16 4.13
C LEU A 24 3.55 -11.58 4.57
N ALA A 25 3.56 -10.26 4.86
CA ALA A 25 4.77 -9.54 5.31
C ALA A 25 5.22 -9.99 6.72
N GLN A 26 4.25 -10.37 7.57
CA GLN A 26 4.51 -10.89 8.92
C GLN A 26 5.20 -12.27 8.86
N ARG A 27 4.82 -13.09 7.86
CA ARG A 27 5.44 -14.43 7.66
C ARG A 27 6.71 -14.33 6.80
N GLY A 28 6.80 -13.27 5.96
CA GLY A 28 7.90 -13.10 5.02
C GLY A 28 7.61 -13.60 3.61
N GLU A 29 6.32 -13.83 3.32
CA GLU A 29 5.84 -14.22 1.98
C GLU A 29 5.88 -13.02 1.02
N TRP A 30 7.09 -12.72 0.50
CA TRP A 30 7.34 -11.56 -0.37
C TRP A 30 6.82 -11.81 -1.80
N ASP A 31 6.83 -13.07 -2.23
CA ASP A 31 6.44 -13.46 -3.60
C ASP A 31 4.95 -13.16 -3.87
N LEU A 32 4.10 -13.62 -2.95
CA LEU A 32 2.65 -13.33 -2.99
C LEU A 32 2.37 -11.84 -2.76
N LEU A 33 3.26 -11.18 -1.99
CA LEU A 33 3.18 -9.74 -1.73
C LEU A 33 3.41 -8.95 -3.04
N LEU A 34 4.39 -9.42 -3.85
CA LEU A 34 4.75 -8.80 -5.16
C LEU A 34 3.66 -9.08 -6.22
N GLN A 35 3.06 -10.28 -6.15
CA GLN A 35 2.00 -10.71 -7.08
C GLN A 35 0.74 -9.82 -6.92
N GLN A 36 0.33 -9.65 -5.67
CA GLN A 36 -0.88 -8.94 -5.28
C GLN A 36 -0.63 -7.43 -5.03
N GLU A 37 0.67 -7.04 -5.03
CA GLU A 37 1.12 -5.62 -5.05
C GLU A 37 0.30 -4.79 -6.07
N VAL A 38 0.37 -5.23 -7.34
CA VAL A 38 -0.30 -4.56 -8.47
C VAL A 38 -1.83 -4.46 -8.26
N SER A 39 -2.43 -5.49 -7.64
CA SER A 39 -3.88 -5.55 -7.35
C SER A 39 -4.27 -4.49 -6.29
N TYR A 40 -3.45 -4.37 -5.24
CA TYR A 40 -3.68 -3.43 -4.12
C TYR A 40 -3.54 -1.98 -4.58
N LEU A 41 -2.46 -1.69 -5.34
CA LEU A 41 -2.15 -0.34 -5.84
C LEU A 41 -3.16 0.09 -6.93
N GLN A 42 -3.70 -0.91 -7.65
CA GLN A 42 -4.79 -0.72 -8.64
C GLN A 42 -6.11 -0.32 -7.93
N SER A 43 -6.43 -1.04 -6.84
CA SER A 43 -7.65 -0.81 -6.03
C SER A 43 -7.62 0.59 -5.38
N ILE A 44 -6.42 0.97 -4.87
CA ILE A 44 -6.11 2.29 -4.34
C ILE A 44 -6.36 3.39 -5.39
N GLU A 45 -5.78 3.18 -6.58
CA GLU A 45 -5.88 4.11 -7.71
C GLU A 45 -7.36 4.36 -8.09
N THR A 46 -8.09 3.27 -8.35
CA THR A 46 -9.47 3.34 -8.85
C THR A 46 -10.43 3.94 -7.80
N VAL A 47 -10.23 3.62 -6.49
CA VAL A 47 -11.12 4.15 -5.41
C VAL A 47 -10.89 5.66 -5.22
N MET A 48 -9.63 6.11 -5.38
CA MET A 48 -9.26 7.53 -5.22
C MET A 48 -9.77 8.35 -6.42
N GLU A 49 -9.82 7.70 -7.60
CA GLU A 49 -10.40 8.29 -8.82
C GLU A 49 -11.93 8.46 -8.66
N LYS A 50 -12.56 7.50 -7.97
CA LYS A 50 -14.00 7.47 -7.71
C LYS A 50 -14.28 8.07 -6.32
N GLN A 51 -14.06 9.39 -6.16
CA GLN A 51 -14.39 10.10 -4.92
C GLN A 51 -15.88 10.48 -4.91
N THR A 52 -16.53 10.32 -3.76
CA THR A 52 -17.96 10.65 -3.59
C THR A 52 -18.19 12.19 -3.62
N PRO A 53 -19.38 12.66 -4.12
CA PRO A 53 -19.77 14.09 -4.08
C PRO A 53 -19.90 14.66 -2.62
N PRO A 54 -19.98 16.04 -2.46
CA PRO A 54 -20.24 16.71 -1.16
C PRO A 54 -21.34 16.04 -0.31
N GLY A 55 -22.46 15.68 -0.97
CA GLY A 55 -23.58 15.00 -0.31
C GLY A 55 -23.27 13.53 0.04
N ILE A 56 -22.34 13.35 0.99
CA ILE A 56 -21.91 12.03 1.48
C ILE A 56 -22.58 11.79 2.86
N THR A 57 -23.49 10.79 2.91
CA THR A 57 -24.33 10.51 4.10
C THR A 57 -23.55 9.71 5.16
N ARG A 58 -24.11 9.69 6.40
CA ARG A 58 -23.50 9.06 7.59
C ARG A 58 -23.24 7.56 7.35
N SER A 59 -24.19 6.85 6.72
CA SER A 59 -24.09 5.40 6.47
C SER A 59 -22.79 5.06 5.70
N ILE A 60 -22.66 5.68 4.51
CA ILE A 60 -21.52 5.45 3.59
C ILE A 60 -20.22 5.89 4.28
N GLN A 61 -20.24 7.13 4.81
CA GLN A 61 -19.07 7.77 5.46
C GLN A 61 -18.49 6.85 6.54
N ASP A 62 -19.38 6.32 7.39
CA ASP A 62 -19.02 5.49 8.56
C ASP A 62 -18.43 4.13 8.15
N MET A 63 -19.12 3.45 7.22
CA MET A 63 -18.70 2.11 6.74
C MET A 63 -17.32 2.20 6.03
N VAL A 64 -17.23 3.17 5.11
CA VAL A 64 -15.99 3.52 4.41
C VAL A 64 -14.88 3.91 5.39
N ALA A 65 -15.24 4.68 6.45
CA ALA A 65 -14.29 5.12 7.48
C ALA A 65 -13.74 3.94 8.27
N GLY A 66 -14.59 2.90 8.46
CA GLY A 66 -14.16 1.63 9.07
C GLY A 66 -13.07 0.98 8.25
N TYR A 67 -13.37 0.82 6.94
CA TYR A 67 -12.42 0.25 5.97
C TYR A 67 -11.14 1.12 5.80
N ILE A 68 -11.30 2.45 6.01
CA ILE A 68 -10.20 3.44 5.95
C ILE A 68 -9.22 3.22 7.12
N LYS A 69 -9.76 2.99 8.33
CA LYS A 69 -8.94 2.70 9.51
C LYS A 69 -8.21 1.36 9.33
N GLN A 70 -8.92 0.36 8.77
CA GLN A 70 -8.36 -0.98 8.51
C GLN A 70 -7.16 -0.89 7.53
N THR A 71 -7.39 -0.27 6.35
CA THR A 71 -6.35 -0.21 5.29
C THR A 71 -5.14 0.62 5.73
N LEU A 72 -5.36 1.79 6.37
CA LEU A 72 -4.26 2.67 6.84
C LEU A 72 -3.48 2.03 8.01
N ASP A 73 -4.15 1.21 8.84
CA ASP A 73 -3.51 0.50 9.98
C ASP A 73 -2.57 -0.60 9.48
N ASN A 74 -3.14 -1.44 8.59
CA ASN A 74 -2.42 -2.59 8.03
C ASN A 74 -1.30 -2.14 7.12
N GLU A 75 -1.52 -1.01 6.41
CA GLU A 75 -0.53 -0.38 5.53
C GLU A 75 0.54 0.35 6.35
N GLN A 76 0.18 0.87 7.55
CA GLN A 76 1.16 1.48 8.49
C GLN A 76 2.12 0.40 9.01
N LEU A 77 1.57 -0.78 9.31
CA LEU A 77 2.34 -1.95 9.72
C LEU A 77 3.19 -2.48 8.54
N LEU A 78 2.62 -2.48 7.32
CA LEU A 78 3.35 -2.79 6.06
C LEU A 78 4.48 -1.77 5.82
N LYS A 79 4.19 -0.49 6.11
CA LYS A 79 5.09 0.65 5.87
C LYS A 79 6.35 0.50 6.73
N GLY A 80 6.12 0.30 8.05
CA GLY A 80 7.20 0.14 9.02
C GLY A 80 8.03 -1.12 8.82
N LEU A 81 7.32 -2.27 8.71
CA LEU A 81 7.93 -3.60 8.57
C LEU A 81 8.83 -3.64 7.33
N LEU A 82 8.26 -3.22 6.18
CA LEU A 82 8.92 -3.32 4.87
C LEU A 82 9.99 -2.23 4.66
N GLN A 83 9.88 -1.09 5.38
CA GLN A 83 10.97 -0.07 5.40
C GLN A 83 12.20 -0.68 6.08
N GLN A 84 11.96 -1.20 7.31
CA GLN A 84 13.01 -1.85 8.12
C GLN A 84 13.61 -3.06 7.38
N ARG A 85 12.73 -3.81 6.68
CA ARG A 85 13.08 -5.08 6.04
C ARG A 85 13.93 -4.82 4.80
N LEU A 86 13.45 -3.94 3.89
CA LEU A 86 14.19 -3.60 2.64
C LEU A 86 15.55 -2.96 2.93
N ASP A 87 15.57 -2.06 3.94
CA ASP A 87 16.80 -1.38 4.37
C ASP A 87 17.85 -2.40 4.86
N GLU A 88 17.39 -3.30 5.77
CA GLU A 88 18.20 -4.40 6.33
C GLU A 88 18.74 -5.31 5.20
N LEU A 89 17.79 -5.85 4.40
CA LEU A 89 18.07 -6.79 3.29
C LEU A 89 19.06 -6.19 2.27
N SER A 90 18.88 -4.90 1.95
CA SER A 90 19.73 -4.18 1.00
C SER A 90 21.17 -4.06 1.54
N SER A 91 21.27 -3.81 2.86
CA SER A 91 22.54 -3.82 3.60
C SER A 91 23.21 -5.23 3.56
N LEU A 92 22.38 -6.29 3.70
CA LEU A 92 22.85 -7.70 3.70
C LEU A 92 23.38 -8.11 2.31
N ILE A 93 22.68 -7.61 1.27
CA ILE A 93 23.01 -7.86 -0.14
C ILE A 93 24.34 -7.15 -0.52
N GLY A 94 24.54 -5.93 0.01
CA GLY A 94 25.78 -5.19 -0.21
C GLY A 94 25.82 -3.90 0.56
N GLN A 95 24.86 -3.00 0.25
CA GLN A 95 24.79 -1.65 0.83
C GLN A 95 23.39 -1.07 0.56
N VAL A 96 22.95 -0.18 1.45
CA VAL A 96 21.70 0.59 1.30
C VAL A 96 22.03 2.09 1.48
N LEU A 97 21.36 2.94 0.70
CA LEU A 97 21.50 4.41 0.78
C LEU A 97 20.12 5.06 0.63
N PHE A 98 19.97 6.23 1.26
CA PHE A 98 18.73 7.04 1.20
C PHE A 98 18.49 7.54 -0.24
N GLN A 99 19.59 7.96 -0.88
CA GLN A 99 19.61 8.27 -2.31
C GLN A 99 19.68 6.94 -3.09
N GLY A 100 18.51 6.30 -3.27
CA GLY A 100 18.41 5.03 -3.99
C GLY A 100 18.24 5.25 -5.48
N PRO A 101 19.27 4.93 -6.34
CA PRO A 101 19.21 5.14 -7.80
C PRO A 101 18.01 4.45 -8.46
N SER A 102 16.94 5.26 -8.68
CA SER A 102 15.72 4.87 -9.40
C SER A 102 15.06 3.62 -8.77
N ALA A 103 14.81 3.70 -7.42
CA ALA A 103 14.14 2.66 -6.60
C ALA A 103 15.07 1.49 -6.20
N GLY A 104 16.26 1.39 -6.82
CA GLY A 104 17.23 0.35 -6.46
C GLY A 104 18.16 0.81 -5.33
N LEU A 105 17.82 0.43 -4.08
CA LEU A 105 18.62 0.77 -2.88
C LEU A 105 19.95 0.00 -2.86
N VAL A 106 19.91 -1.26 -3.37
CA VAL A 106 21.11 -2.11 -3.52
C VAL A 106 22.03 -1.55 -4.64
N PRO A 107 23.40 -1.72 -4.52
CA PRO A 107 24.32 -1.48 -5.65
C PRO A 107 23.96 -2.39 -6.85
N ARG A 108 23.44 -1.78 -7.93
CA ARG A 108 22.93 -2.50 -9.10
C ARG A 108 24.11 -3.17 -9.84
N GLY A 109 24.31 -4.46 -9.56
CA GLY A 109 25.19 -5.31 -10.34
C GLY A 109 24.39 -6.15 -11.30
N SER A 110 23.77 -7.21 -10.76
CA SER A 110 22.90 -8.15 -11.50
C SER A 110 21.97 -8.89 -10.52
N GLY A 111 21.06 -9.70 -11.08
CA GLY A 111 20.24 -10.64 -10.29
C GLY A 111 18.77 -10.23 -10.17
N GLY A 112 17.93 -11.18 -9.69
CA GLY A 112 16.50 -10.95 -9.48
C GLY A 112 16.19 -10.09 -8.25
N ILE A 113 17.25 -9.76 -7.47
CA ILE A 113 17.16 -8.81 -6.35
C ILE A 113 16.68 -7.42 -6.83
N GLU A 114 17.04 -7.07 -8.09
CA GLU A 114 16.58 -5.85 -8.78
C GLU A 114 15.05 -5.79 -8.77
N GLY A 115 14.43 -6.95 -9.09
CA GLY A 115 12.98 -7.10 -9.10
C GLY A 115 12.37 -6.78 -7.75
N MET A 116 12.79 -7.55 -6.71
CA MET A 116 12.26 -7.42 -5.34
C MET A 116 12.37 -5.98 -4.79
N THR A 117 13.56 -5.37 -4.94
CA THR A 117 13.85 -4.04 -4.41
C THR A 117 13.02 -2.95 -5.11
N THR A 118 13.10 -2.91 -6.45
CA THR A 118 12.42 -1.88 -7.26
C THR A 118 10.89 -1.94 -7.07
N ARG A 119 10.35 -3.19 -7.02
CA ARG A 119 8.92 -3.44 -6.81
C ARG A 119 8.44 -2.93 -5.45
N LEU A 120 9.11 -3.38 -4.37
CA LEU A 120 8.69 -3.08 -2.98
C LEU A 120 8.97 -1.61 -2.58
N THR A 121 9.98 -0.95 -3.19
CA THR A 121 10.25 0.48 -2.92
C THR A 121 9.24 1.37 -3.66
N ARG A 122 8.90 0.99 -4.91
CA ARG A 122 7.79 1.60 -5.67
C ARG A 122 6.47 1.44 -4.90
N TRP A 123 6.31 0.24 -4.32
CA TRP A 123 5.16 -0.14 -3.50
C TRP A 123 5.11 0.74 -2.22
N LEU A 124 6.26 0.93 -1.54
CA LEU A 124 6.32 1.71 -0.27
C LEU A 124 6.06 3.21 -0.50
N THR A 125 6.51 3.74 -1.64
CA THR A 125 6.24 5.15 -2.00
C THR A 125 4.81 5.30 -2.54
N ALA A 126 4.22 4.19 -3.05
CA ALA A 126 2.80 4.13 -3.47
C ALA A 126 1.88 3.99 -2.23
N LEU A 127 2.41 3.37 -1.17
CA LEU A 127 1.71 3.27 0.13
C LEU A 127 1.68 4.66 0.77
N ASP A 128 2.88 5.28 0.79
CA ASP A 128 3.10 6.64 1.30
C ASP A 128 2.28 7.66 0.48
N ASN A 129 2.10 7.38 -0.83
CA ASN A 129 1.32 8.25 -1.74
C ASN A 129 -0.18 8.15 -1.41
N PHE A 130 -0.69 6.90 -1.23
CA PHE A 130 -2.09 6.64 -0.86
C PHE A 130 -2.41 7.31 0.48
N GLU A 131 -1.64 6.93 1.51
CA GLU A 131 -1.63 7.52 2.84
C GLU A 131 -1.68 9.06 2.81
N ALA A 132 -0.78 9.67 2.00
CA ALA A 132 -0.71 11.13 1.84
C ALA A 132 -2.02 11.70 1.28
N LYS A 133 -2.37 11.26 0.05
CA LYS A 133 -3.53 11.78 -0.73
C LYS A 133 -4.85 11.57 0.02
N MET A 134 -4.96 10.47 0.76
CA MET A 134 -6.21 10.08 1.40
C MET A 134 -6.33 10.75 2.79
N ALA A 135 -5.20 11.15 3.39
CA ALA A 135 -5.19 12.10 4.51
C ALA A 135 -5.39 13.55 4.00
N LEU A 136 -5.12 13.76 2.68
CA LEU A 136 -5.36 15.04 1.99
C LEU A 136 -6.80 15.13 1.44
N LEU A 137 -7.57 13.98 1.44
CA LEU A 137 -9.03 13.97 1.09
C LEU A 137 -9.78 15.14 1.76
N PRO A 138 -10.25 16.16 0.95
CA PRO A 138 -10.79 17.45 1.47
C PRO A 138 -11.96 17.28 2.46
N ALA A 139 -12.92 16.40 2.11
CA ALA A 139 -14.12 16.16 2.91
C ALA A 139 -14.90 14.92 2.39
N VAL A 140 -14.63 13.74 2.99
CA VAL A 140 -15.45 12.52 2.78
C VAL A 140 -16.06 12.08 4.15
N MET A 1 -27.22 4.78 -7.42
CA MET A 1 -26.58 3.78 -6.53
C MET A 1 -25.14 3.46 -7.00
N THR A 2 -24.78 3.85 -8.25
CA THR A 2 -23.47 3.50 -8.83
C THR A 2 -22.30 4.06 -7.99
N SER A 3 -22.47 5.27 -7.43
CA SER A 3 -21.46 5.92 -6.57
C SER A 3 -21.24 5.08 -5.30
N THR A 4 -22.36 4.65 -4.69
CA THR A 4 -22.39 3.79 -3.51
C THR A 4 -21.59 2.49 -3.74
N VAL A 5 -21.95 1.77 -4.82
CA VAL A 5 -21.38 0.46 -5.15
C VAL A 5 -19.88 0.55 -5.40
N GLU A 6 -19.48 1.44 -6.34
CA GLU A 6 -18.06 1.64 -6.70
C GLU A 6 -17.22 1.98 -5.47
N PHE A 7 -17.66 3.03 -4.74
CA PHE A 7 -16.91 3.60 -3.61
C PHE A 7 -16.67 2.56 -2.49
N ILE A 8 -17.77 1.92 -2.02
CA ILE A 8 -17.74 0.92 -0.94
C ILE A 8 -16.93 -0.33 -1.37
N ASN A 9 -17.18 -0.84 -2.59
CA ASN A 9 -16.53 -2.08 -3.09
C ASN A 9 -15.01 -1.92 -3.24
N ARG A 10 -14.57 -0.72 -3.66
CA ARG A 10 -13.14 -0.43 -3.84
C ARG A 10 -12.46 -0.28 -2.47
N TRP A 11 -13.05 0.53 -1.56
CA TRP A 11 -12.52 0.69 -0.18
C TRP A 11 -12.48 -0.64 0.58
N GLN A 12 -13.54 -1.44 0.39
CA GLN A 12 -13.67 -2.79 0.98
C GLN A 12 -12.53 -3.68 0.49
N ARG A 13 -12.31 -3.64 -0.85
CA ARG A 13 -11.27 -4.43 -1.52
C ARG A 13 -9.88 -4.10 -0.96
N ILE A 14 -9.60 -2.80 -0.79
CA ILE A 14 -8.32 -2.28 -0.27
C ILE A 14 -8.10 -2.71 1.19
N ALA A 15 -9.18 -2.70 1.99
CA ALA A 15 -9.14 -3.09 3.41
C ALA A 15 -8.81 -4.58 3.58
N LEU A 16 -9.47 -5.42 2.76
CA LEU A 16 -9.31 -6.88 2.79
C LEU A 16 -7.92 -7.28 2.28
N LEU A 17 -7.48 -6.64 1.18
CA LEU A 17 -6.15 -6.85 0.58
C LEU A 17 -5.06 -6.47 1.57
N SER A 18 -5.13 -5.26 2.15
CA SER A 18 -4.12 -4.73 3.09
C SER A 18 -4.04 -5.57 4.37
N GLN A 19 -5.20 -6.09 4.83
CA GLN A 19 -5.29 -6.97 6.02
C GLN A 19 -4.52 -8.28 5.76
N SER A 20 -4.85 -8.91 4.62
CA SER A 20 -4.17 -10.13 4.15
C SER A 20 -2.66 -9.89 4.05
N LEU A 21 -2.29 -8.84 3.27
CA LEU A 21 -0.91 -8.44 2.97
C LEU A 21 -0.13 -8.09 4.24
N LEU A 22 -0.83 -7.53 5.24
CA LEU A 22 -0.21 -7.21 6.54
C LEU A 22 0.23 -8.50 7.22
N GLU A 23 -0.73 -9.43 7.37
CA GLU A 23 -0.48 -10.76 7.96
C GLU A 23 0.63 -11.51 7.20
N LEU A 24 0.65 -11.33 5.86
CA LEU A 24 1.65 -11.96 4.97
C LEU A 24 3.06 -11.42 5.27
N ALA A 25 3.19 -10.09 5.42
CA ALA A 25 4.48 -9.44 5.72
C ALA A 25 4.99 -9.80 7.13
N GLN A 26 4.03 -9.95 8.06
CA GLN A 26 4.28 -10.41 9.44
C GLN A 26 4.69 -11.91 9.47
N ARG A 27 4.21 -12.68 8.47
CA ARG A 27 4.48 -14.15 8.35
C ARG A 27 5.51 -14.46 7.24
N GLY A 28 6.15 -13.40 6.69
CA GLY A 28 7.26 -13.54 5.74
C GLY A 28 6.88 -14.07 4.35
N GLU A 29 5.60 -13.96 3.99
CA GLU A 29 5.07 -14.31 2.65
C GLU A 29 5.33 -13.15 1.65
N TRP A 30 6.62 -12.93 1.34
CA TRP A 30 7.06 -11.82 0.46
C TRP A 30 6.59 -12.06 -0.99
N ASP A 31 6.49 -13.35 -1.35
CA ASP A 31 6.00 -13.79 -2.67
C ASP A 31 4.53 -13.37 -2.87
N LEU A 32 3.70 -13.64 -1.84
CA LEU A 32 2.25 -13.31 -1.85
C LEU A 32 2.03 -11.79 -1.77
N LEU A 33 3.01 -11.06 -1.19
CA LEU A 33 3.03 -9.59 -1.24
C LEU A 33 3.16 -9.15 -2.70
N LEU A 34 4.21 -9.65 -3.38
CA LEU A 34 4.54 -9.28 -4.78
C LEU A 34 3.47 -9.78 -5.78
N GLN A 35 2.69 -10.81 -5.38
CA GLN A 35 1.57 -11.35 -6.16
C GLN A 35 0.39 -10.35 -6.17
N GLN A 36 -0.09 -10.02 -4.96
CA GLN A 36 -1.29 -9.20 -4.74
C GLN A 36 -0.97 -7.69 -4.72
N GLU A 37 0.33 -7.35 -4.73
CA GLU A 37 0.85 -5.97 -4.79
C GLU A 37 0.17 -5.13 -5.89
N VAL A 38 0.19 -5.66 -7.14
CA VAL A 38 -0.45 -5.02 -8.30
C VAL A 38 -1.95 -4.76 -8.05
N SER A 39 -2.64 -5.76 -7.46
CA SER A 39 -4.08 -5.71 -7.18
C SER A 39 -4.41 -4.59 -6.16
N TYR A 40 -3.54 -4.48 -5.14
CA TYR A 40 -3.70 -3.52 -4.05
C TYR A 40 -3.49 -2.07 -4.52
N LEU A 41 -2.41 -1.84 -5.29
CA LEU A 41 -2.05 -0.50 -5.79
C LEU A 41 -3.04 -0.04 -6.88
N GLN A 42 -3.61 -1.03 -7.59
CA GLN A 42 -4.63 -0.80 -8.63
C GLN A 42 -5.97 -0.37 -7.99
N SER A 43 -6.37 -1.06 -6.89
CA SER A 43 -7.61 -0.75 -6.15
C SER A 43 -7.51 0.64 -5.47
N ILE A 44 -6.31 0.95 -4.95
CA ILE A 44 -5.94 2.29 -4.42
C ILE A 44 -6.14 3.37 -5.50
N GLU A 45 -5.55 3.11 -6.67
CA GLU A 45 -5.56 4.03 -7.82
C GLU A 45 -7.01 4.37 -8.24
N THR A 46 -7.85 3.31 -8.33
CA THR A 46 -9.21 3.43 -8.85
C THR A 46 -10.19 4.00 -7.80
N VAL A 47 -9.89 3.83 -6.47
CA VAL A 47 -10.75 4.42 -5.42
C VAL A 47 -10.49 5.93 -5.30
N MET A 48 -9.21 6.31 -5.49
CA MET A 48 -8.80 7.72 -5.46
C MET A 48 -9.23 8.41 -6.77
N GLU A 49 -9.34 7.61 -7.84
CA GLU A 49 -9.94 8.01 -9.13
C GLU A 49 -11.45 8.30 -8.96
N LYS A 50 -12.13 7.51 -8.10
CA LYS A 50 -13.58 7.61 -7.88
C LYS A 50 -13.81 8.08 -6.43
N GLN A 51 -13.51 9.36 -6.19
CA GLN A 51 -13.69 10.01 -4.89
C GLN A 51 -15.09 10.66 -4.85
N THR A 52 -15.87 10.39 -3.78
CA THR A 52 -17.16 11.05 -3.56
C THR A 52 -16.96 12.35 -2.74
N PRO A 53 -17.71 13.46 -3.04
CA PRO A 53 -17.70 14.70 -2.20
C PRO A 53 -18.10 14.45 -0.71
N PRO A 54 -17.83 15.46 0.22
CA PRO A 54 -18.22 15.40 1.66
C PRO A 54 -19.68 14.96 1.91
N GLY A 55 -20.64 15.54 1.15
CA GLY A 55 -22.07 15.20 1.28
C GLY A 55 -22.37 13.74 0.94
N ILE A 56 -22.13 12.85 1.92
CA ILE A 56 -22.25 11.40 1.77
C ILE A 56 -23.14 10.85 2.91
N THR A 57 -23.85 9.75 2.63
CA THR A 57 -24.81 9.12 3.56
C THR A 57 -24.09 8.37 4.72
N ARG A 58 -24.84 8.15 5.82
CA ARG A 58 -24.34 7.54 7.07
C ARG A 58 -23.71 6.16 6.86
N SER A 59 -24.44 5.25 6.19
CA SER A 59 -24.03 3.84 6.03
C SER A 59 -22.73 3.72 5.21
N ILE A 60 -22.68 4.45 4.07
CA ILE A 60 -21.51 4.48 3.17
C ILE A 60 -20.29 5.02 3.95
N GLN A 61 -20.46 6.23 4.51
CA GLN A 61 -19.37 6.95 5.22
C GLN A 61 -18.82 6.10 6.38
N ASP A 62 -19.73 5.43 7.12
CA ASP A 62 -19.38 4.64 8.32
C ASP A 62 -18.54 3.41 7.94
N MET A 63 -19.07 2.60 6.99
CA MET A 63 -18.41 1.36 6.52
C MET A 63 -17.07 1.68 5.85
N VAL A 64 -17.08 2.72 5.00
CA VAL A 64 -15.88 3.22 4.30
C VAL A 64 -14.83 3.72 5.30
N ALA A 65 -15.28 4.40 6.37
CA ALA A 65 -14.39 4.88 7.45
C ALA A 65 -13.76 3.69 8.20
N GLY A 66 -14.54 2.60 8.31
CA GLY A 66 -14.04 1.34 8.85
C GLY A 66 -12.94 0.76 7.97
N TYR A 67 -13.20 0.74 6.64
CA TYR A 67 -12.24 0.24 5.63
C TYR A 67 -10.97 1.11 5.59
N ILE A 68 -11.15 2.42 5.85
CA ILE A 68 -10.09 3.43 5.88
C ILE A 68 -9.15 3.20 7.08
N LYS A 69 -9.74 2.98 8.27
CA LYS A 69 -8.99 2.69 9.51
C LYS A 69 -8.18 1.39 9.33
N GLN A 70 -8.85 0.35 8.79
CA GLN A 70 -8.25 -0.96 8.51
C GLN A 70 -7.04 -0.80 7.60
N THR A 71 -7.27 -0.24 6.40
CA THR A 71 -6.27 -0.24 5.33
C THR A 71 -5.09 0.67 5.67
N LEU A 72 -5.35 1.84 6.29
CA LEU A 72 -4.30 2.78 6.68
C LEU A 72 -3.40 2.21 7.77
N ASP A 73 -3.99 1.52 8.78
CA ASP A 73 -3.19 0.93 9.88
C ASP A 73 -2.40 -0.31 9.41
N ASN A 74 -3.06 -1.14 8.57
CA ASN A 74 -2.44 -2.32 7.92
C ASN A 74 -1.23 -1.89 7.07
N GLU A 75 -1.46 -0.85 6.24
CA GLU A 75 -0.48 -0.27 5.33
C GLU A 75 0.64 0.44 6.10
N GLN A 76 0.29 1.03 7.26
CA GLN A 76 1.26 1.71 8.14
C GLN A 76 2.29 0.72 8.67
N LEU A 77 1.79 -0.43 9.16
CA LEU A 77 2.63 -1.53 9.65
C LEU A 77 3.42 -2.18 8.50
N LEU A 78 2.77 -2.31 7.31
CA LEU A 78 3.42 -2.76 6.05
C LEU A 78 4.58 -1.82 5.67
N LYS A 79 4.33 -0.51 5.79
CA LYS A 79 5.23 0.55 5.34
C LYS A 79 6.52 0.49 6.19
N GLY A 80 6.34 0.51 7.53
CA GLY A 80 7.45 0.47 8.48
C GLY A 80 8.25 -0.83 8.42
N LEU A 81 7.54 -1.97 8.37
CA LEU A 81 8.14 -3.33 8.33
C LEU A 81 9.01 -3.48 7.07
N LEU A 82 8.37 -3.26 5.90
CA LEU A 82 9.01 -3.41 4.58
C LEU A 82 10.09 -2.35 4.34
N GLN A 83 9.98 -1.19 5.03
CA GLN A 83 11.01 -0.15 4.99
C GLN A 83 12.30 -0.63 5.67
N GLN A 84 12.15 -1.08 6.93
CA GLN A 84 13.26 -1.66 7.73
C GLN A 84 13.79 -2.95 7.10
N ARG A 85 12.93 -3.65 6.35
CA ARG A 85 13.26 -4.95 5.73
C ARG A 85 14.17 -4.71 4.51
N LEU A 86 13.75 -3.77 3.63
CA LEU A 86 14.55 -3.35 2.45
C LEU A 86 15.84 -2.61 2.88
N ASP A 87 15.79 -1.98 4.08
CA ASP A 87 16.95 -1.34 4.72
C ASP A 87 18.04 -2.39 5.01
N GLU A 88 17.63 -3.45 5.75
CA GLU A 88 18.50 -4.59 6.10
C GLU A 88 19.11 -5.20 4.83
N LEU A 89 18.24 -5.44 3.83
CA LEU A 89 18.63 -5.99 2.51
C LEU A 89 19.70 -5.12 1.83
N SER A 90 19.53 -3.78 1.87
CA SER A 90 20.51 -2.82 1.30
C SER A 90 21.88 -2.95 1.99
N SER A 91 21.85 -3.16 3.33
CA SER A 91 23.06 -3.41 4.14
C SER A 91 23.75 -4.73 3.75
N LEU A 92 22.94 -5.77 3.43
CA LEU A 92 23.45 -7.12 3.06
C LEU A 92 24.10 -7.09 1.67
N ILE A 93 23.36 -6.53 0.69
CA ILE A 93 23.75 -6.47 -0.73
C ILE A 93 25.02 -5.61 -0.90
N GLY A 94 25.01 -4.44 -0.25
CA GLY A 94 26.13 -3.50 -0.34
C GLY A 94 25.69 -2.12 0.04
N GLN A 95 25.97 -1.72 1.28
CA GLN A 95 25.59 -0.41 1.83
C GLN A 95 26.54 0.70 1.32
N VAL A 96 26.34 1.11 0.05
CA VAL A 96 26.89 2.36 -0.49
C VAL A 96 26.18 3.54 0.22
N LEU A 97 24.87 3.33 0.43
CA LEU A 97 24.03 4.11 1.32
C LEU A 97 23.30 3.11 2.23
N PHE A 98 23.56 3.22 3.55
CA PHE A 98 22.87 2.45 4.60
C PHE A 98 21.34 2.58 4.47
N GLN A 99 20.90 3.80 4.12
CA GLN A 99 19.50 4.13 3.84
C GLN A 99 19.45 5.42 3.01
N GLY A 100 18.48 5.50 2.10
CA GLY A 100 18.28 6.66 1.24
C GLY A 100 17.13 6.44 0.24
N PRO A 101 16.51 7.53 -0.31
CA PRO A 101 15.39 7.41 -1.29
C PRO A 101 15.88 6.87 -2.65
N SER A 102 15.87 5.54 -2.78
CA SER A 102 16.39 4.82 -3.96
C SER A 102 15.38 3.76 -4.42
N ALA A 103 15.31 3.58 -5.75
CA ALA A 103 14.48 2.55 -6.40
C ALA A 103 15.07 1.12 -6.21
N GLY A 104 16.36 1.07 -5.86
CA GLY A 104 17.09 -0.17 -5.66
C GLY A 104 18.56 0.02 -5.99
N LEU A 105 19.45 -0.22 -5.00
CA LEU A 105 20.91 -0.09 -5.16
C LEU A 105 21.45 -1.09 -6.21
N VAL A 106 20.79 -2.24 -6.28
CA VAL A 106 21.10 -3.35 -7.20
C VAL A 106 21.08 -2.91 -8.70
N PRO A 107 21.95 -3.52 -9.57
CA PRO A 107 21.87 -3.33 -11.04
C PRO A 107 20.61 -4.00 -11.61
N ARG A 108 19.82 -3.22 -12.35
CA ARG A 108 18.59 -3.68 -12.97
C ARG A 108 18.82 -3.92 -14.47
N GLY A 109 18.45 -5.11 -14.96
CA GLY A 109 18.52 -5.45 -16.38
C GLY A 109 18.40 -6.94 -16.66
N SER A 110 17.79 -7.69 -15.71
CA SER A 110 17.63 -9.14 -15.80
C SER A 110 16.21 -9.54 -15.32
N GLY A 111 15.98 -9.46 -13.99
CA GLY A 111 14.70 -9.78 -13.37
C GLY A 111 14.83 -10.74 -12.19
N GLY A 112 15.83 -10.49 -11.33
CA GLY A 112 16.10 -11.29 -10.14
C GLY A 112 15.71 -10.58 -8.84
N ILE A 113 16.71 -10.27 -7.99
CA ILE A 113 16.51 -9.59 -6.68
C ILE A 113 16.10 -8.11 -6.90
N GLU A 114 16.54 -7.59 -8.06
CA GLU A 114 16.09 -6.29 -8.61
C GLU A 114 14.56 -6.25 -8.74
N GLY A 115 13.95 -7.41 -9.06
CA GLY A 115 12.52 -7.56 -9.16
C GLY A 115 11.82 -7.22 -7.85
N MET A 116 12.27 -7.88 -6.77
CA MET A 116 11.74 -7.66 -5.42
C MET A 116 11.91 -6.19 -4.97
N THR A 117 13.11 -5.64 -5.17
CA THR A 117 13.44 -4.28 -4.72
C THR A 117 12.62 -3.21 -5.47
N THR A 118 12.50 -3.35 -6.81
CA THR A 118 11.77 -2.36 -7.63
C THR A 118 10.26 -2.41 -7.36
N ARG A 119 9.72 -3.63 -7.24
CA ARG A 119 8.29 -3.85 -6.93
C ARG A 119 7.93 -3.22 -5.57
N LEU A 120 8.75 -3.51 -4.55
CA LEU A 120 8.51 -3.07 -3.17
C LEU A 120 8.79 -1.57 -2.97
N THR A 121 9.71 -0.97 -3.75
CA THR A 121 9.98 0.48 -3.68
C THR A 121 8.85 1.27 -4.38
N ARG A 122 8.34 0.75 -5.52
CA ARG A 122 7.13 1.29 -6.20
C ARG A 122 5.89 1.13 -5.29
N TRP A 123 5.86 -0.01 -4.59
CA TRP A 123 4.82 -0.35 -3.62
C TRP A 123 4.82 0.66 -2.47
N LEU A 124 6.00 0.95 -1.87
CA LEU A 124 6.12 1.82 -0.67
C LEU A 124 5.83 3.28 -1.09
N THR A 125 6.25 3.62 -2.31
CA THR A 125 5.96 4.90 -2.97
C THR A 125 4.43 5.12 -3.07
N ALA A 126 3.72 4.07 -3.53
CA ALA A 126 2.26 4.11 -3.71
C ALA A 126 1.53 4.06 -2.35
N LEU A 127 2.16 3.43 -1.33
CA LEU A 127 1.62 3.39 0.05
C LEU A 127 1.61 4.80 0.64
N ASP A 128 2.79 5.42 0.58
CA ASP A 128 3.04 6.74 1.17
C ASP A 128 2.19 7.82 0.47
N ASN A 129 2.04 7.68 -0.87
CA ASN A 129 1.23 8.59 -1.70
C ASN A 129 -0.26 8.46 -1.36
N PHE A 130 -0.73 7.19 -1.21
CA PHE A 130 -2.11 6.88 -0.85
C PHE A 130 -2.44 7.47 0.52
N GLU A 131 -1.69 7.03 1.55
CA GLU A 131 -1.82 7.49 2.95
C GLU A 131 -1.89 9.02 3.06
N ALA A 132 -0.93 9.71 2.40
CA ALA A 132 -0.85 11.17 2.40
C ALA A 132 -2.11 11.83 1.81
N LYS A 133 -2.38 11.50 0.53
CA LYS A 133 -3.48 12.09 -0.27
C LYS A 133 -4.86 11.78 0.33
N MET A 134 -5.00 10.56 0.86
CA MET A 134 -6.28 10.08 1.38
C MET A 134 -6.52 10.61 2.81
N ALA A 135 -5.44 10.99 3.51
CA ALA A 135 -5.53 11.78 4.76
C ALA A 135 -5.99 13.20 4.42
N LEU A 136 -5.50 13.72 3.27
CA LEU A 136 -5.88 15.05 2.76
C LEU A 136 -7.37 15.10 2.31
N LEU A 137 -7.95 13.93 1.94
CA LEU A 137 -9.42 13.80 1.68
C LEU A 137 -10.25 14.37 2.87
N PRO A 138 -11.07 15.46 2.65
CA PRO A 138 -12.05 15.96 3.63
C PRO A 138 -13.48 15.45 3.34
N ALA A 139 -13.58 14.27 2.71
CA ALA A 139 -14.84 13.71 2.20
C ALA A 139 -15.51 12.80 3.26
N VAL A 140 -14.83 11.70 3.59
CA VAL A 140 -15.32 10.67 4.52
C VAL A 140 -14.96 11.09 5.97
N MET A 1 -27.55 3.47 -7.22
CA MET A 1 -26.90 2.42 -6.39
C MET A 1 -25.46 2.14 -6.87
N THR A 2 -25.16 2.51 -8.15
CA THR A 2 -23.88 2.16 -8.79
C THR A 2 -22.66 2.78 -8.08
N SER A 3 -22.70 4.10 -7.80
CA SER A 3 -21.60 4.82 -7.14
C SER A 3 -21.37 4.31 -5.70
N THR A 4 -22.47 3.96 -5.01
CA THR A 4 -22.46 3.43 -3.65
C THR A 4 -21.74 2.07 -3.58
N VAL A 5 -22.20 1.10 -4.41
CA VAL A 5 -21.60 -0.24 -4.50
C VAL A 5 -20.12 -0.13 -4.88
N GLU A 6 -19.83 0.66 -5.93
CA GLU A 6 -18.48 0.89 -6.45
C GLU A 6 -17.50 1.36 -5.35
N PHE A 7 -17.93 2.39 -4.60
CA PHE A 7 -17.10 3.06 -3.58
C PHE A 7 -16.85 2.12 -2.38
N ILE A 8 -17.95 1.60 -1.78
CA ILE A 8 -17.90 0.71 -0.59
C ILE A 8 -17.13 -0.58 -0.90
N ASN A 9 -17.37 -1.17 -2.09
CA ASN A 9 -16.80 -2.47 -2.48
C ASN A 9 -15.31 -2.34 -2.82
N ARG A 10 -14.89 -1.20 -3.41
CA ARG A 10 -13.45 -0.94 -3.64
C ARG A 10 -12.74 -0.76 -2.30
N TRP A 11 -13.32 0.05 -1.38
CA TRP A 11 -12.75 0.23 -0.04
C TRP A 11 -12.74 -1.07 0.77
N GLN A 12 -13.76 -1.93 0.56
CA GLN A 12 -13.85 -3.26 1.19
C GLN A 12 -12.73 -4.15 0.66
N ARG A 13 -12.48 -4.03 -0.66
CA ARG A 13 -11.44 -4.78 -1.35
C ARG A 13 -10.04 -4.35 -0.86
N ILE A 14 -9.85 -3.03 -0.68
CA ILE A 14 -8.58 -2.44 -0.21
C ILE A 14 -8.34 -2.80 1.27
N ALA A 15 -9.44 -2.90 2.04
CA ALA A 15 -9.41 -3.30 3.45
C ALA A 15 -8.93 -4.76 3.58
N LEU A 16 -9.59 -5.65 2.81
CA LEU A 16 -9.26 -7.09 2.77
C LEU A 16 -7.83 -7.31 2.27
N LEU A 17 -7.45 -6.58 1.20
CA LEU A 17 -6.10 -6.66 0.61
C LEU A 17 -5.04 -6.24 1.64
N SER A 18 -5.23 -5.06 2.29
CA SER A 18 -4.22 -4.48 3.22
C SER A 18 -4.00 -5.37 4.45
N GLN A 19 -5.10 -5.90 5.03
CA GLN A 19 -5.03 -6.75 6.23
C GLN A 19 -4.41 -8.12 5.91
N SER A 20 -4.78 -8.68 4.73
CA SER A 20 -4.20 -9.93 4.22
C SER A 20 -2.70 -9.75 3.93
N LEU A 21 -2.35 -8.57 3.35
CA LEU A 21 -0.95 -8.22 3.03
C LEU A 21 -0.13 -8.06 4.30
N LEU A 22 -0.76 -7.56 5.39
CA LEU A 22 -0.08 -7.45 6.69
C LEU A 22 0.20 -8.85 7.24
N GLU A 23 -0.77 -9.78 7.06
CA GLU A 23 -0.56 -11.21 7.43
C GLU A 23 0.64 -11.79 6.64
N LEU A 24 0.67 -11.49 5.33
CA LEU A 24 1.72 -11.98 4.40
C LEU A 24 3.11 -11.44 4.78
N ALA A 25 3.17 -10.17 5.16
CA ALA A 25 4.43 -9.49 5.52
C ALA A 25 5.00 -10.01 6.85
N GLN A 26 4.10 -10.11 7.85
CA GLN A 26 4.46 -10.57 9.21
C GLN A 26 4.87 -12.06 9.20
N ARG A 27 4.25 -12.85 8.30
CA ARG A 27 4.47 -14.30 8.19
C ARG A 27 5.64 -14.59 7.23
N GLY A 28 5.92 -13.61 6.32
CA GLY A 28 7.08 -13.64 5.43
C GLY A 28 6.80 -14.07 3.98
N GLU A 29 5.52 -14.07 3.54
CA GLU A 29 5.16 -14.29 2.11
C GLU A 29 5.43 -12.99 1.30
N TRP A 30 6.69 -12.81 0.88
CA TRP A 30 7.12 -11.65 0.07
C TRP A 30 6.58 -11.79 -1.38
N ASP A 31 6.45 -13.05 -1.84
CA ASP A 31 5.91 -13.39 -3.18
C ASP A 31 4.44 -12.95 -3.30
N LEU A 32 3.65 -13.22 -2.24
CA LEU A 32 2.22 -12.88 -2.20
C LEU A 32 2.03 -11.37 -1.92
N LEU A 33 3.05 -10.70 -1.33
CA LEU A 33 3.09 -9.23 -1.26
C LEU A 33 3.18 -8.67 -2.68
N LEU A 34 4.10 -9.22 -3.50
CA LEU A 34 4.29 -8.82 -4.91
C LEU A 34 3.08 -9.23 -5.79
N GLN A 35 2.40 -10.33 -5.43
CA GLN A 35 1.22 -10.83 -6.18
C GLN A 35 0.04 -9.87 -6.01
N GLN A 36 -0.28 -9.55 -4.75
CA GLN A 36 -1.40 -8.63 -4.42
C GLN A 36 -0.96 -7.15 -4.56
N GLU A 37 0.37 -6.88 -4.70
CA GLU A 37 0.94 -5.52 -4.91
C GLU A 37 0.19 -4.75 -6.01
N VAL A 38 0.14 -5.36 -7.21
CA VAL A 38 -0.50 -4.78 -8.40
C VAL A 38 -2.02 -4.53 -8.17
N SER A 39 -2.67 -5.47 -7.45
CA SER A 39 -4.11 -5.43 -7.17
C SER A 39 -4.46 -4.31 -6.15
N TYR A 40 -3.58 -4.15 -5.14
CA TYR A 40 -3.78 -3.21 -4.03
C TYR A 40 -3.56 -1.78 -4.50
N LEU A 41 -2.48 -1.57 -5.25
CA LEU A 41 -2.15 -0.26 -5.81
C LEU A 41 -3.19 0.15 -6.87
N GLN A 42 -3.65 -0.83 -7.70
CA GLN A 42 -4.72 -0.58 -8.71
C GLN A 42 -6.03 -0.13 -8.04
N SER A 43 -6.44 -0.85 -6.96
CA SER A 43 -7.68 -0.55 -6.23
C SER A 43 -7.61 0.86 -5.57
N ILE A 44 -6.40 1.21 -5.08
CA ILE A 44 -6.07 2.55 -4.58
C ILE A 44 -6.28 3.62 -5.69
N GLU A 45 -5.77 3.36 -6.91
CA GLU A 45 -5.83 4.32 -8.02
C GLU A 45 -7.29 4.59 -8.43
N THR A 46 -8.08 3.51 -8.63
CA THR A 46 -9.48 3.64 -9.09
C THR A 46 -10.36 4.33 -8.04
N VAL A 47 -10.16 4.03 -6.72
CA VAL A 47 -11.01 4.63 -5.66
C VAL A 47 -10.65 6.11 -5.42
N MET A 48 -9.36 6.45 -5.60
CA MET A 48 -8.85 7.84 -5.42
C MET A 48 -9.16 8.68 -6.68
N GLU A 49 -9.39 8.01 -7.81
CA GLU A 49 -9.85 8.67 -9.06
C GLU A 49 -11.35 8.93 -9.00
N LYS A 50 -12.10 7.99 -8.41
CA LYS A 50 -13.57 8.06 -8.35
C LYS A 50 -14.02 7.99 -6.89
N GLN A 51 -14.01 9.14 -6.24
CA GLN A 51 -14.44 9.30 -4.84
C GLN A 51 -15.86 9.88 -4.82
N THR A 52 -16.57 9.70 -3.69
CA THR A 52 -17.86 10.38 -3.45
C THR A 52 -17.57 11.80 -2.90
N PRO A 53 -18.49 12.80 -3.11
CA PRO A 53 -18.36 14.14 -2.48
C PRO A 53 -18.42 14.12 -0.94
N PRO A 54 -17.90 15.20 -0.25
CA PRO A 54 -18.07 15.40 1.23
C PRO A 54 -19.47 15.10 1.74
N GLY A 55 -20.49 15.61 1.03
CA GLY A 55 -21.89 15.31 1.32
C GLY A 55 -22.24 13.84 1.03
N ILE A 56 -21.82 12.96 1.95
CA ILE A 56 -22.01 11.50 1.87
C ILE A 56 -22.75 11.04 3.15
N THR A 57 -23.67 10.07 3.01
CA THR A 57 -24.50 9.58 4.15
C THR A 57 -23.64 8.85 5.21
N ARG A 58 -24.09 8.88 6.48
CA ARG A 58 -23.33 8.32 7.62
C ARG A 58 -23.14 6.79 7.49
N SER A 59 -24.04 6.12 6.74
CA SER A 59 -23.95 4.66 6.51
C SER A 59 -22.68 4.34 5.70
N ILE A 60 -22.58 4.91 4.49
CA ILE A 60 -21.44 4.72 3.58
C ILE A 60 -20.17 5.25 4.24
N GLN A 61 -20.25 6.49 4.78
CA GLN A 61 -19.12 7.17 5.44
C GLN A 61 -18.52 6.34 6.58
N ASP A 62 -19.38 5.72 7.42
CA ASP A 62 -18.93 4.90 8.58
C ASP A 62 -18.30 3.58 8.12
N MET A 63 -18.97 2.86 7.19
CA MET A 63 -18.47 1.57 6.67
C MET A 63 -17.12 1.75 5.98
N VAL A 64 -17.07 2.77 5.10
CA VAL A 64 -15.86 3.19 4.39
C VAL A 64 -14.78 3.70 5.36
N ALA A 65 -15.17 4.39 6.45
CA ALA A 65 -14.22 4.89 7.47
C ALA A 65 -13.61 3.73 8.27
N GLY A 66 -14.35 2.62 8.37
CA GLY A 66 -13.84 1.37 8.93
C GLY A 66 -12.83 0.73 7.99
N TYR A 67 -13.17 0.72 6.68
CA TYR A 67 -12.27 0.22 5.61
C TYR A 67 -11.04 1.12 5.43
N ILE A 68 -11.21 2.41 5.78
CA ILE A 68 -10.15 3.45 5.72
C ILE A 68 -9.19 3.27 6.89
N LYS A 69 -9.75 2.91 8.07
CA LYS A 69 -8.96 2.54 9.24
C LYS A 69 -8.12 1.30 8.91
N GLN A 70 -8.78 0.30 8.29
CA GLN A 70 -8.13 -0.97 7.92
C GLN A 70 -6.95 -0.73 6.98
N THR A 71 -7.20 -0.03 5.85
CA THR A 71 -6.17 0.20 4.84
C THR A 71 -4.98 1.01 5.42
N LEU A 72 -5.27 2.12 6.13
CA LEU A 72 -4.21 3.01 6.66
C LEU A 72 -3.37 2.34 7.79
N ASP A 73 -4.04 1.56 8.67
CA ASP A 73 -3.39 0.95 9.86
C ASP A 73 -2.50 -0.22 9.42
N ASN A 74 -3.10 -1.15 8.65
CA ASN A 74 -2.42 -2.34 8.15
C ASN A 74 -1.29 -1.96 7.16
N GLU A 75 -1.49 -0.87 6.38
CA GLU A 75 -0.47 -0.34 5.44
C GLU A 75 0.64 0.42 6.20
N GLN A 76 0.30 1.06 7.33
CA GLN A 76 1.29 1.75 8.19
C GLN A 76 2.26 0.71 8.79
N LEU A 77 1.70 -0.43 9.18
CA LEU A 77 2.47 -1.57 9.70
C LEU A 77 3.27 -2.27 8.58
N LEU A 78 2.66 -2.35 7.36
CA LEU A 78 3.37 -2.78 6.13
C LEU A 78 4.55 -1.85 5.84
N LYS A 79 4.31 -0.54 6.03
CA LYS A 79 5.26 0.52 5.72
C LYS A 79 6.51 0.38 6.60
N GLY A 80 6.26 0.23 7.91
CA GLY A 80 7.31 0.07 8.90
C GLY A 80 8.14 -1.19 8.68
N LEU A 81 7.44 -2.35 8.61
CA LEU A 81 8.07 -3.67 8.43
C LEU A 81 8.94 -3.68 7.16
N LEU A 82 8.32 -3.38 6.02
CA LEU A 82 8.95 -3.47 4.70
C LEU A 82 10.11 -2.47 4.53
N GLN A 83 10.00 -1.29 5.16
CA GLN A 83 11.11 -0.32 5.18
C GLN A 83 12.33 -0.93 5.92
N GLN A 84 12.08 -1.48 7.12
CA GLN A 84 13.15 -2.08 7.97
C GLN A 84 13.76 -3.33 7.31
N ARG A 85 12.93 -4.12 6.61
CA ARG A 85 13.36 -5.37 5.97
C ARG A 85 14.23 -5.08 4.76
N LEU A 86 13.78 -4.15 3.88
CA LEU A 86 14.56 -3.71 2.68
C LEU A 86 15.87 -3.02 3.10
N ASP A 87 15.83 -2.34 4.27
CA ASP A 87 17.01 -1.71 4.90
C ASP A 87 18.08 -2.78 5.18
N GLU A 88 17.65 -3.83 5.91
CA GLU A 88 18.50 -4.98 6.25
C GLU A 88 19.04 -5.66 4.98
N LEU A 89 18.11 -5.94 4.03
CA LEU A 89 18.42 -6.67 2.77
C LEU A 89 19.50 -5.96 1.96
N SER A 90 19.40 -4.63 1.82
CA SER A 90 20.39 -3.80 1.11
C SER A 90 21.74 -3.80 1.86
N SER A 91 21.69 -3.84 3.20
CA SER A 91 22.89 -3.98 4.05
C SER A 91 23.52 -5.40 3.90
N LEU A 92 22.68 -6.44 3.65
CA LEU A 92 23.15 -7.83 3.48
C LEU A 92 23.85 -8.00 2.11
N ILE A 93 23.31 -7.30 1.11
CA ILE A 93 23.83 -7.30 -0.28
C ILE A 93 25.11 -6.45 -0.35
N GLY A 94 25.19 -5.41 0.49
CA GLY A 94 26.39 -4.59 0.61
C GLY A 94 26.22 -3.45 1.58
N GLN A 95 25.58 -2.37 1.11
CA GLN A 95 25.36 -1.14 1.88
C GLN A 95 23.91 -0.66 1.67
N VAL A 96 23.21 -0.45 2.79
CA VAL A 96 21.94 0.28 2.78
C VAL A 96 22.24 1.79 2.76
N LEU A 97 21.74 2.47 1.74
CA LEU A 97 21.86 3.92 1.61
C LEU A 97 20.73 4.62 2.40
N PHE A 98 21.00 5.86 2.86
CA PHE A 98 20.06 6.67 3.65
C PHE A 98 18.68 6.80 2.95
N GLN A 99 17.59 6.50 3.71
CA GLN A 99 16.22 6.40 3.16
C GLN A 99 15.75 7.70 2.49
N GLY A 100 14.95 7.53 1.43
CA GLY A 100 14.40 8.64 0.66
C GLY A 100 14.16 8.25 -0.79
N PRO A 101 13.70 9.20 -1.65
CA PRO A 101 13.55 8.96 -3.12
C PRO A 101 14.92 8.70 -3.81
N SER A 102 15.99 9.27 -3.22
CA SER A 102 17.37 9.17 -3.74
C SER A 102 18.11 7.92 -3.20
N ALA A 103 17.44 7.13 -2.33
CA ALA A 103 18.01 5.91 -1.74
C ALA A 103 18.15 4.82 -2.84
N GLY A 104 19.38 4.68 -3.38
CA GLY A 104 19.70 3.67 -4.38
C GLY A 104 19.95 2.29 -3.75
N LEU A 105 18.87 1.69 -3.22
CA LEU A 105 18.89 0.35 -2.63
C LEU A 105 18.94 -0.68 -3.78
N VAL A 106 20.15 -1.23 -4.02
CA VAL A 106 20.49 -2.06 -5.19
C VAL A 106 20.48 -1.17 -6.47
N PRO A 107 21.69 -0.76 -7.00
CA PRO A 107 21.80 0.17 -8.17
C PRO A 107 21.57 -0.52 -9.53
N ARG A 108 20.66 -1.52 -9.56
CA ARG A 108 20.29 -2.29 -10.76
C ARG A 108 21.49 -3.10 -11.29
N GLY A 109 21.66 -4.31 -10.73
CA GLY A 109 22.77 -5.20 -11.09
C GLY A 109 22.72 -6.53 -10.34
N SER A 110 21.48 -7.01 -10.07
CA SER A 110 21.22 -8.26 -9.34
C SER A 110 19.80 -8.78 -9.70
N GLY A 111 19.73 -9.88 -10.50
CA GLY A 111 18.45 -10.46 -10.94
C GLY A 111 17.69 -11.16 -9.81
N GLY A 112 16.35 -11.04 -9.83
CA GLY A 112 15.48 -11.57 -8.75
C GLY A 112 15.32 -10.54 -7.64
N ILE A 113 16.49 -10.10 -7.10
CA ILE A 113 16.60 -8.97 -6.18
C ILE A 113 16.09 -7.68 -6.87
N GLU A 114 16.26 -7.62 -8.20
CA GLU A 114 15.82 -6.51 -9.06
C GLU A 114 14.33 -6.20 -8.84
N GLY A 115 13.47 -7.21 -9.11
CA GLY A 115 12.03 -7.08 -8.93
C GLY A 115 11.66 -6.80 -7.48
N MET A 116 12.35 -7.48 -6.54
CA MET A 116 12.10 -7.35 -5.10
C MET A 116 12.23 -5.88 -4.64
N THR A 117 13.46 -5.34 -4.72
CA THR A 117 13.78 -4.01 -4.20
C THR A 117 13.11 -2.90 -5.01
N THR A 118 13.18 -2.97 -6.35
CA THR A 118 12.64 -1.90 -7.22
C THR A 118 11.10 -1.78 -7.07
N ARG A 119 10.38 -2.92 -7.15
CA ARG A 119 8.90 -2.92 -7.05
C ARG A 119 8.47 -2.55 -5.63
N LEU A 120 9.19 -3.03 -4.59
CA LEU A 120 8.81 -2.75 -3.18
C LEU A 120 9.12 -1.29 -2.77
N THR A 121 10.18 -0.66 -3.32
CA THR A 121 10.48 0.77 -3.04
C THR A 121 9.46 1.67 -3.75
N ARG A 122 9.11 1.30 -4.99
CA ARG A 122 8.04 1.94 -5.78
C ARG A 122 6.67 1.74 -5.10
N TRP A 123 6.51 0.56 -4.49
CA TRP A 123 5.31 0.19 -3.72
C TRP A 123 5.20 1.06 -2.48
N LEU A 124 6.34 1.25 -1.76
CA LEU A 124 6.37 2.03 -0.51
C LEU A 124 6.08 3.53 -0.80
N THR A 125 6.59 4.07 -1.93
CA THR A 125 6.31 5.48 -2.30
C THR A 125 4.86 5.62 -2.85
N ALA A 126 4.29 4.52 -3.36
CA ALA A 126 2.86 4.46 -3.76
C ALA A 126 1.96 4.30 -2.52
N LEU A 127 2.49 3.68 -1.45
CA LEU A 127 1.81 3.59 -0.14
C LEU A 127 1.81 4.96 0.51
N ASP A 128 2.95 5.66 0.37
CA ASP A 128 3.17 7.00 0.94
C ASP A 128 2.31 8.02 0.21
N ASN A 129 2.14 7.81 -1.11
CA ASN A 129 1.27 8.62 -1.97
C ASN A 129 -0.20 8.43 -1.57
N PHE A 130 -0.61 7.15 -1.39
CA PHE A 130 -1.97 6.80 -0.95
C PHE A 130 -2.28 7.48 0.38
N GLU A 131 -1.43 7.20 1.38
CA GLU A 131 -1.46 7.80 2.72
C GLU A 131 -1.69 9.33 2.67
N ALA A 132 -0.81 10.04 1.92
CA ALA A 132 -0.86 11.50 1.78
C ALA A 132 -2.20 11.99 1.17
N LYS A 133 -2.47 11.52 -0.06
CA LYS A 133 -3.59 12.02 -0.89
C LYS A 133 -4.96 11.60 -0.33
N MET A 134 -5.01 10.45 0.37
CA MET A 134 -6.27 9.95 0.96
C MET A 134 -6.53 10.64 2.32
N ALA A 135 -5.45 11.08 2.98
CA ALA A 135 -5.55 11.97 4.15
C ALA A 135 -5.97 13.39 3.71
N LEU A 136 -5.66 13.74 2.43
CA LEU A 136 -6.12 14.99 1.80
C LEU A 136 -7.61 14.91 1.42
N LEU A 137 -8.12 13.68 1.06
CA LEU A 137 -9.57 13.44 0.76
C LEU A 137 -10.49 14.05 1.88
N PRO A 138 -11.24 15.15 1.57
CA PRO A 138 -12.22 15.75 2.53
C PRO A 138 -13.63 15.16 2.33
N ALA A 139 -13.68 13.97 1.72
CA ALA A 139 -14.89 13.33 1.22
C ALA A 139 -15.54 12.48 2.31
N VAL A 140 -14.77 11.53 2.85
CA VAL A 140 -15.23 10.61 3.89
C VAL A 140 -14.84 11.20 5.26
N MET A 1 -27.12 3.89 -7.61
CA MET A 1 -26.13 3.82 -6.50
C MET A 1 -24.75 3.34 -6.99
N THR A 2 -24.42 3.59 -8.28
CA THR A 2 -23.18 3.05 -8.91
C THR A 2 -21.90 3.55 -8.19
N SER A 3 -21.81 4.88 -7.95
CA SER A 3 -20.66 5.49 -7.24
C SER A 3 -20.53 4.90 -5.82
N THR A 4 -21.70 4.76 -5.16
CA THR A 4 -21.82 4.17 -3.81
C THR A 4 -21.25 2.73 -3.76
N VAL A 5 -21.64 1.90 -4.75
CA VAL A 5 -21.21 0.49 -4.84
C VAL A 5 -19.68 0.41 -5.02
N GLU A 6 -19.18 1.04 -6.09
CA GLU A 6 -17.75 1.01 -6.45
C GLU A 6 -16.85 1.50 -5.28
N PHE A 7 -17.31 2.58 -4.64
CA PHE A 7 -16.60 3.25 -3.54
C PHE A 7 -16.47 2.32 -2.32
N ILE A 8 -17.62 1.89 -1.77
CA ILE A 8 -17.70 1.06 -0.54
C ILE A 8 -17.05 -0.33 -0.75
N ASN A 9 -17.39 -0.97 -1.89
CA ASN A 9 -16.94 -2.34 -2.22
C ASN A 9 -15.41 -2.39 -2.44
N ARG A 10 -14.84 -1.35 -3.09
CA ARG A 10 -13.39 -1.31 -3.35
C ARG A 10 -12.60 -0.74 -2.18
N TRP A 11 -13.24 0.09 -1.31
CA TRP A 11 -12.62 0.47 -0.01
C TRP A 11 -12.48 -0.79 0.86
N GLN A 12 -13.53 -1.62 0.83
CA GLN A 12 -13.56 -2.92 1.50
C GLN A 12 -12.45 -3.81 0.94
N ARG A 13 -12.34 -3.85 -0.41
CA ARG A 13 -11.34 -4.68 -1.11
C ARG A 13 -9.91 -4.30 -0.71
N ILE A 14 -9.67 -2.98 -0.56
CA ILE A 14 -8.36 -2.42 -0.12
C ILE A 14 -8.07 -2.77 1.34
N ALA A 15 -9.11 -2.74 2.19
CA ALA A 15 -9.00 -3.11 3.62
C ALA A 15 -8.64 -4.61 3.77
N LEU A 16 -9.32 -5.44 2.95
CA LEU A 16 -9.12 -6.90 2.90
C LEU A 16 -7.69 -7.22 2.44
N LEU A 17 -7.28 -6.58 1.33
CA LEU A 17 -5.95 -6.73 0.75
C LEU A 17 -4.86 -6.26 1.72
N SER A 18 -5.06 -5.11 2.37
CA SER A 18 -4.03 -4.51 3.25
C SER A 18 -3.77 -5.37 4.49
N GLN A 19 -4.86 -5.89 5.13
CA GLN A 19 -4.71 -6.77 6.32
C GLN A 19 -4.09 -8.13 5.93
N SER A 20 -4.48 -8.65 4.74
CA SER A 20 -3.91 -9.89 4.19
C SER A 20 -2.39 -9.71 3.98
N LEU A 21 -2.03 -8.74 3.13
CA LEU A 21 -0.65 -8.36 2.77
C LEU A 21 0.19 -8.02 4.00
N LEU A 22 -0.47 -7.49 5.05
CA LEU A 22 0.18 -7.17 6.33
C LEU A 22 0.66 -8.45 7.03
N GLU A 23 -0.26 -9.42 7.17
CA GLU A 23 0.05 -10.73 7.78
C GLU A 23 1.16 -11.46 7.00
N LEU A 24 1.08 -11.35 5.65
CA LEU A 24 2.06 -11.96 4.73
C LEU A 24 3.45 -11.34 4.95
N ALA A 25 3.50 -10.00 5.05
CA ALA A 25 4.72 -9.24 5.31
C ALA A 25 5.33 -9.63 6.68
N GLN A 26 4.45 -9.83 7.67
CA GLN A 26 4.82 -10.27 9.02
C GLN A 26 5.33 -11.73 9.03
N ARG A 27 4.90 -12.54 8.04
CA ARG A 27 5.40 -13.92 7.85
C ARG A 27 6.58 -13.98 6.85
N GLY A 28 6.97 -12.82 6.29
CA GLY A 28 8.10 -12.73 5.35
C GLY A 28 7.77 -13.23 3.93
N GLU A 29 6.48 -13.41 3.64
CA GLU A 29 5.97 -13.91 2.34
C GLU A 29 5.94 -12.76 1.31
N TRP A 30 7.14 -12.38 0.78
CA TRP A 30 7.29 -11.19 -0.09
C TRP A 30 6.65 -11.41 -1.47
N ASP A 31 6.69 -12.67 -1.95
CA ASP A 31 6.22 -13.06 -3.30
C ASP A 31 4.73 -12.72 -3.50
N LEU A 32 3.95 -12.96 -2.45
CA LEU A 32 2.51 -12.69 -2.43
C LEU A 32 2.24 -11.18 -2.49
N LEU A 33 3.16 -10.38 -1.90
CA LEU A 33 3.12 -8.90 -2.03
C LEU A 33 3.49 -8.47 -3.46
N LEU A 34 4.47 -9.17 -4.08
CA LEU A 34 4.92 -8.87 -5.47
C LEU A 34 3.78 -9.13 -6.49
N GLN A 35 2.97 -10.16 -6.20
CA GLN A 35 1.81 -10.57 -7.03
C GLN A 35 0.63 -9.60 -6.86
N GLN A 36 0.20 -9.45 -5.60
CA GLN A 36 -1.01 -8.69 -5.21
C GLN A 36 -0.75 -7.16 -5.19
N GLU A 37 0.54 -6.77 -5.36
CA GLU A 37 0.99 -5.36 -5.47
C GLU A 37 0.10 -4.51 -6.39
N VAL A 38 0.09 -4.85 -7.69
CA VAL A 38 -0.62 -4.06 -8.72
C VAL A 38 -2.14 -4.09 -8.51
N SER A 39 -2.65 -5.15 -7.87
CA SER A 39 -4.08 -5.33 -7.59
C SER A 39 -4.53 -4.35 -6.49
N TYR A 40 -3.73 -4.28 -5.41
CA TYR A 40 -3.96 -3.40 -4.26
C TYR A 40 -3.92 -1.93 -4.71
N LEU A 41 -2.86 -1.59 -5.47
CA LEU A 41 -2.60 -0.22 -5.94
C LEU A 41 -3.60 0.19 -7.04
N GLN A 42 -4.13 -0.79 -7.80
CA GLN A 42 -5.17 -0.55 -8.82
C GLN A 42 -6.49 -0.16 -8.15
N SER A 43 -6.87 -0.94 -7.12
CA SER A 43 -8.10 -0.71 -6.34
C SER A 43 -8.02 0.67 -5.64
N ILE A 44 -6.81 1.02 -5.15
CA ILE A 44 -6.46 2.34 -4.58
C ILE A 44 -6.76 3.46 -5.59
N GLU A 45 -6.22 3.28 -6.81
CA GLU A 45 -6.24 4.28 -7.88
C GLU A 45 -7.68 4.58 -8.32
N THR A 46 -8.47 3.51 -8.50
CA THR A 46 -9.83 3.60 -9.02
C THR A 46 -10.84 4.10 -7.95
N VAL A 47 -10.62 3.75 -6.66
CA VAL A 47 -11.52 4.22 -5.56
C VAL A 47 -11.27 5.72 -5.27
N MET A 48 -9.99 6.13 -5.39
CA MET A 48 -9.55 7.53 -5.20
C MET A 48 -10.03 8.37 -6.40
N GLU A 49 -10.11 7.73 -7.57
CA GLU A 49 -10.69 8.34 -8.78
C GLU A 49 -12.22 8.55 -8.63
N LYS A 50 -12.88 7.62 -7.90
CA LYS A 50 -14.33 7.68 -7.60
C LYS A 50 -14.61 8.44 -6.27
N GLN A 51 -13.77 9.46 -5.96
CA GLN A 51 -13.94 10.33 -4.78
C GLN A 51 -15.36 10.96 -4.75
N THR A 52 -16.20 10.44 -3.84
CA THR A 52 -17.60 10.87 -3.67
C THR A 52 -17.68 12.27 -2.99
N PRO A 53 -18.75 13.09 -3.26
CA PRO A 53 -18.91 14.43 -2.65
C PRO A 53 -18.99 14.41 -1.08
N PRO A 54 -18.66 15.57 -0.40
CA PRO A 54 -18.62 15.70 1.09
C PRO A 54 -19.82 15.07 1.82
N GLY A 55 -21.04 15.38 1.34
CA GLY A 55 -22.27 14.92 1.97
C GLY A 55 -22.50 13.41 1.84
N ILE A 56 -21.82 12.65 2.70
CA ILE A 56 -21.90 11.19 2.76
C ILE A 56 -22.78 10.77 3.96
N THR A 57 -23.80 9.95 3.67
CA THR A 57 -24.79 9.47 4.66
C THR A 57 -24.16 8.49 5.68
N ARG A 58 -24.96 8.14 6.71
CA ARG A 58 -24.53 7.35 7.89
C ARG A 58 -23.93 5.97 7.50
N SER A 59 -24.65 5.20 6.66
CA SER A 59 -24.22 3.84 6.26
C SER A 59 -22.87 3.88 5.52
N ILE A 60 -22.80 4.74 4.48
CA ILE A 60 -21.59 4.90 3.65
C ILE A 60 -20.42 5.42 4.50
N GLN A 61 -20.72 6.37 5.42
CA GLN A 61 -19.68 7.01 6.27
C GLN A 61 -19.02 5.96 7.17
N ASP A 62 -19.85 5.20 7.91
CA ASP A 62 -19.38 4.19 8.89
C ASP A 62 -18.58 3.07 8.19
N MET A 63 -19.15 2.53 7.09
CA MET A 63 -18.50 1.43 6.33
C MET A 63 -17.16 1.90 5.73
N VAL A 64 -17.22 2.94 4.86
CA VAL A 64 -16.03 3.49 4.16
C VAL A 64 -14.94 3.92 5.16
N ALA A 65 -15.34 4.61 6.24
CA ALA A 65 -14.38 5.07 7.28
C ALA A 65 -13.75 3.89 8.03
N GLY A 66 -14.53 2.81 8.23
CA GLY A 66 -14.03 1.58 8.84
C GLY A 66 -12.97 0.90 7.98
N TYR A 67 -13.21 0.90 6.66
CA TYR A 67 -12.30 0.30 5.66
C TYR A 67 -11.04 1.17 5.49
N ILE A 68 -11.24 2.50 5.57
CA ILE A 68 -10.16 3.50 5.50
C ILE A 68 -9.24 3.38 6.72
N LYS A 69 -9.85 3.23 7.92
CA LYS A 69 -9.11 3.15 9.19
C LYS A 69 -8.30 1.84 9.21
N GLN A 70 -8.95 0.78 8.71
CA GLN A 70 -8.34 -0.56 8.57
C GLN A 70 -7.10 -0.48 7.67
N THR A 71 -7.30 0.03 6.45
CA THR A 71 -6.26 0.00 5.42
C THR A 71 -5.11 0.97 5.75
N LEU A 72 -5.41 2.11 6.39
CA LEU A 72 -4.36 3.08 6.82
C LEU A 72 -3.50 2.49 7.95
N ASP A 73 -4.15 1.78 8.90
CA ASP A 73 -3.47 1.10 10.01
C ASP A 73 -2.55 0.00 9.46
N ASN A 74 -3.13 -0.88 8.63
CA ASN A 74 -2.47 -2.07 8.10
C ASN A 74 -1.36 -1.71 7.11
N GLU A 75 -1.59 -0.64 6.33
CA GLU A 75 -0.62 -0.19 5.31
C GLU A 75 0.52 0.61 5.95
N GLN A 76 0.23 1.34 7.06
CA GLN A 76 1.27 2.05 7.81
C GLN A 76 2.22 1.03 8.46
N LEU A 77 1.61 -0.06 8.98
CA LEU A 77 2.32 -1.23 9.49
C LEU A 77 3.06 -1.97 8.36
N LEU A 78 2.46 -1.99 7.14
CA LEU A 78 3.08 -2.58 5.93
C LEU A 78 4.37 -1.85 5.58
N LYS A 79 4.27 -0.55 5.21
CA LYS A 79 5.43 0.23 4.75
C LYS A 79 6.46 0.46 5.86
N GLY A 80 6.02 0.47 7.13
CA GLY A 80 6.94 0.52 8.27
C GLY A 80 7.81 -0.74 8.38
N LEU A 81 7.14 -1.90 8.48
CA LEU A 81 7.79 -3.21 8.58
C LEU A 81 8.69 -3.47 7.36
N LEU A 82 8.12 -3.30 6.16
CA LEU A 82 8.78 -3.57 4.88
C LEU A 82 9.97 -2.64 4.64
N GLN A 83 9.88 -1.37 5.09
CA GLN A 83 11.02 -0.45 5.06
C GLN A 83 12.15 -0.99 5.94
N GLN A 84 11.78 -1.45 7.16
CA GLN A 84 12.73 -2.05 8.13
C GLN A 84 13.36 -3.34 7.58
N ARG A 85 12.56 -4.16 6.88
CA ARG A 85 13.01 -5.47 6.36
C ARG A 85 13.95 -5.26 5.17
N LEU A 86 13.54 -4.39 4.24
CA LEU A 86 14.38 -4.01 3.07
C LEU A 86 15.63 -3.23 3.52
N ASP A 87 15.55 -2.56 4.68
CA ASP A 87 16.71 -1.87 5.29
C ASP A 87 17.76 -2.92 5.68
N GLU A 88 17.29 -3.99 6.36
CA GLU A 88 18.12 -5.15 6.74
C GLU A 88 18.72 -5.81 5.49
N LEU A 89 17.82 -6.29 4.59
CA LEU A 89 18.17 -7.02 3.36
C LEU A 89 19.20 -6.26 2.50
N SER A 90 18.94 -4.97 2.24
CA SER A 90 19.83 -4.13 1.41
C SER A 90 21.18 -3.89 2.12
N SER A 91 21.14 -3.71 3.47
CA SER A 91 22.37 -3.58 4.29
C SER A 91 23.24 -4.85 4.18
N LEU A 92 22.59 -6.02 4.02
CA LEU A 92 23.28 -7.32 3.83
C LEU A 92 23.90 -7.40 2.42
N ILE A 93 23.09 -7.08 1.40
CA ILE A 93 23.41 -7.32 -0.03
C ILE A 93 24.42 -6.28 -0.58
N GLY A 94 24.07 -4.98 -0.48
CA GLY A 94 24.89 -3.90 -1.07
C GLY A 94 24.64 -2.53 -0.46
N GLN A 95 24.46 -2.52 0.88
CA GLN A 95 24.23 -1.32 1.73
C GLN A 95 22.89 -0.60 1.44
N VAL A 96 22.19 -0.21 2.52
CA VAL A 96 20.94 0.58 2.45
C VAL A 96 21.26 2.09 2.64
N LEU A 97 20.43 2.96 2.04
CA LEU A 97 20.56 4.41 2.19
C LEU A 97 19.81 4.88 3.46
N PHE A 98 20.45 4.64 4.64
CA PHE A 98 20.00 5.04 6.02
C PHE A 98 18.50 4.80 6.33
N GLN A 99 17.63 5.62 5.71
CA GLN A 99 16.18 5.50 5.79
C GLN A 99 15.60 6.16 4.53
N GLY A 100 15.12 5.34 3.60
CA GLY A 100 14.60 5.81 2.31
C GLY A 100 13.98 4.69 1.49
N PRO A 101 12.69 4.30 1.75
CA PRO A 101 11.97 3.28 0.97
C PRO A 101 11.69 3.75 -0.48
N SER A 102 11.26 5.02 -0.60
CA SER A 102 10.93 5.65 -1.89
C SER A 102 12.19 5.99 -2.70
N ALA A 103 13.37 5.96 -2.02
CA ALA A 103 14.67 6.26 -2.62
C ALA A 103 15.11 5.13 -3.59
N GLY A 104 14.58 3.90 -3.39
CA GLY A 104 14.91 2.75 -4.24
C GLY A 104 16.17 2.03 -3.75
N LEU A 105 16.08 0.70 -3.56
CA LEU A 105 17.18 -0.11 -2.98
C LEU A 105 17.66 -1.19 -3.97
N VAL A 106 18.96 -1.57 -3.83
CA VAL A 106 19.70 -2.45 -4.77
C VAL A 106 19.77 -1.80 -6.19
N PRO A 107 20.85 -1.00 -6.48
CA PRO A 107 20.99 -0.27 -7.76
C PRO A 107 21.51 -1.13 -8.94
N ARG A 108 21.87 -2.40 -8.65
CA ARG A 108 22.41 -3.34 -9.65
C ARG A 108 21.27 -4.10 -10.34
N GLY A 109 21.26 -4.07 -11.68
CA GLY A 109 20.27 -4.79 -12.49
C GLY A 109 20.44 -6.31 -12.40
N SER A 110 19.53 -6.97 -11.67
CA SER A 110 19.54 -8.43 -11.44
C SER A 110 18.08 -8.95 -11.44
N GLY A 111 17.75 -9.84 -12.39
CA GLY A 111 16.40 -10.38 -12.56
C GLY A 111 16.02 -11.40 -11.48
N GLY A 112 15.69 -10.89 -10.28
CA GLY A 112 15.28 -11.71 -9.15
C GLY A 112 15.21 -10.92 -7.85
N ILE A 113 16.38 -10.68 -7.22
CA ILE A 113 16.51 -9.88 -5.99
C ILE A 113 16.13 -8.42 -6.26
N GLU A 114 16.79 -7.83 -7.28
CA GLU A 114 16.52 -6.45 -7.71
C GLU A 114 15.08 -6.33 -8.23
N GLY A 115 14.56 -7.40 -8.87
CA GLY A 115 13.16 -7.47 -9.26
C GLY A 115 12.22 -7.28 -8.07
N MET A 116 12.52 -8.02 -6.99
CA MET A 116 11.77 -7.99 -5.73
C MET A 116 11.87 -6.61 -5.03
N THR A 117 13.10 -6.08 -4.91
CA THR A 117 13.36 -4.84 -4.16
C THR A 117 12.79 -3.63 -4.91
N THR A 118 12.96 -3.59 -6.24
CA THR A 118 12.40 -2.52 -7.10
C THR A 118 10.87 -2.53 -7.02
N ARG A 119 10.25 -3.73 -7.12
CA ARG A 119 8.79 -3.89 -6.95
C ARG A 119 8.33 -3.32 -5.58
N LEU A 120 9.01 -3.76 -4.52
CA LEU A 120 8.64 -3.42 -3.13
C LEU A 120 8.88 -1.93 -2.81
N THR A 121 9.94 -1.31 -3.36
CA THR A 121 10.26 0.12 -3.10
C THR A 121 9.30 1.05 -3.87
N ARG A 122 8.97 0.64 -5.11
CA ARG A 122 7.90 1.28 -5.92
C ARG A 122 6.55 1.14 -5.21
N TRP A 123 6.34 -0.03 -4.61
CA TRP A 123 5.15 -0.37 -3.82
C TRP A 123 5.09 0.52 -2.56
N LEU A 124 6.24 0.74 -1.88
CA LEU A 124 6.30 1.52 -0.61
C LEU A 124 6.08 3.02 -0.89
N THR A 125 6.54 3.52 -2.06
CA THR A 125 6.32 4.91 -2.47
C THR A 125 4.85 5.11 -2.90
N ALA A 126 4.25 4.03 -3.46
CA ALA A 126 2.82 4.00 -3.81
C ALA A 126 1.93 3.92 -2.56
N LEU A 127 2.45 3.26 -1.49
CA LEU A 127 1.77 3.19 -0.18
C LEU A 127 1.76 4.57 0.49
N ASP A 128 2.94 5.21 0.46
CA ASP A 128 3.14 6.57 1.00
C ASP A 128 2.28 7.58 0.22
N ASN A 129 2.18 7.38 -1.11
CA ASN A 129 1.34 8.19 -2.02
C ASN A 129 -0.14 8.06 -1.66
N PHE A 130 -0.59 6.80 -1.42
CA PHE A 130 -1.99 6.51 -1.07
C PHE A 130 -2.33 7.21 0.25
N GLU A 131 -1.59 6.87 1.32
CA GLU A 131 -1.83 7.39 2.67
C GLU A 131 -1.84 8.95 2.69
N ALA A 132 -0.85 9.55 1.99
CA ALA A 132 -0.71 11.03 1.90
C ALA A 132 -1.91 11.67 1.18
N LYS A 133 -2.17 11.23 -0.06
CA LYS A 133 -3.18 11.83 -0.96
C LYS A 133 -4.61 11.53 -0.44
N MET A 134 -4.79 10.36 0.19
CA MET A 134 -6.09 9.99 0.74
C MET A 134 -6.34 10.72 2.07
N ALA A 135 -5.26 11.10 2.76
CA ALA A 135 -5.34 12.05 3.89
C ALA A 135 -5.69 13.46 3.37
N LEU A 136 -5.25 13.78 2.13
CA LEU A 136 -5.59 15.03 1.44
C LEU A 136 -7.08 15.05 0.97
N LEU A 137 -7.70 13.85 0.82
CA LEU A 137 -9.18 13.75 0.62
C LEU A 137 -9.95 14.51 1.73
N PRO A 138 -10.67 15.64 1.39
CA PRO A 138 -11.44 16.43 2.37
C PRO A 138 -12.94 16.02 2.44
N ALA A 139 -13.24 14.75 2.12
CA ALA A 139 -14.62 14.21 2.12
C ALA A 139 -14.73 13.04 3.10
N VAL A 140 -13.82 12.07 2.95
CA VAL A 140 -13.72 10.85 3.78
C VAL A 140 -12.23 10.59 4.14
N MET A 1 -27.79 1.88 -6.52
CA MET A 1 -26.73 2.35 -5.60
C MET A 1 -25.34 2.20 -6.27
N THR A 2 -25.27 2.38 -7.61
CA THR A 2 -24.05 2.06 -8.41
C THR A 2 -22.77 2.74 -7.88
N SER A 3 -22.84 4.07 -7.68
CA SER A 3 -21.69 4.86 -7.15
C SER A 3 -21.32 4.38 -5.73
N THR A 4 -22.35 4.13 -4.92
CA THR A 4 -22.24 3.73 -3.52
C THR A 4 -21.52 2.37 -3.38
N VAL A 5 -22.08 1.32 -4.02
CA VAL A 5 -21.55 -0.06 -3.98
C VAL A 5 -20.13 -0.11 -4.58
N GLU A 6 -19.89 0.65 -5.67
CA GLU A 6 -18.60 0.70 -6.38
C GLU A 6 -17.49 1.21 -5.43
N PHE A 7 -17.78 2.35 -4.78
CA PHE A 7 -16.86 3.06 -3.89
C PHE A 7 -16.55 2.22 -2.62
N ILE A 8 -17.61 1.66 -2.01
CA ILE A 8 -17.54 0.85 -0.78
C ILE A 8 -16.84 -0.51 -1.05
N ASN A 9 -17.03 -1.07 -2.26
CA ASN A 9 -16.39 -2.35 -2.67
C ASN A 9 -14.90 -2.16 -2.97
N ARG A 10 -14.53 -0.96 -3.48
CA ARG A 10 -13.11 -0.58 -3.67
C ARG A 10 -12.42 -0.49 -2.31
N TRP A 11 -13.02 0.27 -1.37
CA TRP A 11 -12.51 0.40 0.01
C TRP A 11 -12.50 -0.95 0.74
N GLN A 12 -13.49 -1.81 0.43
CA GLN A 12 -13.59 -3.17 0.99
C GLN A 12 -12.37 -3.98 0.57
N ARG A 13 -12.07 -3.95 -0.75
CA ARG A 13 -10.91 -4.63 -1.33
C ARG A 13 -9.60 -4.15 -0.67
N ILE A 14 -9.44 -2.82 -0.52
CA ILE A 14 -8.20 -2.21 0.02
C ILE A 14 -7.97 -2.61 1.50
N ALA A 15 -9.06 -2.68 2.29
CA ALA A 15 -8.99 -3.10 3.71
C ALA A 15 -8.62 -4.59 3.83
N LEU A 16 -9.31 -5.43 3.03
CA LEU A 16 -9.11 -6.90 3.02
C LEU A 16 -7.71 -7.25 2.51
N LEU A 17 -7.26 -6.52 1.48
CA LEU A 17 -5.96 -6.74 0.83
C LEU A 17 -4.82 -6.32 1.77
N SER A 18 -4.90 -5.10 2.36
CA SER A 18 -3.87 -4.60 3.30
C SER A 18 -3.75 -5.52 4.53
N GLN A 19 -4.91 -6.05 4.98
CA GLN A 19 -4.97 -7.02 6.10
C GLN A 19 -4.28 -8.34 5.74
N SER A 20 -4.63 -8.89 4.56
CA SER A 20 -4.05 -10.14 4.03
C SER A 20 -2.53 -10.03 3.87
N LEU A 21 -2.12 -9.00 3.11
CA LEU A 21 -0.72 -8.66 2.82
C LEU A 21 0.06 -8.38 4.10
N LEU A 22 -0.62 -7.83 5.14
CA LEU A 22 0.00 -7.60 6.46
C LEU A 22 0.36 -8.93 7.12
N GLU A 23 -0.62 -9.87 7.16
CA GLU A 23 -0.43 -11.22 7.75
C GLU A 23 0.76 -11.91 7.08
N LEU A 24 0.74 -11.87 5.74
CA LEU A 24 1.78 -12.46 4.89
C LEU A 24 3.16 -11.85 5.18
N ALA A 25 3.21 -10.51 5.26
CA ALA A 25 4.47 -9.75 5.51
C ALA A 25 5.04 -10.06 6.91
N GLN A 26 4.15 -10.25 7.89
CA GLN A 26 4.54 -10.63 9.27
C GLN A 26 5.12 -12.05 9.29
N ARG A 27 4.54 -12.96 8.49
CA ARG A 27 4.97 -14.38 8.41
C ARG A 27 6.23 -14.55 7.53
N GLY A 28 6.56 -13.50 6.74
CA GLY A 28 7.74 -13.52 5.86
C GLY A 28 7.42 -13.91 4.41
N GLU A 29 6.13 -14.04 4.13
CA GLU A 29 5.60 -14.34 2.79
C GLU A 29 5.65 -13.07 1.87
N TRP A 30 6.73 -12.96 1.08
CA TRP A 30 6.98 -11.79 0.19
C TRP A 30 6.38 -11.98 -1.22
N ASP A 31 6.32 -13.25 -1.67
CA ASP A 31 5.93 -13.60 -3.07
C ASP A 31 4.46 -13.22 -3.36
N LEU A 32 3.57 -13.42 -2.37
CA LEU A 32 2.15 -13.06 -2.50
C LEU A 32 1.94 -11.54 -2.40
N LEU A 33 2.91 -10.82 -1.78
CA LEU A 33 2.93 -9.33 -1.80
C LEU A 33 3.26 -8.85 -3.21
N LEU A 34 4.28 -9.48 -3.82
CA LEU A 34 4.70 -9.19 -5.21
C LEU A 34 3.59 -9.54 -6.22
N GLN A 35 2.78 -10.56 -5.92
CA GLN A 35 1.67 -11.00 -6.80
C GLN A 35 0.46 -10.04 -6.69
N GLN A 36 0.01 -9.80 -5.45
CA GLN A 36 -1.17 -8.98 -5.14
C GLN A 36 -0.88 -7.47 -5.21
N GLU A 37 0.43 -7.10 -5.33
CA GLU A 37 0.90 -5.70 -5.52
C GLU A 37 0.05 -4.93 -6.56
N VAL A 38 -0.09 -5.56 -7.76
CA VAL A 38 -0.86 -4.97 -8.88
C VAL A 38 -2.32 -4.68 -8.47
N SER A 39 -2.97 -5.62 -7.77
CA SER A 39 -4.39 -5.54 -7.40
C SER A 39 -4.65 -4.46 -6.32
N TYR A 40 -3.73 -4.39 -5.35
CA TYR A 40 -3.84 -3.47 -4.21
C TYR A 40 -3.63 -2.02 -4.67
N LEU A 41 -2.55 -1.79 -5.43
CA LEU A 41 -2.21 -0.44 -5.94
C LEU A 41 -3.23 0.03 -6.99
N GLN A 42 -3.80 -0.93 -7.75
CA GLN A 42 -4.88 -0.65 -8.72
C GLN A 42 -6.16 -0.19 -8.00
N SER A 43 -6.51 -0.90 -6.90
CA SER A 43 -7.73 -0.61 -6.11
C SER A 43 -7.60 0.76 -5.40
N ILE A 44 -6.37 1.04 -4.92
CA ILE A 44 -5.97 2.34 -4.36
C ILE A 44 -6.17 3.46 -5.40
N GLU A 45 -5.63 3.23 -6.61
CA GLU A 45 -5.64 4.21 -7.71
C GLU A 45 -7.07 4.52 -8.14
N THR A 46 -7.91 3.47 -8.24
CA THR A 46 -9.28 3.59 -8.77
C THR A 46 -10.27 4.17 -7.71
N VAL A 47 -9.97 3.99 -6.39
CA VAL A 47 -10.80 4.61 -5.33
C VAL A 47 -10.44 6.09 -5.15
N MET A 48 -9.15 6.42 -5.37
CA MET A 48 -8.63 7.79 -5.25
C MET A 48 -9.05 8.60 -6.49
N GLU A 49 -9.10 7.90 -7.65
CA GLU A 49 -9.64 8.44 -8.89
C GLU A 49 -11.16 8.64 -8.78
N LYS A 50 -11.83 7.77 -7.98
CA LYS A 50 -13.25 7.90 -7.68
C LYS A 50 -13.47 9.14 -6.81
N GLN A 51 -13.60 10.30 -7.48
CA GLN A 51 -13.86 11.58 -6.83
C GLN A 51 -15.32 11.57 -6.34
N THR A 52 -15.49 11.37 -5.05
CA THR A 52 -16.78 11.24 -4.39
C THR A 52 -17.18 12.60 -3.77
N PRO A 53 -18.48 13.05 -3.94
CA PRO A 53 -18.96 14.35 -3.38
C PRO A 53 -18.81 14.43 -1.82
N PRO A 54 -18.72 15.68 -1.26
CA PRO A 54 -18.73 15.94 0.21
C PRO A 54 -19.91 15.26 0.92
N GLY A 55 -21.11 15.39 0.31
CA GLY A 55 -22.34 14.84 0.85
C GLY A 55 -22.38 13.31 0.86
N ILE A 56 -21.82 12.72 1.92
CA ILE A 56 -21.84 11.26 2.16
C ILE A 56 -22.54 11.00 3.52
N THR A 57 -23.68 10.27 3.44
CA THR A 57 -24.53 9.94 4.60
C THR A 57 -23.77 9.08 5.65
N ARG A 58 -24.30 9.06 6.89
CA ARG A 58 -23.70 8.36 8.04
C ARG A 58 -23.45 6.87 7.77
N SER A 59 -24.29 6.24 6.93
CA SER A 59 -24.14 4.82 6.56
C SER A 59 -22.85 4.57 5.74
N ILE A 60 -22.74 5.29 4.60
CA ILE A 60 -21.60 5.15 3.66
C ILE A 60 -20.31 5.59 4.37
N GLN A 61 -20.41 6.71 5.12
CA GLN A 61 -19.30 7.28 5.90
C GLN A 61 -18.81 6.28 6.96
N ASP A 62 -19.75 5.57 7.62
CA ASP A 62 -19.43 4.57 8.66
C ASP A 62 -18.61 3.41 8.08
N MET A 63 -19.13 2.81 6.99
CA MET A 63 -18.54 1.62 6.37
C MET A 63 -17.18 1.96 5.71
N VAL A 64 -17.16 3.03 4.90
CA VAL A 64 -15.95 3.52 4.20
C VAL A 64 -14.84 3.88 5.19
N ALA A 65 -15.19 4.67 6.23
CA ALA A 65 -14.22 5.09 7.28
C ALA A 65 -13.73 3.89 8.09
N GLY A 66 -14.58 2.84 8.21
CA GLY A 66 -14.16 1.56 8.80
C GLY A 66 -13.00 0.93 8.03
N TYR A 67 -13.22 0.79 6.71
CA TYR A 67 -12.20 0.29 5.78
C TYR A 67 -10.94 1.17 5.76
N ILE A 68 -11.16 2.50 5.93
CA ILE A 68 -10.11 3.53 5.97
C ILE A 68 -9.18 3.33 7.16
N LYS A 69 -9.76 3.17 8.37
CA LYS A 69 -8.96 3.01 9.61
C LYS A 69 -8.18 1.69 9.58
N GLN A 70 -8.87 0.63 9.08
CA GLN A 70 -8.27 -0.70 8.93
C GLN A 70 -7.09 -0.67 7.95
N THR A 71 -7.29 -0.07 6.76
CA THR A 71 -6.27 -0.11 5.70
C THR A 71 -5.09 0.81 6.01
N LEU A 72 -5.36 1.98 6.66
CA LEU A 72 -4.29 2.93 7.05
C LEU A 72 -3.41 2.31 8.15
N ASP A 73 -4.05 1.62 9.13
CA ASP A 73 -3.33 0.91 10.22
C ASP A 73 -2.44 -0.22 9.64
N ASN A 74 -3.07 -1.07 8.81
CA ASN A 74 -2.46 -2.30 8.28
C ASN A 74 -1.39 -1.99 7.23
N GLU A 75 -1.60 -0.90 6.46
CA GLU A 75 -0.62 -0.43 5.45
C GLU A 75 0.51 0.35 6.12
N GLN A 76 0.23 1.00 7.27
CA GLN A 76 1.26 1.66 8.10
C GLN A 76 2.23 0.61 8.67
N LEU A 77 1.64 -0.54 9.08
CA LEU A 77 2.40 -1.71 9.55
C LEU A 77 3.17 -2.37 8.38
N LEU A 78 2.52 -2.45 7.18
CA LEU A 78 3.19 -2.91 5.93
C LEU A 78 4.38 -2.01 5.58
N LYS A 79 4.15 -0.70 5.61
CA LYS A 79 5.11 0.33 5.18
C LYS A 79 6.33 0.33 6.10
N GLY A 80 6.06 0.25 7.41
CA GLY A 80 7.09 0.18 8.44
C GLY A 80 7.93 -1.09 8.35
N LEU A 81 7.26 -2.25 8.28
CA LEU A 81 7.89 -3.58 8.24
C LEU A 81 8.78 -3.72 7.00
N LEU A 82 8.23 -3.34 5.85
CA LEU A 82 8.85 -3.54 4.53
C LEU A 82 9.99 -2.54 4.27
N GLN A 83 9.85 -1.29 4.74
CA GLN A 83 10.93 -0.29 4.63
C GLN A 83 12.12 -0.71 5.52
N GLN A 84 11.79 -1.16 6.76
CA GLN A 84 12.75 -1.70 7.74
C GLN A 84 13.48 -2.93 7.16
N ARG A 85 12.69 -3.83 6.53
CA ARG A 85 13.17 -5.11 6.00
C ARG A 85 14.14 -4.86 4.84
N LEU A 86 13.67 -4.12 3.81
CA LEU A 86 14.46 -3.79 2.61
C LEU A 86 15.72 -2.97 2.97
N ASP A 87 15.63 -2.16 4.03
CA ASP A 87 16.75 -1.38 4.58
C ASP A 87 17.88 -2.32 5.02
N GLU A 88 17.52 -3.29 5.89
CA GLU A 88 18.46 -4.31 6.38
C GLU A 88 18.97 -5.21 5.24
N LEU A 89 18.05 -5.60 4.33
CA LEU A 89 18.35 -6.45 3.16
C LEU A 89 19.42 -5.79 2.28
N SER A 90 19.28 -4.47 2.04
CA SER A 90 20.25 -3.69 1.26
C SER A 90 21.58 -3.53 2.03
N SER A 91 21.50 -3.55 3.37
CA SER A 91 22.70 -3.59 4.24
C SER A 91 23.36 -5.00 4.22
N LEU A 92 22.57 -6.06 3.88
CA LEU A 92 23.08 -7.45 3.74
C LEU A 92 23.76 -7.64 2.36
N ILE A 93 23.15 -7.01 1.34
CA ILE A 93 23.64 -7.03 -0.06
C ILE A 93 24.89 -6.16 -0.19
N GLY A 94 24.87 -5.03 0.52
CA GLY A 94 25.98 -4.07 0.53
C GLY A 94 25.81 -3.10 1.70
N GLN A 95 25.29 -1.90 1.39
CA GLN A 95 24.87 -0.89 2.39
C GLN A 95 23.67 -0.12 1.82
N VAL A 96 22.64 0.10 2.66
CA VAL A 96 21.49 0.97 2.32
C VAL A 96 21.93 2.46 2.36
N LEU A 97 21.12 3.36 1.76
CA LEU A 97 21.39 4.81 1.78
C LEU A 97 20.79 5.49 3.03
N PHE A 98 20.93 4.79 4.20
CA PHE A 98 20.61 5.30 5.55
C PHE A 98 19.10 5.60 5.68
N GLN A 99 18.69 6.78 5.18
CA GLN A 99 17.29 7.14 4.98
C GLN A 99 17.20 7.99 3.71
N GLY A 100 16.52 7.47 2.69
CA GLY A 100 16.42 8.12 1.40
C GLY A 100 15.39 7.43 0.50
N PRO A 101 14.58 8.19 -0.30
CA PRO A 101 13.54 7.61 -1.17
C PRO A 101 14.08 7.15 -2.55
N SER A 102 15.39 6.81 -2.60
CA SER A 102 16.05 6.29 -3.80
C SER A 102 15.51 4.89 -4.13
N ALA A 103 14.49 4.87 -4.99
CA ALA A 103 13.83 3.65 -5.45
C ALA A 103 14.65 3.00 -6.57
N GLY A 104 15.73 2.32 -6.18
CA GLY A 104 16.66 1.67 -7.11
C GLY A 104 17.99 1.38 -6.45
N LEU A 105 17.93 0.66 -5.31
CA LEU A 105 19.12 0.30 -4.52
C LEU A 105 19.88 -0.87 -5.18
N VAL A 106 19.13 -1.80 -5.78
CA VAL A 106 19.69 -2.93 -6.55
C VAL A 106 19.28 -2.75 -8.03
N PRO A 107 20.25 -2.45 -8.96
CA PRO A 107 19.95 -2.21 -10.40
C PRO A 107 19.90 -3.51 -11.24
N ARG A 108 19.59 -3.35 -12.55
CA ARG A 108 19.60 -4.45 -13.54
C ARG A 108 20.99 -5.10 -13.70
N GLY A 109 21.01 -6.29 -14.30
CA GLY A 109 22.25 -7.07 -14.48
C GLY A 109 22.37 -8.18 -13.46
N SER A 110 21.22 -8.74 -13.05
CA SER A 110 21.13 -9.86 -12.10
C SER A 110 19.75 -10.53 -12.19
N GLY A 111 19.51 -11.54 -11.33
CA GLY A 111 18.20 -12.19 -11.22
C GLY A 111 17.13 -11.31 -10.57
N GLY A 112 16.00 -11.93 -10.18
CA GLY A 112 14.78 -11.21 -9.75
C GLY A 112 14.86 -10.49 -8.40
N ILE A 113 16.06 -10.42 -7.80
CA ILE A 113 16.32 -9.68 -6.56
C ILE A 113 16.17 -8.15 -6.80
N GLU A 114 16.65 -7.69 -7.98
CA GLU A 114 16.54 -6.26 -8.38
C GLU A 114 15.08 -5.90 -8.69
N GLY A 115 14.35 -6.87 -9.26
CA GLY A 115 12.93 -6.73 -9.52
C GLY A 115 12.14 -6.61 -8.23
N MET A 116 12.49 -7.47 -7.25
CA MET A 116 11.85 -7.48 -5.92
C MET A 116 12.00 -6.12 -5.23
N THR A 117 13.25 -5.61 -5.19
CA THR A 117 13.57 -4.37 -4.50
C THR A 117 12.90 -3.15 -5.17
N THR A 118 13.00 -3.03 -6.50
CA THR A 118 12.45 -1.87 -7.23
C THR A 118 10.91 -1.87 -7.25
N ARG A 119 10.30 -3.08 -7.32
CA ARG A 119 8.83 -3.23 -7.22
C ARG A 119 8.34 -2.80 -5.84
N LEU A 120 9.04 -3.27 -4.78
CA LEU A 120 8.66 -2.99 -3.38
C LEU A 120 8.98 -1.54 -2.96
N THR A 121 10.00 -0.90 -3.57
CA THR A 121 10.30 0.52 -3.29
C THR A 121 9.23 1.42 -3.95
N ARG A 122 8.84 1.07 -5.21
CA ARG A 122 7.74 1.75 -5.92
C ARG A 122 6.40 1.51 -5.19
N TRP A 123 6.28 0.31 -4.60
CA TRP A 123 5.15 -0.09 -3.75
C TRP A 123 5.07 0.82 -2.51
N LEU A 124 6.20 0.98 -1.77
CA LEU A 124 6.25 1.78 -0.52
C LEU A 124 5.93 3.27 -0.78
N THR A 125 6.40 3.82 -1.92
CA THR A 125 6.11 5.22 -2.28
C THR A 125 4.66 5.36 -2.80
N ALA A 126 4.10 4.28 -3.37
CA ALA A 126 2.67 4.24 -3.79
C ALA A 126 1.75 4.13 -2.54
N LEU A 127 2.27 3.47 -1.48
CA LEU A 127 1.60 3.36 -0.18
C LEU A 127 1.57 4.75 0.48
N ASP A 128 2.71 5.46 0.39
CA ASP A 128 2.87 6.81 0.95
C ASP A 128 1.97 7.83 0.22
N ASN A 129 1.89 7.69 -1.12
CA ASN A 129 1.05 8.54 -1.99
C ASN A 129 -0.43 8.37 -1.60
N PHE A 130 -0.85 7.09 -1.44
CA PHE A 130 -2.19 6.74 -0.97
C PHE A 130 -2.46 7.37 0.40
N GLU A 131 -1.65 6.97 1.40
CA GLU A 131 -1.73 7.38 2.80
C GLU A 131 -1.96 8.90 2.95
N ALA A 132 -1.07 9.68 2.32
CA ALA A 132 -1.07 11.15 2.41
C ALA A 132 -2.30 11.76 1.71
N LYS A 133 -2.52 11.38 0.44
CA LYS A 133 -3.63 11.92 -0.38
C LYS A 133 -5.01 11.56 0.22
N MET A 134 -5.09 10.35 0.79
CA MET A 134 -6.35 9.84 1.34
C MET A 134 -6.61 10.43 2.75
N ALA A 135 -5.53 10.85 3.44
CA ALA A 135 -5.64 11.65 4.68
C ALA A 135 -6.15 13.06 4.33
N LEU A 136 -5.78 13.54 3.13
CA LEU A 136 -6.24 14.84 2.60
C LEU A 136 -7.73 14.81 2.17
N LEU A 137 -8.24 13.61 1.73
CA LEU A 137 -9.69 13.41 1.40
C LEU A 137 -10.62 13.95 2.53
N PRO A 138 -11.38 15.08 2.30
CA PRO A 138 -12.36 15.61 3.27
C PRO A 138 -13.84 15.26 2.93
N ALA A 139 -14.05 14.47 1.87
CA ALA A 139 -15.40 14.10 1.39
C ALA A 139 -16.06 13.07 2.31
N VAL A 140 -15.31 12.02 2.64
CA VAL A 140 -15.75 10.97 3.56
C VAL A 140 -15.30 11.26 5.01
N MET A 1 -27.71 4.05 -6.40
CA MET A 1 -26.71 3.61 -5.40
C MET A 1 -25.34 3.33 -6.06
N THR A 2 -25.12 3.80 -7.32
CA THR A 2 -23.86 3.56 -8.06
C THR A 2 -22.66 4.08 -7.26
N SER A 3 -22.72 5.37 -6.87
CA SER A 3 -21.67 6.04 -6.04
C SER A 3 -21.33 5.22 -4.78
N THR A 4 -22.42 4.78 -4.09
CA THR A 4 -22.36 3.99 -2.86
C THR A 4 -21.56 2.69 -3.05
N VAL A 5 -22.03 1.86 -4.00
CA VAL A 5 -21.47 0.53 -4.27
C VAL A 5 -20.01 0.67 -4.71
N GLU A 6 -19.77 1.46 -5.76
CA GLU A 6 -18.42 1.70 -6.32
C GLU A 6 -17.38 2.07 -5.23
N PHE A 7 -17.74 3.07 -4.40
CA PHE A 7 -16.84 3.64 -3.38
C PHE A 7 -16.51 2.62 -2.26
N ILE A 8 -17.60 2.08 -1.66
CA ILE A 8 -17.52 1.12 -0.53
C ILE A 8 -16.83 -0.18 -0.96
N ASN A 9 -17.12 -0.64 -2.18
CA ASN A 9 -16.56 -1.90 -2.74
C ASN A 9 -15.07 -1.76 -3.00
N ARG A 10 -14.65 -0.59 -3.53
CA ARG A 10 -13.22 -0.28 -3.73
C ARG A 10 -12.48 -0.29 -2.39
N TRP A 11 -12.96 0.50 -1.41
CA TRP A 11 -12.39 0.55 -0.04
C TRP A 11 -12.40 -0.83 0.63
N GLN A 12 -13.42 -1.63 0.32
CA GLN A 12 -13.58 -3.01 0.79
C GLN A 12 -12.45 -3.88 0.27
N ARG A 13 -12.13 -3.74 -1.05
CA ARG A 13 -11.02 -4.47 -1.69
C ARG A 13 -9.69 -4.09 -1.02
N ILE A 14 -9.49 -2.78 -0.80
CA ILE A 14 -8.26 -2.20 -0.23
C ILE A 14 -8.03 -2.72 1.21
N ALA A 15 -9.12 -2.83 1.98
CA ALA A 15 -9.06 -3.31 3.39
C ALA A 15 -8.74 -4.81 3.43
N LEU A 16 -9.42 -5.59 2.54
CA LEU A 16 -9.21 -7.04 2.39
C LEU A 16 -7.75 -7.34 1.98
N LEU A 17 -7.28 -6.57 0.99
CA LEU A 17 -5.93 -6.69 0.44
C LEU A 17 -4.88 -6.33 1.51
N SER A 18 -5.04 -5.17 2.17
CA SER A 18 -4.06 -4.66 3.15
C SER A 18 -3.92 -5.57 4.37
N GLN A 19 -5.05 -6.15 4.84
CA GLN A 19 -5.02 -7.08 6.00
C GLN A 19 -4.38 -8.41 5.61
N SER A 20 -4.72 -8.91 4.40
CA SER A 20 -4.11 -10.12 3.83
C SER A 20 -2.59 -9.93 3.68
N LEU A 21 -2.20 -8.77 3.13
CA LEU A 21 -0.81 -8.38 2.87
C LEU A 21 -0.05 -8.22 4.18
N LEU A 22 -0.73 -7.73 5.23
CA LEU A 22 -0.13 -7.60 6.56
C LEU A 22 0.23 -8.98 7.11
N GLU A 23 -0.67 -9.95 6.91
CA GLU A 23 -0.41 -11.36 7.31
C GLU A 23 0.80 -11.93 6.54
N LEU A 24 0.81 -11.69 5.22
CA LEU A 24 1.88 -12.17 4.31
C LEU A 24 3.25 -11.59 4.70
N ALA A 25 3.28 -10.29 5.04
CA ALA A 25 4.53 -9.57 5.37
C ALA A 25 5.08 -10.00 6.73
N GLN A 26 4.17 -10.17 7.71
CA GLN A 26 4.52 -10.56 9.08
C GLN A 26 5.06 -12.01 9.12
N ARG A 27 4.51 -12.90 8.26
CA ARG A 27 4.93 -14.32 8.19
C ARG A 27 6.12 -14.50 7.21
N GLY A 28 6.30 -13.55 6.27
CA GLY A 28 7.43 -13.59 5.33
C GLY A 28 7.10 -14.13 3.94
N GLU A 29 5.81 -14.13 3.55
CA GLU A 29 5.40 -14.35 2.14
C GLU A 29 5.58 -13.04 1.33
N TRP A 30 6.85 -12.72 1.02
CA TRP A 30 7.22 -11.52 0.22
C TRP A 30 6.73 -11.70 -1.23
N ASP A 31 6.70 -12.96 -1.65
CA ASP A 31 6.22 -13.40 -2.97
C ASP A 31 4.76 -12.98 -3.18
N LEU A 32 3.92 -13.30 -2.17
CA LEU A 32 2.49 -13.05 -2.22
C LEU A 32 2.18 -11.55 -1.99
N LEU A 33 3.16 -10.81 -1.39
CA LEU A 33 3.12 -9.34 -1.37
C LEU A 33 3.22 -8.79 -2.79
N LEU A 34 4.22 -9.28 -3.54
CA LEU A 34 4.49 -8.87 -4.94
C LEU A 34 3.38 -9.35 -5.90
N GLN A 35 2.65 -10.41 -5.50
CA GLN A 35 1.48 -10.93 -6.24
C GLN A 35 0.27 -9.98 -6.09
N GLN A 36 -0.16 -9.75 -4.85
CA GLN A 36 -1.32 -8.89 -4.54
C GLN A 36 -1.00 -7.38 -4.67
N GLU A 37 0.31 -7.06 -4.81
CA GLU A 37 0.83 -5.69 -4.99
C GLU A 37 0.05 -4.88 -6.02
N VAL A 38 0.02 -5.39 -7.25
CA VAL A 38 -0.62 -4.74 -8.40
C VAL A 38 -2.13 -4.51 -8.16
N SER A 39 -2.76 -5.45 -7.45
CA SER A 39 -4.18 -5.40 -7.10
C SER A 39 -4.45 -4.29 -6.07
N TYR A 40 -3.53 -4.14 -5.11
CA TYR A 40 -3.64 -3.18 -4.01
C TYR A 40 -3.44 -1.74 -4.52
N LEU A 41 -2.42 -1.56 -5.37
CA LEU A 41 -2.09 -0.25 -5.96
C LEU A 41 -3.15 0.17 -7.00
N GLN A 42 -3.78 -0.84 -7.65
CA GLN A 42 -4.92 -0.60 -8.57
C GLN A 42 -6.14 -0.08 -7.81
N SER A 43 -6.49 -0.79 -6.71
CA SER A 43 -7.66 -0.45 -5.90
C SER A 43 -7.50 0.94 -5.23
N ILE A 44 -6.25 1.24 -4.82
CA ILE A 44 -5.82 2.58 -4.33
C ILE A 44 -6.08 3.66 -5.40
N GLU A 45 -5.56 3.42 -6.62
CA GLU A 45 -5.62 4.39 -7.73
C GLU A 45 -7.07 4.66 -8.16
N THR A 46 -7.88 3.58 -8.26
CA THR A 46 -9.26 3.64 -8.74
C THR A 46 -10.18 4.27 -7.67
N VAL A 47 -9.86 4.09 -6.36
CA VAL A 47 -10.68 4.70 -5.28
C VAL A 47 -10.36 6.19 -5.12
N MET A 48 -9.10 6.56 -5.37
CA MET A 48 -8.65 7.94 -5.25
C MET A 48 -9.20 8.75 -6.45
N GLU A 49 -9.38 8.06 -7.57
CA GLU A 49 -10.14 8.58 -8.73
C GLU A 49 -11.65 8.65 -8.40
N LYS A 50 -12.13 7.66 -7.60
CA LYS A 50 -13.56 7.58 -7.21
C LYS A 50 -13.90 8.70 -6.20
N GLN A 51 -14.32 9.86 -6.73
CA GLN A 51 -14.79 10.99 -5.94
C GLN A 51 -16.32 10.94 -5.86
N THR A 52 -16.85 10.65 -4.65
CA THR A 52 -18.31 10.59 -4.41
C THR A 52 -18.93 12.00 -4.31
N PRO A 53 -20.26 12.14 -4.65
CA PRO A 53 -21.02 13.41 -4.44
C PRO A 53 -21.04 13.84 -2.94
N PRO A 54 -21.30 15.18 -2.65
CA PRO A 54 -21.34 15.71 -1.26
C PRO A 54 -22.21 14.88 -0.31
N GLY A 55 -23.43 14.54 -0.77
CA GLY A 55 -24.37 13.74 -0.01
C GLY A 55 -23.88 12.32 0.29
N ILE A 56 -23.16 12.17 1.42
CA ILE A 56 -22.72 10.88 1.96
C ILE A 56 -23.40 10.65 3.32
N THR A 57 -24.24 9.61 3.34
CA THR A 57 -24.95 9.15 4.54
C THR A 57 -23.99 8.45 5.52
N ARG A 58 -24.39 8.38 6.81
CA ARG A 58 -23.52 7.89 7.89
C ARG A 58 -23.18 6.40 7.75
N SER A 59 -24.00 5.63 7.00
CA SER A 59 -23.75 4.21 6.75
C SER A 59 -22.50 4.04 5.86
N ILE A 60 -22.48 4.79 4.73
CA ILE A 60 -21.31 4.85 3.82
C ILE A 60 -20.09 5.35 4.60
N GLN A 61 -20.28 6.48 5.29
CA GLN A 61 -19.21 7.16 6.04
C GLN A 61 -18.55 6.21 7.07
N ASP A 62 -19.36 5.40 7.75
CA ASP A 62 -18.90 4.48 8.80
C ASP A 62 -18.15 3.28 8.22
N MET A 63 -18.77 2.61 7.23
CA MET A 63 -18.19 1.41 6.59
C MET A 63 -16.87 1.76 5.87
N VAL A 64 -16.90 2.86 5.11
CA VAL A 64 -15.72 3.40 4.40
C VAL A 64 -14.62 3.81 5.39
N ALA A 65 -14.99 4.52 6.48
CA ALA A 65 -14.01 4.93 7.52
C ALA A 65 -13.45 3.71 8.27
N GLY A 66 -14.21 2.60 8.26
CA GLY A 66 -13.75 1.33 8.81
C GLY A 66 -12.70 0.70 7.91
N TYR A 67 -12.95 0.73 6.59
CA TYR A 67 -12.02 0.20 5.57
C TYR A 67 -10.76 1.08 5.47
N ILE A 68 -10.95 2.38 5.70
CA ILE A 68 -9.90 3.40 5.68
C ILE A 68 -8.99 3.20 6.89
N LYS A 69 -9.59 3.04 8.08
CA LYS A 69 -8.85 2.86 9.33
C LYS A 69 -8.08 1.54 9.31
N GLN A 70 -8.75 0.49 8.76
CA GLN A 70 -8.18 -0.84 8.60
C GLN A 70 -6.95 -0.76 7.67
N THR A 71 -7.13 -0.16 6.49
CA THR A 71 -6.09 -0.15 5.46
C THR A 71 -4.92 0.78 5.83
N LEU A 72 -5.18 1.90 6.53
CA LEU A 72 -4.12 2.84 6.96
C LEU A 72 -3.28 2.24 8.09
N ASP A 73 -3.96 1.54 9.02
CA ASP A 73 -3.29 0.88 10.17
C ASP A 73 -2.41 -0.30 9.68
N ASN A 74 -3.00 -1.11 8.79
CA ASN A 74 -2.38 -2.33 8.24
C ASN A 74 -1.26 -1.97 7.28
N GLU A 75 -1.48 -0.90 6.48
CA GLU A 75 -0.46 -0.37 5.56
C GLU A 75 0.65 0.33 6.34
N GLN A 76 0.31 0.94 7.49
CA GLN A 76 1.30 1.55 8.40
C GLN A 76 2.31 0.48 8.84
N LEU A 77 1.75 -0.63 9.37
CA LEU A 77 2.53 -1.80 9.80
C LEU A 77 3.32 -2.41 8.63
N LEU A 78 2.67 -2.47 7.44
CA LEU A 78 3.31 -2.92 6.18
C LEU A 78 4.55 -2.09 5.84
N LYS A 79 4.37 -0.77 5.68
CA LYS A 79 5.39 0.13 5.11
C LYS A 79 6.56 0.34 6.08
N GLY A 80 6.28 0.23 7.41
CA GLY A 80 7.32 0.28 8.43
C GLY A 80 8.15 -1.00 8.47
N LEU A 81 7.44 -2.15 8.47
CA LEU A 81 8.06 -3.50 8.44
C LEU A 81 8.94 -3.64 7.19
N LEU A 82 8.37 -3.26 6.04
CA LEU A 82 9.01 -3.37 4.71
C LEU A 82 10.15 -2.36 4.54
N GLN A 83 10.03 -1.18 5.18
CA GLN A 83 11.12 -0.18 5.22
C GLN A 83 12.36 -0.78 5.92
N GLN A 84 12.13 -1.31 7.14
CA GLN A 84 13.21 -1.89 7.97
C GLN A 84 13.71 -3.21 7.37
N ARG A 85 12.82 -3.96 6.69
CA ARG A 85 13.16 -5.25 6.08
C ARG A 85 14.07 -5.02 4.86
N LEU A 86 13.69 -4.07 3.99
CA LEU A 86 14.51 -3.66 2.83
C LEU A 86 15.84 -3.06 3.30
N ASP A 87 15.84 -2.39 4.45
CA ASP A 87 17.06 -1.86 5.09
C ASP A 87 18.03 -3.02 5.45
N GLU A 88 17.46 -4.11 6.02
CA GLU A 88 18.20 -5.34 6.35
C GLU A 88 18.80 -5.95 5.07
N LEU A 89 17.91 -6.21 4.09
CA LEU A 89 18.25 -6.82 2.79
C LEU A 89 19.36 -6.04 2.08
N SER A 90 19.24 -4.70 2.09
CA SER A 90 20.22 -3.79 1.48
C SER A 90 21.56 -3.81 2.23
N SER A 91 21.50 -4.04 3.55
CA SER A 91 22.70 -4.20 4.39
C SER A 91 23.36 -5.58 4.12
N LEU A 92 22.56 -6.58 3.68
CA LEU A 92 23.05 -7.93 3.32
C LEU A 92 23.67 -7.93 1.91
N ILE A 93 23.02 -7.17 0.98
CA ILE A 93 23.44 -7.03 -0.43
C ILE A 93 24.73 -6.18 -0.51
N GLY A 94 24.71 -5.05 0.20
CA GLY A 94 25.83 -4.13 0.23
C GLY A 94 25.38 -2.74 0.66
N GLN A 95 24.79 -1.99 -0.30
CA GLN A 95 24.37 -0.59 -0.09
C GLN A 95 23.32 -0.18 -1.15
N VAL A 96 22.33 0.64 -0.73
CA VAL A 96 21.35 1.29 -1.62
C VAL A 96 21.15 2.75 -1.18
N LEU A 97 20.57 3.57 -2.07
CA LEU A 97 20.11 4.94 -1.74
C LEU A 97 18.74 5.17 -2.41
N PHE A 98 17.76 5.61 -1.60
CA PHE A 98 16.38 5.89 -2.06
C PHE A 98 16.36 7.12 -3.00
N GLN A 99 17.33 8.03 -2.83
CA GLN A 99 17.60 9.11 -3.78
C GLN A 99 18.76 8.67 -4.69
N GLY A 100 18.60 8.83 -6.02
CA GLY A 100 19.61 8.42 -6.99
C GLY A 100 19.60 6.90 -7.20
N PRO A 101 18.71 6.36 -8.09
CA PRO A 101 18.68 4.91 -8.41
C PRO A 101 19.89 4.41 -9.28
N SER A 102 20.81 5.34 -9.64
CA SER A 102 22.02 5.01 -10.43
C SER A 102 23.05 4.28 -9.55
N ALA A 103 23.32 4.85 -8.36
CA ALA A 103 24.28 4.29 -7.40
C ALA A 103 23.53 3.68 -6.20
N GLY A 104 22.87 2.55 -6.48
CA GLY A 104 22.09 1.82 -5.49
C GLY A 104 20.85 1.18 -6.09
N LEU A 105 20.04 0.56 -5.22
CA LEU A 105 18.76 -0.10 -5.59
C LEU A 105 19.01 -1.26 -6.58
N VAL A 106 20.10 -2.01 -6.31
CA VAL A 106 20.53 -3.19 -7.09
C VAL A 106 20.85 -2.80 -8.58
N PRO A 107 21.98 -2.05 -8.81
CA PRO A 107 22.43 -1.68 -10.17
C PRO A 107 23.31 -2.79 -10.80
N ARG A 108 22.73 -3.51 -11.79
CA ARG A 108 23.37 -4.68 -12.45
C ARG A 108 23.64 -5.82 -11.45
N GLY A 109 22.85 -5.86 -10.36
CA GLY A 109 22.99 -6.87 -9.31
C GLY A 109 22.32 -8.19 -9.68
N SER A 110 22.02 -9.00 -8.65
CA SER A 110 21.41 -10.33 -8.83
C SER A 110 19.97 -10.20 -9.38
N GLY A 111 19.63 -11.07 -10.35
CA GLY A 111 18.35 -11.00 -11.06
C GLY A 111 17.12 -11.27 -10.19
N GLY A 112 17.31 -12.05 -9.10
CA GLY A 112 16.22 -12.38 -8.18
C GLY A 112 15.78 -11.19 -7.33
N ILE A 113 16.77 -10.55 -6.66
CA ILE A 113 16.54 -9.39 -5.79
C ILE A 113 16.11 -8.15 -6.59
N GLU A 114 16.46 -8.10 -7.90
CA GLU A 114 16.06 -7.03 -8.84
C GLU A 114 14.54 -6.78 -8.76
N GLY A 115 13.78 -7.89 -8.90
CA GLY A 115 12.31 -7.86 -8.84
C GLY A 115 11.80 -7.33 -7.52
N MET A 116 12.25 -7.97 -6.42
CA MET A 116 11.83 -7.63 -5.05
C MET A 116 12.07 -6.15 -4.69
N THR A 117 13.30 -5.67 -4.97
CA THR A 117 13.72 -4.32 -4.58
C THR A 117 13.01 -3.24 -5.42
N THR A 118 12.98 -3.39 -6.77
CA THR A 118 12.37 -2.36 -7.64
C THR A 118 10.86 -2.25 -7.33
N ARG A 119 10.19 -3.42 -7.17
CA ARG A 119 8.77 -3.49 -6.86
C ARG A 119 8.48 -2.78 -5.53
N LEU A 120 9.14 -3.23 -4.44
CA LEU A 120 8.88 -2.74 -3.08
C LEU A 120 9.29 -1.27 -2.88
N THR A 121 10.26 -0.75 -3.66
CA THR A 121 10.62 0.70 -3.60
C THR A 121 9.49 1.55 -4.23
N ARG A 122 9.04 1.16 -5.46
CA ARG A 122 7.90 1.82 -6.14
C ARG A 122 6.61 1.69 -5.29
N TRP A 123 6.53 0.55 -4.57
CA TRP A 123 5.41 0.17 -3.71
C TRP A 123 5.35 1.06 -2.46
N LEU A 124 6.50 1.31 -1.79
CA LEU A 124 6.54 2.11 -0.53
C LEU A 124 6.28 3.58 -0.88
N THR A 125 6.78 3.99 -2.06
CA THR A 125 6.46 5.28 -2.67
C THR A 125 4.94 5.40 -2.93
N ALA A 126 4.33 4.32 -3.44
CA ALA A 126 2.89 4.26 -3.76
C ALA A 126 2.02 4.21 -2.49
N LEU A 127 2.58 3.63 -1.41
CA LEU A 127 1.90 3.53 -0.11
C LEU A 127 1.86 4.91 0.55
N ASP A 128 2.98 5.63 0.44
CA ASP A 128 3.13 6.99 1.01
C ASP A 128 2.34 8.01 0.17
N ASN A 129 2.24 7.75 -1.15
CA ASN A 129 1.45 8.56 -2.10
C ASN A 129 -0.04 8.46 -1.74
N PHE A 130 -0.48 7.19 -1.51
CA PHE A 130 -1.84 6.87 -1.05
C PHE A 130 -2.12 7.60 0.27
N GLU A 131 -1.33 7.26 1.31
CA GLU A 131 -1.47 7.80 2.68
C GLU A 131 -1.56 9.33 2.67
N ALA A 132 -0.71 9.98 1.86
CA ALA A 132 -0.66 11.44 1.74
C ALA A 132 -1.97 12.00 1.17
N LYS A 133 -2.30 11.63 -0.10
CA LYS A 133 -3.50 12.17 -0.80
C LYS A 133 -4.80 11.79 -0.07
N MET A 134 -4.82 10.60 0.55
CA MET A 134 -6.03 10.06 1.16
C MET A 134 -6.28 10.73 2.54
N ALA A 135 -5.20 11.08 3.24
CA ALA A 135 -5.30 11.90 4.47
C ALA A 135 -5.68 13.35 4.12
N LEU A 136 -5.26 13.80 2.92
CA LEU A 136 -5.53 15.16 2.41
C LEU A 136 -6.93 15.25 1.74
N LEU A 137 -7.58 14.08 1.45
CA LEU A 137 -8.98 14.03 0.89
C LEU A 137 -9.93 15.02 1.62
N PRO A 138 -10.36 16.14 0.96
CA PRO A 138 -11.27 17.12 1.59
C PRO A 138 -12.73 16.59 1.69
N ALA A 139 -13.02 15.52 0.94
CA ALA A 139 -14.31 14.82 0.98
C ALA A 139 -14.44 14.04 2.29
N VAL A 140 -13.79 12.87 2.34
CA VAL A 140 -13.80 11.98 3.51
C VAL A 140 -12.49 12.21 4.28
N MET A 1 -26.89 5.20 -7.21
CA MET A 1 -26.26 4.40 -6.13
C MET A 1 -24.97 3.69 -6.62
N THR A 2 -24.61 3.87 -7.92
CA THR A 2 -23.43 3.21 -8.50
C THR A 2 -22.13 3.68 -7.81
N SER A 3 -21.95 5.01 -7.67
CA SER A 3 -20.76 5.60 -7.06
C SER A 3 -20.63 5.17 -5.59
N THR A 4 -21.81 5.01 -4.92
CA THR A 4 -21.91 4.53 -3.54
C THR A 4 -21.35 3.10 -3.39
N VAL A 5 -21.95 2.15 -4.14
CA VAL A 5 -21.62 0.71 -4.02
C VAL A 5 -20.15 0.46 -4.43
N GLU A 6 -19.69 1.18 -5.48
CA GLU A 6 -18.29 1.09 -5.95
C GLU A 6 -17.36 1.55 -4.83
N PHE A 7 -17.53 2.81 -4.39
CA PHE A 7 -16.68 3.48 -3.36
C PHE A 7 -16.47 2.57 -2.12
N ILE A 8 -17.59 2.04 -1.61
CA ILE A 8 -17.60 1.21 -0.39
C ILE A 8 -16.93 -0.17 -0.65
N ASN A 9 -17.24 -0.80 -1.81
CA ASN A 9 -16.68 -2.13 -2.18
C ASN A 9 -15.18 -2.04 -2.56
N ARG A 10 -14.74 -0.84 -3.00
CA ARG A 10 -13.35 -0.58 -3.36
C ARG A 10 -12.54 -0.38 -2.08
N TRP A 11 -13.04 0.48 -1.15
CA TRP A 11 -12.42 0.66 0.18
C TRP A 11 -12.38 -0.67 0.95
N GLN A 12 -13.45 -1.48 0.80
CA GLN A 12 -13.55 -2.83 1.38
C GLN A 12 -12.45 -3.71 0.84
N ARG A 13 -12.32 -3.73 -0.50
CA ARG A 13 -11.32 -4.53 -1.23
C ARG A 13 -9.89 -4.18 -0.77
N ILE A 14 -9.62 -2.87 -0.63
CA ILE A 14 -8.31 -2.33 -0.22
C ILE A 14 -8.02 -2.67 1.25
N ALA A 15 -9.05 -2.66 2.10
CA ALA A 15 -8.94 -3.02 3.53
C ALA A 15 -8.57 -4.50 3.67
N LEU A 16 -9.25 -5.35 2.86
CA LEU A 16 -9.03 -6.79 2.80
C LEU A 16 -7.61 -7.11 2.29
N LEU A 17 -7.22 -6.44 1.20
CA LEU A 17 -5.88 -6.57 0.59
C LEU A 17 -4.79 -6.10 1.56
N SER A 18 -5.03 -4.98 2.25
CA SER A 18 -4.04 -4.33 3.13
C SER A 18 -3.73 -5.21 4.35
N GLN A 19 -4.80 -5.75 4.97
CA GLN A 19 -4.65 -6.62 6.15
C GLN A 19 -4.07 -7.99 5.75
N SER A 20 -4.43 -8.49 4.54
CA SER A 20 -3.88 -9.75 4.02
C SER A 20 -2.37 -9.62 3.83
N LEU A 21 -1.96 -8.59 3.05
CA LEU A 21 -0.57 -8.27 2.74
C LEU A 21 0.23 -7.99 4.02
N LEU A 22 -0.43 -7.44 5.04
CA LEU A 22 0.18 -7.17 6.36
C LEU A 22 0.54 -8.48 7.07
N GLU A 23 -0.46 -9.38 7.18
CA GLU A 23 -0.30 -10.72 7.79
C GLU A 23 0.84 -11.47 7.11
N LEU A 24 0.77 -11.47 5.77
CA LEU A 24 1.73 -12.14 4.89
C LEU A 24 3.14 -11.54 5.03
N ALA A 25 3.23 -10.21 5.24
CA ALA A 25 4.51 -9.51 5.48
C ALA A 25 5.15 -10.00 6.79
N GLN A 26 4.31 -10.13 7.82
CA GLN A 26 4.71 -10.65 9.15
C GLN A 26 5.01 -12.16 9.10
N ARG A 27 4.46 -12.88 8.09
CA ARG A 27 4.77 -14.31 7.86
C ARG A 27 6.06 -14.48 7.03
N GLY A 28 6.39 -13.45 6.21
CA GLY A 28 7.54 -13.51 5.29
C GLY A 28 7.18 -13.97 3.88
N GLU A 29 5.90 -13.89 3.53
CA GLU A 29 5.36 -14.23 2.19
C GLU A 29 5.54 -13.05 1.21
N TRP A 30 6.81 -12.74 0.87
CA TRP A 30 7.18 -11.56 0.07
C TRP A 30 6.64 -11.65 -1.37
N ASP A 31 6.58 -12.88 -1.89
CA ASP A 31 6.06 -13.17 -3.23
C ASP A 31 4.56 -12.83 -3.34
N LEU A 32 3.80 -13.16 -2.28
CA LEU A 32 2.35 -12.88 -2.23
C LEU A 32 2.10 -11.35 -2.15
N LEU A 33 3.03 -10.63 -1.50
CA LEU A 33 3.06 -9.15 -1.52
C LEU A 33 3.28 -8.62 -2.94
N LEU A 34 4.30 -9.16 -3.65
CA LEU A 34 4.66 -8.74 -5.02
C LEU A 34 3.56 -9.10 -6.06
N GLN A 35 2.77 -10.14 -5.76
CA GLN A 35 1.67 -10.61 -6.62
C GLN A 35 0.46 -9.68 -6.50
N GLN A 36 -0.04 -9.53 -5.26
CA GLN A 36 -1.22 -8.72 -4.92
C GLN A 36 -0.89 -7.20 -4.92
N GLU A 37 0.42 -6.87 -5.01
CA GLU A 37 0.93 -5.50 -5.20
C GLU A 37 0.15 -4.74 -6.28
N VAL A 38 0.06 -5.34 -7.49
CA VAL A 38 -0.66 -4.74 -8.62
C VAL A 38 -2.14 -4.49 -8.25
N SER A 39 -2.79 -5.50 -7.66
CA SER A 39 -4.22 -5.44 -7.29
C SER A 39 -4.49 -4.31 -6.27
N TYR A 40 -3.57 -4.16 -5.30
CA TYR A 40 -3.69 -3.20 -4.19
C TYR A 40 -3.52 -1.76 -4.69
N LEU A 41 -2.45 -1.53 -5.47
CA LEU A 41 -2.11 -0.18 -5.98
C LEU A 41 -3.14 0.30 -7.04
N GLN A 42 -3.67 -0.65 -7.84
CA GLN A 42 -4.69 -0.36 -8.86
C GLN A 42 -6.05 -0.05 -8.20
N SER A 43 -6.42 -0.80 -7.14
CA SER A 43 -7.68 -0.56 -6.39
C SER A 43 -7.62 0.78 -5.63
N ILE A 44 -6.41 1.12 -5.13
CA ILE A 44 -6.09 2.43 -4.52
C ILE A 44 -6.35 3.57 -5.52
N GLU A 45 -5.77 3.41 -6.72
CA GLU A 45 -5.82 4.40 -7.80
C GLU A 45 -7.29 4.57 -8.26
N THR A 46 -8.00 3.44 -8.23
CA THR A 46 -9.40 3.29 -8.63
C THR A 46 -10.37 3.93 -7.60
N VAL A 47 -10.11 3.78 -6.29
CA VAL A 47 -11.02 4.31 -5.25
C VAL A 47 -10.85 5.83 -5.14
N MET A 48 -9.61 6.30 -5.36
CA MET A 48 -9.29 7.73 -5.33
C MET A 48 -9.84 8.41 -6.59
N GLU A 49 -9.84 7.65 -7.71
CA GLU A 49 -10.49 8.06 -8.98
C GLU A 49 -12.03 8.10 -8.83
N LYS A 50 -12.59 7.24 -7.95
CA LYS A 50 -14.03 7.17 -7.69
C LYS A 50 -14.53 8.46 -7.02
N GLN A 51 -15.24 9.29 -7.81
CA GLN A 51 -15.79 10.57 -7.34
C GLN A 51 -17.25 10.37 -6.88
N THR A 52 -17.45 10.37 -5.56
CA THR A 52 -18.79 10.36 -4.93
C THR A 52 -19.21 11.80 -4.58
N PRO A 53 -20.55 12.12 -4.53
CA PRO A 53 -21.05 13.45 -4.12
C PRO A 53 -20.66 13.80 -2.65
N PRO A 54 -20.57 15.14 -2.30
CA PRO A 54 -20.23 15.61 -0.92
C PRO A 54 -21.11 14.99 0.17
N GLY A 55 -22.43 14.97 -0.09
CA GLY A 55 -23.42 14.45 0.85
C GLY A 55 -23.34 12.94 1.09
N ILE A 56 -22.40 12.53 1.95
CA ILE A 56 -22.21 11.13 2.37
C ILE A 56 -23.07 10.86 3.62
N THR A 57 -23.74 9.71 3.61
CA THR A 57 -24.79 9.34 4.60
C THR A 57 -24.26 8.30 5.61
N ARG A 58 -25.14 7.90 6.57
CA ARG A 58 -24.83 7.00 7.71
C ARG A 58 -23.94 5.81 7.34
N SER A 59 -24.48 4.92 6.47
CA SER A 59 -23.84 3.65 6.13
C SER A 59 -22.51 3.86 5.40
N ILE A 60 -22.49 4.78 4.41
CA ILE A 60 -21.28 5.05 3.60
C ILE A 60 -20.15 5.54 4.50
N GLN A 61 -20.44 6.58 5.32
CA GLN A 61 -19.46 7.21 6.23
C GLN A 61 -18.87 6.18 7.19
N ASP A 62 -19.74 5.39 7.84
CA ASP A 62 -19.35 4.43 8.89
C ASP A 62 -18.46 3.30 8.31
N MET A 63 -18.97 2.62 7.27
CA MET A 63 -18.27 1.48 6.63
C MET A 63 -16.93 1.91 6.03
N VAL A 64 -16.95 2.98 5.20
CA VAL A 64 -15.75 3.51 4.52
C VAL A 64 -14.69 3.95 5.56
N ALA A 65 -15.11 4.67 6.62
CA ALA A 65 -14.19 5.12 7.70
C ALA A 65 -13.54 3.93 8.41
N GLY A 66 -14.30 2.82 8.57
CA GLY A 66 -13.75 1.56 9.10
C GLY A 66 -12.67 0.97 8.20
N TYR A 67 -12.95 0.97 6.88
CA TYR A 67 -12.02 0.47 5.85
C TYR A 67 -10.79 1.38 5.70
N ILE A 68 -10.96 2.67 6.05
CA ILE A 68 -9.89 3.68 6.04
C ILE A 68 -8.92 3.42 7.21
N LYS A 69 -9.50 3.15 8.41
CA LYS A 69 -8.71 2.80 9.60
C LYS A 69 -7.88 1.52 9.32
N GLN A 70 -8.54 0.55 8.66
CA GLN A 70 -7.91 -0.70 8.24
C GLN A 70 -6.72 -0.41 7.31
N THR A 71 -6.99 0.20 6.14
CA THR A 71 -5.97 0.31 5.08
C THR A 71 -4.76 1.17 5.52
N LEU A 72 -5.00 2.25 6.30
CA LEU A 72 -3.94 3.16 6.76
C LEU A 72 -3.10 2.56 7.90
N ASP A 73 -3.73 1.86 8.88
CA ASP A 73 -2.96 1.22 9.98
C ASP A 73 -2.21 -0.03 9.49
N ASN A 74 -2.87 -0.81 8.63
CA ASN A 74 -2.29 -2.02 8.02
C ASN A 74 -1.11 -1.62 7.10
N GLU A 75 -1.26 -0.48 6.38
CA GLU A 75 -0.19 0.07 5.54
C GLU A 75 0.94 0.67 6.39
N GLN A 76 0.59 1.28 7.53
CA GLN A 76 1.57 1.86 8.47
C GLN A 76 2.55 0.77 8.92
N LEU A 77 1.96 -0.37 9.33
CA LEU A 77 2.68 -1.56 9.76
C LEU A 77 3.41 -2.26 8.59
N LEU A 78 2.74 -2.30 7.40
CA LEU A 78 3.31 -2.86 6.13
C LEU A 78 4.62 -2.13 5.77
N LYS A 79 4.48 -0.82 5.54
CA LYS A 79 5.52 0.09 5.07
C LYS A 79 6.66 0.22 6.09
N GLY A 80 6.33 0.19 7.39
CA GLY A 80 7.34 0.16 8.46
C GLY A 80 8.19 -1.11 8.41
N LEU A 81 7.51 -2.26 8.38
CA LEU A 81 8.13 -3.60 8.34
C LEU A 81 8.98 -3.79 7.06
N LEU A 82 8.43 -3.33 5.92
CA LEU A 82 9.03 -3.53 4.59
C LEU A 82 10.25 -2.62 4.38
N GLN A 83 10.18 -1.40 4.92
CA GLN A 83 11.33 -0.46 4.96
C GLN A 83 12.47 -1.09 5.79
N GLN A 84 12.09 -1.65 6.95
CA GLN A 84 13.02 -2.36 7.86
C GLN A 84 13.65 -3.57 7.14
N ARG A 85 12.83 -4.29 6.36
CA ARG A 85 13.24 -5.50 5.65
C ARG A 85 14.15 -5.19 4.45
N LEU A 86 13.91 -4.07 3.75
CA LEU A 86 14.72 -3.67 2.59
C LEU A 86 16.10 -3.16 3.06
N ASP A 87 16.11 -2.47 4.22
CA ASP A 87 17.35 -2.03 4.89
C ASP A 87 18.16 -3.25 5.40
N GLU A 88 17.43 -4.25 5.92
CA GLU A 88 18.00 -5.53 6.38
C GLU A 88 18.63 -6.29 5.20
N LEU A 89 17.88 -6.39 4.08
CA LEU A 89 18.33 -7.03 2.83
C LEU A 89 19.62 -6.37 2.31
N SER A 90 19.66 -5.02 2.41
CA SER A 90 20.85 -4.22 2.04
C SER A 90 22.07 -4.59 2.92
N SER A 91 21.82 -4.78 4.22
CA SER A 91 22.86 -5.19 5.19
C SER A 91 23.37 -6.63 4.90
N LEU A 92 22.48 -7.50 4.37
CA LEU A 92 22.82 -8.90 4.01
C LEU A 92 23.72 -8.92 2.74
N ILE A 93 23.38 -8.03 1.79
CA ILE A 93 24.17 -7.74 0.58
C ILE A 93 25.56 -7.16 0.98
N GLY A 94 25.55 -6.41 2.09
CA GLY A 94 26.76 -5.85 2.68
C GLY A 94 27.07 -4.46 2.15
N GLN A 95 26.02 -3.74 1.71
CA GLN A 95 26.11 -2.38 1.16
C GLN A 95 24.97 -1.51 1.70
N VAL A 96 25.15 -0.20 1.58
CA VAL A 96 24.19 0.83 2.03
C VAL A 96 23.43 1.42 0.82
N LEU A 97 22.10 1.60 0.98
CA LEU A 97 21.22 2.11 -0.10
C LEU A 97 21.65 3.49 -0.59
N PHE A 98 21.93 4.39 0.35
CA PHE A 98 22.35 5.77 0.06
C PHE A 98 23.88 5.90 0.17
N GLN A 99 24.53 5.89 -1.00
CA GLN A 99 25.99 6.08 -1.16
C GLN A 99 26.25 7.20 -2.19
N GLY A 100 25.15 7.79 -2.69
CA GLY A 100 25.18 8.91 -3.61
C GLY A 100 23.82 9.62 -3.63
N PRO A 101 23.76 10.94 -4.00
CA PRO A 101 22.49 11.72 -3.96
C PRO A 101 21.43 11.18 -4.94
N SER A 102 21.88 10.55 -6.03
CA SER A 102 21.03 9.81 -6.97
C SER A 102 21.69 8.44 -7.25
N ALA A 103 21.43 7.47 -6.35
CA ALA A 103 21.94 6.10 -6.45
C ALA A 103 21.26 5.17 -5.43
N GLY A 104 21.22 3.85 -5.76
CA GLY A 104 20.62 2.83 -4.89
C GLY A 104 21.47 1.56 -4.84
N LEU A 105 20.81 0.40 -4.69
CA LEU A 105 21.49 -0.93 -4.65
C LEU A 105 20.88 -1.89 -5.67
N VAL A 106 21.72 -2.89 -6.06
CA VAL A 106 21.43 -3.98 -7.03
C VAL A 106 20.49 -3.57 -8.22
N PRO A 107 20.90 -2.55 -9.04
CA PRO A 107 20.06 -2.07 -10.18
C PRO A 107 20.28 -2.93 -11.45
N ARG A 108 21.15 -3.94 -11.29
CA ARG A 108 21.56 -4.88 -12.35
C ARG A 108 22.03 -6.19 -11.68
N GLY A 109 21.34 -6.57 -10.58
CA GLY A 109 21.68 -7.77 -9.81
C GLY A 109 21.24 -9.08 -10.48
N SER A 110 20.94 -10.10 -9.67
CA SER A 110 20.56 -11.44 -10.16
C SER A 110 19.02 -11.61 -10.21
N GLY A 111 18.40 -11.05 -11.28
CA GLY A 111 17.01 -11.34 -11.65
C GLY A 111 15.96 -10.98 -10.60
N GLY A 112 15.63 -11.96 -9.73
CA GLY A 112 14.51 -11.84 -8.77
C GLY A 112 14.74 -10.81 -7.67
N ILE A 113 16.02 -10.48 -7.39
CA ILE A 113 16.38 -9.45 -6.40
C ILE A 113 16.05 -8.05 -6.98
N GLU A 114 16.25 -7.89 -8.30
CA GLU A 114 15.92 -6.65 -9.03
C GLU A 114 14.40 -6.43 -8.98
N GLY A 115 13.65 -7.54 -9.21
CA GLY A 115 12.20 -7.54 -9.09
C GLY A 115 11.75 -7.10 -7.70
N MET A 116 12.22 -7.82 -6.67
CA MET A 116 11.87 -7.58 -5.25
C MET A 116 12.12 -6.11 -4.83
N THR A 117 13.33 -5.61 -5.09
CA THR A 117 13.76 -4.27 -4.66
C THR A 117 12.99 -3.16 -5.39
N THR A 118 13.02 -3.18 -6.74
CA THR A 118 12.39 -2.13 -7.57
C THR A 118 10.87 -2.03 -7.29
N ARG A 119 10.21 -3.20 -7.23
CA ARG A 119 8.78 -3.31 -6.93
C ARG A 119 8.47 -2.67 -5.56
N LEU A 120 9.08 -3.23 -4.48
CA LEU A 120 8.78 -2.80 -3.09
C LEU A 120 9.12 -1.32 -2.83
N THR A 121 10.21 -0.80 -3.42
CA THR A 121 10.59 0.62 -3.27
C THR A 121 9.54 1.55 -3.93
N ARG A 122 9.18 1.25 -5.20
CA ARG A 122 8.14 2.01 -5.94
C ARG A 122 6.74 1.80 -5.30
N TRP A 123 6.58 0.65 -4.63
CA TRP A 123 5.37 0.29 -3.89
C TRP A 123 5.25 1.15 -2.62
N LEU A 124 6.38 1.36 -1.90
CA LEU A 124 6.39 2.15 -0.63
C LEU A 124 6.14 3.62 -0.96
N THR A 125 6.63 4.02 -2.16
CA THR A 125 6.40 5.34 -2.75
C THR A 125 4.90 5.55 -3.07
N ALA A 126 4.26 4.51 -3.65
CA ALA A 126 2.81 4.51 -3.95
C ALA A 126 1.98 4.42 -2.65
N LEU A 127 2.57 3.86 -1.59
CA LEU A 127 1.95 3.78 -0.25
C LEU A 127 1.92 5.18 0.39
N ASP A 128 3.04 5.90 0.32
CA ASP A 128 3.14 7.29 0.83
C ASP A 128 2.23 8.24 0.03
N ASN A 129 2.13 7.97 -1.28
CA ASN A 129 1.23 8.67 -2.20
C ASN A 129 -0.23 8.55 -1.73
N PHE A 130 -0.64 7.28 -1.52
CA PHE A 130 -2.00 6.93 -1.07
C PHE A 130 -2.29 7.56 0.30
N GLU A 131 -1.50 7.16 1.32
CA GLU A 131 -1.59 7.67 2.72
C GLU A 131 -1.80 9.19 2.76
N ALA A 132 -0.92 9.93 2.05
CA ALA A 132 -0.95 11.39 2.03
C ALA A 132 -2.28 11.91 1.48
N LYS A 133 -2.58 11.56 0.21
CA LYS A 133 -3.74 12.11 -0.51
C LYS A 133 -5.09 11.69 0.14
N MET A 134 -5.13 10.45 0.66
CA MET A 134 -6.37 9.87 1.20
C MET A 134 -6.63 10.37 2.64
N ALA A 135 -5.55 10.74 3.37
CA ALA A 135 -5.68 11.40 4.69
C ALA A 135 -6.05 12.88 4.49
N LEU A 136 -5.67 13.44 3.32
CA LEU A 136 -6.03 14.81 2.93
C LEU A 136 -7.45 14.89 2.31
N LEU A 137 -8.06 13.71 1.99
CA LEU A 137 -9.53 13.62 1.74
C LEU A 137 -10.32 14.14 2.98
N PRO A 138 -11.06 15.29 2.87
CA PRO A 138 -11.91 15.79 3.98
C PRO A 138 -13.36 15.23 3.93
N ALA A 139 -13.69 14.50 2.84
CA ALA A 139 -15.02 13.89 2.62
C ALA A 139 -15.23 12.71 3.59
N VAL A 140 -14.23 11.83 3.62
CA VAL A 140 -14.25 10.58 4.38
C VAL A 140 -12.96 10.44 5.21
N MET A 1 -27.56 3.94 -6.80
CA MET A 1 -26.50 4.06 -5.78
C MET A 1 -25.18 3.43 -6.27
N THR A 2 -24.99 3.32 -7.60
CA THR A 2 -23.85 2.59 -8.20
C THR A 2 -22.49 3.19 -7.79
N SER A 3 -22.42 4.54 -7.69
CA SER A 3 -21.21 5.28 -7.27
C SER A 3 -20.86 4.95 -5.80
N THR A 4 -21.92 4.84 -4.97
CA THR A 4 -21.84 4.45 -3.56
C THR A 4 -21.33 2.99 -3.42
N VAL A 5 -21.86 2.08 -4.25
CA VAL A 5 -21.49 0.65 -4.20
C VAL A 5 -20.02 0.47 -4.61
N GLU A 6 -19.59 1.16 -5.70
CA GLU A 6 -18.17 1.15 -6.12
C GLU A 6 -17.27 1.67 -4.99
N PHE A 7 -17.66 2.83 -4.42
CA PHE A 7 -16.90 3.53 -3.35
C PHE A 7 -16.63 2.59 -2.14
N ILE A 8 -17.72 2.07 -1.55
CA ILE A 8 -17.70 1.21 -0.34
C ILE A 8 -16.95 -0.12 -0.61
N ASN A 9 -17.22 -0.73 -1.79
CA ASN A 9 -16.65 -2.06 -2.15
C ASN A 9 -15.16 -1.98 -2.49
N ARG A 10 -14.72 -0.82 -3.02
CA ARG A 10 -13.30 -0.59 -3.32
C ARG A 10 -12.53 -0.34 -2.02
N TRP A 11 -13.12 0.44 -1.08
CA TRP A 11 -12.53 0.63 0.26
C TRP A 11 -12.46 -0.69 1.04
N GLN A 12 -13.51 -1.51 0.89
CA GLN A 12 -13.58 -2.87 1.46
C GLN A 12 -12.46 -3.74 0.89
N ARG A 13 -12.29 -3.63 -0.46
CA ARG A 13 -11.26 -4.37 -1.21
C ARG A 13 -9.84 -4.02 -0.72
N ILE A 14 -9.60 -2.71 -0.49
CA ILE A 14 -8.29 -2.19 -0.05
C ILE A 14 -7.99 -2.62 1.41
N ALA A 15 -9.04 -2.61 2.27
CA ALA A 15 -8.93 -3.04 3.69
C ALA A 15 -8.56 -4.53 3.78
N LEU A 16 -9.29 -5.35 2.99
CA LEU A 16 -9.07 -6.80 2.90
C LEU A 16 -7.66 -7.12 2.36
N LEU A 17 -7.28 -6.40 1.29
CA LEU A 17 -5.96 -6.56 0.65
C LEU A 17 -4.84 -6.24 1.65
N SER A 18 -4.91 -5.06 2.30
CA SER A 18 -3.85 -4.56 3.20
C SER A 18 -3.67 -5.46 4.43
N GLN A 19 -4.79 -5.93 5.02
CA GLN A 19 -4.73 -6.83 6.20
C GLN A 19 -4.15 -8.20 5.82
N SER A 20 -4.53 -8.71 4.63
CA SER A 20 -3.99 -9.97 4.10
C SER A 20 -2.48 -9.84 3.87
N LEU A 21 -2.09 -8.75 3.16
CA LEU A 21 -0.70 -8.42 2.83
C LEU A 21 0.14 -8.28 4.10
N LEU A 22 -0.47 -7.73 5.17
CA LEU A 22 0.18 -7.57 6.47
C LEU A 22 0.50 -8.93 7.08
N GLU A 23 -0.52 -9.81 7.16
CA GLU A 23 -0.39 -11.17 7.73
C GLU A 23 0.68 -11.99 6.98
N LEU A 24 0.69 -11.79 5.65
CA LEU A 24 1.67 -12.42 4.73
C LEU A 24 3.09 -11.93 5.04
N ALA A 25 3.24 -10.60 5.22
CA ALA A 25 4.55 -9.97 5.48
C ALA A 25 5.06 -10.29 6.90
N GLN A 26 4.12 -10.46 7.84
CA GLN A 26 4.41 -10.86 9.24
C GLN A 26 4.91 -12.31 9.28
N ARG A 27 4.30 -13.18 8.45
CA ARG A 27 4.66 -14.61 8.37
C ARG A 27 5.84 -14.83 7.38
N GLY A 28 6.06 -13.85 6.48
CA GLY A 28 7.18 -13.89 5.52
C GLY A 28 6.82 -14.36 4.11
N GLU A 29 5.52 -14.48 3.78
CA GLU A 29 5.06 -14.72 2.38
C GLU A 29 5.11 -13.40 1.57
N TRP A 30 6.25 -13.16 0.91
CA TRP A 30 6.47 -11.99 0.04
C TRP A 30 5.82 -12.22 -1.36
N ASP A 31 5.46 -13.49 -1.62
CA ASP A 31 4.89 -13.96 -2.89
C ASP A 31 3.60 -13.19 -3.25
N LEU A 32 2.62 -13.30 -2.34
CA LEU A 32 1.30 -12.67 -2.52
C LEU A 32 1.39 -11.14 -2.36
N LEU A 33 2.49 -10.63 -1.77
CA LEU A 33 2.78 -9.18 -1.81
C LEU A 33 3.08 -8.75 -3.25
N LEU A 34 3.99 -9.48 -3.92
CA LEU A 34 4.38 -9.19 -5.32
C LEU A 34 3.24 -9.53 -6.32
N GLN A 35 2.34 -10.44 -5.93
CA GLN A 35 1.19 -10.86 -6.78
C GLN A 35 0.06 -9.82 -6.68
N GLN A 36 -0.40 -9.61 -5.45
CA GLN A 36 -1.50 -8.68 -5.11
C GLN A 36 -1.04 -7.20 -5.20
N GLU A 37 0.29 -6.98 -5.35
CA GLU A 37 0.90 -5.64 -5.57
C GLU A 37 0.13 -4.80 -6.58
N VAL A 38 -0.02 -5.34 -7.81
CA VAL A 38 -0.74 -4.65 -8.91
C VAL A 38 -2.20 -4.38 -8.52
N SER A 39 -2.82 -5.34 -7.79
CA SER A 39 -4.24 -5.29 -7.42
C SER A 39 -4.52 -4.31 -6.27
N TYR A 40 -3.53 -4.13 -5.38
CA TYR A 40 -3.63 -3.23 -4.21
C TYR A 40 -3.45 -1.79 -4.67
N LEU A 41 -2.46 -1.57 -5.53
CA LEU A 41 -2.18 -0.25 -6.10
C LEU A 41 -3.24 0.14 -7.15
N GLN A 42 -3.87 -0.88 -7.78
CA GLN A 42 -5.01 -0.66 -8.70
C GLN A 42 -6.25 -0.21 -7.92
N SER A 43 -6.56 -0.93 -6.81
CA SER A 43 -7.74 -0.62 -5.96
C SER A 43 -7.61 0.77 -5.32
N ILE A 44 -6.37 1.09 -4.87
CA ILE A 44 -5.99 2.42 -4.37
C ILE A 44 -6.27 3.51 -5.43
N GLU A 45 -5.73 3.28 -6.63
CA GLU A 45 -5.81 4.24 -7.74
C GLU A 45 -7.27 4.48 -8.16
N THR A 46 -8.06 3.40 -8.26
CA THR A 46 -9.43 3.46 -8.77
C THR A 46 -10.41 4.04 -7.73
N VAL A 47 -10.14 3.87 -6.41
CA VAL A 47 -11.01 4.44 -5.36
C VAL A 47 -10.74 5.95 -5.22
N MET A 48 -9.44 6.34 -5.37
CA MET A 48 -9.02 7.75 -5.30
C MET A 48 -9.45 8.48 -6.59
N GLU A 49 -9.59 7.70 -7.68
CA GLU A 49 -10.10 8.18 -8.97
C GLU A 49 -11.65 8.23 -8.94
N LYS A 50 -12.27 7.39 -8.09
CA LYS A 50 -13.74 7.29 -7.99
C LYS A 50 -14.34 8.58 -7.41
N GLN A 51 -14.90 9.42 -8.30
CA GLN A 51 -15.64 10.63 -7.93
C GLN A 51 -16.86 10.24 -7.09
N THR A 52 -16.92 10.76 -5.87
CA THR A 52 -17.96 10.43 -4.88
C THR A 52 -19.04 11.53 -4.89
N PRO A 53 -20.38 11.17 -4.80
CA PRO A 53 -21.47 12.16 -4.62
C PRO A 53 -21.24 13.08 -3.39
N PRO A 54 -21.78 14.35 -3.41
CA PRO A 54 -21.58 15.34 -2.31
C PRO A 54 -22.15 14.84 -0.97
N GLY A 55 -23.40 14.34 -1.02
CA GLY A 55 -24.13 13.87 0.15
C GLY A 55 -23.61 12.54 0.70
N ILE A 56 -22.44 12.60 1.37
CA ILE A 56 -21.84 11.45 2.04
C ILE A 56 -22.54 11.24 3.40
N THR A 57 -23.49 10.29 3.45
CA THR A 57 -24.33 10.05 4.65
C THR A 57 -23.58 9.17 5.69
N ARG A 58 -24.19 9.03 6.88
CA ARG A 58 -23.53 8.51 8.10
C ARG A 58 -23.13 7.02 7.97
N SER A 59 -24.02 6.18 7.42
CA SER A 59 -23.77 4.73 7.28
C SER A 59 -22.64 4.44 6.28
N ILE A 60 -22.67 5.15 5.12
CA ILE A 60 -21.63 5.04 4.09
C ILE A 60 -20.28 5.47 4.67
N GLN A 61 -20.27 6.67 5.27
CA GLN A 61 -19.06 7.27 5.86
C GLN A 61 -18.51 6.43 7.02
N ASP A 62 -19.41 5.75 7.76
CA ASP A 62 -19.01 4.88 8.90
C ASP A 62 -18.26 3.65 8.39
N MET A 63 -18.90 2.92 7.43
CA MET A 63 -18.33 1.70 6.83
C MET A 63 -17.01 2.00 6.12
N VAL A 64 -17.05 3.04 5.26
CA VAL A 64 -15.89 3.52 4.48
C VAL A 64 -14.73 3.92 5.40
N ALA A 65 -15.01 4.77 6.43
CA ALA A 65 -13.99 5.22 7.41
C ALA A 65 -13.46 4.03 8.22
N GLY A 66 -14.31 2.99 8.40
CA GLY A 66 -13.90 1.73 9.01
C GLY A 66 -12.80 1.06 8.21
N TYR A 67 -13.07 0.89 6.89
CA TYR A 67 -12.12 0.30 5.93
C TYR A 67 -10.85 1.16 5.78
N ILE A 68 -11.03 2.49 5.93
CA ILE A 68 -9.95 3.48 5.85
C ILE A 68 -8.99 3.32 7.04
N LYS A 69 -9.54 3.26 8.27
CA LYS A 69 -8.73 3.12 9.49
C LYS A 69 -7.97 1.80 9.49
N GLN A 70 -8.68 0.73 9.05
CA GLN A 70 -8.09 -0.61 8.89
C GLN A 70 -6.92 -0.56 7.90
N THR A 71 -7.19 -0.11 6.67
CA THR A 71 -6.21 -0.19 5.58
C THR A 71 -4.98 0.67 5.84
N LEU A 72 -5.18 1.88 6.41
CA LEU A 72 -4.07 2.79 6.78
C LEU A 72 -3.23 2.22 7.94
N ASP A 73 -3.87 1.52 8.90
CA ASP A 73 -3.16 0.86 10.00
C ASP A 73 -2.28 -0.31 9.48
N ASN A 74 -2.92 -1.19 8.68
CA ASN A 74 -2.27 -2.39 8.10
C ASN A 74 -1.16 -1.99 7.11
N GLU A 75 -1.40 -0.91 6.35
CA GLU A 75 -0.45 -0.37 5.36
C GLU A 75 0.72 0.33 6.06
N GLN A 76 0.43 0.99 7.21
CA GLN A 76 1.47 1.61 8.06
C GLN A 76 2.45 0.55 8.57
N LEU A 77 1.87 -0.55 9.07
CA LEU A 77 2.61 -1.72 9.56
C LEU A 77 3.40 -2.38 8.42
N LEU A 78 2.76 -2.50 7.22
CA LEU A 78 3.43 -2.96 5.97
C LEU A 78 4.61 -2.07 5.63
N LYS A 79 4.38 -0.77 5.72
CA LYS A 79 5.31 0.27 5.29
C LYS A 79 6.61 0.19 6.10
N GLY A 80 6.47 0.16 7.45
CA GLY A 80 7.61 0.08 8.36
C GLY A 80 8.30 -1.28 8.31
N LEU A 81 7.50 -2.36 8.21
CA LEU A 81 7.99 -3.76 8.14
C LEU A 81 8.92 -3.91 6.95
N LEU A 82 8.35 -3.67 5.76
CA LEU A 82 9.02 -3.78 4.46
C LEU A 82 10.19 -2.80 4.34
N GLN A 83 10.07 -1.61 4.95
CA GLN A 83 11.15 -0.59 4.96
C GLN A 83 12.39 -1.13 5.67
N GLN A 84 12.20 -1.69 6.88
CA GLN A 84 13.34 -2.22 7.70
C GLN A 84 13.83 -3.56 7.15
N ARG A 85 12.95 -4.29 6.42
CA ARG A 85 13.31 -5.54 5.75
C ARG A 85 14.18 -5.24 4.52
N LEU A 86 13.79 -4.23 3.72
CA LEU A 86 14.54 -3.81 2.51
C LEU A 86 15.88 -3.17 2.90
N ASP A 87 15.86 -2.39 4.00
CA ASP A 87 17.04 -1.74 4.58
C ASP A 87 18.08 -2.82 5.00
N GLU A 88 17.58 -3.80 5.77
CA GLU A 88 18.38 -4.96 6.20
C GLU A 88 18.95 -5.73 4.99
N LEU A 89 18.05 -6.17 4.09
CA LEU A 89 18.38 -6.96 2.88
C LEU A 89 19.42 -6.22 2.00
N SER A 90 19.22 -4.91 1.80
CA SER A 90 20.14 -4.10 0.97
C SER A 90 21.49 -3.90 1.68
N SER A 91 21.52 -4.01 3.03
CA SER A 91 22.76 -4.01 3.82
C SER A 91 23.47 -5.40 3.75
N LEU A 92 22.68 -6.49 3.69
CA LEU A 92 23.21 -7.88 3.64
C LEU A 92 23.84 -8.17 2.27
N ILE A 93 23.11 -7.72 1.23
CA ILE A 93 23.43 -7.96 -0.18
C ILE A 93 24.42 -6.89 -0.69
N GLY A 94 24.18 -5.62 -0.29
CA GLY A 94 25.09 -4.50 -0.60
C GLY A 94 25.62 -3.88 0.69
N GLN A 95 25.19 -2.63 1.00
CA GLN A 95 25.53 -1.92 2.24
C GLN A 95 24.64 -0.67 2.35
N VAL A 96 24.13 -0.40 3.56
CA VAL A 96 23.37 0.83 3.89
C VAL A 96 24.31 1.86 4.54
N LEU A 97 24.30 3.08 3.98
CA LEU A 97 25.12 4.20 4.44
C LEU A 97 24.35 4.99 5.54
N PHE A 98 24.73 6.27 5.74
CA PHE A 98 23.97 7.23 6.58
C PHE A 98 22.50 7.33 6.10
N GLN A 99 22.32 7.19 4.78
CA GLN A 99 21.01 7.15 4.11
C GLN A 99 20.88 5.78 3.40
N GLY A 100 19.69 5.14 3.52
CA GLY A 100 19.49 3.77 3.05
C GLY A 100 18.98 3.70 1.61
N PRO A 101 17.78 3.06 1.34
CA PRO A 101 17.21 2.93 -0.03
C PRO A 101 16.84 4.30 -0.68
N SER A 102 17.87 4.95 -1.23
CA SER A 102 17.76 6.24 -1.97
C SER A 102 18.85 6.28 -3.06
N ALA A 103 19.44 5.10 -3.35
CA ALA A 103 20.54 4.93 -4.32
C ALA A 103 20.56 3.47 -4.79
N GLY A 104 21.37 3.19 -5.83
CA GLY A 104 21.54 1.83 -6.34
C GLY A 104 22.43 0.98 -5.43
N LEU A 105 21.83 0.41 -4.38
CA LEU A 105 22.54 -0.42 -3.38
C LEU A 105 22.78 -1.85 -3.92
N VAL A 106 22.00 -2.22 -4.95
CA VAL A 106 22.18 -3.45 -5.73
C VAL A 106 21.87 -3.14 -7.23
N PRO A 107 22.85 -2.47 -7.95
CA PRO A 107 22.67 -2.03 -9.35
C PRO A 107 23.16 -3.09 -10.37
N ARG A 108 22.30 -3.44 -11.33
CA ARG A 108 22.61 -4.39 -12.42
C ARG A 108 22.10 -3.86 -13.78
N GLY A 109 20.90 -3.25 -13.75
CA GLY A 109 20.16 -2.87 -14.97
C GLY A 109 19.15 -3.95 -15.37
N SER A 110 19.26 -5.13 -14.71
CA SER A 110 18.43 -6.31 -14.94
C SER A 110 18.84 -7.38 -13.89
N GLY A 111 18.00 -7.59 -12.87
CA GLY A 111 18.28 -8.57 -11.81
C GLY A 111 17.05 -8.92 -10.97
N GLY A 112 17.09 -10.11 -10.32
CA GLY A 112 15.97 -10.60 -9.50
C GLY A 112 15.84 -9.86 -8.16
N ILE A 113 16.98 -9.72 -7.45
CA ILE A 113 17.07 -8.97 -6.18
C ILE A 113 16.83 -7.48 -6.42
N GLU A 114 17.47 -6.95 -7.50
CA GLU A 114 17.29 -5.57 -7.94
C GLU A 114 15.81 -5.30 -8.25
N GLY A 115 15.16 -6.28 -8.90
CA GLY A 115 13.74 -6.20 -9.23
C GLY A 115 12.87 -6.19 -7.99
N MET A 116 13.21 -7.04 -7.00
CA MET A 116 12.50 -7.13 -5.71
C MET A 116 12.51 -5.77 -4.98
N THR A 117 13.72 -5.18 -4.89
CA THR A 117 13.95 -3.93 -4.16
C THR A 117 13.26 -2.75 -4.87
N THR A 118 13.41 -2.66 -6.21
CA THR A 118 12.78 -1.60 -7.01
C THR A 118 11.24 -1.66 -6.93
N ARG A 119 10.69 -2.90 -7.00
CA ARG A 119 9.24 -3.14 -6.85
C ARG A 119 8.76 -2.60 -5.50
N LEU A 120 9.39 -3.08 -4.42
CA LEU A 120 8.93 -2.82 -3.05
C LEU A 120 9.22 -1.39 -2.57
N THR A 121 10.23 -0.71 -3.15
CA THR A 121 10.48 0.72 -2.83
C THR A 121 9.47 1.62 -3.57
N ARG A 122 9.17 1.26 -4.85
CA ARG A 122 8.10 1.91 -5.65
C ARG A 122 6.72 1.68 -4.97
N TRP A 123 6.59 0.50 -4.37
CA TRP A 123 5.43 0.07 -3.59
C TRP A 123 5.30 0.96 -2.34
N LEU A 124 6.38 1.09 -1.54
CA LEU A 124 6.37 1.85 -0.27
C LEU A 124 6.10 3.36 -0.49
N THR A 125 6.59 3.90 -1.62
CA THR A 125 6.35 5.32 -1.96
C THR A 125 4.93 5.52 -2.53
N ALA A 126 4.38 4.47 -3.20
CA ALA A 126 2.96 4.46 -3.65
C ALA A 126 2.00 4.32 -2.44
N LEU A 127 2.47 3.60 -1.40
CA LEU A 127 1.75 3.45 -0.13
C LEU A 127 1.73 4.80 0.60
N ASP A 128 2.91 5.46 0.59
CA ASP A 128 3.09 6.80 1.19
C ASP A 128 2.23 7.85 0.47
N ASN A 129 2.08 7.68 -0.87
CA ASN A 129 1.26 8.58 -1.72
C ASN A 129 -0.22 8.43 -1.37
N PHE A 130 -0.68 7.17 -1.23
CA PHE A 130 -2.06 6.85 -0.82
C PHE A 130 -2.33 7.40 0.57
N GLU A 131 -1.55 6.93 1.56
CA GLU A 131 -1.59 7.35 2.98
C GLU A 131 -1.73 8.87 3.13
N ALA A 132 -0.78 9.61 2.53
CA ALA A 132 -0.71 11.07 2.61
C ALA A 132 -1.95 11.73 1.96
N LYS A 133 -2.17 11.47 0.66
CA LYS A 133 -3.22 12.15 -0.14
C LYS A 133 -4.64 11.78 0.33
N MET A 134 -4.80 10.57 0.84
CA MET A 134 -6.09 10.12 1.35
C MET A 134 -6.34 10.72 2.75
N ALA A 135 -5.26 11.00 3.50
CA ALA A 135 -5.34 11.81 4.74
C ALA A 135 -5.52 13.31 4.40
N LEU A 136 -5.26 13.68 3.13
CA LEU A 136 -5.55 15.04 2.59
C LEU A 136 -6.99 15.13 2.02
N LEU A 137 -7.65 13.96 1.74
CA LEU A 137 -9.12 13.91 1.40
C LEU A 137 -9.97 14.64 2.48
N PRO A 138 -10.62 15.80 2.15
CA PRO A 138 -11.42 16.57 3.12
C PRO A 138 -12.93 16.19 3.14
N ALA A 139 -13.24 14.94 2.78
CA ALA A 139 -14.64 14.46 2.62
C ALA A 139 -14.91 13.20 3.46
N VAL A 140 -13.88 12.37 3.61
CA VAL A 140 -13.93 11.11 4.38
C VAL A 140 -12.74 11.05 5.36
N MET A 1 -27.05 4.30 -6.88
CA MET A 1 -26.59 3.04 -6.22
C MET A 1 -25.18 2.67 -6.68
N THR A 2 -24.91 2.82 -7.99
CA THR A 2 -23.65 2.39 -8.61
C THR A 2 -22.41 3.00 -7.91
N SER A 3 -22.40 4.35 -7.77
CA SER A 3 -21.28 5.09 -7.17
C SER A 3 -21.06 4.70 -5.70
N THR A 4 -22.16 4.53 -4.95
CA THR A 4 -22.16 4.12 -3.53
C THR A 4 -21.47 2.75 -3.36
N VAL A 5 -22.01 1.74 -4.08
CA VAL A 5 -21.54 0.35 -4.01
C VAL A 5 -20.06 0.24 -4.41
N GLU A 6 -19.70 0.80 -5.60
CA GLU A 6 -18.36 0.67 -6.14
C GLU A 6 -17.32 1.37 -5.24
N PHE A 7 -17.66 2.56 -4.70
CA PHE A 7 -16.78 3.34 -3.79
C PHE A 7 -16.45 2.54 -2.51
N ILE A 8 -17.52 2.06 -1.85
CA ILE A 8 -17.45 1.31 -0.58
C ILE A 8 -16.77 -0.07 -0.79
N ASN A 9 -16.96 -0.68 -1.97
CA ASN A 9 -16.41 -2.00 -2.32
C ASN A 9 -14.94 -1.90 -2.78
N ARG A 10 -14.54 -0.72 -3.29
CA ARG A 10 -13.12 -0.43 -3.61
C ARG A 10 -12.34 -0.24 -2.31
N TRP A 11 -12.93 0.53 -1.37
CA TRP A 11 -12.37 0.69 0.00
C TRP A 11 -12.28 -0.65 0.73
N GLN A 12 -13.33 -1.48 0.55
CA GLN A 12 -13.41 -2.81 1.15
C GLN A 12 -12.33 -3.73 0.57
N ARG A 13 -12.12 -3.60 -0.76
CA ARG A 13 -11.11 -4.38 -1.48
C ARG A 13 -9.71 -4.08 -0.94
N ILE A 14 -9.41 -2.77 -0.76
CA ILE A 14 -8.11 -2.30 -0.21
C ILE A 14 -7.92 -2.79 1.23
N ALA A 15 -8.97 -2.66 2.06
CA ALA A 15 -8.92 -3.01 3.50
C ALA A 15 -8.62 -4.51 3.71
N LEU A 16 -9.39 -5.36 3.00
CA LEU A 16 -9.23 -6.82 3.06
C LEU A 16 -7.85 -7.24 2.50
N LEU A 17 -7.43 -6.61 1.38
CA LEU A 17 -6.10 -6.82 0.78
C LEU A 17 -4.98 -6.39 1.76
N SER A 18 -5.20 -5.27 2.47
CA SER A 18 -4.17 -4.67 3.34
C SER A 18 -3.91 -5.54 4.57
N GLN A 19 -4.99 -6.06 5.18
CA GLN A 19 -4.89 -6.94 6.35
C GLN A 19 -4.37 -8.34 5.97
N SER A 20 -4.75 -8.82 4.75
CA SER A 20 -4.22 -10.09 4.20
C SER A 20 -2.70 -9.99 3.97
N LEU A 21 -2.30 -8.93 3.24
CA LEU A 21 -0.89 -8.63 2.91
C LEU A 21 -0.09 -8.36 4.18
N LEU A 22 -0.75 -7.84 5.23
CA LEU A 22 -0.11 -7.62 6.54
C LEU A 22 0.25 -8.96 7.18
N GLU A 23 -0.73 -9.89 7.24
CA GLU A 23 -0.50 -11.26 7.75
C GLU A 23 0.71 -11.91 7.04
N LEU A 24 0.70 -11.75 5.72
CA LEU A 24 1.71 -12.30 4.82
C LEU A 24 3.07 -11.61 4.99
N ALA A 25 3.08 -10.30 5.27
CA ALA A 25 4.33 -9.51 5.47
C ALA A 25 5.02 -9.94 6.77
N GLN A 26 4.20 -10.21 7.79
CA GLN A 26 4.66 -10.73 9.09
C GLN A 26 5.24 -12.15 8.93
N ARG A 27 4.59 -12.96 8.07
CA ARG A 27 5.04 -14.34 7.73
C ARG A 27 6.24 -14.35 6.77
N GLY A 28 6.45 -13.23 6.05
CA GLY A 28 7.54 -13.12 5.07
C GLY A 28 7.19 -13.71 3.71
N GLU A 29 5.89 -13.79 3.42
CA GLU A 29 5.35 -14.23 2.13
C GLU A 29 5.49 -13.11 1.08
N TRP A 30 6.72 -12.92 0.58
CA TRP A 30 7.06 -11.79 -0.32
C TRP A 30 6.47 -11.99 -1.71
N ASP A 31 6.42 -13.25 -2.17
CA ASP A 31 5.89 -13.63 -3.49
C ASP A 31 4.39 -13.30 -3.58
N LEU A 32 3.66 -13.49 -2.45
CA LEU A 32 2.22 -13.18 -2.35
C LEU A 32 1.99 -11.66 -2.33
N LEU A 33 2.89 -10.92 -1.66
CA LEU A 33 2.89 -9.43 -1.69
C LEU A 33 3.10 -8.91 -3.12
N LEU A 34 4.05 -9.53 -3.84
CA LEU A 34 4.42 -9.16 -5.22
C LEU A 34 3.34 -9.61 -6.24
N GLN A 35 2.60 -10.68 -5.90
CA GLN A 35 1.50 -11.22 -6.73
C GLN A 35 0.26 -10.31 -6.62
N GLN A 36 -0.11 -9.99 -5.39
CA GLN A 36 -1.31 -9.20 -5.05
C GLN A 36 -1.02 -7.70 -5.11
N GLU A 37 0.27 -7.33 -5.24
CA GLU A 37 0.75 -5.94 -5.45
C GLU A 37 -0.07 -5.19 -6.52
N VAL A 38 -0.20 -5.83 -7.70
CA VAL A 38 -0.98 -5.28 -8.83
C VAL A 38 -2.42 -4.93 -8.39
N SER A 39 -3.08 -5.85 -7.67
CA SER A 39 -4.47 -5.74 -7.24
C SER A 39 -4.67 -4.63 -6.20
N TYR A 40 -3.69 -4.53 -5.27
CA TYR A 40 -3.74 -3.60 -4.13
C TYR A 40 -3.53 -2.15 -4.60
N LEU A 41 -2.47 -1.94 -5.39
CA LEU A 41 -2.13 -0.61 -5.94
C LEU A 41 -3.22 -0.12 -6.91
N GLN A 42 -3.78 -1.07 -7.71
CA GLN A 42 -4.90 -0.80 -8.63
C GLN A 42 -6.14 -0.33 -7.87
N SER A 43 -6.48 -1.03 -6.77
CA SER A 43 -7.65 -0.72 -5.93
C SER A 43 -7.49 0.67 -5.25
N ILE A 44 -6.24 0.96 -4.83
CA ILE A 44 -5.85 2.26 -4.24
C ILE A 44 -6.12 3.42 -5.21
N GLU A 45 -5.51 3.33 -6.40
CA GLU A 45 -5.57 4.42 -7.39
C GLU A 45 -6.99 4.58 -7.96
N THR A 46 -7.78 3.48 -8.01
CA THR A 46 -9.16 3.52 -8.54
C THR A 46 -10.15 4.08 -7.50
N VAL A 47 -9.90 3.87 -6.18
CA VAL A 47 -10.80 4.46 -5.15
C VAL A 47 -10.52 5.96 -5.00
N MET A 48 -9.23 6.36 -5.15
CA MET A 48 -8.82 7.77 -5.09
C MET A 48 -9.26 8.48 -6.40
N GLU A 49 -9.39 7.69 -7.48
CA GLU A 49 -10.04 8.10 -8.74
C GLU A 49 -11.55 8.33 -8.51
N LYS A 50 -12.16 7.48 -7.68
CA LYS A 50 -13.61 7.48 -7.46
C LYS A 50 -13.99 8.61 -6.48
N GLN A 51 -14.30 9.77 -7.08
CA GLN A 51 -14.81 10.93 -6.35
C GLN A 51 -16.32 10.76 -6.12
N THR A 52 -16.74 10.98 -4.89
CA THR A 52 -18.17 10.99 -4.50
C THR A 52 -18.59 12.44 -4.16
N PRO A 53 -19.90 12.80 -4.35
CA PRO A 53 -20.42 14.14 -3.95
C PRO A 53 -20.13 14.51 -2.47
N PRO A 54 -20.05 15.85 -2.13
CA PRO A 54 -19.68 16.35 -0.77
C PRO A 54 -20.49 15.72 0.36
N GLY A 55 -21.82 15.67 0.14
CA GLY A 55 -22.75 15.08 1.08
C GLY A 55 -22.67 13.56 1.12
N ILE A 56 -21.75 13.02 1.95
CA ILE A 56 -21.65 11.58 2.24
C ILE A 56 -22.44 11.27 3.52
N THR A 57 -23.47 10.42 3.35
CA THR A 57 -24.43 10.08 4.43
C THR A 57 -23.79 9.13 5.48
N ARG A 58 -24.55 8.86 6.57
CA ARG A 58 -24.10 8.15 7.78
C ARG A 58 -23.46 6.78 7.47
N SER A 59 -24.22 5.91 6.76
CA SER A 59 -23.83 4.52 6.50
C SER A 59 -22.58 4.44 5.61
N ILE A 60 -22.56 5.26 4.53
CA ILE A 60 -21.42 5.31 3.60
C ILE A 60 -20.15 5.74 4.36
N GLN A 61 -20.26 6.85 5.12
CA GLN A 61 -19.14 7.42 5.89
C GLN A 61 -18.60 6.39 6.89
N ASP A 62 -19.51 5.70 7.59
CA ASP A 62 -19.16 4.73 8.65
C ASP A 62 -18.37 3.54 8.08
N MET A 63 -18.94 2.89 7.04
CA MET A 63 -18.33 1.70 6.39
C MET A 63 -16.97 2.05 5.77
N VAL A 64 -16.95 3.14 4.99
CA VAL A 64 -15.74 3.67 4.33
C VAL A 64 -14.65 4.00 5.36
N ALA A 65 -15.04 4.67 6.47
CA ALA A 65 -14.11 5.05 7.56
C ALA A 65 -13.56 3.82 8.28
N GLY A 66 -14.38 2.75 8.34
CA GLY A 66 -13.93 1.46 8.86
C GLY A 66 -12.83 0.85 8.02
N TYR A 67 -13.06 0.85 6.68
CA TYR A 67 -12.11 0.33 5.69
C TYR A 67 -10.83 1.20 5.62
N ILE A 68 -11.03 2.51 5.84
CA ILE A 68 -9.95 3.52 5.88
C ILE A 68 -9.04 3.26 7.08
N LYS A 69 -9.67 3.05 8.25
CA LYS A 69 -8.96 2.80 9.51
C LYS A 69 -8.14 1.48 9.42
N GLN A 70 -8.78 0.46 8.81
CA GLN A 70 -8.15 -0.84 8.56
C GLN A 70 -6.92 -0.67 7.66
N THR A 71 -7.11 -0.10 6.46
CA THR A 71 -6.03 -0.01 5.46
C THR A 71 -4.90 0.91 5.93
N LEU A 72 -5.22 2.00 6.68
CA LEU A 72 -4.20 2.90 7.21
C LEU A 72 -3.33 2.22 8.29
N ASP A 73 -3.97 1.42 9.16
CA ASP A 73 -3.26 0.70 10.26
C ASP A 73 -2.44 -0.50 9.71
N ASN A 74 -3.07 -1.29 8.85
CA ASN A 74 -2.49 -2.51 8.28
C ASN A 74 -1.37 -2.16 7.31
N GLU A 75 -1.55 -1.07 6.52
CA GLU A 75 -0.52 -0.56 5.61
C GLU A 75 0.58 0.17 6.39
N GLN A 76 0.23 0.82 7.52
CA GLN A 76 1.23 1.39 8.47
C GLN A 76 2.26 0.31 8.85
N LEU A 77 1.73 -0.86 9.24
CA LEU A 77 2.55 -2.01 9.60
C LEU A 77 3.21 -2.65 8.35
N LEU A 78 2.54 -2.58 7.17
CA LEU A 78 3.10 -3.08 5.88
C LEU A 78 4.37 -2.29 5.50
N LYS A 79 4.22 -0.98 5.22
CA LYS A 79 5.32 -0.12 4.74
C LYS A 79 6.35 0.15 5.84
N GLY A 80 5.94 0.04 7.12
CA GLY A 80 6.89 0.06 8.25
C GLY A 80 7.81 -1.16 8.25
N LEU A 81 7.20 -2.36 8.16
CA LEU A 81 7.92 -3.65 8.15
C LEU A 81 8.78 -3.78 6.88
N LEU A 82 8.24 -3.34 5.74
CA LEU A 82 8.86 -3.50 4.42
C LEU A 82 9.96 -2.47 4.17
N GLN A 83 9.83 -1.27 4.77
CA GLN A 83 10.92 -0.28 4.75
C GLN A 83 12.05 -0.79 5.63
N GLN A 84 11.68 -1.32 6.82
CA GLN A 84 12.64 -1.95 7.73
C GLN A 84 13.33 -3.14 7.03
N ARG A 85 12.54 -3.91 6.25
CA ARG A 85 13.02 -5.11 5.55
C ARG A 85 14.06 -4.75 4.51
N LEU A 86 13.70 -3.86 3.57
CA LEU A 86 14.57 -3.46 2.45
C LEU A 86 15.76 -2.61 2.92
N ASP A 87 15.65 -1.99 4.10
CA ASP A 87 16.75 -1.21 4.72
C ASP A 87 17.78 -2.17 5.34
N GLU A 88 17.28 -3.22 6.04
CA GLU A 88 18.13 -4.31 6.58
C GLU A 88 18.84 -5.02 5.43
N LEU A 89 18.06 -5.38 4.39
CA LEU A 89 18.53 -6.05 3.16
C LEU A 89 19.60 -5.20 2.46
N SER A 90 19.34 -3.87 2.34
CA SER A 90 20.30 -2.93 1.72
C SER A 90 21.62 -2.89 2.51
N SER A 91 21.50 -2.98 3.84
CA SER A 91 22.65 -3.05 4.76
C SER A 91 23.36 -4.43 4.70
N LEU A 92 22.61 -5.49 4.28
CA LEU A 92 23.18 -6.84 4.05
C LEU A 92 23.94 -6.86 2.71
N ILE A 93 23.44 -6.08 1.76
CA ILE A 93 23.99 -5.94 0.40
C ILE A 93 25.07 -4.83 0.38
N GLY A 94 25.09 -3.99 1.45
CA GLY A 94 26.03 -2.89 1.61
C GLY A 94 27.51 -3.32 1.69
N GLN A 95 28.10 -3.24 2.90
CA GLN A 95 29.53 -3.51 3.17
C GLN A 95 30.40 -2.40 2.55
N VAL A 96 30.44 -2.35 1.20
CA VAL A 96 30.98 -1.19 0.44
C VAL A 96 30.15 0.08 0.76
N LEU A 97 28.83 -0.08 0.97
CA LEU A 97 28.01 0.90 1.69
C LEU A 97 27.97 0.48 3.18
N PHE A 98 28.80 1.14 3.99
CA PHE A 98 28.83 0.94 5.45
C PHE A 98 27.48 1.34 6.09
N GLN A 99 27.08 2.62 5.89
CA GLN A 99 25.73 3.13 6.21
C GLN A 99 25.59 4.56 5.67
N GLY A 100 24.34 4.96 5.41
CA GLY A 100 24.01 6.30 4.89
C GLY A 100 22.74 6.25 4.04
N PRO A 101 22.07 7.43 3.77
CA PRO A 101 20.81 7.48 2.98
C PRO A 101 20.97 6.92 1.53
N SER A 102 20.75 5.60 1.40
CA SER A 102 20.88 4.85 0.13
C SER A 102 20.27 3.43 0.31
N ALA A 103 19.07 3.38 0.90
CA ALA A 103 18.35 2.13 1.19
C ALA A 103 17.77 1.51 -0.10
N GLY A 104 18.61 0.70 -0.76
CA GLY A 104 18.23 -0.02 -1.95
C GLY A 104 19.44 -0.69 -2.58
N LEU A 105 20.28 0.14 -3.24
CA LEU A 105 21.49 -0.29 -4.03
C LEU A 105 21.09 -1.04 -5.33
N VAL A 106 20.37 -2.16 -5.15
CA VAL A 106 19.96 -3.07 -6.23
C VAL A 106 19.00 -2.35 -7.24
N PRO A 107 19.45 -2.12 -8.51
CA PRO A 107 18.69 -1.37 -9.54
C PRO A 107 17.75 -2.26 -10.39
N ARG A 108 17.20 -1.67 -11.48
CA ARG A 108 16.28 -2.34 -12.41
C ARG A 108 17.02 -3.38 -13.26
N GLY A 109 16.87 -4.66 -12.91
CA GLY A 109 17.48 -5.76 -13.67
C GLY A 109 16.63 -7.00 -13.65
N SER A 110 17.20 -8.11 -14.13
CA SER A 110 16.52 -9.42 -14.20
C SER A 110 17.40 -10.50 -13.53
N GLY A 111 17.21 -10.65 -12.21
CA GLY A 111 17.88 -11.67 -11.40
C GLY A 111 17.11 -11.99 -10.13
N GLY A 112 15.76 -11.79 -10.19
CA GLY A 112 14.86 -12.07 -9.07
C GLY A 112 14.84 -10.97 -8.03
N ILE A 113 15.96 -10.85 -7.28
CA ILE A 113 16.16 -9.86 -6.21
C ILE A 113 16.01 -8.41 -6.72
N GLU A 114 16.38 -8.19 -7.99
CA GLU A 114 16.37 -6.87 -8.63
C GLU A 114 14.94 -6.38 -8.83
N GLY A 115 14.09 -7.30 -9.31
CA GLY A 115 12.68 -7.02 -9.53
C GLY A 115 11.91 -6.90 -8.22
N MET A 116 12.37 -7.66 -7.21
CA MET A 116 11.81 -7.64 -5.85
C MET A 116 12.02 -6.24 -5.23
N THR A 117 13.27 -5.74 -5.28
CA THR A 117 13.62 -4.45 -4.69
C THR A 117 12.93 -3.29 -5.42
N THR A 118 12.99 -3.30 -6.77
CA THR A 118 12.42 -2.22 -7.59
C THR A 118 10.89 -2.12 -7.44
N ARG A 119 10.20 -3.28 -7.47
CA ARG A 119 8.74 -3.33 -7.30
C ARG A 119 8.35 -2.91 -5.88
N LEU A 120 9.07 -3.41 -4.86
CA LEU A 120 8.75 -3.08 -3.44
C LEU A 120 9.08 -1.61 -3.08
N THR A 121 10.08 -0.99 -3.73
CA THR A 121 10.41 0.44 -3.50
C THR A 121 9.33 1.36 -4.14
N ARG A 122 8.94 1.02 -5.40
CA ARG A 122 7.79 1.66 -6.10
C ARG A 122 6.49 1.50 -5.27
N TRP A 123 6.35 0.30 -4.69
CA TRP A 123 5.24 -0.09 -3.82
C TRP A 123 5.22 0.80 -2.56
N LEU A 124 6.39 0.97 -1.89
CA LEU A 124 6.50 1.74 -0.62
C LEU A 124 6.19 3.23 -0.84
N THR A 125 6.68 3.80 -1.96
CA THR A 125 6.40 5.22 -2.27
C THR A 125 4.93 5.39 -2.71
N ALA A 126 4.32 4.34 -3.29
CA ALA A 126 2.89 4.32 -3.67
C ALA A 126 1.98 4.15 -2.43
N LEU A 127 2.50 3.44 -1.40
CA LEU A 127 1.78 3.24 -0.12
C LEU A 127 1.76 4.55 0.68
N ASP A 128 2.94 5.15 0.82
CA ASP A 128 3.13 6.43 1.53
C ASP A 128 2.34 7.55 0.80
N ASN A 129 2.32 7.47 -0.55
CA ASN A 129 1.50 8.34 -1.42
C ASN A 129 0.01 8.17 -1.11
N PHE A 130 -0.44 6.90 -0.99
CA PHE A 130 -1.83 6.58 -0.68
C PHE A 130 -2.22 7.20 0.67
N GLU A 131 -1.51 6.77 1.74
CA GLU A 131 -1.76 7.19 3.13
C GLU A 131 -1.85 8.73 3.27
N ALA A 132 -0.86 9.43 2.67
CA ALA A 132 -0.77 10.89 2.68
C ALA A 132 -1.99 11.54 1.98
N LYS A 133 -2.17 11.22 0.69
CA LYS A 133 -3.19 11.86 -0.18
C LYS A 133 -4.62 11.49 0.26
N MET A 134 -4.78 10.30 0.86
CA MET A 134 -6.09 9.82 1.31
C MET A 134 -6.47 10.43 2.67
N ALA A 135 -5.44 10.80 3.46
CA ALA A 135 -5.63 11.66 4.65
C ALA A 135 -6.02 13.08 4.20
N LEU A 136 -5.48 13.51 3.05
CA LEU A 136 -5.77 14.84 2.46
C LEU A 136 -7.10 14.88 1.68
N LEU A 137 -7.72 13.70 1.41
CA LEU A 137 -9.11 13.61 0.88
C LEU A 137 -10.09 14.46 1.73
N PRO A 138 -10.79 15.48 1.12
CA PRO A 138 -11.79 16.31 1.82
C PRO A 138 -13.20 15.63 1.86
N ALA A 139 -13.34 14.51 1.13
CA ALA A 139 -14.60 13.75 1.05
C ALA A 139 -14.82 12.88 2.31
N VAL A 140 -13.70 12.44 2.92
CA VAL A 140 -13.68 11.55 4.09
C VAL A 140 -12.49 11.95 5.02
N MET A 1 -27.10 4.75 -7.92
CA MET A 1 -26.53 3.83 -6.90
C MET A 1 -25.11 3.34 -7.32
N THR A 2 -24.73 3.54 -8.60
CA THR A 2 -23.44 3.07 -9.15
C THR A 2 -22.24 3.61 -8.34
N SER A 3 -22.35 4.89 -7.91
CA SER A 3 -21.31 5.56 -7.10
C SER A 3 -21.14 4.87 -5.73
N THR A 4 -22.29 4.54 -5.10
CA THR A 4 -22.37 3.80 -3.82
C THR A 4 -21.61 2.46 -3.92
N VAL A 5 -22.04 1.63 -4.89
CA VAL A 5 -21.52 0.26 -5.09
C VAL A 5 -20.01 0.30 -5.38
N GLU A 6 -19.62 1.24 -6.26
CA GLU A 6 -18.22 1.45 -6.67
C GLU A 6 -17.34 1.73 -5.44
N PHE A 7 -17.76 2.71 -4.64
CA PHE A 7 -16.99 3.26 -3.53
C PHE A 7 -16.79 2.19 -2.43
N ILE A 8 -17.91 1.59 -1.99
CA ILE A 8 -17.93 0.57 -0.92
C ILE A 8 -17.10 -0.68 -1.30
N ASN A 9 -17.31 -1.17 -2.55
CA ASN A 9 -16.64 -2.41 -3.05
C ASN A 9 -15.12 -2.21 -3.16
N ARG A 10 -14.69 -1.02 -3.67
CA ARG A 10 -13.25 -0.70 -3.77
C ARG A 10 -12.60 -0.66 -2.38
N TRP A 11 -13.18 0.14 -1.46
CA TRP A 11 -12.65 0.28 -0.09
C TRP A 11 -12.65 -1.04 0.69
N GLN A 12 -13.66 -1.90 0.40
CA GLN A 12 -13.78 -3.23 1.00
C GLN A 12 -12.60 -4.11 0.55
N ARG A 13 -12.33 -4.09 -0.77
CA ARG A 13 -11.20 -4.83 -1.37
C ARG A 13 -9.86 -4.35 -0.78
N ILE A 14 -9.68 -3.02 -0.70
CA ILE A 14 -8.43 -2.39 -0.22
C ILE A 14 -8.16 -2.74 1.26
N ALA A 15 -9.24 -2.77 2.07
CA ALA A 15 -9.18 -3.11 3.50
C ALA A 15 -8.79 -4.58 3.70
N LEU A 16 -9.43 -5.48 2.92
CA LEU A 16 -9.17 -6.94 3.00
C LEU A 16 -7.79 -7.28 2.42
N LEU A 17 -7.36 -6.52 1.39
CA LEU A 17 -6.05 -6.68 0.76
C LEU A 17 -4.95 -6.32 1.76
N SER A 18 -5.03 -5.10 2.33
CA SER A 18 -4.02 -4.57 3.29
C SER A 18 -3.95 -5.45 4.55
N GLN A 19 -5.14 -5.96 4.96
CA GLN A 19 -5.28 -6.92 6.07
C GLN A 19 -4.42 -8.17 5.81
N SER A 20 -4.78 -8.89 4.72
CA SER A 20 -4.09 -10.11 4.29
C SER A 20 -2.58 -9.85 4.15
N LEU A 21 -2.23 -8.83 3.36
CA LEU A 21 -0.85 -8.44 3.04
C LEU A 21 -0.05 -8.10 4.31
N LEU A 22 -0.70 -7.48 5.32
CA LEU A 22 -0.03 -7.19 6.60
C LEU A 22 0.33 -8.48 7.32
N GLU A 23 -0.64 -9.39 7.43
CA GLU A 23 -0.45 -10.71 8.07
C GLU A 23 0.65 -11.51 7.34
N LEU A 24 0.71 -11.33 6.00
CA LEU A 24 1.70 -11.98 5.13
C LEU A 24 3.09 -11.33 5.29
N ALA A 25 3.13 -10.01 5.58
CA ALA A 25 4.39 -9.28 5.82
C ALA A 25 5.02 -9.72 7.15
N GLN A 26 4.14 -9.95 8.15
CA GLN A 26 4.52 -10.50 9.45
C GLN A 26 5.00 -11.97 9.32
N ARG A 27 4.33 -12.71 8.41
CA ARG A 27 4.69 -14.12 8.09
C ARG A 27 5.98 -14.21 7.25
N GLY A 28 6.29 -13.14 6.49
CA GLY A 28 7.42 -13.13 5.58
C GLY A 28 7.09 -13.77 4.22
N GLU A 29 5.80 -13.76 3.86
CA GLU A 29 5.32 -14.18 2.53
C GLU A 29 5.56 -13.06 1.50
N TRP A 30 6.85 -12.80 1.19
CA TRP A 30 7.27 -11.68 0.33
C TRP A 30 6.77 -11.87 -1.12
N ASP A 31 6.65 -13.15 -1.53
CA ASP A 31 6.17 -13.53 -2.88
C ASP A 31 4.67 -13.21 -3.03
N LEU A 32 3.86 -13.50 -1.99
CA LEU A 32 2.42 -13.18 -1.96
C LEU A 32 2.19 -11.66 -1.92
N LEU A 33 3.11 -10.94 -1.26
CA LEU A 33 3.11 -9.46 -1.26
C LEU A 33 3.32 -8.93 -2.68
N LEU A 34 4.32 -9.49 -3.38
CA LEU A 34 4.66 -9.11 -4.78
C LEU A 34 3.52 -9.45 -5.75
N GLN A 35 2.86 -10.60 -5.53
CA GLN A 35 1.75 -11.08 -6.37
C GLN A 35 0.59 -10.08 -6.32
N GLN A 36 0.13 -9.83 -5.10
CA GLN A 36 -1.05 -9.01 -4.79
C GLN A 36 -0.72 -7.50 -4.76
N GLU A 37 0.60 -7.17 -4.80
CA GLU A 37 1.13 -5.79 -4.90
C GLU A 37 0.39 -5.00 -5.99
N VAL A 38 0.34 -5.59 -7.21
CA VAL A 38 -0.35 -5.02 -8.38
C VAL A 38 -1.80 -4.67 -8.00
N SER A 39 -2.55 -5.72 -7.61
CA SER A 39 -3.98 -5.64 -7.28
C SER A 39 -4.28 -4.52 -6.28
N TYR A 40 -3.42 -4.40 -5.25
CA TYR A 40 -3.59 -3.47 -4.15
C TYR A 40 -3.40 -2.02 -4.63
N LEU A 41 -2.31 -1.78 -5.39
CA LEU A 41 -1.94 -0.43 -5.85
C LEU A 41 -2.90 0.09 -6.95
N GLN A 42 -3.47 -0.84 -7.73
CA GLN A 42 -4.45 -0.51 -8.79
C GLN A 42 -5.82 -0.20 -8.16
N SER A 43 -6.17 -0.92 -7.06
CA SER A 43 -7.38 -0.63 -6.27
C SER A 43 -7.28 0.76 -5.61
N ILE A 44 -6.08 1.05 -5.05
CA ILE A 44 -5.72 2.37 -4.48
C ILE A 44 -5.91 3.48 -5.51
N GLU A 45 -5.36 3.24 -6.71
CA GLU A 45 -5.40 4.21 -7.81
C GLU A 45 -6.86 4.51 -8.21
N THR A 46 -7.62 3.45 -8.52
CA THR A 46 -8.98 3.57 -9.04
C THR A 46 -9.93 4.21 -8.00
N VAL A 47 -9.67 3.98 -6.68
CA VAL A 47 -10.51 4.55 -5.61
C VAL A 47 -10.21 6.05 -5.43
N MET A 48 -8.91 6.41 -5.54
CA MET A 48 -8.44 7.79 -5.34
C MET A 48 -8.70 8.65 -6.60
N GLU A 49 -9.05 8.00 -7.72
CA GLU A 49 -9.51 8.70 -8.93
C GLU A 49 -10.99 9.15 -8.81
N LYS A 50 -11.85 8.35 -8.12
CA LYS A 50 -13.31 8.62 -8.03
C LYS A 50 -13.72 8.77 -6.55
N GLN A 51 -13.86 10.04 -6.11
CA GLN A 51 -14.23 10.38 -4.73
C GLN A 51 -15.73 10.70 -4.66
N THR A 52 -16.41 10.26 -3.59
CA THR A 52 -17.80 10.69 -3.30
C THR A 52 -17.79 12.07 -2.61
N PRO A 53 -18.87 12.92 -2.79
CA PRO A 53 -18.97 14.27 -2.15
C PRO A 53 -18.84 14.23 -0.60
N PRO A 54 -18.43 15.39 0.06
CA PRO A 54 -18.28 15.50 1.53
C PRO A 54 -19.51 15.02 2.32
N GLY A 55 -20.70 15.45 1.88
CA GLY A 55 -21.97 15.01 2.45
C GLY A 55 -22.34 13.60 2.01
N ILE A 56 -21.60 12.61 2.54
CA ILE A 56 -21.81 11.18 2.27
C ILE A 56 -22.63 10.57 3.42
N THR A 57 -23.66 9.74 3.09
CA THR A 57 -24.62 9.21 4.10
C THR A 57 -23.92 8.34 5.16
N ARG A 58 -24.53 8.28 6.37
CA ARG A 58 -23.91 7.65 7.57
C ARG A 58 -23.54 6.18 7.34
N SER A 59 -24.32 5.48 6.49
CA SER A 59 -24.14 4.05 6.21
C SER A 59 -22.82 3.81 5.45
N ILE A 60 -22.71 4.48 4.28
CA ILE A 60 -21.52 4.39 3.40
C ILE A 60 -20.29 4.91 4.14
N GLN A 61 -20.43 6.10 4.77
CA GLN A 61 -19.33 6.75 5.49
C GLN A 61 -18.78 5.87 6.61
N ASP A 62 -19.68 5.22 7.38
CA ASP A 62 -19.28 4.36 8.52
C ASP A 62 -18.49 3.15 8.03
N MET A 63 -19.07 2.40 7.05
CA MET A 63 -18.43 1.19 6.51
C MET A 63 -17.07 1.53 5.85
N VAL A 64 -17.09 2.56 5.00
CA VAL A 64 -15.91 3.03 4.25
C VAL A 64 -14.82 3.56 5.20
N ALA A 65 -15.21 4.31 6.25
CA ALA A 65 -14.25 4.86 7.23
C ALA A 65 -13.64 3.74 8.09
N GLY A 66 -14.41 2.66 8.29
CA GLY A 66 -13.89 1.44 8.90
C GLY A 66 -12.85 0.77 8.01
N TYR A 67 -13.13 0.75 6.68
CA TYR A 67 -12.21 0.22 5.66
C TYR A 67 -10.97 1.13 5.53
N ILE A 68 -11.19 2.44 5.73
CA ILE A 68 -10.16 3.49 5.64
C ILE A 68 -9.17 3.35 6.79
N LYS A 69 -9.70 3.19 8.01
CA LYS A 69 -8.90 3.06 9.22
C LYS A 69 -8.15 1.72 9.24
N GLN A 70 -8.84 0.66 8.74
CA GLN A 70 -8.25 -0.68 8.57
C GLN A 70 -7.06 -0.61 7.61
N THR A 71 -7.27 -0.05 6.40
CA THR A 71 -6.27 -0.04 5.35
C THR A 71 -5.11 0.92 5.69
N LEU A 72 -5.41 2.07 6.35
CA LEU A 72 -4.38 3.04 6.74
C LEU A 72 -3.47 2.46 7.84
N ASP A 73 -4.07 1.73 8.79
CA ASP A 73 -3.33 1.07 9.87
C ASP A 73 -2.42 -0.03 9.30
N ASN A 74 -3.05 -0.94 8.55
CA ASN A 74 -2.41 -2.17 8.04
C ASN A 74 -1.37 -1.85 6.96
N GLU A 75 -1.62 -0.78 6.19
CA GLU A 75 -0.71 -0.32 5.12
C GLU A 75 0.46 0.47 5.70
N GLN A 76 0.22 1.30 6.73
CA GLN A 76 1.31 2.04 7.42
C GLN A 76 2.27 1.03 8.08
N LEU A 77 1.71 -0.07 8.59
CA LEU A 77 2.47 -1.20 9.13
C LEU A 77 3.22 -1.94 8.00
N LEU A 78 2.56 -2.13 6.84
CA LEU A 78 3.21 -2.65 5.60
C LEU A 78 4.39 -1.75 5.18
N LYS A 79 4.16 -0.44 5.23
CA LYS A 79 5.08 0.58 4.73
C LYS A 79 6.35 0.59 5.60
N GLY A 80 6.14 0.57 6.92
CA GLY A 80 7.22 0.63 7.90
C GLY A 80 8.01 -0.67 7.98
N LEU A 81 7.30 -1.80 7.95
CA LEU A 81 7.90 -3.16 8.01
C LEU A 81 8.77 -3.39 6.78
N LEU A 82 8.21 -3.08 5.60
CA LEU A 82 8.87 -3.31 4.30
C LEU A 82 9.95 -2.26 4.01
N GLN A 83 9.84 -1.07 4.63
CA GLN A 83 10.91 -0.06 4.60
C GLN A 83 12.12 -0.66 5.36
N GLN A 84 11.85 -1.09 6.60
CA GLN A 84 12.85 -1.69 7.51
C GLN A 84 13.45 -2.95 6.87
N ARG A 85 12.59 -3.70 6.15
CA ARG A 85 12.94 -4.98 5.52
C ARG A 85 13.91 -4.77 4.35
N LEU A 86 13.52 -3.92 3.38
CA LEU A 86 14.33 -3.66 2.17
C LEU A 86 15.63 -2.94 2.52
N ASP A 87 15.57 -2.03 3.52
CA ASP A 87 16.72 -1.28 4.04
C ASP A 87 17.72 -2.24 4.70
N GLU A 88 17.19 -3.17 5.53
CA GLU A 88 18.00 -4.18 6.23
C GLU A 88 18.70 -5.10 5.20
N LEU A 89 17.90 -5.69 4.29
CA LEU A 89 18.37 -6.58 3.21
C LEU A 89 19.52 -5.92 2.43
N SER A 90 19.29 -4.69 1.96
CA SER A 90 20.27 -3.92 1.17
C SER A 90 21.49 -3.53 2.03
N SER A 91 21.30 -3.42 3.35
CA SER A 91 22.39 -3.15 4.30
C SER A 91 23.27 -4.41 4.50
N LEU A 92 22.64 -5.61 4.44
CA LEU A 92 23.35 -6.90 4.63
C LEU A 92 24.17 -7.23 3.37
N ILE A 93 23.52 -7.05 2.21
CA ILE A 93 24.08 -7.39 0.88
C ILE A 93 25.11 -6.33 0.45
N GLY A 94 24.82 -5.05 0.76
CA GLY A 94 25.68 -3.92 0.38
C GLY A 94 25.15 -3.16 -0.84
N GLN A 95 23.81 -3.12 -0.96
CA GLN A 95 23.07 -2.41 -2.02
C GLN A 95 22.70 -0.97 -1.60
N VAL A 96 22.83 -0.68 -0.29
CA VAL A 96 22.68 0.70 0.25
C VAL A 96 23.83 1.60 -0.27
N LEU A 97 23.52 2.86 -0.58
CA LEU A 97 24.53 3.88 -0.93
C LEU A 97 24.61 4.92 0.19
N PHE A 98 25.62 5.79 0.09
CA PHE A 98 26.01 6.74 1.17
C PHE A 98 25.10 7.99 1.21
N GLN A 99 24.23 8.12 0.18
CA GLN A 99 23.22 9.19 0.08
C GLN A 99 21.84 8.56 -0.17
N GLY A 100 20.81 9.14 0.46
CA GLY A 100 19.41 8.72 0.29
C GLY A 100 18.98 7.68 1.33
N PRO A 101 17.81 7.88 2.05
CA PRO A 101 17.26 6.86 2.97
C PRO A 101 16.63 5.67 2.19
N SER A 102 16.08 6.00 1.01
CA SER A 102 15.59 5.02 0.04
C SER A 102 15.80 5.60 -1.36
N ALA A 103 14.93 6.57 -1.77
CA ALA A 103 14.99 7.26 -3.07
C ALA A 103 15.03 6.27 -4.27
N GLY A 104 16.23 5.77 -4.58
CA GLY A 104 16.45 4.80 -5.65
C GLY A 104 17.68 3.94 -5.40
N LEU A 105 17.85 3.48 -4.13
CA LEU A 105 18.93 2.53 -3.73
C LEU A 105 18.65 1.14 -4.33
N VAL A 106 19.62 0.22 -4.13
CA VAL A 106 19.64 -1.13 -4.73
C VAL A 106 19.90 -1.03 -6.25
N PRO A 107 21.19 -1.24 -6.71
CA PRO A 107 21.53 -1.33 -8.14
C PRO A 107 20.80 -2.52 -8.80
N ARG A 108 19.87 -2.21 -9.72
CA ARG A 108 19.01 -3.22 -10.36
C ARG A 108 19.80 -4.10 -11.35
N GLY A 109 19.91 -5.40 -11.02
CA GLY A 109 20.56 -6.38 -11.88
C GLY A 109 19.62 -6.88 -12.98
N SER A 110 19.01 -8.06 -12.78
CA SER A 110 18.12 -8.69 -13.78
C SER A 110 17.20 -9.75 -13.12
N GLY A 111 16.00 -9.31 -12.70
CA GLY A 111 14.97 -10.19 -12.11
C GLY A 111 15.32 -10.70 -10.71
N GLY A 112 14.43 -11.57 -10.17
CA GLY A 112 14.59 -12.16 -8.85
C GLY A 112 14.55 -11.13 -7.73
N ILE A 113 15.69 -10.96 -7.03
CA ILE A 113 15.85 -9.94 -5.98
C ILE A 113 15.68 -8.51 -6.55
N GLU A 114 16.14 -8.31 -7.80
CA GLU A 114 15.97 -7.05 -8.53
C GLU A 114 14.49 -6.72 -8.67
N GLY A 115 13.71 -7.73 -9.12
CA GLY A 115 12.27 -7.61 -9.30
C GLY A 115 11.56 -7.30 -7.99
N MET A 116 11.96 -8.01 -6.91
CA MET A 116 11.40 -7.84 -5.56
C MET A 116 11.54 -6.39 -5.09
N THR A 117 12.79 -5.87 -5.16
CA THR A 117 13.13 -4.55 -4.63
C THR A 117 12.46 -3.43 -5.43
N THR A 118 12.55 -3.48 -6.78
CA THR A 118 11.99 -2.42 -7.64
C THR A 118 10.45 -2.34 -7.52
N ARG A 119 9.79 -3.52 -7.45
CA ARG A 119 8.33 -3.60 -7.31
C ARG A 119 7.88 -3.12 -5.92
N LEU A 120 8.66 -3.49 -4.88
CA LEU A 120 8.37 -3.10 -3.49
C LEU A 120 8.74 -1.64 -3.18
N THR A 121 9.67 -1.03 -3.94
CA THR A 121 10.01 0.41 -3.77
C THR A 121 8.94 1.30 -4.44
N ARG A 122 8.52 0.88 -5.65
CA ARG A 122 7.34 1.46 -6.33
C ARG A 122 6.08 1.33 -5.43
N TRP A 123 5.98 0.17 -4.77
CA TRP A 123 4.92 -0.15 -3.80
C TRP A 123 4.97 0.82 -2.61
N LEU A 124 6.15 0.96 -1.95
CA LEU A 124 6.31 1.79 -0.73
C LEU A 124 6.00 3.27 -1.00
N THR A 125 6.43 3.78 -2.18
CA THR A 125 6.17 5.19 -2.55
C THR A 125 4.68 5.38 -2.94
N ALA A 126 4.04 4.32 -3.50
CA ALA A 126 2.60 4.34 -3.83
C ALA A 126 1.74 4.23 -2.55
N LEU A 127 2.28 3.55 -1.50
CA LEU A 127 1.64 3.46 -0.17
C LEU A 127 1.69 4.85 0.49
N ASP A 128 2.89 5.43 0.46
CA ASP A 128 3.18 6.77 1.02
C ASP A 128 2.28 7.83 0.36
N ASN A 129 2.10 7.68 -0.97
CA ASN A 129 1.22 8.53 -1.81
C ASN A 129 -0.25 8.38 -1.36
N PHE A 130 -0.70 7.12 -1.20
CA PHE A 130 -2.08 6.80 -0.80
C PHE A 130 -2.37 7.40 0.59
N GLU A 131 -1.57 6.99 1.59
CA GLU A 131 -1.66 7.43 2.99
C GLU A 131 -1.79 8.97 3.08
N ALA A 132 -0.82 9.67 2.49
CA ALA A 132 -0.73 11.13 2.55
C ALA A 132 -1.96 11.82 1.91
N LYS A 133 -2.25 11.44 0.64
CA LYS A 133 -3.31 12.08 -0.18
C LYS A 133 -4.72 11.70 0.32
N MET A 134 -4.84 10.55 0.98
CA MET A 134 -6.14 10.11 1.50
C MET A 134 -6.36 10.66 2.93
N ALA A 135 -5.26 11.07 3.59
CA ALA A 135 -5.31 11.90 4.81
C ALA A 135 -5.66 13.35 4.42
N LEU A 136 -5.33 13.73 3.17
CA LEU A 136 -5.77 15.01 2.57
C LEU A 136 -7.25 14.99 2.18
N LEU A 137 -7.79 13.79 1.79
CA LEU A 137 -9.26 13.60 1.49
C LEU A 137 -10.16 14.21 2.60
N PRO A 138 -10.83 15.37 2.36
CA PRO A 138 -11.76 15.98 3.33
C PRO A 138 -13.24 15.62 3.02
N ALA A 139 -13.42 14.58 2.17
CA ALA A 139 -14.75 14.14 1.72
C ALA A 139 -15.39 13.24 2.80
N VAL A 140 -14.78 12.06 3.03
CA VAL A 140 -15.26 11.08 4.02
C VAL A 140 -14.75 11.48 5.42
N MET A 1 -27.35 3.85 -6.98
CA MET A 1 -26.68 2.80 -6.19
C MET A 1 -25.29 2.45 -6.78
N THR A 2 -25.07 2.71 -8.09
CA THR A 2 -23.82 2.29 -8.78
C THR A 2 -22.58 3.02 -8.19
N SER A 3 -22.73 4.31 -7.86
CA SER A 3 -21.66 5.11 -7.23
C SER A 3 -21.36 4.60 -5.78
N THR A 4 -22.45 4.21 -5.09
CA THR A 4 -22.40 3.59 -3.75
C THR A 4 -21.59 2.28 -3.77
N VAL A 5 -21.89 1.42 -4.77
CA VAL A 5 -21.23 0.10 -4.94
C VAL A 5 -19.74 0.29 -5.24
N GLU A 6 -19.42 1.20 -6.19
CA GLU A 6 -18.03 1.56 -6.55
C GLU A 6 -17.24 1.94 -5.28
N PHE A 7 -17.73 2.97 -4.61
CA PHE A 7 -17.05 3.60 -3.47
C PHE A 7 -16.78 2.60 -2.33
N ILE A 8 -17.87 2.00 -1.80
CA ILE A 8 -17.83 1.09 -0.64
C ILE A 8 -17.00 -0.18 -0.94
N ASN A 9 -17.27 -0.82 -2.10
CA ASN A 9 -16.68 -2.14 -2.44
C ASN A 9 -15.19 -2.01 -2.78
N ARG A 10 -14.78 -0.85 -3.33
CA ARG A 10 -13.35 -0.57 -3.61
C ARG A 10 -12.60 -0.33 -2.29
N TRP A 11 -13.17 0.50 -1.38
CA TRP A 11 -12.57 0.72 -0.03
C TRP A 11 -12.49 -0.60 0.77
N GLN A 12 -13.52 -1.43 0.60
CA GLN A 12 -13.61 -2.76 1.23
C GLN A 12 -12.52 -3.68 0.67
N ARG A 13 -12.32 -3.60 -0.66
CA ARG A 13 -11.32 -4.39 -1.38
C ARG A 13 -9.90 -4.05 -0.89
N ILE A 14 -9.64 -2.76 -0.68
CA ILE A 14 -8.34 -2.26 -0.19
C ILE A 14 -8.11 -2.68 1.27
N ALA A 15 -9.19 -2.65 2.08
CA ALA A 15 -9.13 -3.07 3.50
C ALA A 15 -8.80 -4.58 3.64
N LEU A 16 -9.48 -5.40 2.80
CA LEU A 16 -9.28 -6.86 2.77
C LEU A 16 -7.88 -7.23 2.27
N LEU A 17 -7.45 -6.54 1.20
CA LEU A 17 -6.11 -6.73 0.63
C LEU A 17 -5.03 -6.31 1.64
N SER A 18 -5.23 -5.16 2.30
CA SER A 18 -4.24 -4.58 3.24
C SER A 18 -4.04 -5.49 4.47
N GLN A 19 -5.15 -6.05 4.99
CA GLN A 19 -5.10 -6.97 6.16
C GLN A 19 -4.44 -8.30 5.76
N SER A 20 -4.79 -8.81 4.54
CA SER A 20 -4.19 -10.06 4.01
C SER A 20 -2.67 -9.89 3.85
N LEU A 21 -2.28 -8.82 3.14
CA LEU A 21 -0.89 -8.47 2.84
C LEU A 21 -0.11 -8.21 4.13
N LEU A 22 -0.78 -7.63 5.14
CA LEU A 22 -0.18 -7.40 6.47
C LEU A 22 0.20 -8.73 7.11
N GLU A 23 -0.76 -9.67 7.15
CA GLU A 23 -0.53 -11.01 7.70
C GLU A 23 0.61 -11.74 6.96
N LEU A 24 0.69 -11.49 5.65
CA LEU A 24 1.71 -12.08 4.77
C LEU A 24 3.09 -11.42 4.97
N ALA A 25 3.10 -10.12 5.32
CA ALA A 25 4.36 -9.38 5.63
C ALA A 25 4.94 -9.86 6.97
N GLN A 26 4.03 -10.17 7.91
CA GLN A 26 4.38 -10.74 9.22
C GLN A 26 4.87 -12.20 9.05
N ARG A 27 4.22 -12.93 8.13
CA ARG A 27 4.55 -14.34 7.81
C ARG A 27 5.87 -14.44 7.00
N GLY A 28 6.19 -13.37 6.26
CA GLY A 28 7.35 -13.36 5.37
C GLY A 28 7.04 -13.83 3.96
N GLU A 29 5.75 -13.86 3.61
CA GLU A 29 5.28 -14.13 2.23
C GLU A 29 5.47 -12.89 1.34
N TRP A 30 6.75 -12.59 1.02
CA TRP A 30 7.12 -11.43 0.19
C TRP A 30 6.62 -11.63 -1.26
N ASP A 31 6.58 -12.92 -1.68
CA ASP A 31 6.16 -13.34 -3.02
C ASP A 31 4.67 -13.05 -3.24
N LEU A 32 3.86 -13.27 -2.20
CA LEU A 32 2.40 -13.01 -2.24
C LEU A 32 2.10 -11.50 -2.19
N LEU A 33 3.01 -10.73 -1.57
CA LEU A 33 2.97 -9.26 -1.63
C LEU A 33 3.16 -8.80 -3.07
N LEU A 34 4.15 -9.40 -3.75
CA LEU A 34 4.48 -9.11 -5.17
C LEU A 34 3.36 -9.58 -6.13
N GLN A 35 2.71 -10.70 -5.78
CA GLN A 35 1.62 -11.30 -6.58
C GLN A 35 0.38 -10.37 -6.55
N GLN A 36 -0.02 -10.00 -5.34
CA GLN A 36 -1.21 -9.19 -5.06
C GLN A 36 -0.93 -7.67 -5.14
N GLU A 37 0.36 -7.32 -5.28
CA GLU A 37 0.84 -5.92 -5.49
C GLU A 37 -0.02 -5.17 -6.51
N VAL A 38 -0.14 -5.77 -7.71
CA VAL A 38 -0.87 -5.17 -8.84
C VAL A 38 -2.36 -4.95 -8.49
N SER A 39 -2.94 -5.90 -7.72
CA SER A 39 -4.35 -5.86 -7.28
C SER A 39 -4.60 -4.72 -6.26
N TYR A 40 -3.65 -4.54 -5.33
CA TYR A 40 -3.77 -3.56 -4.23
C TYR A 40 -3.62 -2.13 -4.77
N LEU A 41 -2.62 -1.95 -5.65
CA LEU A 41 -2.35 -0.66 -6.30
C LEU A 41 -3.49 -0.31 -7.28
N GLN A 42 -4.09 -1.36 -7.91
CA GLN A 42 -5.28 -1.21 -8.77
C GLN A 42 -6.46 -0.63 -7.98
N SER A 43 -6.79 -1.28 -6.85
CA SER A 43 -7.93 -0.89 -6.00
C SER A 43 -7.75 0.53 -5.43
N ILE A 44 -6.49 0.87 -5.08
CA ILE A 44 -6.10 2.22 -4.61
C ILE A 44 -6.36 3.28 -5.71
N GLU A 45 -5.86 3.01 -6.92
CA GLU A 45 -5.97 3.94 -8.06
C GLU A 45 -7.44 4.22 -8.40
N THR A 46 -8.23 3.15 -8.46
CA THR A 46 -9.64 3.21 -8.88
C THR A 46 -10.56 3.83 -7.80
N VAL A 47 -10.22 3.67 -6.49
CA VAL A 47 -11.04 4.28 -5.41
C VAL A 47 -10.75 5.78 -5.30
N MET A 48 -9.47 6.17 -5.49
CA MET A 48 -9.05 7.58 -5.42
C MET A 48 -9.52 8.33 -6.68
N GLU A 49 -9.69 7.56 -7.78
CA GLU A 49 -10.36 8.01 -9.00
C GLU A 49 -11.85 8.33 -8.72
N LYS A 50 -12.48 7.54 -7.81
CA LYS A 50 -13.89 7.72 -7.43
C LYS A 50 -13.99 8.80 -6.33
N GLN A 51 -13.96 10.07 -6.76
CA GLN A 51 -14.03 11.23 -5.88
C GLN A 51 -15.51 11.56 -5.61
N THR A 52 -15.96 11.27 -4.38
CA THR A 52 -17.34 11.58 -3.93
C THR A 52 -17.34 12.86 -3.07
N PRO A 53 -18.46 13.67 -3.07
CA PRO A 53 -18.57 14.92 -2.26
C PRO A 53 -18.41 14.66 -0.72
N PRO A 54 -18.02 15.72 0.07
CA PRO A 54 -17.92 15.64 1.56
C PRO A 54 -19.18 15.08 2.20
N GLY A 55 -20.33 15.60 1.75
CA GLY A 55 -21.63 15.12 2.16
C GLY A 55 -21.90 13.69 1.65
N ILE A 56 -21.51 12.70 2.47
CA ILE A 56 -21.77 11.28 2.22
C ILE A 56 -22.54 10.72 3.43
N THR A 57 -23.60 9.92 3.17
CA THR A 57 -24.61 9.52 4.21
C THR A 57 -23.99 8.63 5.31
N ARG A 58 -24.68 8.57 6.49
CA ARG A 58 -24.18 7.91 7.72
C ARG A 58 -23.73 6.44 7.51
N SER A 59 -24.55 5.67 6.77
CA SER A 59 -24.26 4.24 6.49
C SER A 59 -22.91 4.07 5.75
N ILE A 60 -22.80 4.75 4.59
CA ILE A 60 -21.61 4.69 3.72
C ILE A 60 -20.39 5.27 4.45
N GLN A 61 -20.57 6.44 5.07
CA GLN A 61 -19.50 7.16 5.80
C GLN A 61 -18.87 6.28 6.91
N ASP A 62 -19.73 5.61 7.70
CA ASP A 62 -19.31 4.74 8.82
C ASP A 62 -18.55 3.51 8.29
N MET A 63 -19.17 2.78 7.33
CA MET A 63 -18.58 1.55 6.77
C MET A 63 -17.22 1.85 6.11
N VAL A 64 -17.20 2.92 5.29
CA VAL A 64 -16.00 3.38 4.56
C VAL A 64 -14.93 3.90 5.53
N ALA A 65 -15.34 4.56 6.64
CA ALA A 65 -14.40 5.01 7.70
C ALA A 65 -13.73 3.81 8.38
N GLY A 66 -14.52 2.72 8.49
CA GLY A 66 -14.02 1.43 8.97
C GLY A 66 -12.96 0.86 8.03
N TYR A 67 -13.28 0.88 6.73
CA TYR A 67 -12.37 0.38 5.66
C TYR A 67 -11.11 1.26 5.53
N ILE A 68 -11.29 2.57 5.75
CA ILE A 68 -10.23 3.59 5.64
C ILE A 68 -9.20 3.41 6.76
N LYS A 69 -9.66 3.44 8.02
CA LYS A 69 -8.77 3.30 9.19
C LYS A 69 -8.19 1.89 9.28
N GLN A 70 -8.93 0.87 8.75
CA GLN A 70 -8.41 -0.50 8.65
C GLN A 70 -7.21 -0.53 7.70
N THR A 71 -7.44 -0.12 6.44
CA THR A 71 -6.40 -0.19 5.39
C THR A 71 -5.22 0.74 5.71
N LEU A 72 -5.48 1.88 6.37
CA LEU A 72 -4.43 2.83 6.75
C LEU A 72 -3.56 2.25 7.87
N ASP A 73 -4.20 1.68 8.92
CA ASP A 73 -3.50 1.03 10.06
C ASP A 73 -2.63 -0.13 9.56
N ASN A 74 -3.21 -0.94 8.67
CA ASN A 74 -2.62 -2.18 8.16
C ASN A 74 -1.51 -1.88 7.14
N GLU A 75 -1.71 -0.80 6.34
CA GLU A 75 -0.70 -0.34 5.37
C GLU A 75 0.40 0.47 6.06
N GLN A 76 0.09 1.05 7.22
CA GLN A 76 1.08 1.76 8.06
C GLN A 76 2.07 0.73 8.61
N LEU A 77 1.50 -0.36 9.14
CA LEU A 77 2.27 -1.53 9.61
C LEU A 77 3.02 -2.20 8.45
N LEU A 78 2.36 -2.26 7.25
CA LEU A 78 2.99 -2.78 6.00
C LEU A 78 4.25 -1.98 5.65
N LYS A 79 4.08 -0.67 5.38
CA LYS A 79 5.16 0.17 4.85
C LYS A 79 6.29 0.35 5.88
N GLY A 80 5.93 0.29 7.18
CA GLY A 80 6.90 0.35 8.27
C GLY A 80 7.79 -0.89 8.31
N LEU A 81 7.12 -2.06 8.32
CA LEU A 81 7.78 -3.39 8.32
C LEU A 81 8.66 -3.56 7.08
N LEU A 82 8.09 -3.19 5.92
CA LEU A 82 8.68 -3.43 4.59
C LEU A 82 9.83 -2.48 4.31
N GLN A 83 9.71 -1.21 4.78
CA GLN A 83 10.83 -0.25 4.73
C GLN A 83 11.98 -0.79 5.56
N GLN A 84 11.66 -1.18 6.83
CA GLN A 84 12.65 -1.73 7.79
C GLN A 84 13.36 -2.96 7.22
N ARG A 85 12.56 -3.82 6.54
CA ARG A 85 13.03 -5.08 5.96
C ARG A 85 14.03 -4.80 4.83
N LEU A 86 13.63 -3.92 3.89
CA LEU A 86 14.45 -3.57 2.71
C LEU A 86 15.66 -2.71 3.08
N ASP A 87 15.53 -1.95 4.19
CA ASP A 87 16.57 -1.05 4.69
C ASP A 87 17.73 -1.88 5.25
N GLU A 88 17.35 -2.88 6.08
CA GLU A 88 18.27 -3.90 6.59
C GLU A 88 18.91 -4.66 5.41
N LEU A 89 18.06 -5.21 4.51
CA LEU A 89 18.50 -5.96 3.30
C LEU A 89 19.49 -5.16 2.45
N SER A 90 19.26 -3.83 2.32
CA SER A 90 20.19 -2.94 1.59
C SER A 90 21.53 -2.88 2.32
N SER A 91 21.48 -2.75 3.66
CA SER A 91 22.68 -2.72 4.53
C SER A 91 23.42 -4.09 4.56
N LEU A 92 22.69 -5.20 4.32
CA LEU A 92 23.26 -6.57 4.36
C LEU A 92 23.97 -6.91 3.03
N ILE A 93 23.30 -6.56 1.91
CA ILE A 93 23.75 -6.88 0.55
C ILE A 93 24.89 -5.95 0.11
N GLY A 94 24.75 -4.65 0.43
CA GLY A 94 25.75 -3.65 0.06
C GLY A 94 25.65 -2.43 0.97
N GLN A 95 26.61 -2.26 1.90
CA GLN A 95 26.59 -1.21 2.95
C GLN A 95 26.74 0.20 2.33
N VAL A 96 25.63 0.72 1.80
CA VAL A 96 25.52 2.07 1.20
C VAL A 96 24.29 2.75 1.87
N LEU A 97 23.91 3.99 1.46
CA LEU A 97 22.69 4.66 1.94
C LEU A 97 21.43 3.80 1.68
N PHE A 98 21.13 2.95 2.66
CA PHE A 98 19.94 2.08 2.69
C PHE A 98 18.62 2.87 2.50
N GLN A 99 17.60 2.17 1.96
CA GLN A 99 16.36 2.80 1.45
C GLN A 99 16.75 3.81 0.32
N GLY A 100 17.30 3.25 -0.76
CA GLY A 100 17.67 4.03 -1.95
C GLY A 100 16.90 3.55 -3.18
N PRO A 101 15.62 4.01 -3.38
CA PRO A 101 14.76 3.53 -4.49
C PRO A 101 15.16 4.13 -5.85
N SER A 102 16.07 5.12 -5.84
CA SER A 102 16.55 5.82 -7.05
C SER A 102 18.03 5.48 -7.34
N ALA A 103 18.58 4.46 -6.62
CA ALA A 103 19.99 4.03 -6.76
C ALA A 103 20.09 2.50 -6.73
N GLY A 104 20.97 1.94 -7.59
CA GLY A 104 21.21 0.49 -7.64
C GLY A 104 22.19 0.04 -6.56
N LEU A 105 21.70 0.03 -5.31
CA LEU A 105 22.49 -0.37 -4.12
C LEU A 105 22.82 -1.86 -4.16
N VAL A 106 21.80 -2.64 -4.51
CA VAL A 106 21.91 -4.09 -4.64
C VAL A 106 22.31 -4.45 -6.10
N PRO A 107 23.20 -5.48 -6.30
CA PRO A 107 23.45 -6.07 -7.64
C PRO A 107 22.17 -6.47 -8.40
N ARG A 108 22.29 -6.60 -9.73
CA ARG A 108 21.15 -6.95 -10.61
C ARG A 108 20.73 -8.41 -10.40
N GLY A 109 21.67 -9.34 -10.64
CA GLY A 109 21.39 -10.78 -10.65
C GLY A 109 20.40 -11.11 -11.76
N SER A 110 20.71 -10.59 -12.97
CA SER A 110 19.81 -10.49 -14.14
C SER A 110 18.52 -9.70 -13.78
N GLY A 111 17.63 -10.31 -12.98
CA GLY A 111 16.44 -9.63 -12.43
C GLY A 111 16.06 -10.23 -11.08
N GLY A 112 17.08 -10.58 -10.28
CA GLY A 112 16.90 -11.27 -9.01
C GLY A 112 16.52 -10.33 -7.88
N ILE A 113 17.53 -9.97 -7.05
CA ILE A 113 17.32 -9.08 -5.89
C ILE A 113 16.98 -7.65 -6.35
N GLU A 114 17.52 -7.23 -7.52
CA GLU A 114 17.14 -5.95 -8.14
C GLU A 114 15.64 -5.96 -8.46
N GLY A 115 15.16 -7.08 -9.06
CA GLY A 115 13.76 -7.24 -9.43
C GLY A 115 12.83 -7.08 -8.23
N MET A 116 13.13 -7.87 -7.18
CA MET A 116 12.39 -7.85 -5.90
C MET A 116 12.33 -6.43 -5.28
N THR A 117 13.50 -5.78 -5.16
CA THR A 117 13.62 -4.45 -4.55
C THR A 117 12.90 -3.38 -5.38
N THR A 118 13.02 -3.46 -6.72
CA THR A 118 12.39 -2.51 -7.66
C THR A 118 10.87 -2.54 -7.49
N ARG A 119 10.31 -3.77 -7.49
CA ARG A 119 8.86 -4.00 -7.27
C ARG A 119 8.43 -3.36 -5.94
N LEU A 120 9.14 -3.71 -4.85
CA LEU A 120 8.80 -3.30 -3.49
C LEU A 120 9.08 -1.80 -3.21
N THR A 121 9.97 -1.15 -3.99
CA THR A 121 10.25 0.31 -3.82
C THR A 121 9.15 1.14 -4.52
N ARG A 122 8.73 0.69 -5.72
CA ARG A 122 7.59 1.29 -6.45
C ARG A 122 6.29 1.09 -5.63
N TRP A 123 6.22 -0.09 -5.00
CA TRP A 123 5.16 -0.49 -4.09
C TRP A 123 5.10 0.45 -2.87
N LEU A 124 6.26 0.66 -2.19
CA LEU A 124 6.34 1.49 -0.96
C LEU A 124 6.03 2.96 -1.23
N THR A 125 6.46 3.48 -2.41
CA THR A 125 6.17 4.89 -2.78
C THR A 125 4.70 5.04 -3.21
N ALA A 126 4.08 3.96 -3.73
CA ALA A 126 2.64 3.92 -4.06
C ALA A 126 1.78 3.83 -2.78
N LEU A 127 2.31 3.14 -1.75
CA LEU A 127 1.69 3.08 -0.41
C LEU A 127 1.76 4.44 0.25
N ASP A 128 2.95 5.06 0.15
CA ASP A 128 3.25 6.39 0.68
C ASP A 128 2.34 7.44 0.02
N ASN A 129 2.11 7.24 -1.29
CA ASN A 129 1.19 8.07 -2.09
C ASN A 129 -0.24 7.96 -1.55
N PHE A 130 -0.73 6.71 -1.42
CA PHE A 130 -2.09 6.44 -0.95
C PHE A 130 -2.30 7.02 0.45
N GLU A 131 -1.50 6.53 1.42
CA GLU A 131 -1.48 7.00 2.81
C GLU A 131 -1.52 8.54 2.94
N ALA A 132 -0.56 9.22 2.28
CA ALA A 132 -0.42 10.69 2.35
C ALA A 132 -1.63 11.42 1.74
N LYS A 133 -1.94 11.11 0.46
CA LYS A 133 -3.00 11.79 -0.32
C LYS A 133 -4.38 11.55 0.31
N MET A 134 -4.61 10.32 0.79
CA MET A 134 -5.92 9.95 1.34
C MET A 134 -6.07 10.47 2.78
N ALA A 135 -4.93 10.74 3.46
CA ALA A 135 -4.92 11.50 4.72
C ALA A 135 -5.32 12.97 4.47
N LEU A 136 -4.88 13.50 3.29
CA LEU A 136 -5.19 14.89 2.88
C LEU A 136 -6.63 15.05 2.33
N LEU A 137 -7.27 13.92 1.89
CA LEU A 137 -8.70 13.90 1.45
C LEU A 137 -9.62 14.63 2.48
N PRO A 138 -10.15 15.85 2.15
CA PRO A 138 -11.02 16.64 3.06
C PRO A 138 -12.53 16.34 2.83
N ALA A 139 -12.80 15.24 2.09
CA ALA A 139 -14.15 14.87 1.68
C ALA A 139 -14.81 13.97 2.74
N VAL A 140 -14.34 12.72 2.85
CA VAL A 140 -15.02 11.64 3.58
C VAL A 140 -14.47 11.57 5.04
N MET A 1 -28.17 3.87 -6.45
CA MET A 1 -27.10 3.81 -5.42
C MET A 1 -25.77 3.33 -6.03
N THR A 2 -25.59 3.56 -7.35
CA THR A 2 -24.38 3.16 -8.12
C THR A 2 -23.09 3.67 -7.45
N SER A 3 -23.13 4.96 -7.07
CA SER A 3 -22.01 5.65 -6.39
C SER A 3 -21.68 5.02 -5.03
N THR A 4 -22.75 4.75 -4.26
CA THR A 4 -22.68 4.12 -2.93
C THR A 4 -21.96 2.76 -3.00
N VAL A 5 -22.50 1.85 -3.83
CA VAL A 5 -21.97 0.49 -4.01
C VAL A 5 -20.51 0.53 -4.48
N GLU A 6 -20.23 1.41 -5.45
CA GLU A 6 -18.90 1.53 -6.08
C GLU A 6 -17.84 1.91 -5.01
N PHE A 7 -18.12 3.03 -4.31
CA PHE A 7 -17.23 3.63 -3.32
C PHE A 7 -16.92 2.65 -2.16
N ILE A 8 -18.00 2.11 -1.55
CA ILE A 8 -17.91 1.18 -0.39
C ILE A 8 -17.13 -0.10 -0.75
N ASN A 9 -17.52 -0.74 -1.89
CA ASN A 9 -16.96 -2.05 -2.30
C ASN A 9 -15.48 -1.94 -2.72
N ARG A 10 -15.10 -0.78 -3.28
CA ARG A 10 -13.69 -0.50 -3.62
C ARG A 10 -12.87 -0.36 -2.33
N TRP A 11 -13.31 0.51 -1.39
CA TRP A 11 -12.62 0.67 -0.08
C TRP A 11 -12.58 -0.65 0.72
N GLN A 12 -13.64 -1.45 0.59
CA GLN A 12 -13.78 -2.75 1.27
C GLN A 12 -12.69 -3.70 0.78
N ARG A 13 -12.59 -3.79 -0.57
CA ARG A 13 -11.59 -4.61 -1.26
C ARG A 13 -10.17 -4.23 -0.79
N ILE A 14 -9.90 -2.91 -0.73
CA ILE A 14 -8.59 -2.35 -0.33
C ILE A 14 -8.25 -2.72 1.14
N ALA A 15 -9.28 -2.72 2.00
CA ALA A 15 -9.13 -3.10 3.42
C ALA A 15 -8.76 -4.60 3.54
N LEU A 16 -9.42 -5.44 2.72
CA LEU A 16 -9.19 -6.89 2.70
C LEU A 16 -7.80 -7.23 2.09
N LEU A 17 -7.38 -6.39 1.11
CA LEU A 17 -6.08 -6.51 0.45
C LEU A 17 -4.98 -6.20 1.47
N SER A 18 -4.97 -4.99 2.04
CA SER A 18 -3.96 -4.53 3.01
C SER A 18 -3.89 -5.46 4.25
N GLN A 19 -5.05 -6.01 4.66
CA GLN A 19 -5.15 -7.01 5.75
C GLN A 19 -4.40 -8.32 5.40
N SER A 20 -4.73 -8.89 4.21
CA SER A 20 -4.12 -10.15 3.74
C SER A 20 -2.61 -9.96 3.50
N LEU A 21 -2.28 -8.82 2.89
CA LEU A 21 -0.91 -8.40 2.56
C LEU A 21 -0.08 -8.19 3.83
N LEU A 22 -0.74 -7.64 4.88
CA LEU A 22 -0.10 -7.43 6.19
C LEU A 22 0.29 -8.79 6.77
N GLU A 23 -0.67 -9.74 6.73
CA GLU A 23 -0.46 -11.10 7.20
C GLU A 23 0.70 -11.77 6.44
N LEU A 24 0.76 -11.54 5.11
CA LEU A 24 1.82 -12.08 4.24
C LEU A 24 3.20 -11.59 4.73
N ALA A 25 3.32 -10.27 4.96
CA ALA A 25 4.55 -9.64 5.44
C ALA A 25 4.95 -10.13 6.84
N GLN A 26 3.94 -10.39 7.69
CA GLN A 26 4.13 -10.93 9.04
C GLN A 26 4.57 -12.42 9.00
N ARG A 27 4.16 -13.15 7.93
CA ARG A 27 4.50 -14.59 7.74
C ARG A 27 5.81 -14.77 6.93
N GLY A 28 6.20 -13.72 6.19
CA GLY A 28 7.38 -13.78 5.30
C GLY A 28 7.05 -14.20 3.87
N GLU A 29 5.76 -14.11 3.50
CA GLU A 29 5.26 -14.37 2.15
C GLU A 29 5.39 -13.10 1.28
N TRP A 30 6.53 -13.00 0.57
CA TRP A 30 6.87 -11.85 -0.29
C TRP A 30 6.36 -12.04 -1.73
N ASP A 31 6.14 -13.31 -2.15
CA ASP A 31 5.70 -13.61 -3.54
C ASP A 31 4.24 -13.18 -3.75
N LEU A 32 3.32 -13.62 -2.87
CA LEU A 32 1.90 -13.22 -2.94
C LEU A 32 1.75 -11.72 -2.64
N LEU A 33 2.71 -11.16 -1.90
CA LEU A 33 2.78 -9.72 -1.61
C LEU A 33 3.02 -8.93 -2.90
N LEU A 34 3.99 -9.40 -3.70
CA LEU A 34 4.36 -8.81 -5.01
C LEU A 34 3.31 -9.11 -6.10
N GLN A 35 2.55 -10.21 -5.96
CA GLN A 35 1.52 -10.60 -6.93
C GLN A 35 0.23 -9.76 -6.73
N GLN A 36 -0.10 -9.55 -5.45
CA GLN A 36 -1.24 -8.71 -5.01
C GLN A 36 -0.84 -7.23 -4.86
N GLU A 37 0.48 -6.92 -4.93
CA GLU A 37 1.03 -5.54 -4.99
C GLU A 37 0.25 -4.68 -5.99
N VAL A 38 0.28 -5.14 -7.25
CA VAL A 38 -0.33 -4.43 -8.37
C VAL A 38 -1.87 -4.35 -8.25
N SER A 39 -2.46 -5.37 -7.58
CA SER A 39 -3.92 -5.42 -7.33
C SER A 39 -4.33 -4.32 -6.33
N TYR A 40 -3.53 -4.19 -5.25
CA TYR A 40 -3.75 -3.23 -4.16
C TYR A 40 -3.60 -1.79 -4.68
N LEU A 41 -2.52 -1.55 -5.42
CA LEU A 41 -2.19 -0.22 -5.96
C LEU A 41 -3.20 0.19 -7.06
N GLN A 42 -3.68 -0.80 -7.84
CA GLN A 42 -4.75 -0.60 -8.85
C GLN A 42 -6.06 -0.15 -8.18
N SER A 43 -6.41 -0.83 -7.08
CA SER A 43 -7.62 -0.54 -6.29
C SER A 43 -7.54 0.87 -5.65
N ILE A 44 -6.31 1.24 -5.20
CA ILE A 44 -5.98 2.58 -4.68
C ILE A 44 -6.30 3.67 -5.74
N GLU A 45 -5.78 3.43 -6.96
CA GLU A 45 -5.95 4.34 -8.11
C GLU A 45 -7.44 4.56 -8.40
N THR A 46 -8.18 3.45 -8.63
CA THR A 46 -9.56 3.51 -9.09
C THR A 46 -10.51 4.11 -8.02
N VAL A 47 -10.22 3.87 -6.71
CA VAL A 47 -11.06 4.44 -5.63
C VAL A 47 -10.78 5.96 -5.46
N MET A 48 -9.51 6.36 -5.71
CA MET A 48 -9.10 7.77 -5.61
C MET A 48 -9.60 8.57 -6.84
N GLU A 49 -9.88 7.84 -7.95
CA GLU A 49 -10.56 8.41 -9.13
C GLU A 49 -12.06 8.56 -8.86
N LYS A 50 -12.61 7.65 -8.05
CA LYS A 50 -14.02 7.68 -7.69
C LYS A 50 -14.26 8.80 -6.66
N GLN A 51 -14.82 9.92 -7.16
CA GLN A 51 -15.26 11.05 -6.35
C GLN A 51 -16.40 10.60 -5.42
N THR A 52 -16.30 10.99 -4.15
CA THR A 52 -17.28 10.68 -3.11
C THR A 52 -18.58 11.48 -3.38
N PRO A 53 -19.81 10.87 -3.23
CA PRO A 53 -21.09 11.61 -3.37
C PRO A 53 -21.19 12.85 -2.43
N PRO A 54 -21.99 13.92 -2.81
CA PRO A 54 -22.12 15.16 -2.00
C PRO A 54 -22.63 14.88 -0.58
N GLY A 55 -23.79 14.19 -0.51
CA GLY A 55 -24.38 13.76 0.74
C GLY A 55 -23.82 12.42 1.20
N ILE A 56 -22.52 12.42 1.57
CA ILE A 56 -21.86 11.25 2.12
C ILE A 56 -22.39 11.01 3.57
N THR A 57 -23.51 10.26 3.62
CA THR A 57 -24.25 9.99 4.87
C THR A 57 -23.41 9.19 5.87
N ARG A 58 -23.77 9.33 7.17
CA ARG A 58 -23.02 8.77 8.32
C ARG A 58 -22.75 7.27 8.15
N SER A 59 -23.76 6.52 7.63
CA SER A 59 -23.69 5.06 7.43
C SER A 59 -22.52 4.69 6.48
N ILE A 60 -22.57 5.25 5.24
CA ILE A 60 -21.55 5.00 4.19
C ILE A 60 -20.18 5.47 4.70
N GLN A 61 -20.13 6.74 5.13
CA GLN A 61 -18.91 7.42 5.61
C GLN A 61 -18.20 6.63 6.71
N ASP A 62 -18.98 6.03 7.63
CA ASP A 62 -18.43 5.32 8.80
C ASP A 62 -17.94 3.92 8.43
N MET A 63 -18.66 3.22 7.52
CA MET A 63 -18.21 1.91 7.00
C MET A 63 -16.91 2.08 6.18
N VAL A 64 -16.92 3.10 5.30
CA VAL A 64 -15.79 3.51 4.48
C VAL A 64 -14.60 3.95 5.36
N ALA A 65 -14.91 4.70 6.44
CA ALA A 65 -13.90 5.14 7.41
C ALA A 65 -13.32 3.93 8.14
N GLY A 66 -14.15 2.89 8.32
CA GLY A 66 -13.72 1.61 8.87
C GLY A 66 -12.70 0.94 7.96
N TYR A 67 -13.00 0.93 6.64
CA TYR A 67 -12.11 0.35 5.61
C TYR A 67 -10.82 1.19 5.44
N ILE A 68 -10.97 2.52 5.64
CA ILE A 68 -9.88 3.50 5.52
C ILE A 68 -8.88 3.32 6.66
N LYS A 69 -9.38 3.20 7.89
CA LYS A 69 -8.54 3.02 9.07
C LYS A 69 -7.92 1.61 9.08
N GLN A 70 -8.67 0.63 8.53
CA GLN A 70 -8.15 -0.73 8.26
C GLN A 70 -6.92 -0.63 7.36
N THR A 71 -7.11 -0.05 6.16
CA THR A 71 -6.10 -0.09 5.12
C THR A 71 -4.88 0.78 5.46
N LEU A 72 -5.10 1.91 6.15
CA LEU A 72 -4.01 2.82 6.57
C LEU A 72 -3.19 2.22 7.72
N ASP A 73 -3.86 1.50 8.66
CA ASP A 73 -3.17 0.86 9.81
C ASP A 73 -2.36 -0.35 9.33
N ASN A 74 -3.01 -1.17 8.48
CA ASN A 74 -2.39 -2.39 7.91
C ASN A 74 -1.25 -2.04 6.96
N GLU A 75 -1.42 -0.92 6.21
CA GLU A 75 -0.38 -0.37 5.32
C GLU A 75 0.76 0.22 6.15
N GLN A 76 0.45 0.88 7.27
CA GLN A 76 1.45 1.51 8.14
C GLN A 76 2.40 0.45 8.74
N LEU A 77 1.78 -0.67 9.16
CA LEU A 77 2.50 -1.86 9.64
C LEU A 77 3.26 -2.56 8.49
N LEU A 78 2.66 -2.56 7.28
CA LEU A 78 3.31 -3.07 6.04
C LEU A 78 4.61 -2.32 5.75
N LYS A 79 4.48 -1.01 5.47
CA LYS A 79 5.58 -0.15 5.03
C LYS A 79 6.64 0.01 6.11
N GLY A 80 6.21 -0.09 7.39
CA GLY A 80 7.13 -0.18 8.52
C GLY A 80 8.01 -1.43 8.45
N LEU A 81 7.35 -2.62 8.50
CA LEU A 81 8.03 -3.93 8.49
C LEU A 81 8.92 -4.08 7.24
N LEU A 82 8.37 -3.63 6.11
CA LEU A 82 8.96 -3.80 4.79
C LEU A 82 10.19 -2.91 4.61
N GLN A 83 10.11 -1.62 5.04
CA GLN A 83 11.26 -0.73 4.92
C GLN A 83 12.39 -1.20 5.85
N GLN A 84 12.00 -1.65 7.08
CA GLN A 84 12.96 -2.14 8.10
C GLN A 84 13.75 -3.32 7.56
N ARG A 85 13.04 -4.25 6.91
CA ARG A 85 13.64 -5.44 6.34
C ARG A 85 14.46 -5.09 5.10
N LEU A 86 13.98 -4.10 4.31
CA LEU A 86 14.71 -3.60 3.14
C LEU A 86 15.97 -2.84 3.57
N ASP A 87 15.95 -2.28 4.80
CA ASP A 87 17.13 -1.64 5.43
C ASP A 87 18.17 -2.72 5.74
N GLU A 88 17.68 -3.84 6.30
CA GLU A 88 18.51 -5.03 6.59
C GLU A 88 19.16 -5.55 5.29
N LEU A 89 18.29 -5.94 4.34
CA LEU A 89 18.67 -6.55 3.05
C LEU A 89 19.63 -5.64 2.26
N SER A 90 19.38 -4.32 2.27
CA SER A 90 20.22 -3.34 1.55
C SER A 90 21.59 -3.18 2.27
N SER A 91 21.61 -3.36 3.60
CA SER A 91 22.86 -3.41 4.38
C SER A 91 23.60 -4.75 4.20
N LEU A 92 22.85 -5.83 3.87
CA LEU A 92 23.43 -7.18 3.66
C LEU A 92 24.09 -7.29 2.28
N ILE A 93 23.42 -6.73 1.26
CA ILE A 93 23.87 -6.78 -0.14
C ILE A 93 24.89 -5.65 -0.39
N GLY A 94 24.59 -4.46 0.17
CA GLY A 94 25.42 -3.26 -0.01
C GLY A 94 25.69 -2.56 1.32
N GLN A 95 25.64 -1.21 1.32
CA GLN A 95 25.81 -0.38 2.54
C GLN A 95 24.75 0.74 2.51
N VAL A 96 23.96 0.84 3.58
CA VAL A 96 22.96 1.92 3.74
C VAL A 96 23.66 3.26 4.01
N LEU A 97 23.48 4.22 3.09
CA LEU A 97 24.11 5.56 3.19
C LEU A 97 23.41 6.43 4.26
N PHE A 98 22.07 6.36 4.29
CA PHE A 98 21.22 7.18 5.17
C PHE A 98 19.85 6.49 5.37
N GLN A 99 19.30 5.97 4.27
CA GLN A 99 18.02 5.23 4.24
C GLN A 99 18.14 4.13 3.20
N GLY A 100 17.83 2.87 3.58
CA GLY A 100 17.99 1.70 2.70
C GLY A 100 17.26 1.84 1.35
N PRO A 101 15.89 1.93 1.34
CA PRO A 101 15.08 2.17 0.11
C PRO A 101 15.50 3.43 -0.70
N SER A 102 15.82 4.52 0.01
CA SER A 102 16.07 5.85 -0.62
C SER A 102 17.55 6.06 -1.02
N ALA A 103 18.44 5.13 -0.64
CA ALA A 103 19.88 5.19 -1.02
C ALA A 103 20.05 4.88 -2.51
N GLY A 104 19.15 4.03 -3.05
CA GLY A 104 19.23 3.56 -4.43
C GLY A 104 20.37 2.57 -4.61
N LEU A 105 20.37 1.52 -3.77
CA LEU A 105 21.37 0.44 -3.81
C LEU A 105 21.02 -0.61 -4.89
N VAL A 106 21.77 -1.73 -4.88
CA VAL A 106 21.74 -2.81 -5.92
C VAL A 106 21.80 -2.22 -7.37
N PRO A 107 22.95 -1.54 -7.75
CA PRO A 107 23.11 -0.88 -9.08
C PRO A 107 23.06 -1.89 -10.23
N ARG A 108 23.75 -3.03 -10.04
CA ARG A 108 23.73 -4.15 -11.00
C ARG A 108 22.53 -5.04 -10.67
N GLY A 109 21.58 -5.10 -11.62
CA GLY A 109 20.32 -5.82 -11.44
C GLY A 109 20.47 -7.34 -11.47
N SER A 110 20.78 -7.93 -10.30
CA SER A 110 20.97 -9.38 -10.16
C SER A 110 19.61 -10.08 -9.89
N GLY A 111 18.79 -10.18 -10.96
CA GLY A 111 17.56 -11.00 -11.02
C GLY A 111 16.59 -10.86 -9.85
N GLY A 112 16.67 -11.82 -8.90
CA GLY A 112 15.72 -11.94 -7.78
C GLY A 112 15.78 -10.79 -6.79
N ILE A 113 17.01 -10.43 -6.36
CA ILE A 113 17.21 -9.33 -5.38
C ILE A 113 16.83 -7.97 -6.00
N GLU A 114 17.06 -7.83 -7.32
CA GLU A 114 16.71 -6.63 -8.08
C GLU A 114 15.20 -6.43 -8.03
N GLY A 115 14.45 -7.44 -8.52
CA GLY A 115 12.99 -7.41 -8.54
C GLY A 115 12.40 -7.14 -7.16
N MET A 116 12.89 -7.88 -6.14
CA MET A 116 12.46 -7.73 -4.74
C MET A 116 12.57 -6.26 -4.27
N THR A 117 13.81 -5.71 -4.33
CA THR A 117 14.09 -4.36 -3.80
C THR A 117 13.35 -3.27 -4.60
N THR A 118 13.54 -3.26 -5.94
CA THR A 118 13.00 -2.20 -6.80
C THR A 118 11.46 -2.12 -6.75
N ARG A 119 10.81 -3.31 -6.79
CA ARG A 119 9.33 -3.39 -6.77
C ARG A 119 8.77 -2.99 -5.40
N LEU A 120 9.39 -3.50 -4.32
CA LEU A 120 8.95 -3.16 -2.94
C LEU A 120 9.18 -1.67 -2.62
N THR A 121 10.31 -1.09 -3.08
CA THR A 121 10.62 0.35 -2.82
C THR A 121 9.67 1.27 -3.61
N ARG A 122 9.34 0.86 -4.87
CA ARG A 122 8.32 1.54 -5.70
C ARG A 122 6.92 1.41 -5.07
N TRP A 123 6.70 0.24 -4.44
CA TRP A 123 5.47 -0.06 -3.71
C TRP A 123 5.36 0.84 -2.48
N LEU A 124 6.50 1.08 -1.76
CA LEU A 124 6.52 1.92 -0.53
C LEU A 124 6.33 3.40 -0.91
N THR A 125 6.81 3.75 -2.12
CA THR A 125 6.62 5.06 -2.75
C THR A 125 5.12 5.30 -3.05
N ALA A 126 4.46 4.25 -3.60
CA ALA A 126 3.03 4.28 -3.94
C ALA A 126 2.15 4.24 -2.67
N LEU A 127 2.67 3.61 -1.60
CA LEU A 127 2.00 3.55 -0.30
C LEU A 127 2.02 4.95 0.34
N ASP A 128 3.20 5.61 0.26
CA ASP A 128 3.42 6.97 0.78
C ASP A 128 2.51 7.98 0.05
N ASN A 129 2.37 7.78 -1.28
CA ASN A 129 1.50 8.59 -2.15
C ASN A 129 0.03 8.46 -1.73
N PHE A 130 -0.43 7.19 -1.60
CA PHE A 130 -1.79 6.86 -1.17
C PHE A 130 -2.09 7.49 0.20
N GLU A 131 -1.29 7.09 1.20
CA GLU A 131 -1.35 7.58 2.59
C GLU A 131 -1.55 9.11 2.65
N ALA A 132 -0.66 9.84 1.98
CA ALA A 132 -0.67 11.31 1.95
C ALA A 132 -1.97 11.87 1.36
N LYS A 133 -2.24 11.51 0.08
CA LYS A 133 -3.33 12.12 -0.72
C LYS A 133 -4.73 11.69 -0.20
N MET A 134 -4.81 10.48 0.36
CA MET A 134 -6.06 9.92 0.87
C MET A 134 -6.35 10.49 2.28
N ALA A 135 -5.28 10.85 3.02
CA ALA A 135 -5.43 11.62 4.26
C ALA A 135 -5.93 13.04 3.92
N LEU A 136 -5.43 13.58 2.79
CA LEU A 136 -5.80 14.93 2.30
C LEU A 136 -7.24 14.97 1.74
N LEU A 137 -7.79 13.80 1.32
CA LEU A 137 -9.23 13.67 0.94
C LEU A 137 -10.14 14.33 2.01
N PRO A 138 -10.78 15.51 1.70
CA PRO A 138 -11.69 16.19 2.64
C PRO A 138 -13.15 15.69 2.49
N ALA A 139 -13.30 14.56 1.77
CA ALA A 139 -14.59 13.94 1.44
C ALA A 139 -15.01 12.92 2.50
N VAL A 140 -14.01 12.31 3.19
CA VAL A 140 -14.24 11.37 4.31
C VAL A 140 -13.39 11.83 5.51
N MET A 1 -26.46 4.82 -7.79
CA MET A 1 -25.92 3.93 -6.74
C MET A 1 -24.59 3.29 -7.18
N THR A 2 -24.22 3.39 -8.48
CA THR A 2 -22.95 2.81 -9.00
C THR A 2 -21.73 3.37 -8.24
N SER A 3 -21.77 4.69 -7.97
CA SER A 3 -20.74 5.38 -7.17
C SER A 3 -20.67 4.78 -5.75
N THR A 4 -21.84 4.58 -5.13
CA THR A 4 -22.00 3.97 -3.78
C THR A 4 -21.38 2.56 -3.72
N VAL A 5 -21.82 1.69 -4.64
CA VAL A 5 -21.41 0.27 -4.68
C VAL A 5 -19.89 0.18 -4.84
N GLU A 6 -19.36 0.80 -5.91
CA GLU A 6 -17.92 0.76 -6.22
C GLU A 6 -17.09 1.32 -5.05
N PHE A 7 -17.52 2.46 -4.48
CA PHE A 7 -16.78 3.16 -3.40
C PHE A 7 -16.61 2.26 -2.16
N ILE A 8 -17.75 1.75 -1.64
CA ILE A 8 -17.79 0.89 -0.43
C ILE A 8 -17.05 -0.45 -0.68
N ASN A 9 -17.27 -1.04 -1.88
CA ASN A 9 -16.68 -2.34 -2.26
C ASN A 9 -15.15 -2.23 -2.42
N ARG A 10 -14.68 -1.08 -2.94
CA ARG A 10 -13.24 -0.83 -3.17
C ARG A 10 -12.55 -0.62 -1.83
N TRP A 11 -13.12 0.24 -0.96
CA TRP A 11 -12.59 0.44 0.40
C TRP A 11 -12.58 -0.88 1.19
N GLN A 12 -13.62 -1.72 0.99
CA GLN A 12 -13.72 -3.04 1.62
C GLN A 12 -12.52 -3.90 1.22
N ARG A 13 -12.32 -4.09 -0.11
CA ARG A 13 -11.26 -4.98 -0.64
C ARG A 13 -9.87 -4.42 -0.34
N ILE A 14 -9.74 -3.08 -0.17
CA ILE A 14 -8.46 -2.43 0.22
C ILE A 14 -8.10 -2.77 1.66
N ALA A 15 -9.10 -2.76 2.56
CA ALA A 15 -8.92 -3.15 3.97
C ALA A 15 -8.59 -4.66 4.08
N LEU A 16 -9.29 -5.47 3.27
CA LEU A 16 -9.10 -6.94 3.23
C LEU A 16 -7.71 -7.28 2.67
N LEU A 17 -7.29 -6.56 1.60
CA LEU A 17 -5.98 -6.74 0.97
C LEU A 17 -4.87 -6.31 1.92
N SER A 18 -5.01 -5.14 2.56
CA SER A 18 -3.97 -4.59 3.44
C SER A 18 -3.73 -5.49 4.67
N GLN A 19 -4.83 -6.05 5.23
CA GLN A 19 -4.73 -6.93 6.42
C GLN A 19 -4.21 -8.33 6.05
N SER A 20 -4.61 -8.84 4.86
CA SER A 20 -4.15 -10.16 4.37
C SER A 20 -2.66 -10.10 4.02
N LEU A 21 -2.30 -9.08 3.20
CA LEU A 21 -0.91 -8.74 2.83
C LEU A 21 -0.05 -8.46 4.07
N LEU A 22 -0.65 -7.85 5.12
CA LEU A 22 0.05 -7.63 6.39
C LEU A 22 0.44 -8.96 7.02
N GLU A 23 -0.54 -9.87 7.13
CA GLU A 23 -0.31 -11.19 7.71
C GLU A 23 0.64 -12.04 6.84
N LEU A 24 0.70 -11.71 5.52
CA LEU A 24 1.66 -12.31 4.58
C LEU A 24 3.05 -11.70 4.77
N ALA A 25 3.11 -10.42 5.13
CA ALA A 25 4.36 -9.70 5.41
C ALA A 25 4.96 -10.19 6.74
N GLN A 26 4.06 -10.59 7.66
CA GLN A 26 4.41 -11.27 8.93
C GLN A 26 4.85 -12.72 8.65
N ARG A 27 4.18 -13.35 7.67
CA ARG A 27 4.43 -14.76 7.28
C ARG A 27 5.71 -14.88 6.41
N GLY A 28 6.17 -13.76 5.84
CA GLY A 28 7.35 -13.74 4.96
C GLY A 28 7.05 -14.12 3.52
N GLU A 29 5.77 -14.04 3.14
CA GLU A 29 5.29 -14.33 1.78
C GLU A 29 5.52 -13.14 0.84
N TRP A 30 6.80 -12.88 0.52
CA TRP A 30 7.22 -11.75 -0.33
C TRP A 30 6.68 -11.91 -1.76
N ASP A 31 6.57 -13.18 -2.18
CA ASP A 31 6.04 -13.58 -3.50
C ASP A 31 4.56 -13.16 -3.64
N LEU A 32 3.74 -13.50 -2.62
CA LEU A 32 2.29 -13.16 -2.60
C LEU A 32 2.07 -11.64 -2.49
N LEU A 33 3.01 -10.93 -1.83
CA LEU A 33 3.00 -9.45 -1.75
C LEU A 33 3.20 -8.84 -3.14
N LEU A 34 4.24 -9.31 -3.86
CA LEU A 34 4.62 -8.78 -5.19
C LEU A 34 3.64 -9.21 -6.29
N GLN A 35 2.89 -10.30 -6.06
CA GLN A 35 1.87 -10.76 -7.00
C GLN A 35 0.60 -9.89 -6.89
N GLN A 36 0.14 -9.74 -5.63
CA GLN A 36 -1.03 -8.90 -5.28
C GLN A 36 -0.70 -7.40 -5.29
N GLU A 37 0.61 -7.06 -5.42
CA GLU A 37 1.12 -5.68 -5.53
C GLU A 37 0.25 -4.81 -6.46
N VAL A 38 0.15 -5.23 -7.73
CA VAL A 38 -0.63 -4.53 -8.77
C VAL A 38 -2.12 -4.43 -8.37
N SER A 39 -2.64 -5.47 -7.69
CA SER A 39 -4.08 -5.59 -7.34
C SER A 39 -4.49 -4.61 -6.22
N TYR A 40 -3.62 -4.49 -5.19
CA TYR A 40 -3.85 -3.59 -4.05
C TYR A 40 -3.66 -2.13 -4.47
N LEU A 41 -2.62 -1.88 -5.28
CA LEU A 41 -2.35 -0.55 -5.84
C LEU A 41 -3.45 -0.14 -6.85
N GLN A 42 -4.04 -1.16 -7.54
CA GLN A 42 -5.17 -0.96 -8.49
C GLN A 42 -6.44 -0.51 -7.73
N SER A 43 -6.74 -1.19 -6.61
CA SER A 43 -7.91 -0.86 -5.79
C SER A 43 -7.76 0.55 -5.15
N ILE A 44 -6.51 0.87 -4.72
CA ILE A 44 -6.14 2.20 -4.18
C ILE A 44 -6.44 3.33 -5.19
N GLU A 45 -5.83 3.21 -6.39
CA GLU A 45 -5.91 4.26 -7.42
C GLU A 45 -7.36 4.43 -7.92
N THR A 46 -8.11 3.30 -8.04
CA THR A 46 -9.47 3.32 -8.60
C THR A 46 -10.50 3.87 -7.58
N VAL A 47 -10.27 3.68 -6.26
CA VAL A 47 -11.16 4.27 -5.22
C VAL A 47 -10.87 5.78 -5.08
N MET A 48 -9.61 6.16 -5.35
CA MET A 48 -9.18 7.56 -5.33
C MET A 48 -9.63 8.30 -6.62
N GLU A 49 -9.86 7.53 -7.71
CA GLU A 49 -10.53 8.02 -8.93
C GLU A 49 -12.06 7.94 -8.78
N LYS A 50 -12.54 7.18 -7.79
CA LYS A 50 -13.97 7.12 -7.42
C LYS A 50 -14.23 8.18 -6.33
N GLN A 51 -14.13 9.45 -6.74
CA GLN A 51 -14.36 10.59 -5.86
C GLN A 51 -15.87 10.77 -5.62
N THR A 52 -16.30 10.66 -4.36
CA THR A 52 -17.68 10.97 -3.96
C THR A 52 -17.74 12.42 -3.44
N PRO A 53 -18.82 13.21 -3.76
CA PRO A 53 -18.97 14.61 -3.28
C PRO A 53 -19.06 14.69 -1.72
N PRO A 54 -18.73 15.87 -1.11
CA PRO A 54 -18.76 16.11 0.37
C PRO A 54 -19.99 15.51 1.07
N GLY A 55 -21.17 15.78 0.50
CA GLY A 55 -22.43 15.23 1.00
C GLY A 55 -22.53 13.72 0.79
N ILE A 56 -22.19 12.95 1.84
CA ILE A 56 -22.21 11.48 1.81
C ILE A 56 -22.96 10.98 3.07
N THR A 57 -23.87 9.98 2.92
CA THR A 57 -24.77 9.53 4.01
C THR A 57 -23.99 8.77 5.12
N ARG A 58 -24.59 8.70 6.34
CA ARG A 58 -23.95 8.11 7.54
C ARG A 58 -23.43 6.68 7.29
N SER A 59 -24.27 5.85 6.64
CA SER A 59 -23.98 4.43 6.43
C SER A 59 -22.68 4.24 5.63
N ILE A 60 -22.61 4.89 4.44
CA ILE A 60 -21.45 4.83 3.54
C ILE A 60 -20.22 5.40 4.27
N GLN A 61 -20.36 6.66 4.76
CA GLN A 61 -19.27 7.42 5.41
C GLN A 61 -18.67 6.63 6.60
N ASP A 62 -19.53 5.89 7.33
CA ASP A 62 -19.11 5.09 8.49
C ASP A 62 -18.30 3.87 8.05
N MET A 63 -18.93 3.02 7.20
CA MET A 63 -18.32 1.76 6.71
C MET A 63 -16.98 2.04 6.03
N VAL A 64 -17.00 3.04 5.15
CA VAL A 64 -15.82 3.54 4.41
C VAL A 64 -14.74 4.05 5.38
N ALA A 65 -15.12 4.88 6.38
CA ALA A 65 -14.17 5.41 7.40
C ALA A 65 -13.54 4.27 8.24
N GLY A 66 -14.29 3.16 8.37
CA GLY A 66 -13.81 1.96 9.02
C GLY A 66 -12.72 1.28 8.21
N TYR A 67 -13.04 1.05 6.92
CA TYR A 67 -12.11 0.44 5.95
C TYR A 67 -10.86 1.33 5.76
N ILE A 68 -11.07 2.66 5.86
CA ILE A 68 -10.02 3.70 5.78
C ILE A 68 -9.03 3.52 6.92
N LYS A 69 -9.55 3.58 8.17
CA LYS A 69 -8.74 3.48 9.39
C LYS A 69 -7.94 2.16 9.39
N GLN A 70 -8.65 1.06 9.05
CA GLN A 70 -8.06 -0.28 8.98
C GLN A 70 -6.87 -0.29 8.01
N THR A 71 -7.11 0.11 6.75
CA THR A 71 -6.09 -0.01 5.70
C THR A 71 -4.88 0.93 5.96
N LEU A 72 -5.11 2.04 6.68
CA LEU A 72 -4.04 2.97 7.08
C LEU A 72 -3.17 2.41 8.22
N ASP A 73 -3.80 1.65 9.14
CA ASP A 73 -3.08 0.97 10.25
C ASP A 73 -2.28 -0.23 9.71
N ASN A 74 -2.95 -1.01 8.84
CA ASN A 74 -2.38 -2.21 8.21
C ASN A 74 -1.30 -1.83 7.18
N GLU A 75 -1.42 -0.62 6.58
CA GLU A 75 -0.40 -0.08 5.67
C GLU A 75 0.77 0.49 6.47
N GLN A 76 0.50 1.12 7.64
CA GLN A 76 1.57 1.59 8.55
C GLN A 76 2.46 0.40 8.95
N LEU A 77 1.80 -0.73 9.24
CA LEU A 77 2.46 -1.99 9.58
C LEU A 77 3.10 -2.66 8.34
N LEU A 78 2.46 -2.55 7.14
CA LEU A 78 3.00 -3.11 5.87
C LEU A 78 4.25 -2.32 5.43
N LYS A 79 4.03 -1.05 5.12
CA LYS A 79 5.04 -0.06 4.70
C LYS A 79 6.19 0.04 5.73
N GLY A 80 5.85 -0.07 7.02
CA GLY A 80 6.83 -0.08 8.10
C GLY A 80 7.72 -1.33 8.12
N LEU A 81 7.06 -2.52 8.06
CA LEU A 81 7.75 -3.83 8.08
C LEU A 81 8.66 -3.97 6.87
N LEU A 82 8.06 -3.73 5.69
CA LEU A 82 8.70 -3.84 4.39
C LEU A 82 9.86 -2.85 4.25
N GLN A 83 9.71 -1.61 4.77
CA GLN A 83 10.81 -0.62 4.75
C GLN A 83 11.97 -1.12 5.60
N GLN A 84 11.66 -1.58 6.83
CA GLN A 84 12.67 -2.08 7.78
C GLN A 84 13.41 -3.32 7.22
N ARG A 85 12.65 -4.15 6.49
CA ARG A 85 13.13 -5.41 5.92
C ARG A 85 13.98 -5.10 4.66
N LEU A 86 13.63 -4.01 3.94
CA LEU A 86 14.43 -3.51 2.79
C LEU A 86 15.68 -2.77 3.27
N ASP A 87 15.59 -2.14 4.48
CA ASP A 87 16.75 -1.53 5.14
C ASP A 87 17.79 -2.62 5.40
N GLU A 88 17.28 -3.74 5.93
CA GLU A 88 18.09 -4.92 6.25
C GLU A 88 18.75 -5.48 5.00
N LEU A 89 17.92 -5.89 3.99
CA LEU A 89 18.40 -6.48 2.72
C LEU A 89 19.48 -5.62 2.06
N SER A 90 19.17 -4.33 1.88
CA SER A 90 20.05 -3.38 1.19
C SER A 90 21.32 -3.07 2.01
N SER A 91 21.25 -3.27 3.35
CA SER A 91 22.42 -3.18 4.26
C SER A 91 23.32 -4.44 4.14
N LEU A 92 22.67 -5.63 4.02
CA LEU A 92 23.38 -6.93 3.98
C LEU A 92 24.14 -7.08 2.64
N ILE A 93 23.47 -6.65 1.57
CA ILE A 93 23.97 -6.73 0.19
C ILE A 93 24.88 -5.53 -0.14
N GLY A 94 24.40 -4.30 0.19
CA GLY A 94 25.13 -3.07 -0.16
C GLY A 94 25.41 -2.18 1.05
N GLN A 95 24.77 -1.00 1.09
CA GLN A 95 25.00 0.03 2.13
C GLN A 95 23.77 0.96 2.31
N VAL A 96 22.90 1.05 1.28
CA VAL A 96 21.67 1.87 1.32
C VAL A 96 20.59 1.22 2.23
N LEU A 97 19.53 1.99 2.55
CA LEU A 97 18.43 1.54 3.45
C LEU A 97 17.07 1.97 2.86
N PHE A 98 16.85 3.31 2.86
CA PHE A 98 15.59 3.94 2.43
C PHE A 98 15.82 4.77 1.16
N GLN A 99 14.76 4.96 0.36
CA GLN A 99 14.82 5.58 -0.99
C GLN A 99 15.36 7.02 -0.95
N GLY A 100 16.39 7.28 -1.77
CA GLY A 100 16.84 8.65 -2.05
C GLY A 100 15.87 9.37 -3.00
N PRO A 101 15.80 10.75 -2.98
CA PRO A 101 14.84 11.53 -3.81
C PRO A 101 14.95 11.21 -5.33
N SER A 102 14.07 10.26 -5.76
CA SER A 102 14.02 9.66 -7.13
C SER A 102 15.37 9.06 -7.57
N ALA A 103 16.25 8.76 -6.59
CA ALA A 103 17.52 8.05 -6.82
C ALA A 103 17.30 6.53 -6.78
N GLY A 104 16.21 6.11 -6.09
CA GLY A 104 15.92 4.69 -5.85
C GLY A 104 16.90 4.06 -4.87
N LEU A 105 17.04 2.72 -4.93
CA LEU A 105 18.04 1.96 -4.14
C LEU A 105 18.77 0.98 -5.08
N VAL A 106 18.13 -0.18 -5.33
CA VAL A 106 18.60 -1.18 -6.31
C VAL A 106 17.59 -1.20 -7.48
N PRO A 107 17.93 -0.60 -8.66
CA PRO A 107 17.06 -0.61 -9.86
C PRO A 107 16.87 -2.01 -10.46
N ARG A 108 15.80 -2.18 -11.26
CA ARG A 108 15.47 -3.44 -11.92
C ARG A 108 16.42 -3.72 -13.10
N GLY A 109 16.51 -4.99 -13.51
CA GLY A 109 17.34 -5.40 -14.63
C GLY A 109 17.32 -6.91 -14.80
N SER A 110 17.95 -7.63 -13.86
CA SER A 110 18.00 -9.10 -13.85
C SER A 110 17.93 -9.63 -12.41
N GLY A 111 17.40 -10.86 -12.26
CA GLY A 111 17.31 -11.54 -10.97
C GLY A 111 16.20 -11.02 -10.06
N GLY A 112 15.74 -11.90 -9.15
CA GLY A 112 14.67 -11.57 -8.21
C GLY A 112 15.10 -10.60 -7.12
N ILE A 113 16.42 -10.37 -6.98
CA ILE A 113 16.98 -9.35 -6.07
C ILE A 113 16.54 -7.94 -6.50
N GLU A 114 16.89 -7.57 -7.76
CA GLU A 114 16.68 -6.23 -8.32
C GLU A 114 15.18 -5.99 -8.56
N GLY A 115 14.48 -7.09 -8.92
CA GLY A 115 13.03 -7.08 -9.07
C GLY A 115 12.33 -6.74 -7.77
N MET A 116 12.57 -7.57 -6.73
CA MET A 116 11.96 -7.42 -5.38
C MET A 116 12.19 -6.01 -4.80
N THR A 117 13.43 -5.51 -4.94
CA THR A 117 13.80 -4.19 -4.41
C THR A 117 13.04 -3.06 -5.13
N THR A 118 13.12 -3.01 -6.50
CA THR A 118 12.45 -1.96 -7.30
C THR A 118 10.92 -1.95 -7.04
N ARG A 119 10.34 -3.16 -7.04
CA ARG A 119 8.91 -3.39 -6.79
C ARG A 119 8.50 -2.79 -5.42
N LEU A 120 9.08 -3.34 -4.33
CA LEU A 120 8.71 -2.98 -2.96
C LEU A 120 8.97 -1.49 -2.67
N THR A 121 10.11 -0.94 -3.12
CA THR A 121 10.46 0.49 -2.90
C THR A 121 9.40 1.41 -3.55
N ARG A 122 9.14 1.20 -4.84
CA ARG A 122 8.14 1.98 -5.60
C ARG A 122 6.70 1.72 -5.06
N TRP A 123 6.51 0.53 -4.47
CA TRP A 123 5.25 0.13 -3.82
C TRP A 123 5.07 0.91 -2.52
N LEU A 124 6.19 1.19 -1.79
CA LEU A 124 6.14 1.94 -0.50
C LEU A 124 5.89 3.42 -0.80
N THR A 125 6.39 3.85 -1.97
CA THR A 125 6.15 5.18 -2.53
C THR A 125 4.65 5.34 -2.89
N ALA A 126 4.08 4.30 -3.54
CA ALA A 126 2.66 4.28 -3.94
C ALA A 126 1.73 4.14 -2.71
N LEU A 127 2.26 3.47 -1.65
CA LEU A 127 1.55 3.31 -0.37
C LEU A 127 1.49 4.66 0.34
N ASP A 128 2.64 5.34 0.43
CA ASP A 128 2.75 6.62 1.12
C ASP A 128 2.10 7.75 0.30
N ASN A 129 1.96 7.53 -1.03
CA ASN A 129 1.19 8.40 -1.92
C ASN A 129 -0.30 8.26 -1.59
N PHE A 130 -0.76 7.01 -1.39
CA PHE A 130 -2.13 6.72 -0.93
C PHE A 130 -2.39 7.44 0.40
N GLU A 131 -1.54 7.15 1.40
CA GLU A 131 -1.56 7.78 2.74
C GLU A 131 -1.74 9.33 2.65
N ALA A 132 -0.89 9.98 1.84
CA ALA A 132 -0.89 11.43 1.66
C ALA A 132 -2.23 11.93 1.05
N LYS A 133 -2.51 11.45 -0.16
CA LYS A 133 -3.70 11.83 -0.96
C LYS A 133 -5.02 11.54 -0.22
N MET A 134 -5.08 10.40 0.46
CA MET A 134 -6.31 9.91 1.08
C MET A 134 -6.55 10.66 2.40
N ALA A 135 -5.46 11.08 3.07
CA ALA A 135 -5.55 11.99 4.22
C ALA A 135 -6.03 13.39 3.78
N LEU A 136 -5.67 13.76 2.52
CA LEU A 136 -6.15 15.02 1.89
C LEU A 136 -7.66 14.95 1.54
N LEU A 137 -8.20 13.73 1.24
CA LEU A 137 -9.67 13.54 0.97
C LEU A 137 -10.54 14.18 2.11
N PRO A 138 -11.22 15.35 1.85
CA PRO A 138 -11.95 16.12 2.89
C PRO A 138 -13.44 15.74 3.01
N ALA A 139 -13.78 14.50 2.63
CA ALA A 139 -15.18 13.99 2.62
C ALA A 139 -15.31 12.80 3.58
N VAL A 140 -14.51 11.76 3.32
CA VAL A 140 -14.48 10.52 4.10
C VAL A 140 -13.08 10.35 4.77
#